data_8RIG
#
_entry.id   8RIG
#
_cell.length_a   1.00
_cell.length_b   1.00
_cell.length_c   1.00
_cell.angle_alpha   90.00
_cell.angle_beta   90.00
_cell.angle_gamma   90.00
#
_symmetry.space_group_name_H-M   'P 1'
#
loop_
_entity.id
_entity.type
_entity.pdbx_description
1 polymer 'DNA replication licensing factor MCM2'
2 polymer 'DNA replication licensing factor MCM3'
3 polymer 'DNA replication licensing factor MCM4'
4 polymer 'Minichromosome maintenance protein 5'
5 polymer 'DNA replication licensing factor MCM6'
6 polymer 'DNA replication licensing factor MCM7'
7 polymer "DNA (5'-D(P*GP*CP*AP*TP*GP*CP*AP*TP*GP*CP*AP*TP*GP*CP*AP*TP*GP*CP*AP*T)-3')"
8 polymer "DNA (5'-D(P*AP*TP*GP*CP*AP*TP*GP*CP*AP*TP*GP*CP*AP*TP*GP*CP*AP*T)-3')"
9 non-polymer "ADENOSINE-5'-TRIPHOSPHATE"
10 non-polymer 'MAGNESIUM ION'
11 non-polymer 'ZINC ION'
12 non-polymer "ADENOSINE-5'-DIPHOSPHATE"
#
loop_
_entity_poly.entity_id
_entity_poly.type
_entity_poly.pdbx_seq_one_letter_code
_entity_poly.pdbx_strand_id
1 'polypeptide(L)'
;MSDNRRRRREEDDSDSENELPPSSPQQHFRGGMNPVSSPIGSPDMINPEGDDNEVDDVPDIDEVEEQMNEVDLMDDNMYE
DYAADHNRDRYDPDQVDDREQQELSLSERRRIDAQLNERDRLLRNVAYIDDEDEEQEGAAQLDEMGLPVQRRRRRRQYED
LENSDDDLLSDMDIDPLREELTLESLSNVKANSYSEWITQPNVSRTIARELKSFLLEYTDETGRSVYGARIRTLGEMNSE
SLEVNYRHLAESKAILALFLAKCPEEMLKIFDLVAMEATELHYPDYARIHSEIHVRISDFPTIYSLRELRESNLSSLVRV
TGVVTRRTGVFPQLKYVKFNCLKCGSILGPFFQDSNEEIRISFCTNCKSKGPFRVNGEKTVYRNYQRVTLQEAPGTVPPG
RLPRHREVILLADLVDVSKPGEEVEVTGIYKNNYDGNLNAKNGFPVFATIIEANSIKRREGNTANEGEEGLDVFSWTEEE
EREFRKISRDRGIIDKIISSMAPSIYGHRDIKTAVACSLFGGVPKNVNGKHSIRGDINVLLLGDPGTAKSQILKYVEKTA
HRAVFATGQGASAVGLTASVRKDPITKEWTLEGGALVLADKGVCLIDEFDKMNDQDRTSIHEAMEQQSISISKAGIVTTL
QARCSIIAAANPNGGRYNSTLPLAQNVSLTEPILSRFDILCVVRDLVDEEADERLATFVVDSHVRSHPENDEDREGEELK
NNGESAIEQGEDEINEQLNARQRRLQRQRKKEEEISPIPQELLMKYIHYARTKIYPKLHQMDMDKVSRVYADLRRESIST
GSFPITVRHLESILRIAESFAKMRLSEFVSSYDLDRAIKVVVDSFVDAQKVSVRRQLRRSFAIYTLGH
;
2
2 'polypeptide(L)'
;MKRRWKKNFIAVSAANRFKKISSSGALENLYFQGEMEGSTGFDGDATTFFAPDAVFGDRVRRFQEFLDTFTSYRDSVRSI
QVYNSNNAANYNDDQDDADERDLLGDDDGDDLEKEKKAASSTSLNILPHRIIISLDDLREFDRSFWSGILVEPAYFIPPA
EKALTDLADSMDDVPHPNASAVSSRHPWKLSFKGSFGAHALSPRTLTAQHLNKLVSVEGIVTKTSLVRPKLIRSVHYAAK
TGRFHYRDYTDATTTLTTRIPTPAIYPTEDTEGNKLTTEYGYSTFIDHQRITVQEMPEMAPAGQLPRSIDVILDDDLVDK
TKPGDRVNVVGVFKSLGAGGMNQSNSNTLIGFKTLILGNTVYPLHARSTGVAARQMLTDFDIRNINKLSKKKDIFDILSQ
SLAPSIYGHDHIKKAILLMLMGGVEKNLENGSHLRGDINILMVGDPSTAKSQLLRFVLNTASLAIATTGRGSSGVGLTAA
VTTDRETGERRLEAGAMVLADRGVVCIDEFDKMTDVDRVAIHEVMEQQTVTIAKAGIHTTLNARCSVIAAANPVFGQYDV
NRDPHQNIALPDSLLSRFDLLFVVTDDINEIRDRSISEHVLRTHRYLPPGYLEGEPVRERLNLSLAVGEDADINPEEHSN
SGAGVENEGEDDEDHVFEKFNPLLQAGAKLAKNKGNYNGTEIPKLVTIPFLRKYVQYAKERVIPQLTQEAINVIVKNYTD
LRNDDNTKKSPITARTLETLIRLATAHAKVRLSKTVNKVDAKVAANLLRFALLGEDIGNDIDEEESEYEEALSKRSPQKS
PKKRQRVRQPASNSGSPIKSTPRRSTASSVNATPSSARRILRFQDDEQNAGEDDNDIMSPLPADEEAELQRRLQLGLRVS
PRRREHLHAPEEGSSGPLTEVGTPRLPNVSSAGQDDEQQQSVISFDNVEPGTISTGRLSLISGIIARLMQTEIFEEESYP
VASLFERINEELPEEEKFSAQEYLAGLKIMSDRNNLMVADDKVWRV
;
3
3 'polypeptide(L)'
;MSQQSSSPTKEDNNSSSPVVPNPDSVPPQLSSPALFYSSSSSQGDIYGRNNSQNLSQGEGNIRAAIGSSPLNFPSSSQRQ
NSDVFQSQGRQGRIRSSASASGRSRYHSDLRSDRALPTSSSSLGRNGQNRVHMRRNDIHTSDLSSPRRIVDFDTRSGVNT
LDTSSSSAPPSEASEPLRIIWGTNVSIQECTTNFRNFLMSFKYKFRKILDEREEFINNTTDEELYYIKQLNEMRELGTSN
LNLDARNLLAYKQTEDLYHQLLNYPQEVISIMDQTIKDCMVSLIVDNNLDYDLDEIETKFYKVRPYNVGSCKGMRELNPN
DIDKLINLKGLVLRSTPVIPDMKVAFFKCNVCDHTMAVEIDRGVIQEPARCERIDCNEPNSMSLIHNRCSFADKQVIKLQ
ETPDFVPDGQTPHSISLCVYDELVDSCRAGDRIEVTGTFRSIPIRANSRQRVLKSLYKTYVDVVHVKKVSDKRLDVDTST
IEQELMQNKVDHNEVEEVRQITDQDLAKIREVAAREDLYSLLARSIAPSIYELEDVKKGILLQLFGGTNKTFTKGGRYRG
DINILLCGDPSTSKSQILQYVHKITPRGVYTSGKGSSAVGLTAYITRDVDTKQLVLESGALVLSDGGVCCIDEFDKMSDS
TRSVLHEVMEQQTISIAKAGIITTLNARSSILASANPIGSRYNPNLPVTENIDLPPPLLSRFDLVYLVLDKVDEKNDREL
AKHLTNLYLEDKPEHISQDDVLPVEFLTMYISYAKEHIHPIITEAAKTELVRAYVGMRKMGDDSRSDEKRITATTRQLES
MIRLAEAHAKMKLKNVVELEDVQEAVRLIRSAIKDYATDPKTGKIDMNLVQTGKSVIQRKLQEDLSREIMNVLKDQASDS
MSFNELIKQINEHSQDRVESSDIQEALSRLQQEDKVIVLGEGVRRSVRLNNRV
;
4
4 'polypeptide(L)'
;MSFDRPEIYSAPVLQGESPNDDDNTEIIKSFKNFILEFRLDSQFIYRDQLRNNILVKNYSLTVNMEHLIGYNEDIYKKLS
DEPSDIIPLFETAITQVAKRISILSRAQSANNNDKDPENTSMDTDSLLLNSLPTFQLILNSNANQIPLRDLDSEHVSKIV
RLSGIIISTSVLSSRATYLSIMCRNCRHTTSITINNFNSITGNTVSLPRSCLSTIESESSMANESNIGDESTKKNCGPDP
YIIIHESSKFIDQQFLKLQEIPELVPVGEMPRNLTMTCDRYLTNKVIPGTRVTIVGIYSIYNSKNGAGSGRSGGGNGGSG
VAIRTPYIKILGIQSDVETSSIWNSVTMFTEEEEEEFLQLSRNPKLYEILTNSIAPSIFGNEDIKKAIVCLLMGGSKKIL
PDGMRLRGDINVLLLGDPGTAKSQLLKFVEKVSPIAVYTSGKGSSAAGLTASVQRDPMTREFYLEGGAMVLADGGVVCID
EFDKMRDEDRVAIHEAMEQQTISIAKAGITTVLNSRTSVLAAANPIYGRYDDLKSPGDNIDFQTTILSRFDMIFIVKDDH
NEERDISIANHVINIHTGNANAMQNQQEENGSEISIEKMKRYITYCRLKCAPRLSPQAAEKLSSNFVTIRKQLLINELES
TERSSIPITIRQLEAIIRITESLAKLELSPIAQERHVDEAIRLFQASTMDAASQDPIGGLNQASGTSLSEIRRFEQELKR
RLPIGWSTSYQTLRREFVDTHRFSQLALDKALYALEKHETIQLRHQGQNIYRSGV
;
5
5 'polypeptide(L)'
;MSSPFPADTPSSNRPSNSSPPPSSIGAGFGSSSGLDSQIGSRLHFPSSSQPHVSNSQTGPFVNDSTQFSSQRLQTDGSAT
NDMEGNEPARSFKSRALNHVKKVDDVTGEKVREAFEQFLEDFSVQSTDTGEVEKVYRAQIEFMKIYDLNTIYIDYQHLSM
RENGALAMAISEQYYRFLPFLQKGLRRVVRKYAPELLNTSDSLKRSEGDEGQADEDEQQDDDMNGSSLPRDSGSSAAPGN
GTSAMATRSITTSTSPEQTERVFQISFFNLPTVHRIRDIRSEKIGSLLSISGTVTRTSEVRPELYKASFTCDMCRAIVDN
VEQSFKYTEPTFCPNPSCENRAFWTLNVTRSRFLDWQKVRIQENANEIPTGSMPRTLDVILRGDSVERAKPGDRCKFTGV
EIVVPDVTQLGLPGVKPSSTLDTRGISKTTEGLNSGVTGLRSLGVRDLTYKISFLACHVISIGSNIGASSPDANSNNRET
ELQMAANLQANNVYQDNERDQEVFLNSLSSDEINELKEMVKDEHIYDKLVRSIAPAVFGHEAVKKGILLQMLGGVHKSTV
EGIKLRGDINICVVGDPSTSKSQFLKYVVGFAPRSVYTSGKASSAAGLTAAVVRDEEGGDYTIEAGALMLADNGICCIDE
FDKMDISDQVAIHEAMEQQTISIAKAGIHATLNARTSILAAANPVGGRYNRKLSLRGNLNMTAPIMSRFDLFFVILDDCN
EKIDTELASHIVDLHMKRDEAIEPPFSAEQLRRYIKYARTFKPILTKEARSYLVEKYKELRKDDAQGFSRSSYRITVRQL
ESMIRLSEAIARANCVDEITPSFIAEAYDLLRQSIIRVDVDDVEMDEEFDNIESQSHAASGNNDDNDDGTGSGVITSEPP
ADIEEGQSEATARPGTSEKKKTTVTYDKYVSMMNMIVRKIAEVDREGAEELTAVDIVDWYLLQKENDLGSLAEYWEERRL
AFKVIKRLVKDRILMEIHGTRHNLRDLENEENENNKTVYVIHPNCEVLDQLEPQDSS
;
6
6 'polypeptide(L)'
;MSAALPSIQLPVDYNNLFNEITDFLVTFKQDTLSSDATRNENEDENLDAENIEQHLLEKGPKYMAMLQKVANRELNSVII
DLDDILQYQNEKFLQGTQADDLVSAIQQNANHFTELFCRAIDNNMPLPTKEIDYKDDVLDVILNQRRLRNERMLSDRTNE
IRSENLMDTTMDPPSSMNDALREVVEDETELFPPNLTRRYFLYFKPLSQNCARRYRKKAISSKPLSVRQIKGDFLGQLIT
VRGIITRVSDVKPAVEVIAYTCDQCGYEVFQEVNSRTFTPLSECTSEECSQNQTKGQLFMSTRASKFSAFQECKIQELSQ
QVPVGHIPRSLNIHVNGTLVRSLSPGDIVDVTGIFLPAPYTGFKALKAGLLTETYLEAQFVRQHKKKFASFSLTSDVEER
VMELITSGDVYNRLAKSIAPEIYGNLDVKKALLLLLVGGVDKRVGDGMKIRGDINVCLMGDPGVAKSQLLKAICKISPRG
VYTTGKGSSGVGLTAAVMKDPVTDEMILEGGALVLADNGICCIDEFDKMDESDRTAIHEVMEQQTISISKAGINTTLNAR
TSILAAANPLYGRYNPRLSPLDNINLPAALLSRFDILFLMLDIPSRDDDEKLAEHVTYVHMHNKQPDLDFTPVEPSKMRE
YIAYAKTKRPVMSEAVNDYVVQAYIRLRQDSKREMDSKFSFGQATPRTLLGIIRLSQALAKLRLADMVDIDDVEEALRLV
RVSKESLYQETNKSKEDESPTTKIFTIIKKMLQETGKNTLSYENIVKTVRLRGFTMLQLSNCIQEYSYLNVWHLINEGNT
LKFVDDGTMDTDQEDSLVSTPKLAPQTTASANVSAQDSDIDLQDA
;
7
7 'polydeoxyribonucleotide' (DC)(DA)(DT)(DG)(DC)(DA)(DT)(DG)(DC)(DA)(DT)(DG)(DC)(DA)(DT)(DG)(DC)(DA)(DT) X
8 'polydeoxyribonucleotide' (DA)(DT)(DG)(DC)(DA)(DT)(DG)(DC)(DA)(DT)(DG)(DC)(DA)(DT)(DG)(DC)(DA) Y
#
# COMPACT_ATOMS: atom_id res chain seq x y z
N LEU A 181 25.82 -64.21 -27.60
CA LEU A 181 27.00 -63.37 -27.48
C LEU A 181 27.63 -63.53 -26.11
N THR A 182 28.93 -63.87 -26.10
CA THR A 182 29.66 -64.03 -24.86
C THR A 182 29.80 -62.69 -24.14
N LEU A 183 29.79 -62.74 -22.82
CA LEU A 183 29.92 -61.51 -22.03
C LEU A 183 31.21 -60.78 -22.37
N GLU A 184 32.32 -61.50 -22.43
CA GLU A 184 33.61 -60.87 -22.68
C GLU A 184 33.64 -60.16 -24.03
N SER A 185 32.74 -60.53 -24.94
CA SER A 185 32.64 -59.81 -26.20
C SER A 185 31.81 -58.53 -26.09
N LEU A 186 31.02 -58.38 -25.02
CA LEU A 186 30.26 -57.15 -24.83
C LEU A 186 31.17 -55.94 -24.67
N SER A 187 32.42 -56.15 -24.22
CA SER A 187 33.30 -55.02 -23.96
C SER A 187 33.64 -54.26 -25.24
N ASN A 188 33.59 -54.94 -26.39
CA ASN A 188 33.89 -54.30 -27.67
C ASN A 188 32.62 -53.69 -28.23
N VAL A 189 32.42 -52.40 -27.95
CA VAL A 189 31.23 -51.68 -28.41
C VAL A 189 31.45 -51.35 -29.89
N LYS A 190 30.79 -52.09 -30.76
CA LYS A 190 30.90 -51.87 -32.21
C LYS A 190 29.77 -50.94 -32.69
N ALA A 191 29.73 -49.75 -32.09
CA ALA A 191 28.69 -48.78 -32.38
C ALA A 191 29.21 -47.40 -32.06
N ASN A 192 28.48 -46.39 -32.53
CA ASN A 192 28.91 -45.00 -32.33
C ASN A 192 28.68 -44.55 -30.90
N SER A 193 27.65 -45.06 -30.24
CA SER A 193 27.29 -44.62 -28.90
C SER A 193 27.01 -45.81 -27.99
N TYR A 194 27.18 -45.59 -26.69
CA TYR A 194 26.82 -46.62 -25.72
C TYR A 194 25.33 -46.90 -25.75
N SER A 195 24.51 -45.86 -25.87
CA SER A 195 23.07 -46.04 -25.94
C SER A 195 22.68 -46.89 -27.14
N GLU A 196 23.22 -46.57 -28.32
CA GLU A 196 22.92 -47.35 -29.51
C GLU A 196 23.36 -48.80 -29.35
N TRP A 197 24.57 -49.00 -28.84
CA TRP A 197 25.05 -50.36 -28.62
C TRP A 197 24.10 -51.15 -27.73
N ILE A 198 23.75 -50.58 -26.58
CA ILE A 198 22.87 -51.29 -25.65
C ILE A 198 21.53 -51.59 -26.31
N THR A 199 21.03 -50.64 -27.10
CA THR A 199 19.70 -50.81 -27.70
C THR A 199 19.63 -51.93 -28.74
N GLN A 200 20.76 -52.46 -29.19
CA GLN A 200 20.74 -53.51 -30.19
C GLN A 200 20.16 -54.81 -29.62
N PRO A 201 19.59 -55.66 -30.48
CA PRO A 201 18.87 -56.84 -29.94
C PRO A 201 19.79 -57.90 -29.37
N ASN A 202 20.96 -58.12 -29.97
CA ASN A 202 21.84 -59.17 -29.46
C ASN A 202 22.26 -58.86 -28.04
N VAL A 203 22.77 -57.65 -27.80
CA VAL A 203 23.24 -57.28 -26.47
C VAL A 203 22.09 -56.87 -25.57
N SER A 204 20.87 -56.76 -26.09
CA SER A 204 19.70 -56.66 -25.24
C SER A 204 19.33 -58.01 -24.66
N ARG A 205 19.22 -59.03 -25.51
CA ARG A 205 18.91 -60.36 -25.02
C ARG A 205 20.03 -60.87 -24.11
N THR A 206 21.28 -60.57 -24.47
CA THR A 206 22.39 -61.00 -23.64
C THR A 206 22.28 -60.42 -22.24
N ILE A 207 22.03 -59.11 -22.13
CA ILE A 207 21.96 -58.48 -20.82
C ILE A 207 20.74 -58.98 -20.05
N ALA A 208 19.62 -59.18 -20.75
CA ALA A 208 18.43 -59.71 -20.07
C ALA A 208 18.71 -61.07 -19.46
N ARG A 209 19.26 -61.99 -20.25
CA ARG A 209 19.52 -63.33 -19.74
C ARG A 209 20.55 -63.29 -18.61
N GLU A 210 21.57 -62.43 -18.73
CA GLU A 210 22.59 -62.41 -17.70
C GLU A 210 22.10 -61.76 -16.42
N LEU A 211 21.20 -60.78 -16.52
CA LEU A 211 20.60 -60.20 -15.32
C LEU A 211 19.70 -61.21 -14.63
N LYS A 212 18.94 -62.00 -15.41
CA LYS A 212 18.18 -63.10 -14.83
C LYS A 212 19.10 -64.05 -14.08
N SER A 213 20.22 -64.42 -14.72
CA SER A 213 21.16 -65.33 -14.09
C SER A 213 21.72 -64.75 -12.81
N PHE A 214 22.07 -63.47 -12.82
CA PHE A 214 22.61 -62.82 -11.63
C PHE A 214 21.60 -62.79 -10.50
N LEU A 215 20.34 -62.44 -10.80
CA LEU A 215 19.32 -62.43 -9.77
C LEU A 215 19.05 -63.84 -9.24
N LEU A 216 19.31 -64.86 -10.03
CA LEU A 216 19.05 -66.23 -9.59
C LEU A 216 20.25 -66.90 -8.91
N GLU A 217 21.47 -66.43 -9.13
CA GLU A 217 22.66 -67.16 -8.72
C GLU A 217 23.58 -66.42 -7.76
N TYR A 218 23.33 -65.14 -7.45
CA TYR A 218 24.22 -64.42 -6.57
C TYR A 218 24.20 -65.02 -5.17
N THR A 219 25.32 -64.89 -4.47
CA THR A 219 25.47 -65.48 -3.15
C THR A 219 26.31 -64.57 -2.27
N ASP A 220 25.97 -64.55 -0.98
CA ASP A 220 26.75 -63.86 0.04
C ASP A 220 27.58 -64.88 0.81
N GLU A 221 28.27 -64.43 1.85
CA GLU A 221 29.04 -65.36 2.67
C GLU A 221 28.15 -66.41 3.30
N THR A 222 26.88 -66.08 3.53
CA THR A 222 25.95 -67.05 4.10
C THR A 222 25.66 -68.21 3.15
N GLY A 223 25.91 -68.03 1.85
CA GLY A 223 25.62 -69.06 0.89
C GLY A 223 24.18 -69.16 0.46
N ARG A 224 23.37 -68.15 0.75
CA ARG A 224 21.95 -68.13 0.43
C ARG A 224 21.68 -67.17 -0.73
N SER A 225 20.46 -67.23 -1.24
CA SER A 225 20.00 -66.34 -2.31
C SER A 225 19.33 -65.14 -1.66
N VAL A 226 20.11 -64.08 -1.45
CA VAL A 226 19.56 -62.88 -0.81
C VAL A 226 18.44 -62.30 -1.66
N TYR A 227 18.63 -62.25 -2.97
CA TYR A 227 17.59 -61.69 -3.83
C TYR A 227 16.34 -62.57 -3.81
N GLY A 228 16.49 -63.88 -3.65
CA GLY A 228 15.32 -64.71 -3.46
C GLY A 228 14.53 -64.35 -2.22
N ALA A 229 15.24 -64.09 -1.12
CA ALA A 229 14.58 -63.64 0.09
C ALA A 229 13.87 -62.31 -0.13
N ARG A 230 14.52 -61.39 -0.85
CA ARG A 230 13.88 -60.11 -1.14
C ARG A 230 12.62 -60.28 -1.96
N ILE A 231 12.68 -61.18 -2.95
CA ILE A 231 11.52 -61.43 -3.81
C ILE A 231 10.38 -62.00 -2.98
N ARG A 232 10.69 -62.96 -2.10
CA ARG A 232 9.64 -63.53 -1.26
C ARG A 232 9.06 -62.48 -0.32
N THR A 233 9.91 -61.61 0.22
CA THR A 233 9.42 -60.58 1.13
C THR A 233 8.50 -59.60 0.43
N LEU A 234 8.86 -59.17 -0.79
CA LEU A 234 8.00 -58.23 -1.49
C LEU A 234 6.73 -58.91 -1.97
N GLY A 235 6.78 -60.21 -2.26
CA GLY A 235 5.56 -60.93 -2.57
C GLY A 235 4.62 -61.00 -1.38
N GLU A 236 5.16 -61.28 -0.19
CA GLU A 236 4.33 -61.32 1.01
C GLU A 236 3.78 -59.95 1.35
N MET A 237 4.59 -58.90 1.19
CA MET A 237 4.23 -57.56 1.61
C MET A 237 3.43 -56.79 0.57
N ASN A 238 3.28 -57.33 -0.64
CA ASN A 238 2.47 -56.69 -1.68
C ASN A 238 3.05 -55.33 -2.07
N SER A 239 4.36 -55.29 -2.26
CA SER A 239 5.08 -54.08 -2.60
C SER A 239 5.49 -54.11 -4.06
N GLU A 240 5.61 -52.92 -4.65
CA GLU A 240 5.97 -52.75 -6.06
C GLU A 240 7.38 -52.19 -6.21
N SER A 241 8.30 -52.63 -5.36
CA SER A 241 9.67 -52.14 -5.41
C SER A 241 10.61 -53.25 -4.95
N LEU A 242 11.86 -53.16 -5.41
CA LEU A 242 12.90 -54.09 -5.02
C LEU A 242 14.23 -53.34 -4.98
N GLU A 243 15.02 -53.58 -3.96
CA GLU A 243 16.28 -52.88 -3.75
C GLU A 243 17.43 -53.80 -4.11
N VAL A 244 18.33 -53.30 -4.97
CA VAL A 244 19.52 -54.03 -5.38
C VAL A 244 20.73 -53.16 -5.12
N ASN A 245 21.82 -53.78 -4.68
CA ASN A 245 23.00 -53.06 -4.24
C ASN A 245 24.02 -52.95 -5.37
N TYR A 246 24.55 -51.75 -5.57
CA TYR A 246 25.54 -51.54 -6.62
C TYR A 246 26.79 -52.36 -6.37
N ARG A 247 27.16 -52.53 -5.10
CA ARG A 247 28.36 -53.31 -4.79
C ARG A 247 28.21 -54.75 -5.27
N HIS A 248 27.02 -55.33 -5.09
CA HIS A 248 26.81 -56.70 -5.55
C HIS A 248 26.96 -56.80 -7.05
N LEU A 249 26.28 -55.91 -7.79
CA LEU A 249 26.38 -55.96 -9.25
C LEU A 249 27.80 -55.70 -9.71
N ALA A 250 28.58 -54.97 -8.92
CA ALA A 250 29.99 -54.77 -9.25
C ALA A 250 30.83 -56.01 -8.93
N GLU A 251 30.44 -56.77 -7.90
CA GLU A 251 31.22 -57.95 -7.53
C GLU A 251 31.21 -58.97 -8.66
N SER A 252 30.06 -59.20 -9.27
CA SER A 252 29.93 -60.12 -10.39
C SER A 252 29.42 -59.33 -11.59
N LYS A 253 30.11 -59.45 -12.72
CA LYS A 253 29.72 -58.80 -13.96
C LYS A 253 29.73 -57.27 -13.81
N ALA A 254 30.91 -56.74 -13.44
CA ALA A 254 31.04 -55.30 -13.22
C ALA A 254 30.84 -54.51 -14.51
N ILE A 255 30.98 -55.19 -15.65
CA ILE A 255 30.78 -54.59 -17.00
C ILE A 255 29.33 -54.13 -17.07
N LEU A 256 28.38 -54.88 -16.48
CA LEU A 256 26.98 -54.47 -16.40
C LEU A 256 26.83 -53.23 -15.54
N ALA A 257 27.64 -53.12 -14.48
CA ALA A 257 27.62 -51.91 -13.66
C ALA A 257 28.09 -50.71 -14.46
N LEU A 258 29.10 -50.90 -15.32
CA LEU A 258 29.54 -49.80 -16.17
C LEU A 258 28.40 -49.31 -17.05
N PHE A 259 27.70 -50.20 -17.78
CA PHE A 259 26.55 -49.80 -18.65
C PHE A 259 25.38 -49.31 -17.79
N LEU A 260 25.30 -49.63 -16.50
CA LEU A 260 24.30 -49.03 -15.62
C LEU A 260 24.63 -47.59 -15.30
N ALA A 261 25.90 -47.32 -14.97
CA ALA A 261 26.29 -45.94 -14.70
C ALA A 261 26.12 -45.08 -15.95
N LYS A 262 26.61 -45.56 -17.09
CA LYS A 262 26.60 -44.74 -18.31
C LYS A 262 25.19 -44.53 -18.84
N CYS A 263 24.41 -45.60 -18.96
CA CYS A 263 23.10 -45.57 -19.62
C CYS A 263 22.05 -46.18 -18.70
N PRO A 264 21.57 -45.43 -17.72
CA PRO A 264 20.60 -45.98 -16.78
C PRO A 264 19.19 -46.02 -17.32
N GLU A 265 18.80 -45.03 -18.11
CA GLU A 265 17.43 -44.96 -18.57
C GLU A 265 17.05 -46.15 -19.44
N GLU A 266 18.02 -46.82 -20.05
CA GLU A 266 17.76 -48.00 -20.86
C GLU A 266 17.76 -49.28 -20.04
N MET A 267 18.86 -49.48 -19.28
CA MET A 267 19.00 -50.71 -18.47
C MET A 267 17.90 -50.77 -17.40
N LEU A 268 17.31 -49.66 -16.97
CA LEU A 268 16.21 -49.69 -16.01
C LEU A 268 15.03 -50.48 -16.57
N LYS A 269 14.76 -50.34 -17.86
CA LYS A 269 13.70 -51.11 -18.51
C LYS A 269 13.99 -52.60 -18.45
N ILE A 270 15.27 -52.97 -18.64
CA ILE A 270 15.65 -54.37 -18.60
C ILE A 270 15.45 -54.94 -17.21
N PHE A 271 15.92 -54.23 -16.19
CA PHE A 271 15.85 -54.71 -14.78
C PHE A 271 14.36 -54.70 -14.37
N ASP A 272 13.50 -53.88 -14.98
CA ASP A 272 12.07 -53.94 -14.72
C ASP A 272 11.48 -55.25 -15.23
N LEU A 273 11.73 -55.58 -16.49
CA LEU A 273 11.17 -56.81 -17.05
C LEU A 273 11.73 -58.04 -16.35
N VAL A 274 13.04 -58.06 -16.10
CA VAL A 274 13.66 -59.23 -15.49
C VAL A 274 13.10 -59.47 -14.09
N ALA A 275 12.97 -58.41 -13.30
CA ALA A 275 12.44 -58.55 -11.96
C ALA A 275 11.00 -59.00 -12.00
N MET A 276 10.20 -58.47 -12.92
CA MET A 276 8.81 -58.91 -13.03
C MET A 276 8.73 -60.41 -13.31
N GLU A 277 9.51 -60.89 -14.29
CA GLU A 277 9.46 -62.31 -14.59
C GLU A 277 9.96 -63.14 -13.41
N ALA A 278 11.01 -62.69 -12.73
CA ALA A 278 11.52 -63.43 -11.58
C ALA A 278 10.45 -63.54 -10.50
N THR A 279 9.78 -62.43 -10.18
CA THR A 279 8.79 -62.40 -9.08
C THR A 279 7.53 -63.17 -9.49
N GLU A 280 7.21 -63.25 -10.79
CA GLU A 280 6.08 -64.04 -11.24
C GLU A 280 6.40 -65.53 -11.28
N LEU A 281 7.68 -65.88 -11.36
CA LEU A 281 8.06 -67.30 -11.31
C LEU A 281 7.63 -67.93 -9.98
N HIS A 282 7.83 -67.23 -8.87
CA HIS A 282 7.42 -67.76 -7.57
C HIS A 282 5.94 -67.54 -7.34
N TYR A 283 5.46 -66.32 -7.54
CA TYR A 283 4.08 -65.98 -7.23
C TYR A 283 3.30 -65.92 -8.53
N PRO A 284 2.48 -66.92 -8.86
CA PRO A 284 1.75 -66.89 -10.13
C PRO A 284 0.74 -65.75 -10.17
N ASP A 285 0.55 -65.22 -11.38
CA ASP A 285 -0.44 -64.18 -11.64
C ASP A 285 -0.24 -62.98 -10.73
N TYR A 286 1.01 -62.72 -10.34
CA TYR A 286 1.31 -61.54 -9.54
C TYR A 286 1.04 -60.27 -10.32
N ALA A 287 1.01 -60.33 -11.65
CA ALA A 287 0.75 -59.16 -12.45
C ALA A 287 -0.65 -58.60 -12.23
N ARG A 288 -1.56 -59.38 -11.63
CA ARG A 288 -2.91 -58.90 -11.41
C ARG A 288 -2.91 -57.70 -10.49
N ILE A 289 -2.14 -57.75 -9.41
CA ILE A 289 -2.16 -56.66 -8.43
C ILE A 289 -1.26 -55.52 -8.86
N HIS A 290 -0.06 -55.82 -9.32
CA HIS A 290 0.92 -54.81 -9.71
C HIS A 290 1.43 -55.10 -11.11
N SER A 291 1.33 -54.12 -12.00
CA SER A 291 1.69 -54.32 -13.40
C SER A 291 3.19 -54.28 -13.63
N GLU A 292 3.94 -53.42 -12.91
CA GLU A 292 5.43 -53.39 -13.02
C GLU A 292 6.08 -53.31 -11.65
N ILE A 293 7.31 -53.81 -11.53
CA ILE A 293 8.12 -53.71 -10.27
C ILE A 293 9.38 -52.91 -10.57
N HIS A 294 9.53 -51.74 -9.95
CA HIS A 294 10.64 -50.81 -10.15
C HIS A 294 11.83 -51.21 -9.27
N VAL A 295 12.99 -51.37 -9.92
CA VAL A 295 14.26 -51.70 -9.21
C VAL A 295 14.85 -50.39 -8.66
N ARG A 296 15.59 -50.45 -7.56
CA ARG A 296 16.28 -49.30 -6.97
C ARG A 296 17.74 -49.66 -6.72
N ILE A 297 18.63 -48.75 -7.05
CA ILE A 297 20.07 -48.97 -6.88
C ILE A 297 20.49 -48.38 -5.53
N SER A 298 21.49 -48.99 -4.92
CA SER A 298 21.98 -48.56 -3.62
C SER A 298 23.51 -48.66 -3.59
N ASP A 299 24.11 -47.89 -2.69
CA ASP A 299 25.57 -47.88 -2.52
C ASP A 299 26.27 -47.45 -3.82
N PHE A 300 25.77 -46.39 -4.43
CA PHE A 300 26.43 -45.80 -5.58
C PHE A 300 27.67 -45.06 -5.11
N PRO A 301 28.88 -45.41 -5.57
CA PRO A 301 30.09 -44.87 -4.95
C PRO A 301 30.20 -43.35 -5.01
N THR A 302 30.16 -42.77 -6.21
CA THR A 302 30.42 -41.35 -6.36
C THR A 302 29.32 -40.52 -5.73
N ILE A 303 29.73 -39.46 -5.03
CA ILE A 303 28.81 -38.51 -4.41
C ILE A 303 29.20 -37.11 -4.87
N TYR A 304 28.21 -36.32 -5.25
CA TYR A 304 28.41 -34.98 -5.77
C TYR A 304 27.76 -33.96 -4.83
N SER A 305 28.05 -32.70 -5.09
CA SER A 305 27.43 -31.58 -4.39
C SER A 305 26.71 -30.71 -5.42
N LEU A 306 25.59 -30.12 -4.99
CA LEU A 306 24.72 -29.44 -5.94
C LEU A 306 25.43 -28.31 -6.67
N ARG A 307 26.52 -27.79 -6.12
CA ARG A 307 27.31 -26.76 -6.78
C ARG A 307 28.40 -27.34 -7.65
N GLU A 308 28.47 -28.66 -7.79
CA GLU A 308 29.54 -29.32 -8.51
C GLU A 308 29.07 -29.95 -9.82
N LEU A 309 27.79 -29.84 -10.16
CA LEU A 309 27.25 -30.48 -11.34
C LEU A 309 27.47 -29.61 -12.57
N ARG A 310 28.01 -30.20 -13.62
CA ARG A 310 28.27 -29.54 -14.90
C ARG A 310 27.57 -30.31 -16.01
N GLU A 311 27.66 -29.77 -17.23
CA GLU A 311 26.91 -30.33 -18.36
C GLU A 311 27.40 -31.71 -18.78
N SER A 312 28.61 -32.10 -18.38
CA SER A 312 29.13 -33.41 -18.74
C SER A 312 28.41 -34.52 -18.00
N ASN A 313 27.62 -34.21 -16.98
CA ASN A 313 26.88 -35.19 -16.21
C ASN A 313 25.47 -35.40 -16.73
N LEU A 314 25.10 -34.78 -17.85
CA LEU A 314 23.75 -34.91 -18.36
C LEU A 314 23.49 -36.35 -18.81
N SER A 315 22.31 -36.86 -18.48
CA SER A 315 21.93 -38.22 -18.81
C SER A 315 22.91 -39.22 -18.20
N SER A 316 22.97 -39.21 -16.87
CA SER A 316 23.86 -40.09 -16.14
C SER A 316 23.28 -40.36 -14.76
N LEU A 317 23.81 -41.38 -14.10
CA LEU A 317 23.38 -41.76 -12.77
C LEU A 317 24.20 -40.99 -11.74
N VAL A 318 23.52 -40.22 -10.88
CA VAL A 318 24.18 -39.40 -9.88
C VAL A 318 23.55 -39.69 -8.52
N ARG A 319 24.29 -39.35 -7.47
CA ARG A 319 23.86 -39.50 -6.09
C ARG A 319 24.25 -38.24 -5.35
N VAL A 320 23.26 -37.41 -5.01
CA VAL A 320 23.51 -36.13 -4.37
C VAL A 320 22.92 -36.17 -2.97
N THR A 321 23.29 -35.18 -2.16
CA THR A 321 22.81 -35.05 -0.79
C THR A 321 22.42 -33.62 -0.53
N GLY A 322 21.31 -33.42 0.17
CA GLY A 322 20.84 -32.06 0.38
C GLY A 322 19.81 -31.99 1.48
N VAL A 323 19.14 -30.84 1.54
CA VAL A 323 18.09 -30.58 2.51
C VAL A 323 16.84 -30.17 1.76
N VAL A 324 15.71 -30.78 2.11
CA VAL A 324 14.45 -30.41 1.48
C VAL A 324 14.02 -29.05 1.98
N THR A 325 13.55 -28.21 1.08
CA THR A 325 13.11 -26.87 1.41
C THR A 325 11.64 -26.62 1.12
N ARG A 326 11.12 -27.12 0.01
CA ARG A 326 9.69 -27.03 -0.27
C ARG A 326 9.25 -28.28 -1.00
N ARG A 327 8.05 -28.75 -0.65
CA ARG A 327 7.46 -29.99 -1.21
C ARG A 327 6.02 -29.69 -1.67
N THR A 328 5.61 -30.20 -2.84
CA THR A 328 4.29 -29.97 -3.41
C THR A 328 3.42 -31.22 -3.29
N GLY A 329 2.11 -31.02 -3.38
CA GLY A 329 1.16 -32.09 -3.20
C GLY A 329 1.25 -33.16 -4.28
N VAL A 330 0.59 -34.28 -4.00
CA VAL A 330 0.62 -35.42 -4.91
C VAL A 330 -0.36 -35.21 -6.05
N PHE A 331 0.03 -35.65 -7.25
CA PHE A 331 -0.78 -35.50 -8.44
C PHE A 331 -0.85 -36.81 -9.21
N PRO A 332 -1.90 -37.03 -9.99
CA PRO A 332 -1.95 -38.19 -10.88
C PRO A 332 -1.40 -37.89 -12.27
N GLN A 333 -0.55 -38.80 -12.78
CA GLN A 333 0.14 -38.65 -14.10
C GLN A 333 -0.27 -39.82 -15.02
N LEU A 334 -0.68 -39.58 -16.25
CA LEU A 334 -1.18 -40.63 -17.15
C LEU A 334 -0.17 -41.76 -17.30
N LYS A 335 -0.67 -43.00 -17.37
CA LYS A 335 0.20 -44.17 -17.58
C LYS A 335 -0.25 -45.04 -18.75
N TYR A 336 -1.55 -45.28 -18.91
CA TYR A 336 -2.07 -46.07 -20.02
C TYR A 336 -3.24 -45.30 -20.61
N VAL A 337 -2.96 -44.44 -21.58
CA VAL A 337 -3.99 -43.54 -22.07
C VAL A 337 -4.88 -44.32 -23.03
N LYS A 338 -6.15 -44.50 -22.66
CA LYS A 338 -7.16 -45.02 -23.56
C LYS A 338 -7.89 -43.86 -24.21
N PHE A 339 -8.24 -44.02 -25.48
CA PHE A 339 -8.80 -42.93 -26.27
C PHE A 339 -10.20 -43.30 -26.75
N ASN A 340 -11.01 -42.27 -26.93
CA ASN A 340 -12.35 -42.37 -27.47
C ASN A 340 -12.33 -41.80 -28.87
N CYS A 341 -12.77 -42.60 -29.84
CA CYS A 341 -13.01 -42.16 -31.20
C CYS A 341 -14.31 -41.39 -31.24
N LEU A 342 -14.30 -40.21 -31.84
CA LEU A 342 -15.45 -39.32 -31.79
C LEU A 342 -16.49 -39.62 -32.87
N LYS A 343 -16.17 -40.47 -33.85
CA LYS A 343 -17.13 -40.83 -34.89
C LYS A 343 -17.95 -42.03 -34.42
N CYS A 344 -17.30 -43.18 -34.29
CA CYS A 344 -17.87 -44.34 -33.60
C CYS A 344 -17.34 -44.38 -32.17
N GLY A 345 -18.22 -44.68 -31.22
CA GLY A 345 -17.85 -44.61 -29.82
C GLY A 345 -16.89 -45.70 -29.37
N SER A 346 -15.92 -46.04 -30.22
CA SER A 346 -14.97 -47.09 -29.90
C SER A 346 -13.95 -46.58 -28.89
N ILE A 347 -13.41 -47.51 -28.09
CA ILE A 347 -12.41 -47.19 -27.09
C ILE A 347 -11.09 -47.82 -27.53
N LEU A 348 -10.11 -46.97 -27.83
CA LEU A 348 -8.84 -47.45 -28.37
C LEU A 348 -8.00 -48.02 -27.24
N GLY A 349 -7.40 -49.19 -27.50
CA GLY A 349 -6.78 -49.96 -26.44
C GLY A 349 -5.63 -49.27 -25.75
N PRO A 350 -5.21 -49.85 -24.63
CA PRO A 350 -4.18 -49.20 -23.80
C PRO A 350 -2.89 -48.91 -24.55
N PHE A 351 -2.35 -47.70 -24.36
CA PHE A 351 -1.05 -47.27 -24.95
C PHE A 351 -0.15 -46.85 -23.78
N PHE A 352 1.14 -47.18 -23.78
CA PHE A 352 2.09 -46.88 -22.68
C PHE A 352 2.56 -45.42 -22.76
N GLN A 353 2.62 -44.72 -21.62
CA GLN A 353 3.15 -43.36 -21.52
C GLN A 353 4.54 -43.40 -20.90
N ASP A 354 5.54 -42.95 -21.67
CA ASP A 354 6.94 -43.12 -21.28
C ASP A 354 7.42 -42.12 -20.24
N SER A 355 6.61 -41.11 -19.91
CA SER A 355 7.00 -40.07 -18.95
C SER A 355 8.00 -39.08 -19.54
N ASN A 356 7.98 -38.91 -20.87
CA ASN A 356 8.81 -37.91 -21.52
C ASN A 356 7.97 -36.87 -22.25
N GLU A 357 7.21 -37.27 -23.27
CA GLU A 357 6.34 -36.37 -23.99
C GLU A 357 4.99 -37.03 -24.18
N GLU A 358 3.93 -36.23 -24.15
CA GLU A 358 2.59 -36.80 -24.20
C GLU A 358 2.39 -37.55 -25.51
N ILE A 359 1.67 -38.67 -25.43
CA ILE A 359 1.48 -39.55 -26.57
C ILE A 359 0.18 -39.20 -27.25
N ARG A 360 0.16 -39.31 -28.59
CA ARG A 360 -1.03 -39.03 -29.37
C ARG A 360 -1.18 -40.11 -30.43
N ILE A 361 -2.44 -40.40 -30.78
CA ILE A 361 -2.76 -41.39 -31.79
C ILE A 361 -3.43 -40.68 -32.98
N SER A 362 -3.52 -41.38 -34.10
CA SER A 362 -4.05 -40.78 -35.32
C SER A 362 -4.90 -41.73 -36.17
N PHE A 363 -5.07 -42.99 -35.78
CA PHE A 363 -5.80 -43.98 -36.56
C PHE A 363 -6.82 -44.70 -35.69
N CYS A 364 -8.03 -44.87 -36.22
CA CYS A 364 -9.06 -45.70 -35.60
C CYS A 364 -9.16 -46.98 -36.40
N THR A 365 -9.01 -48.12 -35.72
CA THR A 365 -8.91 -49.40 -36.39
C THR A 365 -10.27 -49.97 -36.81
N ASN A 366 -11.37 -49.35 -36.39
CA ASN A 366 -12.70 -49.77 -36.80
C ASN A 366 -13.31 -48.83 -37.83
N CYS A 367 -13.27 -47.52 -37.57
CA CYS A 367 -13.74 -46.56 -38.57
C CYS A 367 -12.74 -46.38 -39.70
N LYS A 368 -11.46 -46.61 -39.44
CA LYS A 368 -10.39 -46.29 -40.38
C LYS A 368 -10.42 -44.79 -40.69
N SER A 369 -10.49 -43.99 -39.63
CA SER A 369 -10.60 -42.55 -39.69
C SER A 369 -9.41 -41.89 -39.01
N LYS A 370 -9.29 -40.59 -39.25
CA LYS A 370 -8.32 -39.76 -38.53
C LYS A 370 -9.01 -38.78 -37.60
N GLY A 371 -10.31 -38.97 -37.36
CA GLY A 371 -11.13 -38.03 -36.64
C GLY A 371 -10.55 -37.64 -35.29
N PRO A 372 -11.17 -36.66 -34.64
CA PRO A 372 -10.71 -36.28 -33.30
C PRO A 372 -10.77 -37.45 -32.34
N PHE A 373 -9.80 -37.50 -31.43
CA PHE A 373 -9.74 -38.50 -30.38
C PHE A 373 -9.61 -37.79 -29.04
N ARG A 374 -10.24 -38.34 -28.01
CA ARG A 374 -10.15 -37.74 -26.68
C ARG A 374 -9.77 -38.78 -25.64
N VAL A 375 -8.92 -38.40 -24.68
CA VAL A 375 -8.55 -39.33 -23.63
C VAL A 375 -9.77 -39.73 -22.82
N ASN A 376 -9.90 -41.03 -22.56
CA ASN A 376 -10.98 -41.57 -21.75
C ASN A 376 -10.56 -41.53 -20.28
N GLY A 377 -11.17 -40.63 -19.51
CA GLY A 377 -10.76 -40.47 -18.12
C GLY A 377 -11.11 -41.68 -17.27
N GLU A 378 -12.29 -42.27 -17.51
CA GLU A 378 -12.75 -43.34 -16.64
C GLU A 378 -11.93 -44.60 -16.81
N LYS A 379 -11.50 -44.90 -18.04
CA LYS A 379 -10.80 -46.13 -18.36
C LYS A 379 -9.28 -45.99 -18.35
N THR A 380 -8.75 -44.78 -18.11
CA THR A 380 -7.27 -44.54 -18.11
C THR A 380 -6.68 -44.91 -16.75
N VAL A 381 -5.41 -45.33 -16.74
CA VAL A 381 -4.65 -45.67 -15.53
C VAL A 381 -3.65 -44.56 -15.24
N TYR A 382 -3.37 -44.35 -13.95
CA TYR A 382 -2.57 -43.22 -13.51
C TYR A 382 -1.44 -43.66 -12.58
N ARG A 383 -0.53 -42.72 -12.36
CA ARG A 383 0.63 -42.92 -11.46
C ARG A 383 0.63 -41.82 -10.41
N ASN A 384 1.56 -41.87 -9.48
CA ASN A 384 1.80 -40.83 -8.49
C ASN A 384 2.94 -39.91 -8.94
N TYR A 385 2.75 -38.61 -8.74
CA TYR A 385 3.75 -37.62 -9.11
C TYR A 385 3.91 -36.56 -8.05
N GLN A 386 5.15 -36.36 -7.58
CA GLN A 386 5.45 -35.29 -6.60
C GLN A 386 6.64 -34.48 -7.11
N ARG A 387 6.84 -33.29 -6.59
CA ARG A 387 8.01 -32.47 -6.83
C ARG A 387 8.57 -31.92 -5.53
N VAL A 388 9.90 -31.93 -5.43
CA VAL A 388 10.62 -31.50 -4.24
C VAL A 388 11.73 -30.55 -4.65
N THR A 389 12.03 -29.58 -3.78
CA THR A 389 13.16 -28.68 -4.00
C THR A 389 14.26 -29.03 -3.01
N LEU A 390 15.43 -29.36 -3.53
CA LEU A 390 16.56 -29.83 -2.73
C LEU A 390 17.64 -28.76 -2.72
N GLN A 391 18.06 -28.36 -1.53
CA GLN A 391 19.04 -27.30 -1.33
C GLN A 391 20.28 -27.85 -0.64
N GLU A 392 21.41 -27.21 -0.89
CA GLU A 392 22.64 -27.59 -0.21
C GLU A 392 22.49 -27.35 1.29
N ALA A 393 23.08 -28.24 2.08
CA ALA A 393 23.08 -28.05 3.51
C ALA A 393 23.97 -26.84 3.85
N PRO A 394 23.47 -25.86 4.60
CA PRO A 394 24.26 -24.65 4.82
C PRO A 394 25.58 -24.88 5.53
N GLY A 395 25.73 -25.99 6.25
CA GLY A 395 26.99 -26.26 6.92
C GLY A 395 28.12 -26.63 6.00
N THR A 396 27.81 -27.08 4.78
CA THR A 396 28.82 -27.52 3.82
C THR A 396 29.24 -26.45 2.83
N VAL A 397 28.48 -25.38 2.70
CA VAL A 397 28.84 -24.31 1.75
C VAL A 397 30.14 -23.66 2.21
N PRO A 398 31.11 -23.43 1.32
CA PRO A 398 32.35 -22.79 1.75
C PRO A 398 32.13 -21.32 2.05
N PRO A 399 33.13 -20.66 2.63
CA PRO A 399 32.92 -19.27 3.07
C PRO A 399 32.61 -18.33 1.91
N GLY A 400 31.51 -17.59 2.04
CA GLY A 400 31.19 -16.52 1.13
C GLY A 400 30.11 -16.83 0.12
N ARG A 401 30.10 -18.06 -0.40
CA ARG A 401 29.20 -18.41 -1.49
C ARG A 401 27.80 -18.69 -0.99
N LEU A 402 26.80 -18.43 -1.86
CA LEU A 402 25.41 -18.70 -1.51
C LEU A 402 25.06 -20.14 -1.86
N PRO A 403 24.16 -20.78 -1.12
CA PRO A 403 23.83 -22.18 -1.41
C PRO A 403 23.10 -22.32 -2.73
N ARG A 404 23.30 -23.46 -3.38
CA ARG A 404 22.63 -23.81 -4.63
C ARG A 404 21.48 -24.78 -4.36
N HIS A 405 20.62 -24.93 -5.35
CA HIS A 405 19.45 -25.79 -5.23
C HIS A 405 19.17 -26.48 -6.56
N ARG A 406 18.27 -27.44 -6.53
CA ARG A 406 17.89 -28.23 -7.71
C ARG A 406 16.39 -28.47 -7.66
N GLU A 407 15.91 -29.34 -8.55
CA GLU A 407 14.53 -29.80 -8.55
C GLU A 407 14.53 -31.31 -8.69
N VAL A 408 13.63 -31.98 -7.97
CA VAL A 408 13.56 -33.43 -7.96
C VAL A 408 12.12 -33.86 -8.19
N ILE A 409 11.94 -34.92 -8.96
CA ILE A 409 10.63 -35.45 -9.30
C ILE A 409 10.54 -36.89 -8.79
N LEU A 410 9.48 -37.19 -8.05
CA LEU A 410 9.27 -38.52 -7.50
C LEU A 410 8.02 -39.13 -8.11
N LEU A 411 8.11 -40.41 -8.45
CA LEU A 411 7.02 -41.13 -9.10
C LEU A 411 6.80 -42.47 -8.41
N ALA A 412 5.59 -43.01 -8.58
CA ALA A 412 5.28 -44.35 -8.09
C ALA A 412 5.29 -44.44 -6.56
N ASP A 413 6.28 -45.15 -6.02
CA ASP A 413 6.29 -45.61 -4.65
C ASP A 413 7.16 -44.75 -3.75
N LEU A 414 7.70 -43.65 -4.27
CA LEU A 414 8.54 -42.75 -3.51
C LEU A 414 7.86 -41.46 -3.11
N VAL A 415 6.63 -41.23 -3.56
CA VAL A 415 5.92 -40.01 -3.20
C VAL A 415 5.58 -40.01 -1.73
N ASP A 416 5.66 -38.83 -1.11
CA ASP A 416 5.38 -38.65 0.32
C ASP A 416 6.28 -39.56 1.15
N VAL A 417 7.58 -39.33 1.03
CA VAL A 417 8.56 -40.06 1.83
C VAL A 417 9.38 -39.17 2.74
N SER A 418 9.41 -37.85 2.51
CA SER A 418 10.17 -36.95 3.34
C SER A 418 9.38 -35.66 3.54
N LYS A 419 9.62 -35.02 4.67
CA LYS A 419 9.00 -33.76 5.03
C LYS A 419 10.00 -32.62 4.97
N PRO A 420 9.55 -31.39 4.77
CA PRO A 420 10.49 -30.26 4.68
C PRO A 420 11.36 -30.17 5.93
N GLY A 421 12.62 -29.80 5.72
CA GLY A 421 13.58 -29.74 6.79
C GLY A 421 14.44 -30.99 6.95
N GLU A 422 14.02 -32.11 6.37
CA GLU A 422 14.79 -33.33 6.46
C GLU A 422 16.03 -33.25 5.57
N GLU A 423 17.12 -33.84 6.04
CA GLU A 423 18.35 -33.92 5.27
C GLU A 423 18.46 -35.33 4.68
N VAL A 424 18.59 -35.42 3.36
CA VAL A 424 18.40 -36.66 2.64
C VAL A 424 19.51 -36.85 1.62
N GLU A 425 19.59 -38.07 1.09
CA GLU A 425 20.46 -38.44 -0.02
C GLU A 425 19.59 -39.08 -1.10
N VAL A 426 19.69 -38.56 -2.33
CA VAL A 426 18.84 -38.98 -3.42
C VAL A 426 19.71 -39.47 -4.57
N THR A 427 19.36 -40.62 -5.13
CA THR A 427 20.02 -41.19 -6.30
C THR A 427 19.06 -41.17 -7.48
N GLY A 428 19.53 -40.65 -8.61
CA GLY A 428 18.66 -40.47 -9.75
C GLY A 428 19.42 -40.16 -11.02
N ILE A 429 18.71 -39.57 -11.98
CA ILE A 429 19.24 -39.28 -13.30
C ILE A 429 19.13 -37.78 -13.55
N TYR A 430 20.19 -37.21 -14.11
CA TYR A 430 20.30 -35.77 -14.35
C TYR A 430 19.96 -35.48 -15.81
N LYS A 431 18.87 -34.75 -16.03
CA LYS A 431 18.33 -34.53 -17.37
C LYS A 431 18.01 -33.06 -17.57
N ASN A 432 17.52 -32.74 -18.77
CA ASN A 432 17.08 -31.40 -19.13
C ASN A 432 15.56 -31.34 -19.14
N ASN A 433 15.00 -30.28 -18.56
CA ASN A 433 13.56 -30.12 -18.54
C ASN A 433 13.03 -29.83 -19.94
N TYR A 434 13.44 -28.70 -20.52
CA TYR A 434 13.10 -28.35 -21.89
C TYR A 434 11.58 -28.32 -22.08
N ASP A 435 10.96 -27.36 -21.39
CA ASP A 435 9.53 -27.12 -21.54
C ASP A 435 9.21 -26.20 -22.72
N GLY A 436 10.10 -26.11 -23.70
CA GLY A 436 9.88 -25.27 -24.85
C GLY A 436 10.49 -23.90 -24.67
N ASN A 437 11.64 -23.85 -24.00
CA ASN A 437 12.28 -22.56 -23.72
C ASN A 437 12.89 -21.97 -24.99
N LEU A 438 13.54 -22.79 -25.81
CA LEU A 438 14.22 -22.30 -27.01
C LEU A 438 13.25 -21.85 -28.09
N ASN A 439 11.96 -22.11 -27.94
CA ASN A 439 10.97 -21.73 -28.94
C ASN A 439 10.85 -20.20 -28.96
N ALA A 440 11.46 -19.57 -29.96
CA ALA A 440 11.38 -18.13 -30.15
C ALA A 440 11.80 -17.37 -28.90
N LYS A 441 12.88 -17.82 -28.27
CA LYS A 441 13.45 -17.08 -27.14
C LYS A 441 14.27 -15.91 -27.65
N ASN A 442 14.76 -15.09 -26.72
CA ASN A 442 15.55 -13.91 -27.08
C ASN A 442 16.71 -13.81 -26.09
N GLY A 443 17.90 -14.25 -26.53
CA GLY A 443 19.11 -14.09 -25.75
C GLY A 443 19.66 -15.41 -25.22
N PHE A 444 20.66 -15.95 -25.91
CA PHE A 444 21.37 -17.15 -25.50
C PHE A 444 20.44 -18.36 -25.42
N PRO A 445 20.81 -19.50 -26.02
CA PRO A 445 20.00 -20.74 -25.86
C PRO A 445 20.41 -21.59 -24.66
N VAL A 446 19.93 -21.18 -23.48
CA VAL A 446 20.25 -21.90 -22.25
C VAL A 446 19.09 -22.82 -21.88
N PHE A 447 19.38 -23.81 -21.05
CA PHE A 447 18.41 -24.83 -20.67
C PHE A 447 18.35 -24.95 -19.17
N ALA A 448 17.20 -25.43 -18.68
CA ALA A 448 17.01 -25.77 -17.28
C ALA A 448 17.23 -27.26 -17.08
N THR A 449 17.47 -27.66 -15.84
CA THR A 449 17.78 -29.04 -15.51
C THR A 449 16.97 -29.49 -14.30
N ILE A 450 16.80 -30.81 -14.19
CA ILE A 450 16.13 -31.44 -13.06
C ILE A 450 16.86 -32.75 -12.75
N ILE A 451 16.43 -33.39 -11.67
CA ILE A 451 16.89 -34.73 -11.31
C ILE A 451 15.67 -35.62 -11.14
N GLU A 452 15.61 -36.71 -11.89
CA GLU A 452 14.55 -37.70 -11.74
C GLU A 452 15.02 -38.77 -10.77
N ALA A 453 14.35 -38.90 -9.65
CA ALA A 453 14.83 -39.72 -8.55
C ALA A 453 14.52 -41.19 -8.78
N ASN A 454 15.51 -42.02 -8.49
CA ASN A 454 15.34 -43.46 -8.47
C ASN A 454 15.33 -44.04 -7.06
N SER A 455 15.85 -43.31 -6.08
CA SER A 455 15.80 -43.77 -4.69
C SER A 455 16.09 -42.59 -3.75
N ILE A 456 15.52 -42.66 -2.56
CA ILE A 456 15.71 -41.66 -1.52
C ILE A 456 16.12 -42.37 -0.23
N LYS A 457 16.88 -41.68 0.60
CA LYS A 457 17.36 -42.28 1.85
C LYS A 457 17.72 -41.19 2.84
N ARG A 458 17.09 -41.19 4.01
CA ARG A 458 17.51 -40.28 5.06
C ARG A 458 18.89 -40.68 5.58
N ARG A 459 19.75 -39.68 5.77
CA ARG A 459 21.10 -39.95 6.22
C ARG A 459 21.22 -39.77 7.73
N VAL A 473 11.30 -41.57 17.23
CA VAL A 473 10.10 -42.39 17.13
C VAL A 473 9.59 -42.68 18.53
N PHE A 474 8.29 -42.95 18.65
CA PHE A 474 7.64 -43.14 19.94
C PHE A 474 6.84 -44.43 20.00
N SER A 475 7.07 -45.35 19.06
CA SER A 475 6.32 -46.60 19.01
C SER A 475 7.05 -47.69 19.78
N TRP A 476 6.28 -48.49 20.50
CA TRP A 476 6.80 -49.55 21.36
C TRP A 476 6.35 -50.91 20.86
N THR A 477 6.98 -51.95 21.41
CA THR A 477 6.67 -53.34 21.11
C THR A 477 6.50 -54.09 22.42
N GLU A 478 6.21 -55.39 22.31
CA GLU A 478 5.96 -56.19 23.51
C GLU A 478 7.19 -56.24 24.40
N GLU A 479 8.36 -56.43 23.82
CA GLU A 479 9.60 -56.44 24.60
C GLU A 479 9.73 -55.14 25.38
N GLU A 480 9.52 -54.00 24.72
CA GLU A 480 9.63 -52.72 25.38
C GLU A 480 8.54 -52.51 26.41
N GLU A 481 7.33 -53.04 26.17
CA GLU A 481 6.30 -52.96 27.19
C GLU A 481 6.72 -53.71 28.46
N ARG A 482 7.28 -54.90 28.28
CA ARG A 482 7.79 -55.64 29.43
C ARG A 482 8.90 -54.88 30.13
N GLU A 483 9.77 -54.24 29.36
CA GLU A 483 10.83 -53.43 29.96
C GLU A 483 10.26 -52.27 30.77
N PHE A 484 9.23 -51.60 30.23
CA PHE A 484 8.58 -50.51 30.95
C PHE A 484 8.00 -51.02 32.26
N ARG A 485 7.32 -52.16 32.23
CA ARG A 485 6.74 -52.72 33.44
C ARG A 485 7.83 -53.09 34.44
N LYS A 486 8.94 -53.66 33.97
CA LYS A 486 10.01 -54.03 34.86
C LYS A 486 10.63 -52.80 35.52
N ILE A 487 10.83 -51.73 34.76
CA ILE A 487 11.40 -50.51 35.33
C ILE A 487 10.44 -49.87 36.31
N SER A 488 9.14 -49.92 36.01
CA SER A 488 8.16 -49.21 36.84
C SER A 488 8.11 -49.74 38.26
N ARG A 489 8.14 -51.06 38.43
CA ARG A 489 7.94 -51.63 39.76
C ARG A 489 9.11 -51.40 40.69
N ASP A 490 10.24 -50.92 40.18
CA ASP A 490 11.37 -50.61 41.03
C ASP A 490 11.09 -49.36 41.84
N ARG A 491 11.30 -49.43 43.15
CA ARG A 491 11.04 -48.30 44.01
C ARG A 491 12.00 -47.16 43.69
N GLY A 492 11.51 -45.94 43.88
CA GLY A 492 12.31 -44.77 43.59
C GLY A 492 12.38 -44.39 42.14
N ILE A 493 11.45 -44.89 41.32
CA ILE A 493 11.47 -44.56 39.90
C ILE A 493 11.19 -43.07 39.69
N ILE A 494 10.45 -42.45 40.62
CA ILE A 494 10.04 -41.03 40.50
C ILE A 494 11.30 -40.16 40.60
N ASP A 495 12.27 -40.56 41.44
CA ASP A 495 13.54 -39.85 41.56
C ASP A 495 14.37 -40.01 40.30
N LYS A 496 14.41 -41.23 39.75
CA LYS A 496 15.17 -41.44 38.51
C LYS A 496 14.61 -40.60 37.38
N ILE A 497 13.28 -40.57 37.23
CA ILE A 497 12.68 -39.83 36.14
C ILE A 497 12.96 -38.34 36.30
N ILE A 498 12.88 -37.83 37.52
CA ILE A 498 13.14 -36.41 37.76
C ILE A 498 14.61 -36.09 37.53
N SER A 499 15.50 -37.03 37.83
CA SER A 499 16.93 -36.81 37.62
C SER A 499 17.37 -37.09 36.19
N SER A 500 16.48 -37.60 35.35
CA SER A 500 16.79 -37.85 33.95
C SER A 500 16.37 -36.69 33.04
N MET A 501 15.92 -35.58 33.60
CA MET A 501 15.49 -34.44 32.81
C MET A 501 16.66 -33.52 32.50
N ALA A 502 16.83 -33.19 31.22
CA ALA A 502 17.80 -32.20 30.77
C ALA A 502 19.15 -32.41 31.45
N PRO A 503 19.91 -33.44 31.07
CA PRO A 503 21.20 -33.66 31.70
C PRO A 503 22.20 -32.55 31.42
N SER A 504 21.94 -31.72 30.42
CA SER A 504 22.82 -30.60 30.09
C SER A 504 22.68 -29.43 31.05
N ILE A 505 21.68 -29.43 31.92
CA ILE A 505 21.44 -28.35 32.88
C ILE A 505 21.88 -28.83 34.25
N TYR A 506 22.70 -28.04 34.94
CA TYR A 506 23.16 -28.37 36.28
C TYR A 506 22.27 -27.67 37.30
N GLY A 507 21.86 -28.42 38.32
CA GLY A 507 20.99 -27.85 39.34
C GLY A 507 19.55 -27.72 38.87
N HIS A 508 18.83 -26.78 39.49
CA HIS A 508 17.44 -26.51 39.16
C HIS A 508 16.59 -27.77 39.28
N ARG A 509 16.65 -28.41 40.45
CA ARG A 509 15.87 -29.62 40.68
C ARG A 509 14.37 -29.32 40.68
N ASP A 510 13.96 -28.20 41.28
CA ASP A 510 12.54 -27.87 41.37
C ASP A 510 11.92 -27.70 39.99
N ILE A 511 12.60 -26.97 39.11
CA ILE A 511 12.10 -26.79 37.75
C ILE A 511 12.03 -28.13 37.03
N LYS A 512 13.00 -29.01 37.30
CA LYS A 512 13.02 -30.30 36.64
C LYS A 512 11.84 -31.16 37.06
N THR A 513 11.51 -31.19 38.35
CA THR A 513 10.33 -31.94 38.77
C THR A 513 9.05 -31.31 38.23
N ALA A 514 8.99 -29.98 38.17
CA ALA A 514 7.82 -29.33 37.61
C ALA A 514 7.62 -29.71 36.14
N VAL A 515 8.69 -29.71 35.36
CA VAL A 515 8.56 -30.07 33.94
C VAL A 515 8.25 -31.55 33.77
N ALA A 516 8.77 -32.41 34.64
CA ALA A 516 8.39 -33.81 34.58
C ALA A 516 6.88 -33.96 34.77
N CYS A 517 6.34 -33.30 35.80
CA CYS A 517 4.90 -33.36 36.02
C CYS A 517 4.14 -32.80 34.83
N SER A 518 4.60 -31.69 34.26
CA SER A 518 3.92 -31.11 33.10
C SER A 518 3.93 -32.07 31.93
N LEU A 519 5.05 -32.74 31.68
CA LEU A 519 5.12 -33.69 30.58
C LEU A 519 4.13 -34.83 30.77
N PHE A 520 4.07 -35.39 31.98
CA PHE A 520 3.22 -36.56 32.18
C PHE A 520 1.74 -36.20 32.15
N GLY A 521 1.30 -35.31 33.04
CA GLY A 521 -0.05 -34.79 33.00
C GLY A 521 -1.04 -35.59 33.83
N GLY A 522 -2.20 -35.00 34.03
CA GLY A 522 -3.28 -35.59 34.81
C GLY A 522 -4.33 -36.26 33.93
N VAL A 523 -5.59 -36.17 34.35
CA VAL A 523 -6.68 -36.77 33.60
C VAL A 523 -7.85 -35.79 33.53
N PRO A 524 -8.38 -35.47 32.34
CA PRO A 524 -9.54 -34.60 32.29
C PRO A 524 -10.77 -35.28 32.85
N LYS A 525 -11.72 -34.47 33.31
CA LYS A 525 -12.96 -34.95 33.89
C LYS A 525 -14.13 -34.15 33.33
N ASN A 526 -15.29 -34.77 33.30
CA ASN A 526 -16.51 -34.08 32.87
C ASN A 526 -17.67 -34.67 33.63
N VAL A 527 -18.17 -33.91 34.62
CA VAL A 527 -19.23 -34.37 35.55
C VAL A 527 -20.59 -34.33 34.86
N ASN A 528 -21.00 -35.43 34.22
CA ASN A 528 -22.32 -35.55 33.62
C ASN A 528 -22.50 -34.65 32.41
N GLY A 529 -21.41 -34.25 31.77
CA GLY A 529 -21.50 -33.45 30.56
C GLY A 529 -21.93 -32.02 30.76
N LYS A 530 -21.78 -31.48 31.97
CA LYS A 530 -22.14 -30.08 32.22
C LYS A 530 -21.14 -29.38 33.12
N HIS A 531 -19.99 -29.99 33.43
CA HIS A 531 -19.02 -29.40 34.34
C HIS A 531 -17.64 -29.92 33.95
N SER A 532 -16.84 -29.09 33.30
CA SER A 532 -15.57 -29.50 32.74
C SER A 532 -14.43 -29.11 33.66
N ILE A 533 -13.56 -30.09 33.96
CA ILE A 533 -12.34 -29.86 34.71
C ILE A 533 -11.17 -30.28 33.83
N ARG A 534 -10.21 -29.37 33.65
CA ARG A 534 -9.08 -29.66 32.79
C ARG A 534 -8.09 -30.59 33.50
N GLY A 535 -7.13 -31.09 32.75
CA GLY A 535 -6.13 -32.00 33.29
C GLY A 535 -4.73 -31.71 32.82
N ASP A 536 -4.50 -30.48 32.38
CA ASP A 536 -3.20 -30.05 31.87
C ASP A 536 -2.54 -29.12 32.88
N ILE A 537 -1.27 -29.38 33.19
CA ILE A 537 -0.53 -28.60 34.16
C ILE A 537 0.25 -27.52 33.42
N ASN A 538 -0.05 -26.26 33.73
CA ASN A 538 0.63 -25.11 33.13
C ASN A 538 1.73 -24.63 34.06
N VAL A 539 2.89 -24.32 33.49
CA VAL A 539 4.08 -23.99 34.27
C VAL A 539 4.64 -22.65 33.80
N LEU A 540 5.01 -21.79 34.76
CA LEU A 540 5.63 -20.50 34.48
C LEU A 540 7.02 -20.47 35.09
N LEU A 541 7.99 -19.98 34.31
CA LEU A 541 9.39 -19.89 34.74
C LEU A 541 9.81 -18.43 34.69
N LEU A 542 9.95 -17.81 35.85
CA LEU A 542 10.44 -16.45 35.97
C LEU A 542 11.83 -16.47 36.57
N GLY A 543 12.74 -15.67 36.03
CA GLY A 543 14.10 -15.70 36.54
C GLY A 543 14.95 -14.60 35.95
N ASP A 544 16.17 -14.51 36.46
CA ASP A 544 17.15 -13.52 36.05
C ASP A 544 17.90 -13.99 34.81
N PRO A 545 18.51 -13.07 34.07
CA PRO A 545 19.25 -13.47 32.88
C PRO A 545 20.37 -14.44 33.19
N GLY A 546 20.61 -15.36 32.26
CA GLY A 546 21.67 -16.33 32.38
C GLY A 546 21.34 -17.55 33.21
N THR A 547 20.09 -17.70 33.66
CA THR A 547 19.72 -18.81 34.51
C THR A 547 19.46 -20.10 33.74
N ALA A 548 19.74 -20.13 32.43
CA ALA A 548 19.54 -21.32 31.61
C ALA A 548 18.07 -21.75 31.59
N LYS A 549 17.22 -20.86 31.10
CA LYS A 549 15.79 -21.11 30.99
C LYS A 549 15.39 -21.61 29.61
N SER A 550 15.93 -21.00 28.55
CA SER A 550 15.56 -21.38 27.19
C SER A 550 15.96 -22.82 26.88
N GLN A 551 17.13 -23.25 27.35
CA GLN A 551 17.57 -24.62 27.08
C GLN A 551 16.63 -25.65 27.68
N ILE A 552 15.87 -25.30 28.72
CA ILE A 552 14.86 -26.20 29.25
C ILE A 552 13.71 -26.33 28.26
N LEU A 553 13.30 -25.22 27.66
CA LEU A 553 12.23 -25.30 26.67
C LEU A 553 12.70 -26.05 25.44
N LYS A 554 13.96 -25.91 25.05
CA LYS A 554 14.45 -26.64 23.89
C LYS A 554 14.48 -28.14 24.17
N TYR A 555 14.82 -28.53 25.41
CA TYR A 555 14.77 -29.93 25.76
C TYR A 555 13.34 -30.46 25.66
N VAL A 556 12.38 -29.70 26.18
CA VAL A 556 11.00 -30.17 26.10
C VAL A 556 10.55 -30.24 24.66
N GLU A 557 10.88 -29.23 23.86
CA GLU A 557 10.50 -29.21 22.45
C GLU A 557 11.03 -30.42 21.72
N LYS A 558 12.13 -31.00 22.22
CA LYS A 558 12.73 -32.13 21.54
C LYS A 558 12.24 -33.48 22.08
N THR A 559 11.87 -33.56 23.35
CA THR A 559 11.50 -34.85 23.95
C THR A 559 10.01 -35.17 23.85
N ALA A 560 9.13 -34.17 23.72
CA ALA A 560 7.71 -34.43 23.72
C ALA A 560 7.23 -34.97 22.37
N HIS A 561 6.09 -35.67 22.42
CA HIS A 561 5.49 -36.23 21.21
C HIS A 561 4.95 -35.13 20.30
N ARG A 562 4.21 -34.18 20.86
CA ARG A 562 3.62 -33.08 20.10
C ARG A 562 3.91 -31.79 20.86
N ALA A 563 4.96 -31.09 20.44
CA ALA A 563 5.36 -29.84 21.06
C ALA A 563 5.47 -28.76 20.00
N VAL A 564 4.98 -27.58 20.32
CA VAL A 564 5.02 -26.44 19.40
C VAL A 564 5.71 -25.28 20.09
N PHE A 565 6.72 -24.72 19.43
CA PHE A 565 7.51 -23.63 19.97
C PHE A 565 6.99 -22.30 19.45
N ALA A 566 6.94 -21.30 20.32
CA ALA A 566 6.50 -19.96 19.93
C ALA A 566 7.16 -18.92 20.81
N THR A 567 7.16 -17.68 20.34
CA THR A 567 7.73 -16.56 21.06
C THR A 567 6.81 -15.36 20.94
N GLY A 568 6.90 -14.46 21.91
CA GLY A 568 6.07 -13.27 21.92
C GLY A 568 6.68 -12.06 21.24
N GLN A 569 7.99 -12.08 21.02
CA GLN A 569 8.66 -10.96 20.35
C GLN A 569 9.95 -11.49 19.75
N GLY A 570 9.97 -11.64 18.43
CA GLY A 570 11.12 -12.22 17.75
C GLY A 570 10.74 -12.80 16.40
N ALA A 571 11.30 -13.97 16.07
CA ALA A 571 11.05 -14.63 14.79
C ALA A 571 10.78 -16.11 15.04
N SER A 572 9.52 -16.50 14.99
CA SER A 572 9.11 -17.89 15.17
C SER A 572 8.35 -18.36 13.93
N ALA A 573 8.42 -19.67 13.67
CA ALA A 573 7.80 -20.22 12.48
C ALA A 573 6.28 -20.06 12.52
N VAL A 574 5.69 -20.05 13.70
CA VAL A 574 4.23 -19.98 13.85
C VAL A 574 3.90 -18.90 14.87
N GLY A 575 2.69 -18.34 14.73
CA GLY A 575 2.21 -17.32 15.63
C GLY A 575 1.32 -17.88 16.72
N LEU A 576 0.62 -16.98 17.40
CA LEU A 576 -0.29 -17.35 18.48
C LEU A 576 -1.76 -17.16 18.13
N THR A 577 -2.07 -16.33 17.14
CA THR A 577 -3.44 -16.04 16.77
C THR A 577 -3.86 -16.80 15.52
N ALA A 578 -5.15 -17.11 15.43
CA ALA A 578 -5.70 -17.76 14.25
C ALA A 578 -5.94 -16.74 13.14
N SER A 579 -5.88 -17.21 11.90
CA SER A 579 -5.97 -16.31 10.76
C SER A 579 -6.53 -17.03 9.55
N VAL A 580 -6.99 -16.24 8.59
CA VAL A 580 -7.43 -16.72 7.28
C VAL A 580 -6.52 -16.06 6.26
N ARG A 581 -5.51 -16.78 5.80
CA ARG A 581 -4.45 -16.22 4.98
C ARG A 581 -4.51 -16.81 3.58
N LYS A 582 -3.53 -16.43 2.76
CA LYS A 582 -3.41 -16.91 1.39
C LYS A 582 -2.17 -17.79 1.25
N ASP A 583 -2.31 -18.88 0.51
CA ASP A 583 -1.22 -19.84 0.35
C ASP A 583 -0.18 -19.29 -0.61
N PRO A 584 1.11 -19.34 -0.27
CA PRO A 584 2.13 -18.77 -1.16
C PRO A 584 2.09 -19.34 -2.57
N ILE A 585 1.87 -20.64 -2.73
CA ILE A 585 2.04 -21.31 -4.02
C ILE A 585 0.71 -21.62 -4.69
N THR A 586 -0.30 -22.13 -4.00
CA THR A 586 -1.53 -22.57 -4.71
C THR A 586 -2.51 -21.39 -4.96
N LYS A 587 -2.17 -20.17 -4.57
CA LYS A 587 -3.10 -19.02 -4.66
C LYS A 587 -4.39 -19.39 -3.92
N GLU A 588 -4.31 -20.08 -2.79
CA GLU A 588 -5.54 -20.59 -2.11
C GLU A 588 -5.70 -20.08 -0.68
N TRP A 589 -6.92 -19.79 -0.25
CA TRP A 589 -7.14 -19.39 1.13
C TRP A 589 -6.93 -20.57 2.05
N THR A 590 -6.45 -20.27 3.27
CA THR A 590 -6.19 -21.29 4.26
C THR A 590 -6.57 -20.76 5.63
N LEU A 591 -7.35 -21.53 6.37
CA LEU A 591 -7.67 -21.25 7.76
C LEU A 591 -6.61 -21.90 8.62
N GLU A 592 -5.77 -21.09 9.24
CA GLU A 592 -4.64 -21.58 10.03
C GLU A 592 -4.81 -21.11 11.47
N GLY A 593 -5.02 -22.05 12.38
CA GLY A 593 -5.01 -21.72 13.79
C GLY A 593 -3.60 -21.54 14.31
N GLY A 594 -3.48 -20.78 15.38
CA GLY A 594 -2.17 -20.50 15.95
C GLY A 594 -1.52 -21.73 16.52
N ALA A 595 -0.43 -21.51 17.24
CA ALA A 595 0.28 -22.60 17.89
C ALA A 595 -0.58 -23.29 18.94
N LEU A 596 -1.55 -22.58 19.51
CA LEU A 596 -2.39 -23.17 20.53
C LEU A 596 -3.40 -24.14 19.94
N VAL A 597 -3.93 -23.84 18.74
CA VAL A 597 -4.81 -24.78 18.06
C VAL A 597 -4.03 -25.89 17.37
N LEU A 598 -2.76 -25.64 17.05
CA LEU A 598 -1.89 -26.63 16.34
C LEU A 598 -1.24 -27.57 17.38
N ALA A 599 -1.31 -27.25 18.68
CA ALA A 599 -0.66 -28.04 19.71
C ALA A 599 -1.65 -28.86 20.54
N ASP A 600 -2.87 -29.01 20.03
CA ASP A 600 -3.95 -29.78 20.72
C ASP A 600 -3.43 -31.17 21.10
N LYS A 601 -3.64 -31.64 22.35
CA LYS A 601 -3.15 -32.92 22.85
C LYS A 601 -1.63 -32.95 22.95
N GLY A 602 -1.02 -31.77 23.09
CA GLY A 602 0.42 -31.68 23.17
C GLY A 602 0.87 -30.66 24.20
N VAL A 603 1.85 -29.83 23.83
CA VAL A 603 2.37 -28.81 24.73
C VAL A 603 2.83 -27.62 23.89
N CYS A 604 2.55 -26.43 24.41
CA CYS A 604 2.99 -25.18 23.79
C CYS A 604 4.07 -24.56 24.65
N LEU A 605 5.25 -24.37 24.07
CA LEU A 605 6.40 -23.81 24.76
C LEU A 605 6.57 -22.37 24.29
N ILE A 606 6.30 -21.42 25.18
CA ILE A 606 6.30 -20.00 24.85
C ILE A 606 7.50 -19.34 25.51
N ASP A 607 8.30 -18.65 24.68
CA ASP A 607 9.53 -17.95 25.10
C ASP A 607 9.23 -16.44 25.10
N GLU A 608 9.87 -15.64 25.95
CA GLU A 608 9.68 -14.19 26.03
C GLU A 608 8.21 -13.87 26.32
N PHE A 609 7.68 -14.53 27.34
CA PHE A 609 6.26 -14.44 27.66
C PHE A 609 5.84 -13.05 28.14
N ASP A 610 6.78 -12.18 28.50
CA ASP A 610 6.45 -10.88 29.06
C ASP A 610 6.41 -9.76 28.02
N LYS A 611 6.69 -10.06 26.75
CA LYS A 611 6.79 -9.02 25.72
C LYS A 611 5.80 -9.27 24.60
N MET A 612 4.56 -9.56 24.93
CA MET A 612 3.53 -9.84 23.95
C MET A 612 2.63 -8.62 23.76
N ASN A 613 2.01 -8.55 22.59
CA ASN A 613 1.09 -7.47 22.26
C ASN A 613 -0.31 -7.85 22.70
N ASP A 614 -1.30 -7.01 22.37
CA ASP A 614 -2.67 -7.26 22.82
C ASP A 614 -3.23 -8.55 22.23
N GLN A 615 -2.99 -8.80 20.95
CA GLN A 615 -3.57 -9.97 20.30
C GLN A 615 -3.10 -11.26 20.96
N ASP A 616 -1.80 -11.37 21.22
CA ASP A 616 -1.27 -12.57 21.83
C ASP A 616 -1.84 -12.78 23.22
N ARG A 617 -1.95 -11.70 24.02
CA ARG A 617 -2.51 -11.84 25.34
C ARG A 617 -3.96 -12.29 25.29
N THR A 618 -4.75 -11.72 24.39
CA THR A 618 -6.16 -12.13 24.28
C THR A 618 -6.27 -13.59 23.87
N SER A 619 -5.47 -14.01 22.89
CA SER A 619 -5.54 -15.40 22.44
C SER A 619 -5.15 -16.36 23.56
N ILE A 620 -4.06 -16.07 24.27
CA ILE A 620 -3.62 -16.95 25.34
C ILE A 620 -4.65 -16.97 26.46
N HIS A 621 -5.27 -15.82 26.74
CA HIS A 621 -6.31 -15.79 27.77
C HIS A 621 -7.47 -16.70 27.39
N GLU A 622 -7.94 -16.61 26.16
CA GLU A 622 -9.05 -17.48 25.74
C GLU A 622 -8.65 -18.95 25.81
N ALA A 623 -7.45 -19.27 25.34
CA ALA A 623 -7.01 -20.66 25.33
C ALA A 623 -6.94 -21.22 26.74
N MET A 624 -6.35 -20.46 27.67
CA MET A 624 -6.19 -20.94 29.04
C MET A 624 -7.47 -20.88 29.84
N GLU A 625 -8.46 -20.09 29.42
CA GLU A 625 -9.75 -20.10 30.10
C GLU A 625 -10.61 -21.26 29.63
N GLN A 626 -10.89 -21.33 28.32
CA GLN A 626 -11.87 -22.26 27.80
C GLN A 626 -11.28 -23.42 27.00
N GLN A 627 -9.97 -23.43 26.79
CA GLN A 627 -9.33 -24.48 26.00
C GLN A 627 -9.95 -24.58 24.61
N SER A 628 -10.33 -23.44 24.05
CA SER A 628 -10.88 -23.36 22.71
C SER A 628 -10.62 -21.97 22.16
N ILE A 629 -10.70 -21.83 20.84
CA ILE A 629 -10.45 -20.57 20.16
C ILE A 629 -11.55 -20.35 19.14
N SER A 630 -12.23 -19.22 19.24
CA SER A 630 -13.26 -18.85 18.28
C SER A 630 -12.64 -18.00 17.17
N ILE A 631 -13.33 -17.95 16.03
CA ILE A 631 -12.89 -17.13 14.91
C ILE A 631 -14.09 -16.72 14.07
N SER A 632 -14.11 -15.46 13.63
CA SER A 632 -15.12 -14.92 12.74
C SER A 632 -14.41 -14.01 11.73
N LYS A 633 -14.00 -14.60 10.61
CA LYS A 633 -13.21 -13.89 9.60
C LYS A 633 -13.56 -14.37 8.21
N ALA A 634 -13.84 -13.44 7.30
CA ALA A 634 -13.96 -13.74 5.87
C ALA A 634 -14.99 -14.83 5.60
N GLY A 635 -16.14 -14.75 6.27
CA GLY A 635 -17.19 -15.71 6.07
C GLY A 635 -17.05 -16.98 6.85
N ILE A 636 -15.95 -17.17 7.58
CA ILE A 636 -15.71 -18.35 8.39
C ILE A 636 -16.04 -18.01 9.83
N VAL A 637 -17.04 -18.68 10.38
CA VAL A 637 -17.44 -18.52 11.78
C VAL A 637 -17.36 -19.89 12.42
N THR A 638 -16.36 -20.11 13.27
CA THR A 638 -16.14 -21.44 13.79
C THR A 638 -15.40 -21.38 15.13
N THR A 639 -15.27 -22.55 15.75
CA THR A 639 -14.51 -22.75 16.98
C THR A 639 -13.59 -23.94 16.81
N LEU A 640 -12.42 -23.88 17.45
CA LEU A 640 -11.41 -24.91 17.33
C LEU A 640 -10.91 -25.31 18.72
N GLN A 641 -10.54 -26.58 18.85
CA GLN A 641 -10.10 -27.11 20.14
C GLN A 641 -8.64 -26.78 20.38
N ALA A 642 -8.33 -26.38 21.60
CA ALA A 642 -6.98 -25.99 22.01
C ALA A 642 -6.64 -26.63 23.36
N ARG A 643 -6.93 -27.92 23.49
CA ARG A 643 -6.69 -28.65 24.73
C ARG A 643 -5.21 -29.02 24.83
N CYS A 644 -4.41 -28.04 25.22
CA CYS A 644 -2.97 -28.21 25.34
C CYS A 644 -2.48 -27.59 26.64
N SER A 645 -1.36 -28.10 27.13
CA SER A 645 -0.69 -27.52 28.28
C SER A 645 0.28 -26.43 27.80
N ILE A 646 0.61 -25.51 28.71
CA ILE A 646 1.41 -24.35 28.39
C ILE A 646 2.59 -24.28 29.35
N ILE A 647 3.79 -24.14 28.80
CA ILE A 647 5.00 -23.89 29.59
C ILE A 647 5.64 -22.62 29.05
N ALA A 648 5.78 -21.62 29.91
CA ALA A 648 6.20 -20.29 29.49
C ALA A 648 7.43 -19.84 30.27
N ALA A 649 8.25 -19.01 29.62
CA ALA A 649 9.43 -18.42 30.24
C ALA A 649 9.34 -16.90 30.15
N ALA A 650 9.84 -16.21 31.19
CA ALA A 650 9.76 -14.76 31.22
C ALA A 650 10.88 -14.20 32.10
N ASN A 651 11.00 -12.88 32.08
CA ASN A 651 11.96 -12.16 32.89
C ASN A 651 11.26 -11.07 33.69
N PRO A 652 11.78 -10.72 34.87
CA PRO A 652 11.10 -9.75 35.72
C PRO A 652 11.26 -8.31 35.23
N ASN A 653 10.46 -7.43 35.81
CA ASN A 653 10.52 -6.02 35.48
C ASN A 653 11.90 -5.45 35.80
N GLY A 654 12.47 -4.70 34.86
CA GLY A 654 13.74 -4.07 35.07
C GLY A 654 14.94 -4.98 34.94
N GLY A 655 14.73 -6.26 34.70
CA GLY A 655 15.84 -7.19 34.55
C GLY A 655 16.44 -7.70 35.83
N ARG A 656 15.80 -7.47 36.98
CA ARG A 656 16.31 -8.00 38.24
C ARG A 656 15.13 -8.22 39.17
N TYR A 657 15.11 -9.40 39.80
CA TYR A 657 14.03 -9.72 40.73
C TYR A 657 14.23 -8.97 42.03
N ASN A 658 13.16 -8.34 42.52
CA ASN A 658 13.18 -7.59 43.77
C ASN A 658 12.39 -8.39 44.79
N SER A 659 13.10 -9.04 45.71
CA SER A 659 12.45 -9.88 46.70
C SER A 659 11.61 -9.09 47.70
N THR A 660 11.73 -7.76 47.73
CA THR A 660 10.99 -6.89 48.68
C THR A 660 9.52 -6.76 48.28
N LEU A 661 9.12 -7.20 47.07
CA LEU A 661 7.77 -7.01 46.57
C LEU A 661 7.12 -8.35 46.27
N PRO A 662 5.79 -8.42 46.28
CA PRO A 662 5.12 -9.64 45.85
C PRO A 662 5.40 -9.94 44.39
N LEU A 663 5.34 -11.23 44.04
CA LEU A 663 5.63 -11.64 42.67
C LEU A 663 4.76 -10.92 41.67
N ALA A 664 3.53 -10.56 42.06
CA ALA A 664 2.62 -9.91 41.13
C ALA A 664 3.11 -8.55 40.67
N GLN A 665 4.06 -7.95 41.39
CA GLN A 665 4.62 -6.65 41.02
C GLN A 665 5.98 -6.76 40.33
N ASN A 666 6.56 -7.96 40.28
CA ASN A 666 7.82 -8.16 39.58
C ASN A 666 7.65 -8.53 38.12
N VAL A 667 6.41 -8.77 37.68
CA VAL A 667 6.15 -9.21 36.32
C VAL A 667 5.07 -8.35 35.71
N SER A 668 5.08 -8.24 34.39
CA SER A 668 4.09 -7.43 33.68
C SER A 668 2.74 -8.13 33.59
N LEU A 669 2.73 -9.45 33.60
CA LEU A 669 1.49 -10.19 33.43
C LEU A 669 0.48 -9.81 34.51
N THR A 670 -0.77 -9.63 34.11
CA THR A 670 -1.83 -9.30 35.04
C THR A 670 -2.22 -10.53 35.84
N GLU A 671 -3.22 -10.37 36.71
CA GLU A 671 -3.63 -11.46 37.58
C GLU A 671 -4.46 -12.51 36.84
N PRO A 672 -5.40 -12.11 35.97
CA PRO A 672 -6.20 -13.14 35.30
C PRO A 672 -5.38 -14.18 34.56
N ILE A 673 -4.25 -13.79 33.97
CA ILE A 673 -3.40 -14.77 33.29
C ILE A 673 -2.49 -15.47 34.29
N LEU A 674 -2.13 -14.79 35.39
CA LEU A 674 -1.21 -15.39 36.36
C LEU A 674 -1.91 -16.32 37.33
N SER A 675 -3.24 -16.39 37.31
CA SER A 675 -4.00 -17.27 38.17
C SER A 675 -4.34 -18.60 37.50
N ARG A 676 -3.89 -18.82 36.27
CA ARG A 676 -4.16 -20.05 35.54
C ARG A 676 -2.93 -20.95 35.47
N PHE A 677 -1.93 -20.72 36.31
CA PHE A 677 -0.70 -21.49 36.31
C PHE A 677 -0.65 -22.36 37.56
N ASP A 678 -0.38 -23.65 37.37
CA ASP A 678 -0.29 -24.56 38.50
C ASP A 678 0.99 -24.35 39.30
N ILE A 679 2.11 -24.12 38.61
CA ILE A 679 3.40 -23.97 39.27
C ILE A 679 4.07 -22.69 38.77
N LEU A 680 4.52 -21.87 39.72
CA LEU A 680 5.31 -20.67 39.46
C LEU A 680 6.70 -20.93 40.01
N CYS A 681 7.70 -21.00 39.13
CA CYS A 681 9.07 -21.32 39.51
C CYS A 681 9.94 -20.09 39.32
N VAL A 682 10.56 -19.63 40.40
CA VAL A 682 11.37 -18.42 40.40
C VAL A 682 12.83 -18.81 40.56
N VAL A 683 13.67 -18.31 39.67
CA VAL A 683 15.11 -18.58 39.68
C VAL A 683 15.82 -17.28 40.00
N ARG A 684 16.69 -17.31 41.01
CA ARG A 684 17.47 -16.16 41.42
C ARG A 684 18.93 -16.52 41.44
N ASP A 685 19.77 -15.67 40.84
CA ASP A 685 21.21 -15.89 40.77
C ASP A 685 21.93 -15.26 41.96
N LEU A 686 21.48 -15.59 43.17
CA LEU A 686 22.12 -15.07 44.37
C LEU A 686 23.56 -15.57 44.44
N VAL A 687 24.47 -14.65 44.77
CA VAL A 687 25.93 -14.93 44.77
C VAL A 687 26.27 -15.91 45.90
N ASP A 688 26.79 -17.10 45.56
CA ASP A 688 27.27 -18.08 46.51
C ASP A 688 28.58 -18.65 46.00
N GLU A 689 29.62 -18.61 46.84
CA GLU A 689 30.95 -19.02 46.41
C GLU A 689 31.10 -20.52 46.27
N GLU A 690 30.11 -21.30 46.69
CA GLU A 690 30.14 -22.76 46.53
C GLU A 690 29.39 -23.22 45.30
N ALA A 691 28.20 -22.67 45.04
CA ALA A 691 27.47 -23.01 43.82
C ALA A 691 28.22 -22.53 42.59
N ASP A 692 28.80 -21.33 42.67
CA ASP A 692 29.50 -20.78 41.51
C ASP A 692 30.64 -21.68 41.07
N GLU A 693 31.39 -22.24 42.03
CA GLU A 693 32.51 -23.10 41.67
C GLU A 693 32.04 -24.31 40.86
N ARG A 694 31.00 -24.98 41.32
CA ARG A 694 30.53 -26.17 40.61
C ARG A 694 29.93 -25.81 39.25
N LEU A 695 29.19 -24.71 39.17
CA LEU A 695 28.64 -24.32 37.88
C LEU A 695 29.75 -23.98 36.89
N ALA A 696 30.78 -23.27 37.34
CA ALA A 696 31.91 -22.95 36.47
C ALA A 696 32.63 -24.22 36.04
N THR A 697 32.80 -25.17 36.96
CA THR A 697 33.42 -26.43 36.59
C THR A 697 32.63 -27.11 35.50
N PHE A 698 31.30 -27.15 35.65
CA PHE A 698 30.44 -27.77 34.65
C PHE A 698 30.66 -27.12 33.29
N VAL A 699 30.58 -25.79 33.23
CA VAL A 699 30.66 -25.10 31.94
C VAL A 699 32.02 -25.29 31.30
N VAL A 700 33.10 -25.14 32.08
CA VAL A 700 34.44 -25.26 31.52
C VAL A 700 34.67 -26.68 31.00
N ASP A 701 34.21 -27.69 31.74
CA ASP A 701 34.41 -29.06 31.29
C ASP A 701 33.58 -29.34 30.06
N SER A 702 32.38 -28.76 29.97
CA SER A 702 31.57 -28.94 28.78
C SER A 702 32.28 -28.37 27.57
N HIS A 703 32.86 -27.18 27.69
CA HIS A 703 33.61 -26.62 26.57
C HIS A 703 34.85 -27.47 26.26
N VAL A 704 35.51 -28.01 27.27
CA VAL A 704 36.71 -28.80 27.05
C VAL A 704 36.39 -30.04 26.24
N ARG A 705 35.27 -30.71 26.40
CA ARG A 705 35.08 -31.98 25.65
C ARG A 705 34.44 -31.79 24.26
N SER A 706 34.23 -30.58 23.77
CA SER A 706 33.51 -30.38 22.50
C SER A 706 34.42 -29.76 21.46
N HIS A 707 35.73 -29.78 21.70
CA HIS A 707 36.80 -29.24 20.84
C HIS A 707 36.94 -29.97 19.53
N PRO A 708 37.28 -29.30 18.42
CA PRO A 708 37.63 -30.00 17.21
C PRO A 708 38.94 -30.76 17.21
N GLU A 709 39.53 -30.99 18.36
CA GLU A 709 40.90 -31.57 18.36
C GLU A 709 41.23 -32.31 19.66
N ASN A 710 40.36 -33.22 20.10
CA ASN A 710 40.53 -34.01 21.33
C ASN A 710 39.23 -34.80 21.52
N SER A 756 22.89 -44.40 35.39
CA SER A 756 21.83 -44.29 36.38
C SER A 756 20.51 -43.81 35.75
N PRO A 757 20.51 -42.63 35.14
CA PRO A 757 19.27 -42.13 34.54
C PRO A 757 18.83 -43.01 33.39
N ILE A 758 17.52 -43.08 33.19
CA ILE A 758 16.93 -43.90 32.14
C ILE A 758 17.36 -43.35 30.78
N PRO A 759 17.59 -44.19 29.77
CA PRO A 759 17.96 -43.65 28.45
C PRO A 759 16.87 -42.75 27.89
N GLN A 760 17.29 -41.71 27.18
CA GLN A 760 16.34 -40.72 26.66
C GLN A 760 15.38 -41.35 25.65
N GLU A 761 15.92 -42.16 24.73
CA GLU A 761 15.06 -42.79 23.73
C GLU A 761 14.04 -43.71 24.38
N LEU A 762 14.46 -44.45 25.41
CA LEU A 762 13.50 -45.25 26.17
C LEU A 762 12.54 -44.36 26.95
N LEU A 763 13.01 -43.20 27.41
CA LEU A 763 12.18 -42.30 28.20
C LEU A 763 11.03 -41.75 27.37
N MET A 764 11.28 -41.38 26.11
CA MET A 764 10.20 -40.85 25.29
C MET A 764 9.10 -41.88 25.11
N LYS A 765 9.49 -43.13 24.87
CA LYS A 765 8.52 -44.19 24.67
C LYS A 765 7.75 -44.46 25.96
N TYR A 766 8.46 -44.45 27.09
CA TYR A 766 7.80 -44.66 28.37
C TYR A 766 6.77 -43.57 28.65
N ILE A 767 7.12 -42.32 28.36
CA ILE A 767 6.18 -41.22 28.59
C ILE A 767 4.97 -41.35 27.68
N HIS A 768 5.19 -41.68 26.41
CA HIS A 768 4.06 -41.82 25.50
C HIS A 768 3.13 -42.93 25.95
N TYR A 769 3.69 -44.07 26.35
CA TYR A 769 2.89 -45.20 26.84
C TYR A 769 2.10 -44.79 28.08
N ALA A 770 2.76 -44.09 29.00
CA ALA A 770 2.12 -43.71 30.25
C ALA A 770 0.95 -42.78 29.97
N ARG A 771 1.14 -41.82 29.07
CA ARG A 771 0.04 -40.91 28.76
C ARG A 771 -1.08 -41.66 28.08
N THR A 772 -0.75 -42.69 27.30
CA THR A 772 -1.75 -43.33 26.46
C THR A 772 -2.66 -44.27 27.26
N LYS A 773 -2.12 -45.05 28.20
CA LYS A 773 -2.93 -46.15 28.76
C LYS A 773 -3.19 -46.09 30.27
N ILE A 774 -2.87 -44.97 30.93
CA ILE A 774 -2.97 -44.86 32.42
C ILE A 774 -3.94 -43.71 32.78
N TYR A 775 -5.06 -44.01 33.46
CA TYR A 775 -6.00 -42.99 33.94
C TYR A 775 -6.33 -43.27 35.41
N PRO A 776 -5.45 -42.89 36.32
CA PRO A 776 -5.67 -43.19 37.74
C PRO A 776 -6.87 -42.46 38.30
N LYS A 777 -7.45 -43.05 39.35
CA LYS A 777 -8.59 -42.48 40.05
C LYS A 777 -8.29 -42.37 41.53
N LEU A 778 -8.87 -41.37 42.17
CA LEU A 778 -8.72 -41.19 43.60
C LEU A 778 -9.56 -42.20 44.36
N HIS A 779 -9.17 -42.44 45.60
CA HIS A 779 -9.87 -43.37 46.48
C HIS A 779 -10.42 -42.61 47.68
N GLN A 780 -11.57 -43.07 48.18
CA GLN A 780 -12.29 -42.33 49.21
C GLN A 780 -11.43 -42.07 50.43
N MET A 781 -10.58 -43.04 50.80
CA MET A 781 -9.78 -42.93 52.01
C MET A 781 -8.99 -41.63 52.06
N ASP A 782 -8.77 -40.96 50.93
CA ASP A 782 -7.98 -39.75 50.93
C ASP A 782 -8.70 -38.60 51.62
N MET A 783 -10.02 -38.51 51.46
CA MET A 783 -10.77 -37.32 51.86
C MET A 783 -10.33 -36.78 53.22
N ASP A 784 -10.52 -37.59 54.27
CA ASP A 784 -10.31 -37.11 55.64
C ASP A 784 -9.01 -36.33 55.76
N LYS A 785 -7.97 -36.74 55.06
CA LYS A 785 -6.69 -36.03 55.15
C LYS A 785 -6.74 -34.72 54.39
N VAL A 786 -7.03 -34.77 53.10
CA VAL A 786 -6.85 -33.60 52.24
C VAL A 786 -7.63 -32.42 52.81
N SER A 787 -8.89 -32.65 53.15
CA SER A 787 -9.72 -31.57 53.67
C SER A 787 -9.01 -30.85 54.81
N ARG A 788 -8.52 -31.63 55.79
CA ARG A 788 -7.87 -31.01 56.93
C ARG A 788 -6.74 -30.08 56.48
N VAL A 789 -5.90 -30.56 55.56
CA VAL A 789 -4.81 -29.74 55.08
C VAL A 789 -5.34 -28.46 54.47
N TYR A 790 -6.37 -28.57 53.64
CA TYR A 790 -6.93 -27.39 53.00
C TYR A 790 -7.49 -26.41 54.02
N ALA A 791 -7.88 -26.89 55.21
CA ALA A 791 -8.35 -25.98 56.24
C ALA A 791 -7.19 -25.22 56.87
N ASP A 792 -6.02 -25.84 56.98
CA ASP A 792 -4.87 -25.17 57.57
C ASP A 792 -4.22 -24.18 56.60
N LEU A 793 -4.22 -24.51 55.30
CA LEU A 793 -3.62 -23.60 54.33
C LEU A 793 -4.38 -22.28 54.27
N ARG A 794 -5.72 -22.34 54.28
CA ARG A 794 -6.51 -21.13 54.22
C ARG A 794 -6.29 -20.26 55.44
N ARG A 795 -6.63 -20.79 56.62
CA ARG A 795 -6.57 -20.03 57.91
C ARG A 795 -5.19 -19.40 58.11
N GLU A 796 -4.11 -20.19 58.14
CA GLU A 796 -2.76 -19.67 58.36
C GLU A 796 -2.29 -18.79 57.22
N SER A 797 -3.03 -18.71 56.12
CA SER A 797 -2.71 -17.74 55.08
C SER A 797 -3.28 -16.37 55.41
N ILE A 798 -4.59 -16.29 55.64
CA ILE A 798 -5.22 -14.99 55.85
C ILE A 798 -4.72 -14.32 57.12
N SER A 799 -4.11 -15.08 58.02
CA SER A 799 -3.52 -14.48 59.22
C SER A 799 -2.41 -13.51 58.85
N THR A 800 -1.63 -13.83 57.82
CA THR A 800 -0.50 -13.00 57.44
C THR A 800 -0.85 -11.93 56.42
N GLY A 801 -2.12 -11.82 56.03
CA GLY A 801 -2.51 -10.83 55.06
C GLY A 801 -1.78 -11.00 53.75
N SER A 802 -1.72 -12.23 53.26
CA SER A 802 -0.95 -12.57 52.08
C SER A 802 -1.88 -12.75 50.88
N PHE A 803 -1.30 -13.18 49.76
CA PHE A 803 -2.06 -13.41 48.55
C PHE A 803 -3.08 -14.54 48.79
N PRO A 804 -4.29 -14.43 48.26
CA PRO A 804 -5.36 -15.34 48.68
C PRO A 804 -5.09 -16.80 48.32
N ILE A 805 -5.61 -17.70 49.16
CA ILE A 805 -5.65 -19.13 48.89
C ILE A 805 -7.08 -19.49 48.50
N THR A 806 -7.23 -20.15 47.36
CA THR A 806 -8.54 -20.52 46.83
C THR A 806 -8.57 -22.01 46.53
N VAL A 807 -9.75 -22.50 46.14
CA VAL A 807 -9.92 -23.91 45.84
C VAL A 807 -9.08 -24.34 44.66
N ARG A 808 -8.69 -23.40 43.80
CA ARG A 808 -7.83 -23.74 42.67
C ARG A 808 -6.55 -24.42 43.10
N HIS A 809 -6.01 -24.05 44.26
CA HIS A 809 -4.83 -24.73 44.77
C HIS A 809 -5.14 -26.18 45.15
N LEU A 810 -6.34 -26.43 45.70
CA LEU A 810 -6.74 -27.80 45.97
C LEU A 810 -6.84 -28.62 44.69
N GLU A 811 -7.45 -28.04 43.66
CA GLU A 811 -7.56 -28.74 42.38
C GLU A 811 -6.20 -29.03 41.78
N SER A 812 -5.28 -28.07 41.87
CA SER A 812 -3.92 -28.30 41.41
C SER A 812 -3.25 -29.42 42.21
N ILE A 813 -3.49 -29.47 43.52
CA ILE A 813 -2.94 -30.55 44.33
C ILE A 813 -3.41 -31.89 43.79
N LEU A 814 -4.71 -32.03 43.56
CA LEU A 814 -5.24 -33.31 43.07
C LEU A 814 -4.66 -33.65 41.70
N ARG A 815 -4.56 -32.65 40.81
CA ARG A 815 -4.01 -32.88 39.49
C ARG A 815 -2.57 -33.40 39.56
N ILE A 816 -1.74 -32.75 40.37
CA ILE A 816 -0.34 -33.16 40.46
C ILE A 816 -0.22 -34.54 41.10
N ALA A 817 -1.09 -34.85 42.06
CA ALA A 817 -1.09 -36.20 42.62
C ALA A 817 -1.41 -37.23 41.55
N GLU A 818 -2.38 -36.92 40.69
CA GLU A 818 -2.71 -37.82 39.60
C GLU A 818 -1.51 -38.03 38.68
N SER A 819 -0.79 -36.95 38.37
CA SER A 819 0.37 -37.08 37.51
C SER A 819 1.45 -37.95 38.14
N PHE A 820 1.71 -37.74 39.44
CA PHE A 820 2.75 -38.54 40.10
C PHE A 820 2.36 -40.01 40.15
N ALA A 821 1.07 -40.31 40.35
CA ALA A 821 0.63 -41.69 40.27
C ALA A 821 0.83 -42.25 38.86
N LYS A 822 0.45 -41.47 37.86
CA LYS A 822 0.62 -41.90 36.47
C LYS A 822 2.06 -42.22 36.12
N MET A 823 3.02 -41.52 36.74
CA MET A 823 4.42 -41.83 36.43
C MET A 823 4.74 -43.29 36.72
N ARG A 824 4.18 -43.83 37.80
CA ARG A 824 4.44 -45.21 38.20
C ARG A 824 3.58 -46.22 37.46
N LEU A 825 2.84 -45.78 36.42
CA LEU A 825 1.95 -46.64 35.59
C LEU A 825 0.91 -47.32 36.50
N SER A 826 0.57 -46.72 37.65
CA SER A 826 -0.43 -47.25 38.56
C SER A 826 -1.82 -46.82 38.11
N GLU A 827 -2.82 -47.37 38.81
CA GLU A 827 -4.22 -47.03 38.57
C GLU A 827 -4.86 -46.32 39.74
N PHE A 828 -4.22 -46.31 40.91
CA PHE A 828 -4.74 -45.63 42.09
C PHE A 828 -3.67 -44.74 42.68
N VAL A 829 -4.08 -43.53 43.07
CA VAL A 829 -3.15 -42.56 43.63
C VAL A 829 -2.88 -42.94 45.08
N SER A 830 -1.62 -43.13 45.42
CA SER A 830 -1.26 -43.43 46.80
C SER A 830 -1.14 -42.14 47.60
N SER A 831 -1.09 -42.29 48.93
CA SER A 831 -0.92 -41.14 49.81
C SER A 831 0.46 -40.51 49.64
N TYR A 832 1.45 -41.29 49.22
CA TYR A 832 2.78 -40.74 48.98
C TYR A 832 2.72 -39.68 47.88
N ASP A 833 1.98 -39.97 46.81
CA ASP A 833 1.81 -39.00 45.73
C ASP A 833 1.10 -37.74 46.24
N LEU A 834 0.12 -37.92 47.11
CA LEU A 834 -0.55 -36.76 47.70
C LEU A 834 0.44 -35.91 48.49
N ASP A 835 1.34 -36.56 49.24
CA ASP A 835 2.35 -35.80 49.95
C ASP A 835 3.24 -35.01 49.00
N ARG A 836 3.66 -35.64 47.90
CA ARG A 836 4.48 -34.94 46.93
C ARG A 836 3.76 -33.72 46.38
N ALA A 837 2.48 -33.89 46.01
CA ALA A 837 1.72 -32.79 45.44
C ALA A 837 1.54 -31.67 46.45
N ILE A 838 1.27 -32.01 47.70
CA ILE A 838 1.12 -30.99 48.73
C ILE A 838 2.40 -30.19 48.87
N LYS A 839 3.54 -30.89 48.91
CA LYS A 839 4.82 -30.21 49.04
C LYS A 839 5.04 -29.25 47.87
N VAL A 840 4.82 -29.72 46.65
CA VAL A 840 5.05 -28.89 45.47
C VAL A 840 4.19 -27.64 45.52
N VAL A 841 2.89 -27.80 45.75
CA VAL A 841 1.99 -26.66 45.68
C VAL A 841 2.25 -25.68 46.82
N VAL A 842 2.48 -26.19 48.03
CA VAL A 842 2.70 -25.29 49.16
C VAL A 842 3.99 -24.50 48.96
N ASP A 843 5.06 -25.16 48.48
CA ASP A 843 6.30 -24.43 48.25
C ASP A 843 6.11 -23.39 47.16
N SER A 844 5.38 -23.73 46.09
CA SER A 844 5.15 -22.77 45.02
C SER A 844 4.41 -21.55 45.53
N PHE A 845 3.39 -21.76 46.37
CA PHE A 845 2.65 -20.61 46.91
C PHE A 845 3.53 -19.80 47.85
N VAL A 846 4.31 -20.45 48.71
CA VAL A 846 5.09 -19.72 49.71
C VAL A 846 6.12 -18.85 49.02
N ASP A 847 6.85 -19.41 48.07
CA ASP A 847 8.01 -18.67 47.54
C ASP A 847 7.62 -17.48 46.64
N ALA A 848 6.35 -17.13 46.49
CA ALA A 848 5.93 -16.02 45.64
C ALA A 848 5.50 -14.80 46.45
N GLN A 849 5.78 -14.78 47.75
CA GLN A 849 5.36 -13.70 48.65
C GLN A 849 6.57 -12.86 49.03
N LYS A 850 6.31 -11.74 49.70
CA LYS A 850 7.38 -10.89 50.19
C LYS A 850 8.07 -11.55 51.39
N VAL A 851 9.24 -11.01 51.73
CA VAL A 851 10.17 -11.72 52.61
C VAL A 851 9.54 -11.96 53.99
N SER A 852 8.89 -10.95 54.57
CA SER A 852 8.30 -11.11 55.89
C SER A 852 7.20 -12.16 55.88
N VAL A 853 6.25 -12.01 54.94
CA VAL A 853 5.20 -13.01 54.79
C VAL A 853 5.82 -14.36 54.46
N ARG A 854 6.90 -14.35 53.68
CA ARG A 854 7.57 -15.61 53.36
C ARG A 854 8.00 -16.34 54.62
N ARG A 855 8.72 -15.66 55.51
CA ARG A 855 9.21 -16.34 56.71
C ARG A 855 8.07 -16.75 57.62
N GLN A 856 7.05 -15.90 57.77
CA GLN A 856 5.92 -16.28 58.60
C GLN A 856 5.27 -17.56 58.08
N LEU A 857 4.97 -17.58 56.78
CA LEU A 857 4.32 -18.76 56.20
C LEU A 857 5.22 -19.98 56.28
N ARG A 858 6.52 -19.79 56.12
CA ARG A 858 7.44 -20.92 56.20
C ARG A 858 7.51 -21.51 57.60
N ARG A 859 7.56 -20.64 58.62
CA ARG A 859 7.52 -21.13 59.99
C ARG A 859 6.23 -21.88 60.27
N SER A 860 5.11 -21.37 59.76
CA SER A 860 3.83 -22.04 59.97
C SER A 860 3.77 -23.39 59.27
N PHE A 861 4.30 -23.48 58.05
CA PHE A 861 4.12 -24.64 57.19
C PHE A 861 5.32 -25.57 57.16
N ALA A 862 6.25 -25.43 58.11
CA ALA A 862 7.39 -26.34 58.19
C ALA A 862 6.97 -27.82 58.15
N ILE A 863 5.71 -28.12 58.42
CA ILE A 863 5.25 -29.52 58.36
C ILE A 863 5.49 -30.09 56.97
N TYR A 864 5.14 -29.33 55.94
CA TYR A 864 5.25 -29.80 54.57
C TYR A 864 6.49 -29.27 53.86
N ASP B 53 -47.86 -17.22 -34.90
CA ASP B 53 -48.24 -16.12 -35.79
C ASP B 53 -49.66 -15.65 -35.51
N ALA B 54 -50.53 -16.58 -35.15
CA ALA B 54 -51.91 -16.24 -34.84
C ALA B 54 -52.11 -15.95 -33.35
N VAL B 55 -51.32 -16.56 -32.48
CA VAL B 55 -51.43 -16.29 -31.05
C VAL B 55 -51.06 -14.85 -30.76
N PHE B 56 -50.11 -14.29 -31.50
CA PHE B 56 -49.70 -12.90 -31.26
C PHE B 56 -50.90 -11.97 -31.42
N GLY B 57 -51.63 -12.10 -32.53
CA GLY B 57 -52.78 -11.23 -32.76
C GLY B 57 -53.87 -11.45 -31.75
N ASP B 58 -54.11 -12.71 -31.36
CA ASP B 58 -55.11 -12.98 -30.35
C ASP B 58 -54.76 -12.31 -29.03
N ARG B 59 -53.49 -12.39 -28.64
CA ARG B 59 -53.05 -11.72 -27.41
C ARG B 59 -53.19 -10.22 -27.52
N VAL B 60 -52.89 -9.67 -28.70
CA VAL B 60 -53.08 -8.23 -28.91
C VAL B 60 -54.54 -7.86 -28.67
N ARG B 61 -55.45 -8.64 -29.23
CA ARG B 61 -56.87 -8.37 -29.05
C ARG B 61 -57.28 -8.49 -27.59
N ARG B 62 -56.76 -9.52 -26.89
CA ARG B 62 -57.13 -9.79 -25.47
C ARG B 62 -56.63 -8.63 -24.59
N PHE B 63 -55.46 -8.03 -24.89
CA PHE B 63 -55.03 -6.87 -24.13
C PHE B 63 -55.80 -5.61 -24.51
N GLN B 64 -56.20 -5.49 -25.78
CA GLN B 64 -57.01 -4.36 -26.17
C GLN B 64 -58.32 -4.35 -25.39
N GLU B 65 -58.98 -5.51 -25.26
CA GLU B 65 -60.28 -5.61 -24.55
C GLU B 65 -60.04 -5.50 -23.04
N PHE B 66 -58.84 -5.84 -22.53
CA PHE B 66 -58.50 -5.59 -21.14
C PHE B 66 -58.42 -4.10 -20.85
N LEU B 67 -57.75 -3.35 -21.74
CA LEU B 67 -57.76 -1.90 -21.62
C LEU B 67 -59.16 -1.34 -21.73
N ASP B 68 -59.97 -1.90 -22.63
CA ASP B 68 -61.33 -1.40 -22.83
C ASP B 68 -62.14 -1.48 -21.54
N THR B 69 -62.06 -2.61 -20.84
CA THR B 69 -62.85 -2.77 -19.62
C THR B 69 -62.46 -1.73 -18.57
N PHE B 70 -61.21 -1.77 -18.10
CA PHE B 70 -60.71 -0.82 -17.12
C PHE B 70 -60.26 0.44 -17.85
N THR B 71 -60.98 1.54 -17.63
CA THR B 71 -60.72 2.79 -18.37
C THR B 71 -59.73 3.71 -17.68
N SER B 72 -59.12 3.30 -16.58
CA SER B 72 -58.18 4.18 -15.89
C SER B 72 -56.96 4.47 -16.76
N TYR B 73 -56.39 3.41 -17.28
CA TYR B 73 -55.13 3.56 -18.04
C TYR B 73 -55.38 4.36 -19.31
N ARG B 74 -56.63 4.32 -19.79
CA ARG B 74 -57.02 5.07 -20.98
C ARG B 74 -56.90 6.52 -20.57
N ASP B 75 -57.27 6.81 -19.34
CA ASP B 75 -57.23 8.22 -18.95
C ASP B 75 -55.77 8.63 -18.95
N SER B 76 -54.89 7.78 -18.44
CA SER B 76 -53.48 8.15 -18.26
C SER B 76 -52.74 8.12 -19.57
N VAL B 77 -53.44 7.92 -20.70
CA VAL B 77 -52.80 8.03 -22.03
C VAL B 77 -53.04 9.49 -22.47
N ARG B 78 -54.24 10.05 -22.37
CA ARG B 78 -54.48 11.41 -22.84
C ARG B 78 -53.65 12.32 -21.98
N SER B 79 -53.42 11.87 -20.75
CA SER B 79 -52.69 12.72 -19.78
C SER B 79 -51.27 13.04 -20.25
N ILE B 80 -50.44 12.06 -20.58
CA ILE B 80 -49.01 12.33 -20.89
C ILE B 80 -48.95 12.75 -22.34
N GLN B 81 -50.09 13.06 -22.94
CA GLN B 81 -50.13 13.33 -24.40
C GLN B 81 -50.67 14.74 -24.66
N VAL B 82 -51.68 15.17 -23.91
CA VAL B 82 -52.22 16.56 -24.06
C VAL B 82 -51.18 17.50 -23.47
N TYR B 83 -50.39 17.03 -22.51
CA TYR B 83 -49.39 17.88 -21.86
C TYR B 83 -48.14 17.93 -22.69
N ASN B 84 -47.87 16.91 -23.52
CA ASN B 84 -46.68 17.01 -24.42
C ASN B 84 -47.01 17.98 -25.56
N SER B 85 -48.24 18.49 -25.62
CA SER B 85 -48.62 19.50 -26.63
C SER B 85 -48.35 20.86 -26.02
N ASN B 86 -47.15 21.03 -25.46
CA ASN B 86 -46.78 22.24 -24.69
C ASN B 86 -48.02 22.74 -23.92
N ASN B 125 -39.63 19.89 -20.40
CA ASN B 125 -39.80 18.49 -19.91
C ASN B 125 -40.91 17.80 -20.69
N ILE B 126 -40.59 16.87 -21.61
CA ILE B 126 -41.66 16.07 -22.24
C ILE B 126 -41.79 14.84 -21.36
N LEU B 127 -43.00 14.50 -20.93
CA LEU B 127 -43.09 13.35 -20.02
C LEU B 127 -42.71 12.11 -20.81
N PRO B 128 -42.24 11.00 -20.23
CA PRO B 128 -41.96 9.78 -20.97
C PRO B 128 -43.16 8.86 -21.12
N HIS B 129 -43.31 8.22 -22.30
CA HIS B 129 -44.49 7.37 -22.62
C HIS B 129 -44.42 5.97 -22.01
N ARG B 130 -44.43 5.91 -20.66
CA ARG B 130 -44.46 4.61 -19.96
C ARG B 130 -45.70 4.63 -19.07
N ILE B 131 -46.50 3.56 -19.11
CA ILE B 131 -47.71 3.39 -18.31
C ILE B 131 -47.46 2.28 -17.30
N ILE B 132 -48.22 2.33 -16.20
CA ILE B 132 -48.10 1.36 -15.11
C ILE B 132 -49.44 0.65 -14.95
N ILE B 133 -49.40 -0.68 -14.87
CA ILE B 133 -50.59 -1.51 -14.78
C ILE B 133 -50.53 -2.31 -13.49
N SER B 134 -51.68 -2.46 -12.83
CA SER B 134 -51.77 -3.23 -11.61
C SER B 134 -52.10 -4.68 -11.93
N LEU B 135 -51.24 -5.60 -11.51
CA LEU B 135 -51.44 -7.01 -11.83
C LEU B 135 -52.65 -7.59 -11.12
N ASP B 136 -53.13 -6.98 -10.04
CA ASP B 136 -54.32 -7.49 -9.37
C ASP B 136 -55.55 -7.37 -10.28
N ASP B 137 -55.68 -6.24 -10.97
CA ASP B 137 -56.78 -6.08 -11.91
C ASP B 137 -56.68 -7.10 -13.03
N LEU B 138 -55.45 -7.34 -13.51
CA LEU B 138 -55.23 -8.30 -14.62
C LEU B 138 -55.53 -9.72 -14.11
N ARG B 139 -55.36 -10.00 -12.82
CA ARG B 139 -55.72 -11.30 -12.26
C ARG B 139 -57.23 -11.45 -12.21
N GLU B 140 -57.93 -10.43 -11.73
CA GLU B 140 -59.37 -10.57 -11.62
C GLU B 140 -60.03 -10.54 -13.00
N PHE B 141 -59.37 -10.01 -14.02
CA PHE B 141 -59.96 -10.01 -15.35
C PHE B 141 -59.76 -11.32 -16.09
N ASP B 142 -58.51 -11.71 -16.33
CA ASP B 142 -58.20 -12.92 -17.12
C ASP B 142 -57.04 -13.66 -16.47
N ARG B 143 -57.33 -14.82 -15.87
CA ARG B 143 -56.29 -15.56 -15.16
C ARG B 143 -55.22 -16.11 -16.09
N SER B 144 -55.61 -16.59 -17.27
CA SER B 144 -54.63 -17.20 -18.16
C SER B 144 -53.58 -16.20 -18.61
N PHE B 145 -54.05 -15.00 -18.99
CA PHE B 145 -53.15 -13.93 -19.49
C PHE B 145 -52.26 -13.47 -18.33
N TRP B 146 -52.77 -13.42 -17.09
CA TRP B 146 -52.01 -13.07 -15.90
C TRP B 146 -50.89 -14.08 -15.65
N SER B 147 -51.23 -15.37 -15.68
CA SER B 147 -50.22 -16.40 -15.50
C SER B 147 -49.19 -16.38 -16.62
N GLY B 148 -49.61 -16.05 -17.83
CA GLY B 148 -48.65 -15.94 -18.91
C GLY B 148 -47.63 -14.86 -18.67
N ILE B 149 -48.07 -13.67 -18.27
CA ILE B 149 -47.11 -12.61 -17.98
C ILE B 149 -46.18 -13.03 -16.85
N LEU B 150 -46.74 -13.62 -15.79
CA LEU B 150 -45.89 -13.95 -14.65
C LEU B 150 -44.87 -15.01 -15.03
N VAL B 151 -45.27 -16.00 -15.82
CA VAL B 151 -44.44 -17.16 -16.09
C VAL B 151 -43.81 -17.14 -17.48
N GLU B 152 -44.47 -16.57 -18.48
CA GLU B 152 -43.96 -16.56 -19.85
C GLU B 152 -44.04 -15.14 -20.40
N PRO B 153 -43.21 -14.23 -19.89
CA PRO B 153 -43.24 -12.84 -20.38
C PRO B 153 -42.88 -12.67 -21.84
N ALA B 154 -41.90 -13.43 -22.34
CA ALA B 154 -41.39 -13.20 -23.69
C ALA B 154 -42.44 -13.44 -24.77
N TYR B 155 -43.55 -14.12 -24.46
CA TYR B 155 -44.60 -14.36 -25.43
C TYR B 155 -45.89 -13.65 -25.07
N PHE B 156 -45.85 -12.69 -24.15
CA PHE B 156 -47.06 -11.98 -23.72
C PHE B 156 -46.90 -10.47 -23.60
N ILE B 157 -45.69 -9.96 -23.38
CA ILE B 157 -45.51 -8.53 -23.14
C ILE B 157 -45.54 -7.75 -24.45
N PRO B 158 -44.80 -8.17 -25.49
CA PRO B 158 -44.77 -7.38 -26.73
C PRO B 158 -46.16 -7.20 -27.32
N PRO B 159 -47.02 -8.22 -27.27
CA PRO B 159 -48.41 -7.99 -27.70
C PRO B 159 -49.13 -6.90 -26.92
N ALA B 160 -48.94 -6.86 -25.61
CA ALA B 160 -49.57 -5.82 -24.81
C ALA B 160 -49.02 -4.45 -25.17
N GLU B 161 -47.70 -4.36 -25.41
CA GLU B 161 -47.12 -3.10 -25.83
C GLU B 161 -47.68 -2.65 -27.17
N LYS B 162 -47.84 -3.58 -28.12
CA LYS B 162 -48.40 -3.23 -29.42
C LYS B 162 -49.84 -2.77 -29.27
N ALA B 163 -50.62 -3.43 -28.43
CA ALA B 163 -52.00 -2.98 -28.21
C ALA B 163 -52.03 -1.58 -27.61
N LEU B 164 -51.15 -1.32 -26.64
CA LEU B 164 -51.09 0.01 -26.03
C LEU B 164 -50.71 1.07 -27.06
N THR B 165 -49.72 0.78 -27.90
CA THR B 165 -49.33 1.73 -28.94
C THR B 165 -50.47 1.96 -29.92
N ASP B 166 -51.20 0.89 -30.26
CA ASP B 166 -52.35 1.04 -31.16
C ASP B 166 -53.40 1.94 -30.54
N LEU B 167 -53.70 1.76 -29.26
CA LEU B 167 -54.67 2.62 -28.61
C LEU B 167 -54.21 4.08 -28.62
N ALA B 168 -52.96 4.29 -28.32
CA ALA B 168 -52.47 5.68 -28.26
C ALA B 168 -52.63 6.31 -29.62
N ASP B 169 -52.13 5.62 -30.65
CA ASP B 169 -52.18 6.19 -31.99
C ASP B 169 -53.62 6.44 -32.43
N SER B 170 -54.52 5.50 -32.13
CA SER B 170 -55.90 5.66 -32.55
C SER B 170 -56.55 6.85 -31.88
N MET B 171 -56.34 7.03 -30.59
CA MET B 171 -56.97 8.14 -29.89
C MET B 171 -56.32 9.47 -30.26
N PRO B 187 -42.17 2.87 -29.37
CA PRO B 187 -43.57 2.92 -28.91
C PRO B 187 -43.75 3.00 -27.39
N TRP B 188 -45.01 2.99 -26.95
CA TRP B 188 -45.32 3.05 -25.49
C TRP B 188 -44.90 1.75 -24.81
N LYS B 189 -44.24 1.79 -23.64
CA LYS B 189 -43.67 0.60 -22.92
C LYS B 189 -44.51 0.39 -21.65
N LEU B 190 -44.32 -0.69 -20.87
CA LEU B 190 -45.17 -1.11 -19.78
C LEU B 190 -44.35 -1.33 -18.51
N SER B 191 -44.96 -1.01 -17.37
CA SER B 191 -44.40 -1.29 -16.06
C SER B 191 -45.48 -1.94 -15.21
N PHE B 192 -45.05 -2.73 -14.23
CA PHE B 192 -45.96 -3.58 -13.47
C PHE B 192 -45.83 -3.33 -11.98
N LYS B 193 -46.97 -3.31 -11.30
CA LYS B 193 -47.04 -3.19 -9.85
C LYS B 193 -48.15 -4.09 -9.34
N GLY B 194 -48.05 -4.46 -8.06
CA GLY B 194 -49.04 -5.28 -7.41
C GLY B 194 -48.37 -6.46 -6.73
N SER B 195 -49.16 -7.51 -6.50
CA SER B 195 -48.64 -8.70 -5.86
C SER B 195 -47.93 -9.59 -6.87
N PHE B 196 -46.87 -10.25 -6.41
CA PHE B 196 -46.07 -11.14 -7.24
C PHE B 196 -45.98 -12.56 -6.69
N GLY B 197 -46.57 -12.83 -5.54
CA GLY B 197 -46.53 -14.18 -5.00
C GLY B 197 -45.11 -14.63 -4.75
N ALA B 198 -44.83 -15.88 -5.12
CA ALA B 198 -43.51 -16.46 -4.88
C ALA B 198 -42.43 -15.82 -5.74
N HIS B 199 -42.79 -15.06 -6.76
CA HIS B 199 -41.79 -14.43 -7.60
C HIS B 199 -41.09 -13.27 -6.91
N ALA B 200 -41.68 -12.70 -5.86
CA ALA B 200 -41.03 -11.66 -5.08
C ALA B 200 -39.90 -12.27 -4.27
N LEU B 201 -38.66 -12.01 -4.67
CA LEU B 201 -37.51 -12.65 -4.08
C LEU B 201 -36.46 -11.63 -3.67
N SER B 202 -35.28 -12.11 -3.28
CA SER B 202 -34.13 -11.28 -2.96
C SER B 202 -32.91 -11.89 -3.62
N PRO B 203 -31.80 -11.17 -3.67
CA PRO B 203 -30.62 -11.71 -4.35
C PRO B 203 -30.16 -13.04 -3.81
N ARG B 204 -30.46 -13.37 -2.56
CA ARG B 204 -30.02 -14.63 -2.01
C ARG B 204 -30.85 -15.80 -2.51
N THR B 205 -32.14 -15.61 -2.73
CA THR B 205 -33.07 -16.67 -3.07
C THR B 205 -33.34 -16.78 -4.57
N LEU B 206 -32.60 -16.06 -5.41
CA LEU B 206 -32.76 -16.16 -6.85
C LEU B 206 -31.97 -17.35 -7.36
N THR B 207 -32.67 -18.33 -7.92
CA THR B 207 -32.08 -19.59 -8.39
C THR B 207 -32.38 -19.79 -9.88
N ALA B 208 -31.82 -20.88 -10.41
CA ALA B 208 -32.01 -21.25 -11.81
C ALA B 208 -33.43 -21.69 -12.11
N GLN B 209 -34.25 -21.90 -11.08
CA GLN B 209 -35.65 -22.24 -11.27
C GLN B 209 -36.47 -21.09 -11.80
N HIS B 210 -35.99 -19.85 -11.66
CA HIS B 210 -36.75 -18.66 -12.03
C HIS B 210 -36.29 -18.03 -13.33
N LEU B 211 -35.33 -18.61 -14.03
CA LEU B 211 -34.86 -18.01 -15.28
C LEU B 211 -36.02 -17.86 -16.24
N ASN B 212 -36.02 -16.75 -17.00
CA ASN B 212 -37.03 -16.48 -18.01
C ASN B 212 -38.40 -16.27 -17.38
N LYS B 213 -38.43 -15.65 -16.20
CA LYS B 213 -39.67 -15.25 -15.56
C LYS B 213 -39.59 -13.81 -15.07
N LEU B 214 -40.75 -13.19 -14.94
CA LEU B 214 -40.85 -11.84 -14.43
C LEU B 214 -40.75 -11.87 -12.91
N VAL B 215 -39.76 -11.18 -12.35
CA VAL B 215 -39.51 -11.20 -10.92
C VAL B 215 -39.39 -9.77 -10.41
N SER B 216 -39.53 -9.63 -9.09
CA SER B 216 -39.30 -8.39 -8.38
C SER B 216 -38.31 -8.67 -7.26
N VAL B 217 -37.23 -7.89 -7.22
CA VAL B 217 -36.13 -8.12 -6.28
C VAL B 217 -35.84 -6.84 -5.53
N GLU B 218 -35.70 -6.93 -4.21
CA GLU B 218 -35.39 -5.79 -3.37
C GLU B 218 -34.02 -5.97 -2.73
N GLY B 219 -33.29 -4.88 -2.57
CA GLY B 219 -31.96 -4.95 -2.03
C GLY B 219 -31.36 -3.57 -1.85
N ILE B 220 -30.04 -3.52 -1.77
CA ILE B 220 -29.28 -2.29 -1.63
C ILE B 220 -28.49 -2.07 -2.91
N VAL B 221 -28.58 -0.86 -3.46
CA VAL B 221 -27.79 -0.51 -4.64
C VAL B 221 -26.35 -0.33 -4.21
N THR B 222 -25.46 -1.16 -4.78
CA THR B 222 -24.08 -1.19 -4.33
C THR B 222 -23.09 -0.57 -5.31
N LYS B 223 -23.43 -0.51 -6.59
CA LYS B 223 -22.48 -0.05 -7.59
C LYS B 223 -23.25 0.40 -8.83
N THR B 224 -23.24 1.69 -9.10
CA THR B 224 -23.79 2.22 -10.34
C THR B 224 -22.68 2.47 -11.34
N SER B 225 -23.06 2.73 -12.58
CA SER B 225 -22.13 2.93 -13.67
C SER B 225 -22.32 4.33 -14.25
N LEU B 226 -21.52 4.66 -15.24
CA LEU B 226 -21.57 5.96 -15.89
C LEU B 226 -22.50 5.85 -17.10
N VAL B 227 -23.53 6.69 -17.13
CA VAL B 227 -24.51 6.62 -18.21
C VAL B 227 -23.83 6.89 -19.53
N ARG B 228 -24.14 6.08 -20.54
CA ARG B 228 -23.56 6.27 -21.86
C ARG B 228 -24.64 6.16 -22.93
N PRO B 229 -24.45 6.81 -24.10
CA PRO B 229 -25.39 6.64 -25.20
C PRO B 229 -25.11 5.37 -26.01
N LYS B 230 -26.13 4.82 -26.68
CA LYS B 230 -26.09 3.64 -27.51
C LYS B 230 -26.67 3.99 -28.87
N LEU B 231 -26.04 3.48 -29.93
CA LEU B 231 -26.41 3.82 -31.30
C LEU B 231 -27.56 2.93 -31.76
N ILE B 232 -28.60 3.56 -32.31
CA ILE B 232 -29.80 2.83 -32.72
C ILE B 232 -30.16 3.06 -34.18
N ARG B 233 -29.63 4.10 -34.82
CA ARG B 233 -29.89 4.38 -36.23
C ARG B 233 -28.81 5.34 -36.68
N SER B 234 -28.17 5.06 -37.81
CA SER B 234 -27.06 5.88 -38.29
C SER B 234 -27.40 6.39 -39.68
N VAL B 235 -27.35 7.72 -39.83
CA VAL B 235 -27.71 8.38 -41.08
C VAL B 235 -26.46 8.82 -41.81
N HIS B 236 -26.57 8.95 -43.13
CA HIS B 236 -25.44 9.33 -43.97
C HIS B 236 -25.92 10.21 -45.11
N TYR B 237 -25.02 11.06 -45.58
CA TYR B 237 -25.25 11.95 -46.71
C TYR B 237 -24.27 11.66 -47.83
N ALA B 238 -24.77 11.57 -49.06
CA ALA B 238 -23.95 11.42 -50.25
C ALA B 238 -24.12 12.68 -51.09
N ALA B 239 -23.04 13.45 -51.22
CA ALA B 239 -23.09 14.73 -51.91
C ALA B 239 -23.14 14.55 -53.42
N LYS B 240 -22.51 13.49 -53.94
CA LYS B 240 -22.45 13.28 -55.37
C LYS B 240 -23.84 13.08 -55.93
N THR B 241 -24.65 12.27 -55.24
CA THR B 241 -26.04 12.06 -55.60
C THR B 241 -26.96 12.97 -54.82
N GLY B 242 -26.46 13.59 -53.75
CA GLY B 242 -27.27 14.44 -52.88
C GLY B 242 -28.43 13.72 -52.22
N ARG B 243 -28.16 12.56 -51.62
CA ARG B 243 -29.22 11.74 -51.05
C ARG B 243 -28.80 11.25 -49.67
N PHE B 244 -29.81 10.88 -48.88
CA PHE B 244 -29.62 10.43 -47.51
C PHE B 244 -29.94 8.95 -47.38
N HIS B 245 -29.08 8.24 -46.63
CA HIS B 245 -29.26 6.82 -46.37
C HIS B 245 -29.27 6.58 -44.87
N TYR B 246 -29.72 5.39 -44.46
CA TYR B 246 -29.78 5.08 -43.04
C TYR B 246 -29.63 3.59 -42.81
N ARG B 247 -28.90 3.24 -41.76
CA ARG B 247 -28.74 1.87 -41.29
C ARG B 247 -29.27 1.74 -39.87
N ASP B 248 -29.67 0.51 -39.51
CA ASP B 248 -30.22 0.21 -38.20
C ASP B 248 -29.39 -0.90 -37.54
N TYR B 249 -29.34 -0.87 -36.21
CA TYR B 249 -28.57 -1.83 -35.44
C TYR B 249 -29.39 -2.35 -34.28
N THR B 250 -29.01 -3.53 -33.78
CA THR B 250 -29.71 -4.17 -32.69
C THR B 250 -28.74 -5.09 -31.96
N ASP B 251 -29.10 -5.46 -30.73
CA ASP B 251 -28.25 -6.30 -29.90
C ASP B 251 -29.13 -7.17 -29.02
N ALA B 252 -28.49 -8.09 -28.31
CA ALA B 252 -29.21 -9.09 -27.52
C ALA B 252 -30.15 -8.44 -26.50
N THR B 253 -29.66 -7.44 -25.77
CA THR B 253 -30.42 -6.86 -24.67
C THR B 253 -31.43 -5.81 -25.12
N THR B 254 -31.81 -5.79 -26.40
CA THR B 254 -32.77 -4.82 -26.88
C THR B 254 -34.20 -5.30 -26.76
N THR B 255 -34.46 -6.55 -27.13
CA THR B 255 -35.79 -7.15 -27.08
C THR B 255 -35.77 -8.40 -26.22
N LEU B 256 -36.96 -8.82 -25.81
CA LEU B 256 -37.05 -10.00 -24.96
C LEU B 256 -36.88 -11.27 -25.76
N THR B 257 -37.51 -11.34 -26.94
CA THR B 257 -37.40 -12.50 -27.80
C THR B 257 -36.00 -12.56 -28.41
N THR B 258 -35.66 -13.70 -28.99
CA THR B 258 -34.34 -13.88 -29.58
C THR B 258 -34.43 -13.68 -31.08
N ARG B 259 -33.47 -12.95 -31.63
CA ARG B 259 -33.44 -12.63 -33.05
C ARG B 259 -32.06 -12.98 -33.59
N ILE B 260 -32.04 -13.51 -34.81
CA ILE B 260 -30.76 -13.95 -35.39
C ILE B 260 -29.80 -12.77 -35.42
N PRO B 261 -28.55 -12.93 -34.98
CA PRO B 261 -27.63 -11.79 -34.99
C PRO B 261 -27.43 -11.26 -36.40
N THR B 262 -27.28 -9.93 -36.50
CA THR B 262 -27.02 -9.28 -37.78
C THR B 262 -25.58 -8.75 -37.81
N PRO B 263 -24.96 -8.69 -38.99
CA PRO B 263 -23.56 -8.26 -39.07
C PRO B 263 -23.38 -6.74 -38.99
N ALA B 264 -23.36 -6.23 -37.76
CA ALA B 264 -23.16 -4.80 -37.53
C ALA B 264 -21.92 -4.30 -38.25
N ILE B 265 -22.13 -3.39 -39.21
CA ILE B 265 -21.03 -2.82 -39.97
C ILE B 265 -21.42 -1.39 -40.36
N TYR B 266 -20.51 -0.46 -40.13
CA TYR B 266 -20.79 0.96 -40.34
C TYR B 266 -20.57 1.31 -41.81
N PRO B 267 -21.59 1.75 -42.55
CA PRO B 267 -21.40 1.96 -43.98
C PRO B 267 -20.46 3.12 -44.26
N THR B 268 -19.58 2.92 -45.24
CA THR B 268 -18.61 3.92 -45.65
C THR B 268 -18.72 4.32 -47.11
N GLU B 269 -19.31 3.48 -47.96
CA GLU B 269 -19.37 3.72 -49.40
C GLU B 269 -20.76 3.35 -49.91
N ASP B 270 -21.31 4.20 -50.77
CA ASP B 270 -22.62 3.96 -51.33
C ASP B 270 -22.56 2.90 -52.41
N THR B 271 -23.72 2.31 -52.72
CA THR B 271 -23.77 1.24 -53.70
C THR B 271 -23.12 1.66 -55.01
N GLU B 272 -23.37 2.90 -55.44
CA GLU B 272 -22.77 3.42 -56.65
C GLU B 272 -21.29 3.76 -56.47
N GLY B 273 -20.78 3.73 -55.24
CA GLY B 273 -19.40 4.06 -54.96
C GLY B 273 -19.18 5.44 -54.37
N ASN B 274 -20.20 6.30 -54.38
CA ASN B 274 -20.05 7.63 -53.83
C ASN B 274 -19.72 7.58 -52.34
N LYS B 275 -18.77 8.42 -51.93
CA LYS B 275 -18.34 8.44 -50.54
C LYS B 275 -19.40 9.10 -49.66
N LEU B 276 -19.47 8.65 -48.41
CA LEU B 276 -20.46 9.10 -47.46
C LEU B 276 -19.81 9.83 -46.31
N THR B 277 -20.57 10.71 -45.67
CA THR B 277 -20.15 11.43 -44.48
C THR B 277 -21.24 11.31 -43.43
N THR B 278 -20.83 11.23 -42.17
CA THR B 278 -21.77 11.01 -41.08
C THR B 278 -22.53 12.29 -40.77
N GLU B 279 -23.80 12.13 -40.38
CA GLU B 279 -24.65 13.22 -39.91
C GLU B 279 -24.96 12.91 -38.46
N TYR B 280 -24.08 13.35 -37.56
CA TYR B 280 -24.22 13.01 -36.16
C TYR B 280 -25.50 13.58 -35.55
N GLY B 281 -25.99 14.70 -36.09
CA GLY B 281 -27.16 15.33 -35.50
C GLY B 281 -28.47 14.70 -35.88
N TYR B 282 -28.50 13.86 -36.92
CA TYR B 282 -29.73 13.23 -37.36
C TYR B 282 -29.79 11.75 -37.02
N SER B 283 -28.79 11.21 -36.32
CA SER B 283 -28.79 9.82 -35.91
C SER B 283 -29.67 9.66 -34.67
N THR B 284 -29.65 8.46 -34.07
CA THR B 284 -30.42 8.21 -32.85
C THR B 284 -29.55 7.52 -31.82
N PHE B 285 -29.62 8.00 -30.59
CA PHE B 285 -28.89 7.46 -29.46
C PHE B 285 -29.83 7.32 -28.27
N ILE B 286 -29.60 6.29 -27.46
CA ILE B 286 -30.43 5.98 -26.29
C ILE B 286 -29.54 5.69 -25.10
N ASP B 287 -29.88 6.24 -23.94
CA ASP B 287 -29.02 6.11 -22.77
C ASP B 287 -29.04 4.69 -22.21
N HIS B 288 -27.95 4.33 -21.53
CA HIS B 288 -27.78 2.97 -21.01
C HIS B 288 -26.94 3.01 -19.73
N GLN B 289 -27.47 2.39 -18.68
CA GLN B 289 -26.74 2.25 -17.39
C GLN B 289 -26.80 0.78 -16.96
N ARG B 290 -25.83 0.32 -16.19
CA ARG B 290 -25.79 -0.99 -15.54
C ARG B 290 -25.51 -0.80 -14.04
N ILE B 291 -26.30 -1.45 -13.19
CA ILE B 291 -26.17 -1.31 -11.74
C ILE B 291 -26.07 -2.69 -11.10
N THR B 292 -25.65 -2.71 -9.84
CA THR B 292 -25.51 -3.92 -9.04
C THR B 292 -26.35 -3.81 -7.77
N VAL B 293 -27.09 -4.86 -7.44
CA VAL B 293 -27.95 -4.90 -6.27
C VAL B 293 -27.48 -6.04 -5.37
N GLN B 294 -27.54 -5.81 -4.06
CA GLN B 294 -27.08 -6.77 -3.07
C GLN B 294 -28.16 -6.95 -2.02
N GLU B 295 -27.95 -7.95 -1.16
CA GLU B 295 -28.88 -8.21 -0.06
C GLU B 295 -28.67 -7.18 1.04
N MET B 296 -29.76 -6.62 1.55
CA MET B 296 -29.67 -5.56 2.54
C MET B 296 -28.98 -6.06 3.81
N PRO B 297 -28.22 -5.19 4.49
CA PRO B 297 -27.65 -5.61 5.78
C PRO B 297 -28.71 -5.95 6.82
N GLU B 298 -29.89 -5.34 6.73
CA GLU B 298 -30.96 -5.63 7.67
C GLU B 298 -31.54 -7.03 7.53
N MET B 299 -31.23 -7.74 6.45
CA MET B 299 -31.79 -9.06 6.19
C MET B 299 -30.74 -10.13 5.98
N ALA B 300 -29.54 -9.79 5.54
CA ALA B 300 -28.53 -10.79 5.27
C ALA B 300 -28.09 -11.47 6.57
N PRO B 301 -27.86 -12.77 6.57
CA PRO B 301 -27.34 -13.43 7.78
C PRO B 301 -25.98 -12.88 8.17
N ALA B 302 -25.75 -12.78 9.47
CA ALA B 302 -24.52 -12.22 9.98
C ALA B 302 -23.36 -13.19 9.79
N GLY B 303 -22.21 -12.65 9.38
CA GLY B 303 -21.01 -13.43 9.25
C GLY B 303 -20.84 -14.18 7.94
N GLN B 304 -21.77 -14.03 7.01
CA GLN B 304 -21.71 -14.71 5.72
C GLN B 304 -21.63 -13.67 4.61
N LEU B 305 -20.81 -13.96 3.60
CA LEU B 305 -20.67 -13.06 2.48
C LEU B 305 -21.99 -12.95 1.72
N PRO B 306 -22.39 -11.75 1.31
CA PRO B 306 -23.67 -11.56 0.64
C PRO B 306 -23.63 -11.96 -0.83
N ARG B 307 -24.80 -11.93 -1.46
CA ARG B 307 -24.99 -12.29 -2.85
C ARG B 307 -25.41 -11.06 -3.65
N SER B 308 -25.02 -11.02 -4.93
CA SER B 308 -25.29 -9.86 -5.78
C SER B 308 -25.98 -10.27 -7.08
N ILE B 309 -26.60 -9.30 -7.73
CA ILE B 309 -27.21 -9.48 -9.04
C ILE B 309 -27.12 -8.18 -9.83
N ASP B 310 -26.77 -8.30 -11.12
CA ASP B 310 -26.71 -7.16 -12.01
C ASP B 310 -28.09 -6.83 -12.60
N VAL B 311 -28.31 -5.54 -12.87
CA VAL B 311 -29.53 -5.06 -13.50
C VAL B 311 -29.15 -4.06 -14.58
N ILE B 312 -29.86 -4.10 -15.70
CA ILE B 312 -29.58 -3.24 -16.84
C ILE B 312 -30.78 -2.34 -17.09
N LEU B 313 -30.53 -1.03 -17.21
CA LEU B 313 -31.57 -0.05 -17.42
C LEU B 313 -31.23 0.78 -18.64
N ASP B 314 -32.25 1.27 -19.32
CA ASP B 314 -32.04 2.05 -20.54
C ASP B 314 -33.21 3.01 -20.73
N ASP B 315 -32.96 4.03 -21.54
CA ASP B 315 -33.98 5.01 -21.90
C ASP B 315 -34.33 5.89 -20.70
N ASP B 316 -35.54 5.79 -20.17
CA ASP B 316 -36.04 6.73 -19.14
C ASP B 316 -35.91 6.18 -17.76
N LEU B 317 -35.31 5.04 -17.63
CA LEU B 317 -35.04 4.46 -16.32
C LEU B 317 -33.54 4.43 -16.04
N VAL B 318 -32.80 5.33 -16.69
CA VAL B 318 -31.35 5.21 -16.71
C VAL B 318 -30.66 5.88 -15.53
N ASP B 319 -31.32 6.81 -14.85
CA ASP B 319 -30.70 7.44 -13.68
C ASP B 319 -31.82 7.82 -12.71
N LYS B 320 -32.08 6.93 -11.76
CA LYS B 320 -33.10 7.18 -10.75
C LYS B 320 -32.68 6.76 -9.35
N THR B 321 -31.49 6.19 -9.18
CA THR B 321 -31.02 5.78 -7.87
C THR B 321 -29.51 5.99 -7.81
N LYS B 322 -28.99 6.08 -6.59
CA LYS B 322 -27.59 6.33 -6.32
C LYS B 322 -27.05 5.26 -5.39
N PRO B 323 -25.75 5.03 -5.39
CA PRO B 323 -25.20 3.94 -4.58
C PRO B 323 -25.54 4.08 -3.11
N GLY B 324 -25.73 2.92 -2.47
CA GLY B 324 -26.05 2.88 -1.06
C GLY B 324 -27.51 3.04 -0.73
N ASP B 325 -28.40 3.02 -1.71
CA ASP B 325 -29.82 3.18 -1.49
C ASP B 325 -30.52 1.83 -1.46
N ARG B 326 -31.75 1.84 -0.94
CA ARG B 326 -32.60 0.66 -0.92
C ARG B 326 -33.54 0.73 -2.11
N VAL B 327 -33.56 -0.33 -2.91
CA VAL B 327 -34.23 -0.32 -4.20
C VAL B 327 -35.04 -1.60 -4.37
N ASN B 328 -36.06 -1.51 -5.22
CA ASN B 328 -36.89 -2.63 -5.62
C ASN B 328 -37.06 -2.58 -7.13
N VAL B 329 -36.56 -3.59 -7.84
CA VAL B 329 -36.53 -3.62 -9.29
C VAL B 329 -37.45 -4.74 -9.78
N VAL B 330 -38.33 -4.42 -10.71
CA VAL B 330 -39.20 -5.40 -11.37
C VAL B 330 -38.72 -5.56 -12.80
N GLY B 331 -38.39 -6.79 -13.17
CA GLY B 331 -37.86 -7.04 -14.51
C GLY B 331 -37.82 -8.53 -14.78
N VAL B 332 -37.30 -8.87 -15.95
CA VAL B 332 -37.27 -10.26 -16.41
C VAL B 332 -35.88 -10.82 -16.16
N PHE B 333 -35.84 -12.02 -15.59
CA PHE B 333 -34.58 -12.70 -15.32
C PHE B 333 -34.21 -13.50 -16.56
N LYS B 334 -33.08 -13.15 -17.19
CA LYS B 334 -32.70 -13.71 -18.47
C LYS B 334 -31.33 -14.39 -18.43
N SER B 335 -31.02 -15.06 -19.54
CA SER B 335 -29.78 -15.79 -19.76
C SER B 335 -29.22 -15.38 -21.11
N LEU B 336 -27.89 -15.33 -21.22
CA LEU B 336 -27.27 -14.86 -22.46
C LEU B 336 -25.98 -15.61 -22.75
N GLY B 337 -25.62 -15.63 -24.03
CA GLY B 337 -24.39 -16.23 -24.47
C GLY B 337 -24.46 -17.73 -24.61
N ALA B 338 -23.29 -18.36 -24.53
CA ALA B 338 -23.17 -19.81 -24.51
C ALA B 338 -22.02 -20.18 -23.60
N GLY B 339 -22.31 -20.92 -22.53
CA GLY B 339 -21.31 -21.24 -21.53
C GLY B 339 -20.31 -22.27 -22.02
N GLY B 340 -19.68 -22.01 -23.16
CA GLY B 340 -18.76 -22.96 -23.75
C GLY B 340 -19.44 -23.98 -24.63
N MET B 341 -20.77 -23.95 -24.75
CA MET B 341 -21.47 -24.98 -25.50
C MET B 341 -21.09 -24.93 -26.98
N ASN B 342 -21.04 -23.72 -27.55
CA ASN B 342 -20.69 -23.59 -28.96
C ASN B 342 -19.26 -24.07 -29.22
N GLN B 343 -18.32 -23.72 -28.34
CA GLN B 343 -16.93 -24.07 -28.57
C GLN B 343 -16.74 -25.58 -28.49
N SER B 344 -15.80 -26.07 -29.30
CA SER B 344 -15.51 -27.50 -29.30
C SER B 344 -14.94 -27.93 -27.95
N ASN B 345 -14.04 -27.14 -27.39
CA ASN B 345 -13.45 -27.44 -26.09
C ASN B 345 -13.09 -26.11 -25.44
N SER B 346 -13.93 -25.67 -24.50
CA SER B 346 -13.72 -24.42 -23.78
C SER B 346 -13.43 -24.66 -22.31
N ASN B 347 -14.32 -25.35 -21.60
CA ASN B 347 -14.14 -25.65 -20.18
C ASN B 347 -15.31 -26.53 -19.75
N THR B 348 -15.20 -27.07 -18.53
CA THR B 348 -16.27 -27.85 -17.92
C THR B 348 -16.61 -27.32 -16.53
N LEU B 349 -16.33 -26.03 -16.29
CA LEU B 349 -16.52 -25.45 -14.96
C LEU B 349 -17.19 -24.07 -15.04
N ILE B 350 -17.83 -23.76 -16.16
CA ILE B 350 -18.46 -22.46 -16.38
C ILE B 350 -19.94 -22.69 -16.69
N GLY B 351 -20.72 -21.62 -16.53
CA GLY B 351 -22.12 -21.65 -16.89
C GLY B 351 -22.52 -20.38 -17.61
N PHE B 352 -23.81 -20.31 -17.94
CA PHE B 352 -24.36 -19.17 -18.64
C PHE B 352 -24.34 -17.93 -17.75
N LYS B 353 -24.26 -16.76 -18.40
CA LYS B 353 -24.26 -15.45 -17.70
C LYS B 353 -25.70 -14.99 -17.54
N THR B 354 -26.07 -14.40 -16.40
CA THR B 354 -27.44 -13.99 -16.12
C THR B 354 -27.48 -12.53 -15.67
N LEU B 355 -28.63 -11.90 -15.90
CA LEU B 355 -28.86 -10.52 -15.50
C LEU B 355 -30.35 -10.25 -15.59
N ILE B 356 -30.76 -9.07 -15.16
CA ILE B 356 -32.17 -8.68 -15.13
C ILE B 356 -32.37 -7.50 -16.07
N LEU B 357 -33.32 -7.62 -16.99
CA LEU B 357 -33.70 -6.52 -17.87
C LEU B 357 -34.77 -5.71 -17.16
N GLY B 358 -34.31 -4.69 -16.43
CA GLY B 358 -35.24 -3.94 -15.61
C GLY B 358 -36.27 -3.21 -16.45
N ASN B 359 -37.49 -3.14 -15.93
CA ASN B 359 -38.52 -2.30 -16.50
C ASN B 359 -39.25 -1.46 -15.46
N THR B 360 -38.99 -1.68 -14.16
CA THR B 360 -39.48 -0.76 -13.14
C THR B 360 -38.46 -0.69 -12.01
N VAL B 361 -38.25 0.51 -11.47
CA VAL B 361 -37.36 0.72 -10.33
C VAL B 361 -38.06 1.62 -9.33
N TYR B 362 -38.04 1.23 -8.06
CA TYR B 362 -38.65 1.98 -6.97
C TYR B 362 -37.61 2.21 -5.88
N PRO B 363 -37.46 3.44 -5.37
CA PRO B 363 -36.64 3.64 -4.17
C PRO B 363 -37.43 3.42 -2.89
N LEU B 364 -36.85 2.69 -1.94
CA LEU B 364 -37.51 2.36 -0.68
C LEU B 364 -36.91 3.18 0.45
N HIS B 365 -37.76 3.64 1.36
CA HIS B 365 -37.34 4.45 2.49
C HIS B 365 -37.13 3.57 3.71
N ALA B 366 -35.97 3.72 4.34
CA ALA B 366 -35.65 2.99 5.56
C ALA B 366 -35.12 3.94 6.62
N ARG B 367 -34.63 3.41 7.73
CA ARG B 367 -33.99 4.22 8.77
C ARG B 367 -32.52 4.40 8.46
N SER B 368 -31.99 5.57 8.79
CA SER B 368 -30.56 5.85 8.61
C SER B 368 -30.11 5.61 7.17
N THR B 369 -30.96 5.99 6.22
CA THR B 369 -30.72 5.77 4.80
C THR B 369 -30.98 7.05 4.02
N GLY B 370 -30.35 7.14 2.85
CA GLY B 370 -30.39 8.39 2.10
C GLY B 370 -31.78 8.78 1.64
N VAL B 371 -32.56 7.82 1.16
CA VAL B 371 -33.85 8.14 0.55
C VAL B 371 -34.78 8.72 1.59
N ALA B 372 -35.59 9.69 1.18
CA ALA B 372 -36.51 10.38 2.07
C ALA B 372 -37.94 9.90 1.86
N ALA B 373 -38.66 9.68 2.96
CA ALA B 373 -40.03 9.22 2.90
C ALA B 373 -40.93 10.26 2.27
N ARG B 374 -42.04 9.80 1.71
CA ARG B 374 -43.01 10.68 1.09
C ARG B 374 -44.36 9.98 1.03
N GLN B 375 -45.43 10.76 1.19
CA GLN B 375 -46.78 10.25 1.11
C GLN B 375 -47.55 11.03 0.05
N MET B 376 -48.57 10.39 -0.51
CA MET B 376 -49.48 11.05 -1.44
C MET B 376 -50.63 11.65 -0.66
N LEU B 377 -50.83 12.95 -0.81
CA LEU B 377 -51.87 13.67 -0.08
C LEU B 377 -53.11 13.76 -0.95
N THR B 378 -54.25 13.35 -0.40
CA THR B 378 -55.51 13.37 -1.09
C THR B 378 -56.28 14.62 -0.70
N ASP B 379 -57.47 14.78 -1.28
CA ASP B 379 -58.34 15.90 -0.91
C ASP B 379 -58.78 15.79 0.54
N PHE B 380 -59.08 14.58 0.99
CA PHE B 380 -59.51 14.38 2.37
C PHE B 380 -58.43 14.81 3.36
N ASP B 381 -57.18 14.42 3.09
CA ASP B 381 -56.09 14.78 3.99
C ASP B 381 -55.91 16.28 4.06
N ILE B 382 -55.96 16.96 2.93
CA ILE B 382 -55.77 18.41 2.90
C ILE B 382 -56.91 19.09 3.65
N ARG B 383 -58.14 18.65 3.41
CA ARG B 383 -59.27 19.26 4.12
C ARG B 383 -59.13 19.07 5.62
N ASN B 384 -58.74 17.87 6.06
CA ASN B 384 -58.59 17.63 7.49
C ASN B 384 -57.48 18.48 8.09
N ILE B 385 -56.36 18.63 7.37
CA ILE B 385 -55.27 19.46 7.88
C ILE B 385 -55.74 20.90 8.05
N ASN B 386 -56.43 21.43 7.03
CA ASN B 386 -56.90 22.81 7.11
C ASN B 386 -57.89 22.98 8.25
N LYS B 387 -58.79 22.00 8.44
CA LYS B 387 -59.74 22.09 9.55
C LYS B 387 -59.03 22.05 10.89
N LEU B 388 -58.03 21.18 11.03
CA LEU B 388 -57.33 21.05 12.30
C LEU B 388 -56.52 22.29 12.64
N SER B 389 -55.99 22.98 11.63
CA SER B 389 -55.14 24.13 11.90
C SER B 389 -55.89 25.32 12.48
N LYS B 390 -57.23 25.28 12.50
CA LYS B 390 -57.99 26.42 13.03
C LYS B 390 -57.98 26.48 14.55
N LYS B 391 -57.91 25.33 15.22
CA LYS B 391 -58.01 25.31 16.67
C LYS B 391 -56.83 26.07 17.30
N LYS B 392 -57.12 26.76 18.40
CA LYS B 392 -56.13 27.65 19.01
C LYS B 392 -55.05 26.87 19.76
N ASP B 393 -55.38 25.70 20.28
CA ASP B 393 -54.42 24.88 21.01
C ASP B 393 -53.60 23.98 20.10
N ILE B 394 -53.46 24.37 18.82
CA ILE B 394 -52.81 23.50 17.85
C ILE B 394 -51.38 23.20 18.26
N PHE B 395 -50.65 24.21 18.74
CA PHE B 395 -49.26 23.99 19.11
C PHE B 395 -49.12 23.02 20.28
N ASP B 396 -50.19 22.82 21.05
CA ASP B 396 -50.18 21.86 22.14
C ASP B 396 -50.66 20.47 21.70
N ILE B 397 -51.62 20.43 20.79
CA ILE B 397 -52.08 19.14 20.26
C ILE B 397 -50.96 18.47 19.48
N LEU B 398 -50.30 19.23 18.60
CA LEU B 398 -49.20 18.67 17.82
C LEU B 398 -47.96 18.40 18.66
N SER B 399 -47.94 18.85 19.92
CA SER B 399 -46.75 18.79 20.74
C SER B 399 -46.83 17.72 21.81
N GLN B 400 -48.00 17.52 22.40
CA GLN B 400 -48.19 16.43 23.35
C GLN B 400 -48.25 15.07 22.66
N SER B 401 -48.43 15.05 21.35
CA SER B 401 -48.52 13.81 20.59
C SER B 401 -47.16 13.30 20.16
N LEU B 402 -46.07 13.98 20.51
CA LEU B 402 -44.73 13.52 20.21
C LEU B 402 -44.25 12.66 21.37
N ALA B 403 -44.00 11.39 21.10
CA ALA B 403 -43.55 10.45 22.13
C ALA B 403 -44.49 10.46 23.34
N PRO B 404 -45.77 10.10 23.15
CA PRO B 404 -46.72 10.17 24.26
C PRO B 404 -46.48 9.13 25.34
N SER B 405 -45.51 8.24 25.18
CA SER B 405 -45.18 7.27 26.19
C SER B 405 -44.14 7.80 27.18
N ILE B 406 -43.64 9.02 26.98
CA ILE B 406 -42.71 9.66 27.89
C ILE B 406 -43.48 10.71 28.67
N TYR B 407 -43.14 10.85 29.95
CA TYR B 407 -43.90 11.70 30.87
C TYR B 407 -43.21 13.06 30.98
N GLY B 408 -43.95 14.12 30.65
CA GLY B 408 -43.44 15.48 30.81
C GLY B 408 -42.58 15.95 29.66
N HIS B 409 -41.52 16.69 29.96
CA HIS B 409 -40.63 17.25 28.95
C HIS B 409 -41.42 18.04 27.90
N ASP B 410 -42.38 18.85 28.35
CA ASP B 410 -43.26 19.52 27.40
C ASP B 410 -42.51 20.50 26.52
N HIS B 411 -41.42 21.08 27.04
CA HIS B 411 -40.71 22.10 26.29
C HIS B 411 -39.74 21.48 25.31
N ILE B 412 -39.09 20.39 25.67
CA ILE B 412 -38.23 19.73 24.70
C ILE B 412 -39.08 19.23 23.54
N LYS B 413 -40.31 18.79 23.82
CA LYS B 413 -41.21 18.36 22.75
C LYS B 413 -41.61 19.52 21.85
N LYS B 414 -41.88 20.69 22.43
CA LYS B 414 -42.16 21.85 21.59
C LYS B 414 -40.96 22.19 20.72
N ALA B 415 -39.76 22.12 21.29
CA ALA B 415 -38.55 22.37 20.52
C ALA B 415 -38.38 21.36 19.40
N ILE B 416 -38.69 20.09 19.67
CA ILE B 416 -38.58 19.06 18.64
C ILE B 416 -39.51 19.38 17.48
N LEU B 417 -40.76 19.75 17.79
CA LEU B 417 -41.68 20.09 16.71
C LEU B 417 -41.18 21.30 15.92
N LEU B 418 -40.66 22.31 16.61
CA LEU B 418 -40.14 23.48 15.89
C LEU B 418 -38.98 23.11 14.99
N MET B 419 -38.07 22.26 15.47
CA MET B 419 -36.98 21.81 14.62
C MET B 419 -37.48 21.03 13.43
N LEU B 420 -38.51 20.20 13.62
CA LEU B 420 -39.05 19.45 12.50
C LEU B 420 -39.62 20.39 11.44
N MET B 421 -40.34 21.43 11.85
CA MET B 421 -40.94 22.33 10.88
C MET B 421 -39.89 23.18 10.19
N GLY B 422 -38.96 23.75 10.95
CA GLY B 422 -37.87 24.53 10.38
C GLY B 422 -38.26 25.92 9.91
N GLY B 423 -37.28 26.82 9.86
CA GLY B 423 -37.47 28.18 9.38
C GLY B 423 -37.25 28.30 7.90
N VAL B 424 -37.05 29.54 7.45
CA VAL B 424 -36.85 29.85 6.04
C VAL B 424 -35.46 30.45 5.86
N GLU B 425 -34.71 29.93 4.90
CA GLU B 425 -33.37 30.45 4.62
C GLU B 425 -33.45 31.55 3.57
N LYS B 426 -32.33 32.25 3.40
CA LYS B 426 -32.25 33.41 2.52
C LYS B 426 -31.05 33.29 1.60
N ASN B 427 -31.19 33.87 0.41
CA ASN B 427 -30.09 33.94 -0.55
C ASN B 427 -30.11 35.33 -1.18
N LEU B 428 -29.15 36.17 -0.80
CA LEU B 428 -29.09 37.53 -1.29
C LEU B 428 -28.53 37.57 -2.71
N GLU B 429 -28.72 38.71 -3.37
CA GLU B 429 -28.34 38.81 -4.78
C GLU B 429 -26.83 38.65 -4.96
N ASN B 430 -26.05 39.29 -4.08
CA ASN B 430 -24.56 39.21 -4.17
C ASN B 430 -24.14 37.74 -4.13
N GLY B 431 -24.81 36.90 -3.33
CA GLY B 431 -24.44 35.51 -3.17
C GLY B 431 -24.26 35.08 -1.72
N SER B 432 -24.79 35.88 -0.80
CA SER B 432 -24.70 35.54 0.62
C SER B 432 -25.74 34.48 0.98
N HIS B 433 -25.48 33.78 2.07
CA HIS B 433 -26.36 32.70 2.54
C HIS B 433 -26.59 32.86 4.03
N LEU B 434 -27.86 32.80 4.44
CA LEU B 434 -28.25 32.93 5.83
C LEU B 434 -28.91 31.64 6.29
N ARG B 435 -28.37 31.04 7.35
CA ARG B 435 -28.87 29.77 7.84
C ARG B 435 -30.35 29.86 8.20
N GLY B 436 -31.02 28.70 8.17
CA GLY B 436 -32.43 28.64 8.47
C GLY B 436 -32.83 27.41 9.26
N ASP B 437 -31.85 26.66 9.75
CA ASP B 437 -32.09 25.44 10.49
C ASP B 437 -32.05 25.70 12.01
N ILE B 438 -32.49 24.70 12.76
CA ILE B 438 -32.51 24.77 14.22
C ILE B 438 -31.82 23.52 14.75
N ASN B 439 -31.00 23.70 15.78
CA ASN B 439 -30.24 22.61 16.39
C ASN B 439 -30.54 22.55 17.88
N ILE B 440 -30.43 21.36 18.46
CA ILE B 440 -30.81 21.14 19.85
C ILE B 440 -29.74 20.31 20.56
N LEU B 441 -29.43 20.70 21.80
CA LEU B 441 -28.55 19.94 22.67
C LEU B 441 -29.24 19.67 23.99
N MET B 442 -29.10 18.44 24.49
CA MET B 442 -29.63 18.05 25.79
C MET B 442 -28.47 17.59 26.67
N VAL B 443 -28.44 18.08 27.91
CA VAL B 443 -27.49 17.62 28.92
C VAL B 443 -28.29 17.12 30.11
N GLY B 444 -28.04 15.89 30.53
CA GLY B 444 -28.94 15.29 31.48
C GLY B 444 -28.35 14.20 32.35
N ASP B 445 -29.11 13.86 33.39
CA ASP B 445 -28.80 12.75 34.27
C ASP B 445 -29.19 11.43 33.63
N PRO B 446 -28.60 10.32 34.08
CA PRO B 446 -28.94 9.02 33.51
C PRO B 446 -30.41 8.68 33.73
N SER B 447 -31.00 8.01 32.74
CA SER B 447 -32.37 7.54 32.81
C SER B 447 -33.39 8.67 32.71
N THR B 448 -33.06 9.74 31.97
CA THR B 448 -33.96 10.92 31.79
C THR B 448 -34.58 10.88 30.38
N ALA B 449 -34.66 9.71 29.72
CA ALA B 449 -35.38 9.56 28.46
C ALA B 449 -34.72 10.35 27.33
N LYS B 450 -33.39 10.39 27.33
CA LYS B 450 -32.68 11.10 26.27
C LYS B 450 -32.58 10.27 25.00
N SER B 451 -31.97 9.08 25.09
CA SER B 451 -31.83 8.20 23.94
C SER B 451 -33.18 7.73 23.40
N GLN B 452 -34.22 7.71 24.23
CA GLN B 452 -35.55 7.37 23.75
C GLN B 452 -36.22 8.52 23.01
N LEU B 453 -35.74 9.75 23.17
CA LEU B 453 -36.24 10.83 22.35
C LEU B 453 -35.43 10.98 21.07
N LEU B 454 -34.15 10.62 21.13
CA LEU B 454 -33.36 10.56 19.91
C LEU B 454 -33.93 9.51 18.98
N ARG B 455 -34.31 8.35 19.52
CA ARG B 455 -34.80 7.31 18.62
C ARG B 455 -36.19 7.66 18.09
N PHE B 456 -36.99 8.39 18.86
CA PHE B 456 -38.28 8.84 18.33
C PHE B 456 -38.07 9.76 17.14
N VAL B 457 -37.11 10.69 17.23
CA VAL B 457 -36.82 11.54 16.09
C VAL B 457 -36.29 10.72 14.93
N LEU B 458 -35.39 9.77 15.21
CA LEU B 458 -34.86 8.92 14.15
C LEU B 458 -35.95 8.13 13.44
N ASN B 459 -37.06 7.86 14.13
CA ASN B 459 -38.13 7.06 13.55
C ASN B 459 -39.25 7.87 12.91
N THR B 460 -39.40 9.15 13.28
CA THR B 460 -40.50 9.95 12.75
C THR B 460 -40.10 10.98 11.71
N ALA B 461 -38.82 11.33 11.64
CA ALA B 461 -38.36 12.32 10.67
C ALA B 461 -38.34 11.74 9.27
N SER B 462 -38.68 12.57 8.27
CA SER B 462 -38.70 12.10 6.90
C SER B 462 -37.33 11.62 6.45
N LEU B 463 -36.26 12.14 7.03
CA LEU B 463 -34.91 11.70 6.69
C LEU B 463 -34.00 12.06 7.86
N ALA B 464 -33.44 11.04 8.51
CA ALA B 464 -32.57 11.26 9.64
C ALA B 464 -31.51 10.16 9.66
N ILE B 465 -30.32 10.52 10.12
CA ILE B 465 -29.22 9.57 10.26
C ILE B 465 -28.73 9.61 11.70
N ALA B 466 -28.51 8.44 12.27
CA ALA B 466 -28.11 8.29 13.66
C ALA B 466 -26.63 7.98 13.78
N THR B 467 -25.97 8.55 14.79
CA THR B 467 -24.58 8.25 15.06
C THR B 467 -24.32 8.38 16.55
N THR B 468 -23.40 7.57 17.03
CA THR B 468 -22.96 7.57 18.42
C THR B 468 -21.76 8.50 18.57
N GLY B 469 -21.02 8.36 19.66
CA GLY B 469 -19.90 9.23 19.96
C GLY B 469 -18.61 8.69 19.37
N ARG B 470 -17.77 8.04 20.18
CA ARG B 470 -16.51 7.51 19.70
C ARG B 470 -16.68 6.62 18.47
N GLY B 471 -17.91 6.23 18.14
CA GLY B 471 -18.16 5.38 17.00
C GLY B 471 -17.63 5.89 15.69
N SER B 472 -18.18 7.00 15.19
CA SER B 472 -17.81 7.53 13.89
C SER B 472 -16.80 8.67 14.05
N SER B 473 -15.72 8.60 13.28
CA SER B 473 -14.65 9.59 13.38
C SER B 473 -15.07 10.92 12.75
N GLY B 474 -14.26 11.96 12.87
CA GLY B 474 -14.71 13.24 12.31
C GLY B 474 -14.58 13.34 10.80
N VAL B 475 -13.97 12.35 10.16
CA VAL B 475 -13.88 12.34 8.67
C VAL B 475 -15.07 11.53 8.15
N GLY B 476 -15.62 10.67 9.01
CA GLY B 476 -16.82 9.88 8.63
C GLY B 476 -18.07 10.72 8.72
N LEU B 477 -17.99 11.88 9.39
CA LEU B 477 -19.17 12.75 9.41
C LEU B 477 -19.14 13.80 8.32
N THR B 478 -17.94 14.36 8.05
CA THR B 478 -17.73 15.47 7.07
C THR B 478 -17.33 14.93 5.71
N ALA B 479 -17.40 13.67 5.46
CA ALA B 479 -17.20 13.25 4.08
C ALA B 479 -15.81 13.37 3.51
N ALA B 480 -14.81 13.44 4.34
CA ALA B 480 -13.44 13.44 3.79
C ALA B 480 -13.18 12.05 3.27
N VAL B 481 -13.84 11.66 2.22
CA VAL B 481 -13.49 10.31 1.75
C VAL B 481 -12.68 10.42 0.49
N THR B 482 -11.50 10.98 0.62
CA THR B 482 -10.60 10.98 -0.53
C THR B 482 -10.40 9.52 -0.84
N THR B 483 -10.96 9.03 -1.94
CA THR B 483 -10.69 7.66 -2.36
C THR B 483 -10.39 7.69 -3.83
N ASP B 484 -10.39 6.54 -4.50
CA ASP B 484 -10.23 6.43 -5.94
C ASP B 484 -11.27 5.50 -6.52
N ARG B 485 -11.71 5.80 -7.73
CA ARG B 485 -12.68 4.98 -8.45
C ARG B 485 -11.96 4.11 -9.47
N GLU B 486 -12.74 3.29 -10.18
CA GLU B 486 -12.16 2.44 -11.20
C GLU B 486 -11.59 3.26 -12.36
N THR B 487 -12.26 4.35 -12.73
CA THR B 487 -11.74 5.20 -13.81
C THR B 487 -10.42 5.85 -13.44
N GLY B 488 -10.13 5.99 -12.15
CA GLY B 488 -8.90 6.60 -11.70
C GLY B 488 -9.01 8.03 -11.22
N GLU B 489 -10.22 8.55 -11.08
CA GLU B 489 -10.41 9.93 -10.63
C GLU B 489 -10.56 9.95 -9.11
N ARG B 490 -9.64 10.64 -8.43
CA ARG B 490 -9.72 10.76 -6.99
C ARG B 490 -11.05 11.43 -6.63
N ARG B 491 -11.91 10.70 -5.92
CA ARG B 491 -13.26 11.15 -5.64
C ARG B 491 -13.52 11.24 -4.15
N LEU B 492 -14.41 12.17 -3.78
CA LEU B 492 -14.91 12.29 -2.43
C LEU B 492 -16.17 11.45 -2.28
N GLU B 493 -16.21 10.62 -1.23
CA GLU B 493 -17.38 9.80 -0.92
C GLU B 493 -18.18 10.49 0.18
N ALA B 494 -19.49 10.59 -0.04
CA ALA B 494 -20.34 11.32 0.88
C ALA B 494 -20.26 10.74 2.29
N GLY B 495 -20.65 11.56 3.26
CA GLY B 495 -20.64 11.18 4.66
C GLY B 495 -21.99 11.33 5.31
N ALA B 496 -22.02 11.26 6.64
CA ALA B 496 -23.29 11.33 7.35
C ALA B 496 -23.98 12.65 7.12
N MET B 497 -23.25 13.77 7.30
CA MET B 497 -23.84 15.14 7.19
C MET B 497 -24.10 15.48 5.72
N VAL B 498 -23.32 14.95 4.77
CA VAL B 498 -23.60 15.17 3.36
C VAL B 498 -24.87 14.43 2.94
N LEU B 499 -24.98 13.17 3.37
CA LEU B 499 -26.15 12.37 3.01
C LEU B 499 -27.42 12.91 3.66
N ALA B 500 -27.28 13.55 4.82
CA ALA B 500 -28.42 14.10 5.56
C ALA B 500 -28.79 15.50 5.11
N ASP B 501 -28.38 15.90 3.90
CA ASP B 501 -28.76 17.21 3.39
C ASP B 501 -30.27 17.34 3.38
N ARG B 502 -30.77 18.42 3.97
CA ARG B 502 -32.20 18.66 4.14
C ARG B 502 -32.85 17.65 5.09
N GLY B 503 -32.09 17.14 6.05
CA GLY B 503 -32.58 16.14 6.99
C GLY B 503 -32.19 16.49 8.41
N VAL B 504 -31.86 15.44 9.18
CA VAL B 504 -31.50 15.59 10.59
C VAL B 504 -30.44 14.56 10.93
N VAL B 505 -29.58 14.92 11.86
CA VAL B 505 -28.54 14.04 12.38
C VAL B 505 -28.72 13.94 13.90
N CYS B 506 -28.87 12.71 14.39
CA CYS B 506 -29.10 12.44 15.81
C CYS B 506 -27.81 11.89 16.39
N ILE B 507 -27.19 12.67 17.28
CA ILE B 507 -25.90 12.31 17.87
C ILE B 507 -26.13 11.94 19.34
N ASP B 508 -25.78 10.69 19.68
CA ASP B 508 -25.92 10.11 21.04
C ASP B 508 -24.53 10.03 21.66
N GLU B 509 -24.36 10.31 22.96
CA GLU B 509 -23.07 10.35 23.65
C GLU B 509 -22.19 11.43 23.05
N PHE B 510 -22.78 12.62 22.83
CA PHE B 510 -22.09 13.69 22.15
C PHE B 510 -20.87 14.18 22.91
N ASP B 511 -20.83 13.96 24.23
CA ASP B 511 -19.69 14.42 25.03
C ASP B 511 -18.46 13.53 24.86
N LYS B 512 -18.62 12.31 24.40
CA LYS B 512 -17.50 11.41 24.18
C LYS B 512 -16.71 11.73 22.91
N MET B 513 -17.23 12.63 22.08
CA MET B 513 -16.58 12.96 20.82
C MET B 513 -15.39 13.88 21.08
N THR B 514 -14.21 13.46 20.59
CA THR B 514 -12.98 14.18 20.87
C THR B 514 -12.93 15.52 20.13
N ASP B 515 -12.10 16.43 20.63
CA ASP B 515 -12.01 17.77 20.06
C ASP B 515 -11.58 17.71 18.59
N VAL B 516 -10.60 16.88 18.27
CA VAL B 516 -10.16 16.75 16.89
C VAL B 516 -11.34 16.36 16.00
N ASP B 517 -12.37 15.75 16.58
CA ASP B 517 -13.58 15.41 15.84
C ASP B 517 -14.65 16.48 15.97
N ARG B 518 -14.74 17.18 17.11
CA ARG B 518 -15.77 18.23 17.36
C ARG B 518 -15.48 19.46 16.47
N VAL B 519 -14.21 19.78 16.19
CA VAL B 519 -13.90 20.98 15.44
C VAL B 519 -14.20 20.85 13.95
N ALA B 520 -14.43 19.63 13.46
CA ALA B 520 -14.81 19.45 12.07
C ALA B 520 -16.25 19.85 11.82
N ILE B 521 -17.06 19.93 12.87
CA ILE B 521 -18.49 20.21 12.75
C ILE B 521 -18.80 21.70 12.82
N HIS B 522 -17.83 22.54 13.18
CA HIS B 522 -18.08 23.97 13.26
C HIS B 522 -18.51 24.54 11.91
N GLU B 523 -17.82 24.16 10.84
CA GLU B 523 -18.18 24.67 9.52
C GLU B 523 -19.58 24.22 9.12
N VAL B 524 -19.93 22.96 9.38
CA VAL B 524 -21.20 22.42 8.91
C VAL B 524 -22.37 23.09 9.63
N MET B 525 -22.27 23.23 10.96
CA MET B 525 -23.39 23.74 11.79
C MET B 525 -23.73 25.20 11.45
N GLU B 526 -22.81 25.98 10.89
CA GLU B 526 -23.04 27.40 10.64
C GLU B 526 -22.88 27.80 9.18
N GLN B 527 -21.85 27.28 8.49
CA GLN B 527 -21.68 27.58 7.09
C GLN B 527 -22.50 26.67 6.18
N GLN B 528 -22.88 25.48 6.68
CA GLN B 528 -23.68 24.53 5.92
C GLN B 528 -23.00 24.12 4.63
N THR B 529 -21.69 23.92 4.69
CA THR B 529 -20.92 23.39 3.57
C THR B 529 -19.74 22.62 4.12
N VAL B 530 -19.18 21.75 3.28
CA VAL B 530 -18.00 20.97 3.64
C VAL B 530 -16.96 21.18 2.55
N THR B 531 -15.97 22.03 2.82
CA THR B 531 -14.92 22.34 1.85
C THR B 531 -13.73 21.43 2.14
N ILE B 532 -13.47 20.49 1.24
CA ILE B 532 -12.38 19.54 1.39
C ILE B 532 -11.28 19.92 0.40
N ALA B 533 -10.09 20.12 0.96
CA ALA B 533 -8.89 20.49 0.16
C ALA B 533 -7.70 19.63 0.57
N LYS B 534 -7.52 18.49 -0.05
CA LYS B 534 -6.34 17.71 0.28
C LYS B 534 -5.68 17.29 -1.01
N ALA B 535 -4.58 16.58 -0.94
CA ALA B 535 -3.77 16.25 -2.13
C ALA B 535 -4.55 15.89 -3.38
N GLY B 536 -4.45 16.74 -4.38
CA GLY B 536 -5.03 16.40 -5.65
C GLY B 536 -6.52 16.67 -5.78
N ILE B 537 -7.19 17.10 -4.71
CA ILE B 537 -8.62 17.32 -4.72
C ILE B 537 -8.94 18.60 -3.97
N HIS B 538 -9.85 19.40 -4.53
CA HIS B 538 -10.32 20.63 -3.91
C HIS B 538 -11.77 20.82 -4.34
N THR B 539 -12.70 20.68 -3.39
CA THR B 539 -14.11 20.70 -3.72
C THR B 539 -14.91 21.18 -2.52
N THR B 540 -16.16 21.55 -2.76
CA THR B 540 -17.09 21.96 -1.72
C THR B 540 -18.42 21.28 -1.92
N LEU B 541 -18.93 20.64 -0.86
CA LEU B 541 -20.21 19.95 -0.89
C LEU B 541 -21.21 20.63 0.04
N ASN B 542 -22.48 20.36 -0.19
CA ASN B 542 -23.55 20.94 0.63
C ASN B 542 -23.89 20.01 1.79
N ALA B 543 -24.07 20.61 2.97
CA ALA B 543 -24.39 19.89 4.19
C ALA B 543 -25.48 20.61 4.96
N ARG B 544 -26.55 21.00 4.27
CA ARG B 544 -27.62 21.80 4.88
C ARG B 544 -28.50 20.92 5.78
N CYS B 545 -27.91 20.48 6.88
CA CYS B 545 -28.58 19.61 7.84
C CYS B 545 -28.80 20.34 9.16
N SER B 546 -29.51 19.66 10.06
CA SER B 546 -29.71 20.11 11.43
C SER B 546 -29.30 18.98 12.36
N VAL B 547 -28.97 19.34 13.60
CA VAL B 547 -28.38 18.40 14.55
C VAL B 547 -29.19 18.40 15.84
N ILE B 548 -29.44 17.21 16.38
CA ILE B 548 -29.98 17.05 17.73
C ILE B 548 -29.04 16.10 18.46
N ALA B 549 -28.54 16.53 19.61
CA ALA B 549 -27.49 15.80 20.31
C ALA B 549 -27.82 15.66 21.79
N ALA B 550 -27.31 14.57 22.38
CA ALA B 550 -27.53 14.28 23.79
C ALA B 550 -26.20 14.03 24.48
N ALA B 551 -26.13 14.43 25.76
CA ALA B 551 -24.89 14.28 26.52
C ALA B 551 -25.23 14.32 28.01
N ASN B 552 -24.24 13.95 28.82
CA ASN B 552 -24.38 13.92 30.27
C ASN B 552 -23.25 14.70 30.92
N PRO B 553 -23.45 15.15 32.17
CA PRO B 553 -22.44 15.99 32.82
C PRO B 553 -21.11 15.27 32.98
N VAL B 554 -20.12 16.03 33.46
CA VAL B 554 -18.78 15.49 33.64
C VAL B 554 -18.65 14.73 34.96
N PHE B 555 -19.50 14.99 35.94
CA PHE B 555 -19.43 14.35 37.24
C PHE B 555 -20.40 13.18 37.37
N GLY B 556 -21.06 12.79 36.28
CA GLY B 556 -22.05 11.74 36.30
C GLY B 556 -23.44 12.28 36.55
N GLN B 557 -23.56 13.30 37.39
CA GLN B 557 -24.83 13.94 37.68
C GLN B 557 -24.63 15.44 37.81
N TYR B 558 -25.71 16.18 37.60
CA TYR B 558 -25.62 17.64 37.60
C TYR B 558 -25.43 18.14 39.03
N ASP B 559 -24.29 18.76 39.28
CA ASP B 559 -23.99 19.34 40.59
C ASP B 559 -24.52 20.76 40.61
N VAL B 560 -25.60 20.99 41.35
CA VAL B 560 -26.25 22.29 41.34
C VAL B 560 -25.35 23.35 41.97
N ASN B 561 -24.53 22.97 42.94
CA ASN B 561 -23.69 23.96 43.62
C ASN B 561 -22.74 24.64 42.65
N ARG B 562 -22.11 23.87 41.77
CA ARG B 562 -21.09 24.41 40.89
C ARG B 562 -21.71 25.24 39.76
N ASP B 563 -20.86 26.05 39.14
CA ASP B 563 -21.28 26.87 38.02
C ASP B 563 -21.51 26.01 36.78
N PRO B 564 -22.47 26.36 35.93
CA PRO B 564 -22.74 25.55 34.74
C PRO B 564 -21.51 25.23 33.91
N HIS B 565 -20.55 26.16 33.81
CA HIS B 565 -19.36 25.88 33.02
C HIS B 565 -18.55 24.74 33.61
N GLN B 566 -18.65 24.53 34.92
CA GLN B 566 -17.94 23.42 35.55
C GLN B 566 -18.59 22.07 35.27
N ASN B 567 -19.88 22.06 34.90
CA ASN B 567 -20.58 20.83 34.59
C ASN B 567 -20.54 20.51 33.10
N ILE B 568 -21.02 21.44 32.27
CA ILE B 568 -21.16 21.16 30.85
C ILE B 568 -19.80 20.91 30.21
N ALA B 569 -18.84 21.78 30.46
CA ALA B 569 -17.47 21.59 29.98
C ALA B 569 -17.43 21.44 28.46
N LEU B 570 -17.84 22.50 27.78
CA LEU B 570 -17.76 22.59 26.33
C LEU B 570 -17.34 24.00 25.93
N PRO B 571 -16.65 24.16 24.81
CA PRO B 571 -16.23 25.51 24.40
C PRO B 571 -17.41 26.39 24.06
N ASP B 572 -17.21 27.70 24.25
CA ASP B 572 -18.25 28.66 23.92
C ASP B 572 -18.50 28.72 22.42
N SER B 573 -17.46 28.52 21.63
CA SER B 573 -17.62 28.47 20.18
C SER B 573 -18.66 27.44 19.78
N LEU B 574 -18.51 26.21 20.28
CA LEU B 574 -19.49 25.17 19.98
C LEU B 574 -20.85 25.47 20.61
N LEU B 575 -20.86 25.96 21.84
CA LEU B 575 -22.12 26.19 22.53
C LEU B 575 -22.98 27.24 21.83
N SER B 576 -22.35 28.19 21.15
CA SER B 576 -23.11 29.23 20.46
C SER B 576 -23.90 28.66 19.30
N ARG B 577 -23.36 27.68 18.59
CA ARG B 577 -24.01 27.16 17.39
C ARG B 577 -25.28 26.39 17.71
N PHE B 578 -25.39 25.83 18.91
CA PHE B 578 -26.60 25.12 19.29
C PHE B 578 -27.68 26.12 19.68
N ASP B 579 -28.81 26.08 18.97
CA ASP B 579 -29.86 27.07 19.20
C ASP B 579 -30.41 26.98 20.61
N LEU B 580 -30.82 25.79 21.03
CA LEU B 580 -31.39 25.57 22.35
C LEU B 580 -30.60 24.49 23.06
N LEU B 581 -30.17 24.80 24.28
CA LEU B 581 -29.50 23.85 25.16
C LEU B 581 -30.38 23.64 26.39
N PHE B 582 -30.76 22.39 26.64
CA PHE B 582 -31.65 22.05 27.73
C PHE B 582 -30.90 21.24 28.78
N VAL B 583 -31.26 21.46 30.04
CA VAL B 583 -30.71 20.72 31.17
C VAL B 583 -31.84 19.95 31.83
N VAL B 584 -31.62 18.65 32.01
CA VAL B 584 -32.62 17.77 32.62
C VAL B 584 -32.01 17.11 33.83
N THR B 585 -32.73 17.16 34.95
CA THR B 585 -32.26 16.66 36.24
C THR B 585 -33.25 15.66 36.82
N ASP B 586 -32.73 14.59 37.41
CA ASP B 586 -33.54 13.59 38.10
C ASP B 586 -33.52 13.92 39.58
N ASP B 587 -34.53 14.67 40.02
CA ASP B 587 -34.68 15.06 41.42
C ASP B 587 -35.69 14.15 42.09
N ILE B 588 -35.26 13.50 43.17
CA ILE B 588 -36.10 12.49 43.82
C ILE B 588 -37.22 13.21 44.57
N ASN B 589 -38.46 12.88 44.23
CA ASN B 589 -39.61 13.45 44.89
C ASN B 589 -40.53 12.35 45.39
N GLU B 590 -41.69 12.72 45.92
CA GLU B 590 -42.72 11.78 46.31
C GLU B 590 -43.95 11.90 45.44
N ILE B 591 -44.45 13.11 45.21
CA ILE B 591 -45.63 13.30 44.37
C ILE B 591 -45.30 12.96 42.93
N ARG B 592 -44.12 13.35 42.45
CA ARG B 592 -43.75 13.08 41.06
C ARG B 592 -43.50 11.61 40.81
N ASP B 593 -42.91 10.90 41.78
CA ASP B 593 -42.60 9.49 41.58
C ASP B 593 -43.87 8.67 41.41
N ARG B 594 -44.93 9.01 42.17
CA ARG B 594 -46.23 8.29 42.10
C ARG B 594 -46.83 8.45 40.70
N SER B 595 -46.75 9.64 40.09
CA SER B 595 -47.28 9.88 38.75
C SER B 595 -46.44 9.16 37.70
N ILE B 596 -45.10 9.24 37.81
CA ILE B 596 -44.20 8.68 36.76
C ILE B 596 -44.23 7.14 36.85
N SER B 597 -44.43 6.53 38.02
CA SER B 597 -44.60 5.09 38.13
C SER B 597 -45.94 4.64 37.56
N GLU B 598 -47.01 5.37 37.86
CA GLU B 598 -48.31 4.99 37.32
C GLU B 598 -48.31 5.05 35.80
N HIS B 599 -47.74 6.11 35.23
CA HIS B 599 -47.67 6.23 33.77
C HIS B 599 -46.87 5.08 33.17
N VAL B 600 -45.68 4.80 33.73
CA VAL B 600 -44.82 3.75 33.19
C VAL B 600 -45.52 2.40 33.25
N LEU B 601 -46.16 2.09 34.38
CA LEU B 601 -46.87 0.83 34.51
C LEU B 601 -48.08 0.76 33.59
N ARG B 602 -48.71 1.91 33.29
CA ARG B 602 -49.79 1.90 32.31
C ARG B 602 -49.27 1.53 30.93
N THR B 603 -48.11 2.06 30.53
CA THR B 603 -47.58 1.71 29.22
C THR B 603 -47.28 0.23 29.11
N HIS B 604 -46.73 -0.37 30.15
CA HIS B 604 -46.34 -1.78 30.10
C HIS B 604 -47.54 -2.72 30.16
N ARG B 605 -48.76 -2.20 30.15
CA ARG B 605 -49.97 -3.01 30.08
C ARG B 605 -50.74 -2.52 28.87
N TYR B 606 -50.41 -3.07 27.71
CA TYR B 606 -51.00 -2.66 26.44
C TYR B 606 -51.00 -3.86 25.50
N LEU B 607 -52.12 -4.06 24.82
CA LEU B 607 -52.28 -5.18 23.91
C LEU B 607 -52.61 -4.65 22.52
N PRO B 608 -51.84 -4.96 21.49
CA PRO B 608 -52.20 -4.53 20.15
C PRO B 608 -53.54 -5.12 19.75
N PRO B 609 -54.33 -4.40 18.96
CA PRO B 609 -55.61 -4.97 18.50
C PRO B 609 -55.36 -6.25 17.71
N GLY B 610 -56.30 -7.18 17.83
CA GLY B 610 -56.17 -8.46 17.18
C GLY B 610 -55.12 -9.37 17.80
N TYR B 611 -55.15 -9.48 19.12
CA TYR B 611 -54.23 -10.32 19.86
C TYR B 611 -54.95 -10.92 21.05
N LEU B 612 -54.44 -12.04 21.53
CA LEU B 612 -54.99 -12.71 22.71
C LEU B 612 -54.01 -12.51 23.86
N GLU B 613 -54.54 -12.09 25.00
CA GLU B 613 -53.70 -11.83 26.16
C GLU B 613 -52.77 -13.00 26.41
N GLY B 614 -51.47 -12.74 26.39
CA GLY B 614 -50.46 -13.76 26.53
C GLY B 614 -49.80 -14.15 25.22
N GLU B 615 -50.37 -13.79 24.09
CA GLU B 615 -49.80 -14.12 22.79
C GLU B 615 -48.62 -13.18 22.51
N PRO B 616 -47.43 -13.70 22.23
CA PRO B 616 -46.30 -12.79 21.93
C PRO B 616 -46.58 -11.97 20.68
N VAL B 617 -46.04 -10.75 20.67
CA VAL B 617 -46.18 -9.84 19.54
C VAL B 617 -45.08 -10.15 18.53
N ARG B 618 -45.33 -9.78 17.28
CA ARG B 618 -44.42 -10.05 16.18
C ARG B 618 -43.84 -8.73 15.66
N GLU B 619 -42.56 -8.78 15.29
CA GLU B 619 -41.84 -7.61 14.81
C GLU B 619 -41.45 -7.78 13.35
N ARG B 620 -41.41 -6.68 12.61
CA ARG B 620 -41.12 -6.71 11.18
C ARG B 620 -40.31 -5.47 10.80
N LEU B 621 -39.70 -5.54 9.63
CA LEU B 621 -38.94 -4.42 9.09
C LEU B 621 -39.85 -3.53 8.26
N ASN B 622 -39.65 -2.22 8.37
CA ASN B 622 -40.54 -1.22 7.77
C ASN B 622 -39.83 -0.58 6.57
N LEU B 623 -40.06 -1.13 5.39
CA LEU B 623 -39.52 -0.59 4.13
C LEU B 623 -40.70 -0.02 3.34
N SER B 624 -40.98 1.26 3.56
CA SER B 624 -42.11 1.90 2.89
C SER B 624 -41.71 2.36 1.49
N LEU B 625 -42.73 2.56 0.63
CA LEU B 625 -42.51 2.97 -0.78
C LEU B 625 -42.62 4.51 -0.86
N ALA B 626 -41.53 5.20 -1.24
CA ALA B 626 -41.47 6.65 -1.30
C ALA B 626 -42.11 7.13 -2.61
N VAL B 627 -41.95 8.41 -2.91
CA VAL B 627 -42.50 8.98 -4.13
C VAL B 627 -41.53 10.03 -4.68
N LEU B 685 -54.93 14.01 20.93
CA LEU B 685 -53.81 13.30 20.32
C LEU B 685 -54.18 12.92 18.91
N VAL B 686 -53.17 12.86 18.05
CA VAL B 686 -53.33 12.46 16.67
C VAL B 686 -52.33 11.35 16.37
N THR B 687 -52.67 10.54 15.38
CA THR B 687 -51.81 9.44 14.99
C THR B 687 -50.49 9.98 14.43
N ILE B 688 -49.55 9.07 14.23
CA ILE B 688 -48.23 9.45 13.71
C ILE B 688 -48.34 9.72 12.22
N PRO B 689 -49.07 8.90 11.45
CA PRO B 689 -49.25 9.23 10.03
C PRO B 689 -49.80 10.62 9.77
N PHE B 690 -50.77 11.06 10.58
CA PHE B 690 -51.30 12.40 10.36
C PHE B 690 -50.26 13.46 10.70
N LEU B 691 -49.43 13.21 11.71
CA LEU B 691 -48.34 14.13 12.01
C LEU B 691 -47.39 14.25 10.82
N ARG B 692 -47.04 13.12 10.21
CA ARG B 692 -46.17 13.17 9.04
C ARG B 692 -46.80 13.94 7.90
N LYS B 693 -48.09 13.69 7.63
CA LYS B 693 -48.78 14.39 6.55
C LYS B 693 -48.82 15.90 6.81
N TYR B 694 -49.15 16.28 8.04
CA TYR B 694 -49.21 17.69 8.41
C TYR B 694 -47.85 18.35 8.21
N VAL B 695 -46.79 17.69 8.68
CA VAL B 695 -45.45 18.25 8.56
C VAL B 695 -45.08 18.42 7.08
N GLN B 696 -45.35 17.41 6.26
CA GLN B 696 -45.00 17.49 4.85
C GLN B 696 -45.71 18.65 4.17
N TYR B 697 -47.03 18.76 4.39
CA TYR B 697 -47.77 19.85 3.75
C TYR B 697 -47.25 21.21 4.20
N ALA B 698 -47.07 21.39 5.50
CA ALA B 698 -46.63 22.68 6.01
C ALA B 698 -45.25 23.05 5.49
N LYS B 699 -44.32 22.08 5.48
CA LYS B 699 -42.98 22.40 5.03
C LYS B 699 -42.92 22.65 3.53
N GLU B 700 -43.77 21.99 2.75
CA GLU B 700 -43.68 22.09 1.30
C GLU B 700 -44.47 23.25 0.71
N ARG B 701 -45.50 23.76 1.39
CA ARG B 701 -46.37 24.75 0.76
C ARG B 701 -46.57 25.99 1.63
N VAL B 702 -45.63 26.33 2.49
CA VAL B 702 -45.74 27.52 3.33
C VAL B 702 -44.38 28.21 3.42
N ILE B 703 -44.38 29.53 3.24
CA ILE B 703 -43.18 30.34 3.42
C ILE B 703 -43.59 31.67 4.05
N PRO B 704 -43.52 31.81 5.38
CA PRO B 704 -43.96 33.05 6.01
C PRO B 704 -42.97 34.18 5.76
N GLN B 705 -43.43 35.40 6.08
CA GLN B 705 -42.63 36.61 5.94
C GLN B 705 -42.68 37.42 7.23
N LEU B 706 -41.57 38.08 7.55
CA LEU B 706 -41.50 38.87 8.77
C LEU B 706 -42.34 40.12 8.65
N THR B 707 -42.85 40.59 9.79
CA THR B 707 -43.65 41.81 9.87
C THR B 707 -43.13 42.67 11.02
N GLN B 708 -43.55 43.93 11.03
CA GLN B 708 -42.95 44.91 11.94
C GLN B 708 -43.13 44.50 13.40
N GLU B 709 -44.29 43.93 13.74
CA GLU B 709 -44.55 43.55 15.12
C GLU B 709 -43.51 42.55 15.63
N ALA B 710 -43.24 41.52 14.84
CA ALA B 710 -42.20 40.58 15.20
C ALA B 710 -40.85 41.27 15.30
N ILE B 711 -40.59 42.24 14.40
CA ILE B 711 -39.34 43.04 14.41
C ILE B 711 -39.20 43.68 15.79
N ASN B 712 -40.25 44.32 16.34
CA ASN B 712 -40.18 45.01 17.62
C ASN B 712 -39.98 44.02 18.77
N VAL B 713 -40.75 42.94 18.77
CA VAL B 713 -40.63 41.98 19.87
C VAL B 713 -39.23 41.38 19.91
N ILE B 714 -38.70 40.99 18.75
CA ILE B 714 -37.39 40.36 18.71
C ILE B 714 -36.30 41.32 19.17
N VAL B 715 -36.34 42.58 18.70
CA VAL B 715 -35.28 43.58 19.00
C VAL B 715 -35.36 43.93 20.50
N LYS B 716 -36.56 43.99 21.10
CA LYS B 716 -36.69 44.22 22.53
C LYS B 716 -36.08 43.07 23.33
N ASN B 717 -36.46 41.84 22.99
CA ASN B 717 -35.96 40.69 23.76
C ASN B 717 -34.46 40.55 23.64
N TYR B 718 -33.91 40.72 22.43
CA TYR B 718 -32.47 40.58 22.26
C TYR B 718 -31.71 41.63 23.07
N THR B 719 -32.13 42.88 22.98
CA THR B 719 -31.45 43.93 23.73
C THR B 719 -31.53 43.69 25.23
N ASP B 720 -32.70 43.28 25.71
CA ASP B 720 -32.84 43.00 27.14
C ASP B 720 -31.93 41.86 27.57
N LEU B 721 -31.87 40.79 26.77
CA LEU B 721 -31.06 39.64 27.16
C LEU B 721 -29.57 39.96 27.16
N ARG B 722 -29.12 40.79 26.20
CA ARG B 722 -27.68 41.06 26.12
C ARG B 722 -27.17 41.74 27.38
N ASN B 723 -27.93 42.69 27.92
CA ASN B 723 -27.54 43.45 29.11
C ASN B 723 -28.35 42.90 30.28
N ASP B 724 -27.82 41.86 30.92
CA ASP B 724 -28.51 41.19 32.02
C ASP B 724 -27.52 40.91 33.13
N ASP B 725 -28.04 40.82 34.35
CA ASP B 725 -27.25 40.47 35.52
C ASP B 725 -27.41 39.02 35.94
N ASN B 726 -28.11 38.22 35.13
CA ASN B 726 -28.36 36.83 35.47
C ASN B 726 -27.21 35.95 35.01
N THR B 727 -27.33 34.66 35.32
CA THR B 727 -26.38 33.65 34.86
C THR B 727 -27.09 32.75 33.85
N LYS B 728 -26.38 32.42 32.78
CA LYS B 728 -26.94 31.65 31.68
C LYS B 728 -26.16 30.36 31.48
N LYS B 729 -26.87 29.34 30.99
CA LYS B 729 -26.21 28.07 30.67
C LYS B 729 -25.34 28.18 29.43
N SER B 730 -25.55 29.19 28.59
CA SER B 730 -24.78 29.40 27.38
C SER B 730 -24.58 30.89 27.17
N PRO B 731 -23.55 31.28 26.43
CA PRO B 731 -23.32 32.71 26.17
C PRO B 731 -24.30 33.26 25.16
N ILE B 732 -24.37 34.59 25.09
CA ILE B 732 -25.28 35.29 24.20
C ILE B 732 -24.46 36.08 23.19
N THR B 733 -24.70 35.82 21.91
CA THR B 733 -24.03 36.52 20.82
C THR B 733 -25.05 37.00 19.79
N ALA B 734 -24.56 37.46 18.64
CA ALA B 734 -25.47 37.88 17.56
C ALA B 734 -26.31 36.72 17.06
N ARG B 735 -25.75 35.50 17.06
CA ARG B 735 -26.48 34.33 16.60
C ARG B 735 -27.84 34.21 17.29
N THR B 736 -27.91 34.50 18.58
CA THR B 736 -29.18 34.41 19.30
C THR B 736 -30.29 35.20 18.63
N LEU B 737 -30.00 36.39 18.13
CA LEU B 737 -31.00 37.16 17.41
C LEU B 737 -31.58 36.35 16.25
N GLU B 738 -30.70 35.80 15.40
CA GLU B 738 -31.16 34.96 14.30
C GLU B 738 -31.99 33.80 14.83
N THR B 739 -31.58 33.23 15.96
CA THR B 739 -32.35 32.16 16.56
C THR B 739 -33.78 32.60 16.83
N LEU B 740 -33.94 33.78 17.42
CA LEU B 740 -35.29 34.29 17.68
C LEU B 740 -36.08 34.44 16.38
N ILE B 741 -35.40 34.82 15.31
CA ILE B 741 -36.09 34.96 14.02
C ILE B 741 -36.48 33.59 13.48
N ARG B 742 -35.61 32.60 13.65
CA ARG B 742 -35.91 31.26 13.14
C ARG B 742 -37.12 30.72 13.88
N LEU B 743 -37.03 30.65 15.20
CA LEU B 743 -38.12 30.09 15.99
C LEU B 743 -39.43 30.77 15.61
N ALA B 744 -39.43 32.10 15.57
CA ALA B 744 -40.66 32.81 15.19
C ALA B 744 -41.21 32.29 13.88
N THR B 745 -40.36 32.23 12.85
CA THR B 745 -40.81 31.74 11.55
C THR B 745 -41.37 30.32 11.64
N ALA B 746 -40.67 29.44 12.36
CA ALA B 746 -41.17 28.07 12.54
C ALA B 746 -42.58 28.06 13.09
N HIS B 747 -42.82 28.85 14.13
CA HIS B 747 -44.17 28.90 14.70
C HIS B 747 -45.17 29.39 13.68
N ALA B 748 -44.81 30.43 12.92
CA ALA B 748 -45.73 30.90 11.88
C ALA B 748 -45.97 29.81 10.84
N LYS B 749 -45.00 28.92 10.66
CA LYS B 749 -45.18 27.80 9.74
C LYS B 749 -46.15 26.77 10.29
N VAL B 750 -46.18 26.60 11.61
CA VAL B 750 -47.07 25.62 12.21
C VAL B 750 -48.52 26.04 12.02
N ARG B 751 -48.79 27.34 12.06
CA ARG B 751 -50.16 27.84 11.92
C ARG B 751 -50.60 27.95 10.48
N LEU B 752 -49.76 27.60 9.51
CA LEU B 752 -50.09 27.71 8.09
C LEU B 752 -50.47 29.15 7.73
N SER B 753 -49.65 30.08 8.20
CA SER B 753 -49.83 31.50 7.94
C SER B 753 -48.66 32.04 7.13
N LYS B 754 -48.92 33.08 6.35
CA LYS B 754 -47.92 33.71 5.51
C LYS B 754 -47.36 34.98 6.13
N THR B 755 -47.60 35.19 7.42
CA THR B 755 -47.07 36.35 8.12
C THR B 755 -46.69 35.94 9.54
N VAL B 756 -45.46 36.29 9.95
CA VAL B 756 -45.00 36.01 11.31
C VAL B 756 -45.65 37.05 12.22
N ASN B 757 -46.71 36.65 12.92
CA ASN B 757 -47.48 37.58 13.74
C ASN B 757 -46.77 37.79 15.08
N LYS B 758 -47.45 38.48 16.00
CA LYS B 758 -46.83 38.80 17.29
C LYS B 758 -46.79 37.59 18.22
N VAL B 759 -47.81 36.73 18.17
CA VAL B 759 -47.83 35.56 19.04
C VAL B 759 -46.65 34.66 18.76
N ASP B 760 -46.27 34.52 17.50
CA ASP B 760 -45.10 33.72 17.14
C ASP B 760 -43.86 34.23 17.86
N ALA B 761 -43.62 35.55 17.80
CA ALA B 761 -42.45 36.11 18.44
C ALA B 761 -42.51 35.95 19.95
N LYS B 762 -43.69 36.14 20.54
CA LYS B 762 -43.81 35.99 21.99
C LYS B 762 -43.51 34.56 22.40
N VAL B 763 -44.00 33.58 21.63
CA VAL B 763 -43.75 32.18 21.94
C VAL B 763 -42.26 31.87 21.82
N ALA B 764 -41.62 32.41 20.79
CA ALA B 764 -40.19 32.20 20.65
C ALA B 764 -39.43 32.77 21.84
N ALA B 765 -39.82 33.97 22.28
CA ALA B 765 -39.16 34.58 23.43
C ALA B 765 -39.34 33.73 24.68
N ASN B 766 -40.56 33.23 24.91
CA ASN B 766 -40.80 32.39 26.08
C ASN B 766 -39.96 31.13 26.03
N LEU B 767 -39.90 30.48 24.87
CA LEU B 767 -39.13 29.24 24.75
C LEU B 767 -37.65 29.48 25.02
N LEU B 768 -37.08 30.53 24.42
CA LEU B 768 -35.66 30.79 24.65
C LEU B 768 -35.39 31.13 26.10
N ARG B 769 -36.29 31.91 26.72
CA ARG B 769 -36.09 32.29 28.11
C ARG B 769 -36.15 31.07 29.02
N PHE B 770 -37.07 30.15 28.76
CA PHE B 770 -37.09 28.92 29.55
C PHE B 770 -35.81 28.12 29.36
N ALA B 771 -35.33 28.01 28.11
CA ALA B 771 -34.12 27.24 27.86
C ALA B 771 -32.91 27.84 28.58
N LEU B 772 -32.79 29.17 28.56
CA LEU B 772 -31.62 29.81 29.14
C LEU B 772 -31.70 29.87 30.66
N LEU B 773 -32.80 30.40 31.19
CA LEU B 773 -32.92 30.68 32.62
C LEU B 773 -33.67 29.56 33.35
N ILE C 187 23.11 26.87 -52.25
CA ILE C 187 24.23 26.14 -51.65
C ILE C 187 25.53 26.84 -52.00
N GLN C 188 25.63 27.35 -53.23
CA GLN C 188 26.85 28.07 -53.68
C GLN C 188 26.87 29.42 -52.98
N GLU C 189 25.72 30.07 -52.86
CA GLU C 189 25.65 31.35 -52.17
C GLU C 189 26.09 31.20 -50.72
N CYS C 190 25.68 30.12 -50.06
CA CYS C 190 26.05 29.93 -48.66
C CYS C 190 27.54 29.68 -48.52
N THR C 191 28.09 28.76 -49.33
CA THR C 191 29.51 28.46 -49.22
C THR C 191 30.39 29.63 -49.62
N THR C 192 29.83 30.60 -50.36
CA THR C 192 30.58 31.81 -50.65
C THR C 192 30.45 32.85 -49.54
N ASN C 193 29.23 33.08 -49.05
CA ASN C 193 29.01 34.10 -48.04
C ASN C 193 29.71 33.73 -46.73
N PHE C 194 29.52 32.49 -46.29
CA PHE C 194 30.22 32.05 -45.08
C PHE C 194 31.73 32.09 -45.28
N ARG C 195 32.19 31.76 -46.48
CA ARG C 195 33.62 31.80 -46.76
C ARG C 195 34.18 33.19 -46.54
N ASN C 196 33.59 34.19 -47.20
CA ASN C 196 34.06 35.60 -47.14
C ASN C 196 33.85 36.15 -45.71
N PHE C 197 32.83 35.69 -44.99
CA PHE C 197 32.63 36.08 -43.60
C PHE C 197 33.76 35.55 -42.73
N LEU C 198 34.17 34.30 -42.96
CA LEU C 198 35.26 33.73 -42.18
C LEU C 198 36.59 34.39 -42.52
N PHE C 215 33.01 51.04 -25.16
CA PHE C 215 34.42 50.88 -24.80
C PHE C 215 35.21 50.36 -26.00
N ILE C 216 35.16 51.11 -27.10
CA ILE C 216 35.90 50.71 -28.30
C ILE C 216 37.38 50.69 -27.98
N ASN C 217 38.05 49.62 -28.42
CA ASN C 217 39.48 49.43 -28.16
C ASN C 217 40.12 48.85 -29.42
N ASN C 218 41.42 49.12 -29.57
CA ASN C 218 42.20 48.57 -30.69
C ASN C 218 43.51 48.01 -30.14
N THR C 219 43.46 46.75 -29.70
CA THR C 219 44.65 45.97 -29.37
C THR C 219 44.70 44.69 -30.19
N THR C 220 43.63 43.90 -30.16
CA THR C 220 43.50 42.69 -30.94
C THR C 220 42.23 42.68 -31.77
N ASP C 221 41.38 43.71 -31.63
CA ASP C 221 40.11 43.80 -32.34
C ASP C 221 40.29 44.13 -33.82
N GLU C 222 41.52 44.27 -34.30
CA GLU C 222 41.78 44.61 -35.70
C GLU C 222 42.41 43.44 -36.45
N GLU C 223 42.37 42.24 -35.85
CA GLU C 223 42.96 41.02 -36.45
C GLU C 223 41.84 40.10 -36.95
N LEU C 224 42.19 39.14 -37.81
CA LEU C 224 41.28 38.13 -38.34
C LEU C 224 40.99 37.13 -37.23
N TYR C 225 39.83 37.28 -36.59
CA TYR C 225 39.56 36.52 -35.37
C TYR C 225 39.65 35.02 -35.61
N TYR C 226 38.98 34.53 -36.65
CA TYR C 226 38.89 33.09 -36.88
C TYR C 226 40.15 32.51 -37.50
N ILE C 227 41.00 33.33 -38.12
CA ILE C 227 42.21 32.81 -38.76
C ILE C 227 43.14 32.22 -37.70
N LYS C 228 43.35 32.94 -36.60
CA LYS C 228 44.19 32.42 -35.53
C LYS C 228 43.59 31.15 -34.94
N GLN C 229 42.26 31.11 -34.82
CA GLN C 229 41.62 29.90 -34.32
C GLN C 229 41.89 28.73 -35.26
N LEU C 230 41.71 28.95 -36.58
CA LEU C 230 41.94 27.93 -37.63
C LEU C 230 43.40 27.45 -37.55
N ASN C 231 44.37 28.34 -37.28
CA ASN C 231 45.78 27.96 -37.22
C ASN C 231 46.08 27.17 -35.96
N GLU C 232 45.56 27.62 -34.82
CA GLU C 232 45.76 26.86 -33.59
C GLU C 232 45.07 25.50 -33.68
N MET C 233 43.96 25.43 -34.40
CA MET C 233 43.21 24.18 -34.54
C MET C 233 44.00 23.16 -35.36
N ARG C 234 44.65 23.62 -36.44
CA ARG C 234 45.48 22.72 -37.22
C ARG C 234 46.82 22.45 -36.57
N GLU C 235 47.28 23.33 -35.67
CA GLU C 235 48.50 23.07 -34.93
C GLU C 235 48.27 22.07 -33.79
N LEU C 236 47.08 22.06 -33.21
CA LEU C 236 46.78 21.23 -32.04
C LEU C 236 45.99 19.98 -32.38
N GLY C 237 45.43 19.87 -33.58
CA GLY C 237 44.65 18.71 -33.94
C GLY C 237 43.21 18.74 -33.51
N THR C 238 42.71 19.87 -33.01
CA THR C 238 41.31 19.97 -32.64
C THR C 238 40.44 19.96 -33.90
N SER C 239 39.16 19.63 -33.71
CA SER C 239 38.25 19.50 -34.84
C SER C 239 36.90 20.17 -34.57
N ASN C 240 36.90 21.27 -33.85
CA ASN C 240 35.65 22.00 -33.58
C ASN C 240 35.96 23.49 -33.52
N LEU C 241 35.03 24.29 -34.03
CA LEU C 241 35.16 25.74 -34.06
C LEU C 241 33.85 26.35 -33.61
N ASN C 242 33.73 26.59 -32.31
CA ASN C 242 32.52 27.22 -31.79
C ASN C 242 32.30 28.56 -32.48
N LEU C 243 31.06 28.82 -32.86
CA LEU C 243 30.71 29.99 -33.67
C LEU C 243 29.63 30.76 -32.95
N ASP C 244 29.90 32.03 -32.64
CA ASP C 244 28.89 32.90 -32.03
C ASP C 244 27.97 33.46 -33.12
N ALA C 245 26.66 33.24 -32.96
CA ALA C 245 25.72 33.62 -34.00
C ALA C 245 25.72 35.13 -34.23
N ARG C 246 25.80 35.90 -33.14
CA ARG C 246 25.72 37.35 -33.29
C ARG C 246 26.88 37.88 -34.13
N ASN C 247 28.04 37.19 -34.11
CA ASN C 247 29.10 37.58 -35.02
C ASN C 247 28.64 37.48 -36.46
N LEU C 248 27.75 36.52 -36.74
CA LEU C 248 27.15 36.41 -38.06
C LEU C 248 26.19 37.56 -38.31
N LEU C 249 25.40 37.91 -37.29
CA LEU C 249 24.47 39.04 -37.45
C LEU C 249 25.19 40.36 -37.66
N ALA C 250 26.40 40.51 -37.12
CA ALA C 250 27.14 41.75 -37.25
C ALA C 250 27.57 42.01 -38.69
N TYR C 251 28.28 41.06 -39.28
CA TYR C 251 28.81 41.24 -40.62
C TYR C 251 27.68 41.51 -41.61
N LYS C 252 27.89 42.50 -42.48
CA LYS C 252 26.83 42.93 -43.39
C LYS C 252 26.40 41.82 -44.34
N GLN C 253 27.37 41.11 -44.91
CA GLN C 253 27.05 40.12 -45.94
C GLN C 253 26.17 39.00 -45.38
N THR C 254 26.51 38.51 -44.19
CA THR C 254 25.83 37.36 -43.61
C THR C 254 24.70 37.80 -42.67
N GLU C 255 23.77 38.56 -43.24
CA GLU C 255 22.56 38.94 -42.52
C GLU C 255 21.39 38.02 -42.84
N ASP C 256 21.26 37.59 -44.09
CA ASP C 256 20.24 36.61 -44.43
C ASP C 256 20.61 35.24 -43.88
N LEU C 257 21.88 34.86 -44.00
CA LEU C 257 22.34 33.55 -43.53
C LEU C 257 21.90 33.32 -42.09
N TYR C 258 22.04 34.34 -41.24
CA TYR C 258 21.55 34.24 -39.87
C TYR C 258 20.13 33.66 -39.82
N HIS C 259 19.18 34.36 -40.46
CA HIS C 259 17.80 33.90 -40.48
C HIS C 259 17.68 32.49 -41.05
N GLN C 260 18.41 32.21 -42.14
CA GLN C 260 18.35 30.87 -42.71
C GLN C 260 18.76 29.83 -41.67
N LEU C 261 19.85 30.09 -40.95
CA LEU C 261 20.28 29.16 -39.91
C LEU C 261 19.21 29.04 -38.84
N LEU C 262 18.48 30.12 -38.59
CA LEU C 262 17.42 30.07 -37.59
C LEU C 262 16.25 29.22 -38.07
N ASN C 263 16.15 28.97 -39.37
CA ASN C 263 15.02 28.24 -39.92
C ASN C 263 15.42 26.92 -40.57
N TYR C 264 16.64 26.78 -41.06
CA TYR C 264 17.09 25.56 -41.74
C TYR C 264 18.41 25.09 -41.13
N PRO C 265 18.41 24.72 -39.85
CA PRO C 265 19.69 24.42 -39.18
C PRO C 265 20.40 23.20 -39.73
N GLN C 266 19.70 22.11 -39.97
CA GLN C 266 20.38 20.84 -40.27
C GLN C 266 21.13 20.90 -41.60
N GLU C 267 20.68 21.73 -42.54
CA GLU C 267 21.38 21.85 -43.82
C GLU C 267 22.48 22.89 -43.78
N VAL C 268 22.21 24.04 -43.15
CA VAL C 268 23.22 25.08 -43.05
C VAL C 268 24.41 24.60 -42.24
N ILE C 269 24.18 23.74 -41.24
CA ILE C 269 25.28 23.24 -40.43
C ILE C 269 26.22 22.38 -41.27
N SER C 270 25.68 21.50 -42.09
CA SER C 270 26.53 20.70 -42.97
C SER C 270 27.24 21.59 -43.99
N ILE C 271 26.56 22.62 -44.49
CA ILE C 271 27.22 23.55 -45.41
C ILE C 271 28.41 24.20 -44.73
N MET C 272 28.23 24.67 -43.49
CA MET C 272 29.33 25.29 -42.76
C MET C 272 30.46 24.31 -42.51
N ASP C 273 30.14 23.07 -42.18
CA ASP C 273 31.17 22.08 -41.94
C ASP C 273 32.02 21.85 -43.18
N GLN C 274 31.35 21.67 -44.33
CA GLN C 274 32.09 21.47 -45.57
C GLN C 274 32.92 22.72 -45.91
N THR C 275 32.37 23.90 -45.69
CA THR C 275 33.11 25.13 -45.96
C THR C 275 34.36 25.23 -45.08
N ILE C 276 34.24 24.86 -43.82
CA ILE C 276 35.39 24.91 -42.92
C ILE C 276 36.46 23.93 -43.38
N LYS C 277 36.05 22.72 -43.78
CA LYS C 277 37.03 21.77 -44.29
C LYS C 277 37.74 22.31 -45.53
N ASP C 278 36.97 22.90 -46.45
CA ASP C 278 37.57 23.46 -47.65
C ASP C 278 38.52 24.61 -47.32
N CYS C 279 38.15 25.45 -46.36
CA CYS C 279 39.02 26.55 -45.96
C CYS C 279 40.32 26.03 -45.35
N MET C 280 40.23 25.00 -44.52
CA MET C 280 41.44 24.40 -43.96
C MET C 280 42.35 23.89 -45.07
N VAL C 281 41.78 23.16 -46.03
CA VAL C 281 42.58 22.62 -47.12
C VAL C 281 43.23 23.74 -47.92
N SER C 282 42.45 24.79 -48.23
CA SER C 282 42.98 25.91 -49.01
C SER C 282 44.09 26.61 -48.24
N LEU C 283 43.92 26.80 -46.93
CA LEU C 283 44.94 27.47 -46.14
C LEU C 283 46.22 26.66 -46.12
N ILE C 284 46.12 25.34 -45.93
CA ILE C 284 47.33 24.53 -45.85
C ILE C 284 48.04 24.50 -47.20
N VAL C 285 47.29 24.35 -48.29
CA VAL C 285 47.94 24.23 -49.59
C VAL C 285 48.53 25.58 -50.02
N ASP C 286 47.82 26.67 -49.76
CA ASP C 286 48.23 27.96 -50.29
C ASP C 286 49.60 28.39 -49.79
N ASN C 287 49.86 28.21 -48.49
CA ASN C 287 51.10 28.67 -47.88
C ASN C 287 52.24 27.69 -48.01
N ASN C 288 52.03 26.55 -48.67
CA ASN C 288 53.09 25.54 -48.84
C ASN C 288 53.66 25.14 -47.48
N LEU C 289 52.79 24.94 -46.51
CA LEU C 289 53.24 24.58 -45.17
C LEU C 289 53.88 23.20 -45.17
N ASP C 290 54.80 23.00 -44.23
CA ASP C 290 55.61 21.77 -44.23
C ASP C 290 54.81 20.56 -43.76
N TYR C 291 53.98 20.73 -42.73
CA TYR C 291 53.32 19.57 -42.14
C TYR C 291 52.37 18.93 -43.15
N ASP C 292 52.28 17.59 -43.08
CA ASP C 292 51.59 16.82 -44.10
C ASP C 292 50.11 17.14 -44.13
N LEU C 293 49.50 16.99 -45.32
CA LEU C 293 48.05 17.22 -45.53
C LEU C 293 47.37 15.86 -45.76
N ASP C 294 48.00 14.76 -45.31
CA ASP C 294 47.43 13.43 -45.46
C ASP C 294 46.61 13.02 -44.26
N GLU C 295 47.13 13.25 -43.04
CA GLU C 295 46.39 12.89 -41.84
C GLU C 295 45.11 13.72 -41.69
N ILE C 296 45.11 14.95 -42.19
CA ILE C 296 43.92 15.78 -42.08
C ILE C 296 42.75 15.15 -42.83
N GLU C 297 43.03 14.53 -43.98
CA GLU C 297 41.98 13.87 -44.74
C GLU C 297 41.39 12.67 -44.03
N THR C 298 42.06 12.15 -43.01
CA THR C 298 41.60 10.99 -42.26
C THR C 298 40.78 11.38 -41.03
N LYS C 299 40.49 12.66 -40.84
CA LYS C 299 39.70 13.15 -39.72
C LYS C 299 38.44 13.83 -40.26
N PHE C 300 37.64 14.37 -39.34
CA PHE C 300 36.41 15.08 -39.66
C PHE C 300 36.31 16.32 -38.80
N TYR C 301 35.54 17.30 -39.28
CA TYR C 301 35.42 18.59 -38.63
C TYR C 301 33.95 18.94 -38.45
N LYS C 302 33.70 19.84 -37.49
CA LYS C 302 32.34 20.23 -37.14
C LYS C 302 32.33 21.69 -36.73
N VAL C 303 31.13 22.26 -36.68
CA VAL C 303 30.89 23.60 -36.17
C VAL C 303 29.74 23.53 -35.17
N ARG C 304 29.84 24.31 -34.11
CA ARG C 304 28.88 24.26 -33.00
C ARG C 304 28.35 25.66 -32.75
N PRO C 305 27.40 26.12 -33.55
CA PRO C 305 26.87 27.47 -33.36
C PRO C 305 26.19 27.62 -32.01
N TYR C 306 26.26 28.82 -31.45
CA TYR C 306 25.63 29.09 -30.17
C TYR C 306 25.22 30.56 -30.10
N ASN C 307 24.57 30.96 -28.99
CA ASN C 307 24.10 32.36 -28.79
C ASN C 307 23.06 32.66 -29.87
N VAL C 308 22.26 31.66 -30.23
CA VAL C 308 21.18 31.82 -31.23
C VAL C 308 20.05 32.64 -30.58
N GLY C 309 19.23 33.35 -31.37
CA GLY C 309 18.12 34.14 -30.87
C GLY C 309 17.47 33.54 -29.64
N SER C 310 17.28 34.35 -28.61
CA SER C 310 16.77 33.85 -27.34
C SER C 310 15.39 33.22 -27.51
N CYS C 311 15.04 32.36 -26.56
CA CYS C 311 13.77 31.67 -26.55
C CYS C 311 12.79 32.37 -25.61
N LYS C 312 11.64 31.74 -25.39
CA LYS C 312 10.62 32.28 -24.51
C LYS C 312 10.12 31.29 -23.46
N GLY C 313 10.50 30.02 -23.54
CA GLY C 313 9.96 29.01 -22.64
C GLY C 313 9.42 27.83 -23.41
N MET C 314 9.85 26.60 -23.10
CA MET C 314 9.49 25.41 -23.92
C MET C 314 7.99 25.09 -23.82
N ARG C 315 7.24 25.68 -22.87
CA ARG C 315 5.77 25.46 -22.77
C ARG C 315 5.03 26.58 -23.49
N GLU C 316 5.68 27.27 -24.44
CA GLU C 316 5.01 28.26 -25.28
C GLU C 316 5.29 28.04 -26.76
N LEU C 317 6.18 27.12 -27.11
CA LEU C 317 6.43 26.78 -28.51
C LEU C 317 5.23 26.07 -29.11
N ASN C 318 4.89 26.43 -30.33
CA ASN C 318 3.77 25.86 -31.06
C ASN C 318 4.28 24.89 -32.12
N PRO C 319 3.37 24.12 -32.74
CA PRO C 319 3.81 23.16 -33.77
C PRO C 319 4.52 23.79 -34.95
N ASN C 320 4.26 25.06 -35.24
CA ASN C 320 4.92 25.74 -36.36
C ASN C 320 6.36 26.10 -36.06
N ASP C 321 6.94 25.57 -34.99
CA ASP C 321 8.35 25.78 -34.66
C ASP C 321 9.19 24.54 -34.85
N ILE C 322 8.62 23.47 -35.42
CA ILE C 322 9.36 22.22 -35.54
C ILE C 322 10.52 22.42 -36.52
N ASP C 323 11.59 21.68 -36.29
CA ASP C 323 12.76 21.72 -37.17
C ASP C 323 13.36 23.12 -37.23
N LYS C 324 13.41 23.80 -36.08
CA LYS C 324 14.02 25.11 -35.97
C LYS C 324 15.02 25.11 -34.82
N LEU C 325 15.94 26.07 -34.87
CA LEU C 325 16.97 26.20 -33.85
C LEU C 325 16.45 27.01 -32.67
N ILE C 326 16.79 26.58 -31.46
CA ILE C 326 16.33 27.22 -30.24
C ILE C 326 17.40 27.05 -29.16
N ASN C 327 17.21 27.78 -28.06
CA ASN C 327 18.08 27.72 -26.90
C ASN C 327 17.22 27.56 -25.65
N LEU C 328 17.77 26.87 -24.66
CA LEU C 328 17.10 26.66 -23.39
C LEU C 328 18.15 26.76 -22.28
N LYS C 329 17.68 27.00 -21.06
CA LYS C 329 18.55 27.02 -19.89
C LYS C 329 17.87 26.24 -18.77
N GLY C 330 18.65 25.43 -18.07
CA GLY C 330 18.05 24.60 -17.04
C GLY C 330 19.10 23.90 -16.21
N LEU C 331 18.64 22.92 -15.43
CA LEU C 331 19.53 22.09 -14.65
C LEU C 331 19.26 20.62 -14.95
N VAL C 332 20.32 19.83 -14.87
CA VAL C 332 20.31 18.42 -15.23
C VAL C 332 19.95 17.59 -13.99
N LEU C 333 19.15 16.56 -14.20
CA LEU C 333 18.72 15.66 -13.13
C LEU C 333 19.18 14.23 -13.31
N ARG C 334 19.04 13.67 -14.51
CA ARG C 334 19.44 12.27 -14.80
C ARG C 334 20.14 12.18 -16.16
N SER C 335 20.88 11.12 -16.42
CA SER C 335 21.54 10.87 -17.72
C SER C 335 21.67 9.36 -17.95
N THR C 336 21.03 8.80 -18.99
CA THR C 336 21.08 7.39 -19.27
C THR C 336 22.50 6.97 -19.67
N PRO C 337 22.83 5.68 -19.56
CA PRO C 337 24.14 5.23 -20.02
C PRO C 337 24.28 5.29 -21.54
N VAL C 338 25.43 4.87 -22.06
CA VAL C 338 25.70 4.96 -23.49
C VAL C 338 24.85 3.95 -24.24
N ILE C 339 24.15 4.42 -25.28
CA ILE C 339 23.26 3.61 -26.10
C ILE C 339 23.91 3.46 -27.48
N PRO C 340 24.28 2.26 -27.93
CA PRO C 340 24.86 2.10 -29.27
C PRO C 340 23.80 2.24 -30.36
N ASP C 341 24.01 3.21 -31.26
CA ASP C 341 23.15 3.42 -32.41
C ASP C 341 23.87 2.95 -33.68
N MET C 342 23.11 2.43 -34.66
CA MET C 342 23.72 1.84 -35.84
C MET C 342 23.75 2.80 -37.02
N LYS C 343 24.84 2.73 -37.79
CA LYS C 343 25.07 3.57 -38.96
C LYS C 343 25.36 2.74 -40.20
N VAL C 344 25.89 1.53 -40.01
CA VAL C 344 26.23 0.63 -41.10
C VAL C 344 25.84 -0.78 -40.70
N ALA C 345 25.31 -1.55 -41.66
CA ALA C 345 24.95 -2.94 -41.40
C ALA C 345 25.85 -3.86 -42.22
N PHE C 346 26.07 -5.05 -41.66
CA PHE C 346 26.99 -6.04 -42.20
C PHE C 346 26.22 -7.31 -42.49
N PHE C 347 26.30 -7.79 -43.73
CA PHE C 347 25.58 -8.98 -44.15
C PHE C 347 26.55 -10.01 -44.69
N LYS C 348 26.21 -11.28 -44.50
CA LYS C 348 27.05 -12.38 -44.98
C LYS C 348 26.18 -13.41 -45.68
N CYS C 349 26.76 -14.04 -46.71
CA CYS C 349 26.08 -15.06 -47.49
C CYS C 349 26.31 -16.43 -46.85
N ASN C 350 25.23 -17.07 -46.46
CA ASN C 350 25.27 -18.39 -45.85
C ASN C 350 25.23 -19.50 -46.89
N VAL C 351 25.53 -19.18 -48.16
CA VAL C 351 25.71 -20.20 -49.19
C VAL C 351 27.05 -20.06 -49.89
N CYS C 352 27.60 -18.84 -49.94
CA CYS C 352 28.87 -18.61 -50.61
C CYS C 352 29.88 -17.81 -49.78
N ASP C 353 29.49 -17.31 -48.61
CA ASP C 353 30.37 -16.60 -47.69
C ASP C 353 30.83 -15.23 -48.21
N HIS C 354 30.06 -14.62 -49.11
CA HIS C 354 30.33 -13.26 -49.55
C HIS C 354 29.71 -12.28 -48.56
N THR C 355 30.34 -11.11 -48.41
CA THR C 355 29.88 -10.13 -47.45
C THR C 355 29.58 -8.78 -48.08
N MET C 356 28.61 -8.11 -47.48
CA MET C 356 28.17 -6.77 -47.93
C MET C 356 28.16 -5.79 -46.76
N ALA C 357 28.18 -4.51 -47.05
CA ALA C 357 27.99 -3.42 -46.10
C ALA C 357 26.96 -2.47 -46.68
N VAL C 358 25.91 -2.19 -45.92
CA VAL C 358 24.85 -1.29 -46.34
C VAL C 358 24.86 -0.08 -45.41
N GLU C 359 24.62 1.10 -45.99
CA GLU C 359 24.55 2.33 -45.22
C GLU C 359 23.10 2.66 -44.89
N ILE C 360 22.93 3.45 -43.83
CA ILE C 360 21.61 3.85 -43.37
C ILE C 360 21.14 5.12 -44.08
N ASP C 361 19.82 5.31 -44.11
CA ASP C 361 19.20 6.47 -44.76
C ASP C 361 17.94 6.78 -43.97
N ARG C 362 17.94 7.86 -43.21
CA ARG C 362 16.77 8.32 -42.46
C ARG C 362 16.23 7.23 -41.53
N GLY C 363 17.10 6.38 -41.01
CA GLY C 363 16.67 5.42 -40.02
C GLY C 363 16.17 4.10 -40.53
N VAL C 364 16.36 3.79 -41.81
CA VAL C 364 15.96 2.49 -42.34
C VAL C 364 17.18 1.82 -42.96
N ILE C 365 17.21 0.50 -42.88
CA ILE C 365 18.21 -0.33 -43.54
C ILE C 365 17.50 -1.10 -44.65
N GLN C 366 18.18 -1.25 -45.78
CA GLN C 366 17.67 -2.03 -46.90
C GLN C 366 18.38 -3.37 -46.91
N GLU C 367 17.61 -4.45 -46.97
CA GLU C 367 18.19 -5.77 -46.86
C GLU C 367 18.34 -6.36 -48.26
N PRO C 368 19.55 -6.72 -48.68
CA PRO C 368 19.71 -7.27 -50.03
C PRO C 368 18.87 -8.51 -50.21
N ALA C 369 17.97 -8.48 -51.20
CA ALA C 369 17.08 -9.62 -51.41
C ALA C 369 17.75 -10.77 -52.15
N ARG C 370 18.88 -10.54 -52.83
CA ARG C 370 19.57 -11.59 -53.60
C ARG C 370 21.08 -11.39 -53.49
N CYS C 371 21.88 -12.45 -53.51
CA CYS C 371 23.33 -12.31 -53.48
C CYS C 371 23.78 -11.48 -54.67
N GLU C 372 24.81 -10.66 -54.49
CA GLU C 372 25.24 -9.77 -55.57
C GLU C 372 26.34 -10.37 -56.42
N ARG C 373 26.75 -11.60 -56.16
CA ARG C 373 27.78 -12.24 -56.98
C ARG C 373 27.13 -12.93 -58.17
N ILE C 374 27.87 -12.97 -59.28
CA ILE C 374 27.34 -13.63 -60.47
C ILE C 374 27.36 -15.14 -60.26
N ASP C 375 28.49 -15.68 -59.80
CA ASP C 375 28.58 -17.12 -59.57
C ASP C 375 27.41 -17.60 -58.72
N CYS C 376 27.21 -16.96 -57.57
CA CYS C 376 26.17 -17.32 -56.62
C CYS C 376 25.16 -16.20 -56.56
N ASN C 377 23.90 -16.51 -56.86
CA ASN C 377 22.78 -15.53 -56.82
C ASN C 377 21.57 -16.21 -56.15
N GLU C 378 21.79 -16.92 -55.05
CA GLU C 378 20.70 -17.68 -54.36
C GLU C 378 19.77 -16.65 -53.67
N PRO C 379 18.42 -16.74 -53.79
CA PRO C 379 17.52 -15.77 -53.16
C PRO C 379 17.43 -15.91 -51.65
N ASN C 380 17.36 -14.76 -50.98
CA ASN C 380 17.14 -14.71 -49.53
C ASN C 380 18.15 -15.58 -48.81
N SER C 381 19.43 -15.37 -49.11
CA SER C 381 20.52 -16.13 -48.52
C SER C 381 21.40 -15.29 -47.60
N MET C 382 21.03 -14.02 -47.40
CA MET C 382 21.84 -13.08 -46.58
C MET C 382 21.45 -13.19 -45.10
N SER C 383 22.40 -12.95 -44.20
CA SER C 383 22.19 -12.98 -42.76
C SER C 383 22.95 -11.83 -42.13
N LEU C 384 22.29 -11.14 -41.20
CA LEU C 384 22.88 -10.01 -40.49
C LEU C 384 23.76 -10.50 -39.34
N ILE C 385 24.98 -9.96 -39.27
CA ILE C 385 25.94 -10.30 -38.23
C ILE C 385 26.10 -9.08 -37.34
N HIS C 386 25.49 -9.11 -36.16
CA HIS C 386 25.38 -7.91 -35.33
C HIS C 386 26.74 -7.40 -34.89
N ASN C 387 27.66 -8.30 -34.55
CA ASN C 387 28.91 -7.90 -33.93
C ASN C 387 29.94 -7.40 -34.94
N ARG C 388 29.65 -7.51 -36.23
CA ARG C 388 30.51 -7.00 -37.28
C ARG C 388 30.09 -5.63 -37.79
N CYS C 389 29.09 -5.01 -37.18
CA CYS C 389 28.54 -3.76 -37.69
C CYS C 389 29.27 -2.57 -37.07
N SER C 390 28.84 -1.37 -37.46
CA SER C 390 29.40 -0.12 -36.98
C SER C 390 28.36 0.61 -36.16
N PHE C 391 28.81 1.32 -35.13
CA PHE C 391 27.91 2.01 -34.22
C PHE C 391 28.49 3.34 -33.78
N ALA C 392 27.59 4.27 -33.48
CA ALA C 392 27.88 5.54 -32.86
C ALA C 392 27.30 5.53 -31.44
N ASP C 393 27.54 6.61 -30.71
CA ASP C 393 27.02 6.76 -29.36
C ASP C 393 25.78 7.66 -29.34
N LYS C 394 25.01 7.51 -28.27
CA LYS C 394 23.82 8.31 -28.04
C LYS C 394 23.62 8.41 -26.54
N GLN C 395 23.00 9.48 -26.09
CA GLN C 395 22.63 9.59 -24.67
C GLN C 395 21.38 10.46 -24.57
N VAL C 396 20.62 10.28 -23.52
CA VAL C 396 19.42 11.06 -23.24
C VAL C 396 19.54 11.65 -21.85
N ILE C 397 19.17 12.92 -21.73
CA ILE C 397 19.34 13.69 -20.50
C ILE C 397 18.03 14.40 -20.18
N LYS C 398 17.69 14.45 -18.89
CA LYS C 398 16.54 15.21 -18.43
C LYS C 398 16.98 16.62 -18.08
N LEU C 399 16.20 17.61 -18.52
CA LEU C 399 16.50 19.00 -18.23
C LEU C 399 15.28 19.64 -17.59
N GLN C 400 15.47 20.28 -16.44
CA GLN C 400 14.41 21.04 -15.81
C GLN C 400 14.67 22.51 -16.04
N GLU C 401 13.72 23.20 -16.67
CA GLU C 401 13.90 24.60 -17.01
C GLU C 401 13.82 25.47 -15.77
N THR C 402 14.65 26.49 -15.72
CA THR C 402 14.60 27.44 -14.63
C THR C 402 13.40 28.37 -14.82
N PRO C 403 12.89 28.98 -13.75
CA PRO C 403 11.79 29.93 -13.91
C PRO C 403 12.23 31.24 -14.57
N ASP C 404 12.84 31.16 -15.76
CA ASP C 404 13.13 32.38 -16.49
C ASP C 404 11.87 33.18 -16.73
N PHE C 405 10.74 32.50 -16.92
CA PHE C 405 9.43 33.11 -16.92
C PHE C 405 8.40 32.01 -16.85
N VAL C 406 7.38 32.20 -16.03
CA VAL C 406 6.30 31.24 -15.86
C VAL C 406 5.02 32.03 -15.58
N PRO C 407 3.97 31.88 -16.38
CA PRO C 407 2.72 32.58 -16.05
C PRO C 407 2.03 31.99 -14.83
N ASP C 408 0.90 32.61 -14.46
CA ASP C 408 0.22 32.31 -13.17
C ASP C 408 -0.31 30.88 -13.02
N GLY C 409 0.16 30.15 -12.01
CA GLY C 409 -0.42 28.89 -11.56
C GLY C 409 0.16 27.63 -12.18
N GLN C 410 1.22 27.73 -12.97
CA GLN C 410 1.80 26.55 -13.59
C GLN C 410 3.00 26.05 -12.78
N THR C 411 3.31 24.78 -12.98
CA THR C 411 4.34 24.08 -12.23
C THR C 411 5.61 23.97 -13.08
N PRO C 412 6.67 23.36 -12.57
CA PRO C 412 7.86 23.13 -13.40
C PRO C 412 7.63 22.12 -14.51
N HIS C 413 8.45 22.23 -15.56
CA HIS C 413 8.36 21.39 -16.74
C HIS C 413 9.71 20.74 -17.02
N SER C 414 9.72 19.42 -17.18
CA SER C 414 10.93 18.68 -17.51
C SER C 414 10.94 18.23 -18.97
N ILE C 415 12.11 18.38 -19.59
CA ILE C 415 12.31 18.08 -21.02
C ILE C 415 13.25 16.89 -21.17
N SER C 416 13.34 16.32 -22.34
CA SER C 416 14.34 15.33 -22.73
C SER C 416 15.21 15.87 -23.86
N LEU C 417 16.53 15.66 -23.72
CA LEU C 417 17.51 16.10 -24.70
C LEU C 417 18.33 14.90 -25.15
N CYS C 418 18.72 14.92 -26.43
CA CYS C 418 19.54 13.87 -27.02
C CYS C 418 20.90 14.43 -27.42
N VAL C 419 21.97 13.72 -27.06
CA VAL C 419 23.32 14.13 -27.40
C VAL C 419 24.00 12.95 -28.07
N TYR C 420 24.71 13.23 -29.18
CA TYR C 420 25.31 12.21 -30.01
C TYR C 420 26.82 12.37 -30.07
N ASP C 421 27.48 11.26 -30.39
CA ASP C 421 28.91 11.25 -30.71
C ASP C 421 29.79 11.77 -29.59
N GLU C 422 30.30 13.00 -29.71
CA GLU C 422 31.37 13.50 -28.83
C GLU C 422 30.84 14.28 -27.63
N LEU C 423 29.58 14.73 -27.63
CA LEU C 423 29.00 15.35 -26.44
C LEU C 423 28.27 14.34 -25.57
N VAL C 424 28.95 13.25 -25.23
CA VAL C 424 28.37 12.17 -24.44
C VAL C 424 29.09 12.11 -23.10
N ASP C 425 28.32 12.09 -22.02
CA ASP C 425 28.86 12.11 -20.67
C ASP C 425 29.68 13.39 -20.46
N SER C 426 29.07 14.53 -20.80
CA SER C 426 29.65 15.84 -20.56
C SER C 426 28.87 16.68 -19.58
N CYS C 427 27.63 16.31 -19.28
CA CYS C 427 26.81 16.99 -18.29
C CYS C 427 26.45 16.01 -17.19
N ARG C 428 26.69 16.40 -15.94
CA ARG C 428 26.37 15.56 -14.80
C ARG C 428 25.03 15.98 -14.22
N ALA C 429 24.66 15.34 -13.12
CA ALA C 429 23.39 15.61 -12.46
C ALA C 429 23.57 16.73 -11.45
N GLY C 430 22.88 17.85 -11.69
CA GLY C 430 22.98 19.03 -10.85
C GLY C 430 23.52 20.25 -11.56
N ASP C 431 24.24 20.07 -12.66
CA ASP C 431 24.82 21.21 -13.36
C ASP C 431 23.74 22.11 -13.94
N ARG C 432 24.03 23.40 -13.96
CA ARG C 432 23.19 24.39 -14.61
C ARG C 432 23.81 24.74 -15.95
N ILE C 433 23.05 24.57 -17.03
CA ILE C 433 23.60 24.68 -18.38
C ILE C 433 22.65 25.47 -19.27
N GLU C 434 23.20 25.98 -20.37
CA GLU C 434 22.43 26.56 -21.46
C GLU C 434 22.73 25.77 -22.72
N VAL C 435 21.71 25.17 -23.31
CA VAL C 435 21.86 24.33 -24.49
C VAL C 435 21.27 25.06 -25.69
N THR C 436 21.85 24.79 -26.85
CA THR C 436 21.32 25.24 -28.12
C THR C 436 21.20 24.02 -29.03
N GLY C 437 20.03 23.87 -29.64
CA GLY C 437 19.76 22.68 -30.43
C GLY C 437 18.48 22.83 -31.22
N THR C 438 18.12 21.74 -31.88
CA THR C 438 16.99 21.70 -32.80
C THR C 438 15.75 21.16 -32.12
N PHE C 439 14.59 21.71 -32.49
CA PHE C 439 13.30 21.24 -31.99
C PHE C 439 12.77 20.18 -32.94
N ARG C 440 12.41 19.01 -32.40
CA ARG C 440 12.05 17.87 -33.23
C ARG C 440 10.73 17.26 -32.78
N SER C 441 10.12 16.47 -33.66
CA SER C 441 8.89 15.73 -33.40
C SER C 441 9.01 14.33 -33.99
N ILE C 442 8.29 13.39 -33.40
CA ILE C 442 8.39 11.99 -33.83
C ILE C 442 7.10 11.25 -33.53
N PRO C 443 6.62 10.40 -34.43
CA PRO C 443 5.48 9.53 -34.09
C PRO C 443 5.95 8.31 -33.33
N ILE C 444 5.16 7.90 -32.34
CA ILE C 444 5.54 6.86 -31.41
C ILE C 444 4.70 5.62 -31.67
N ARG C 445 5.36 4.46 -31.74
CA ARG C 445 4.67 3.20 -31.95
C ARG C 445 3.86 2.81 -30.72
N ALA C 446 2.62 2.40 -30.92
CA ALA C 446 1.74 2.07 -29.81
C ALA C 446 2.02 0.70 -29.22
N ASN C 447 2.72 -0.17 -29.95
CA ASN C 447 2.99 -1.53 -29.47
C ASN C 447 4.30 -2.00 -30.07
N SER C 448 4.91 -2.98 -29.41
CA SER C 448 6.14 -3.59 -29.92
C SER C 448 5.89 -4.61 -31.01
N ARG C 449 4.62 -4.88 -31.34
CA ARG C 449 4.30 -5.86 -32.41
C ARG C 449 3.53 -5.15 -33.48
N GLN C 450 2.50 -4.40 -33.06
CA GLN C 450 1.65 -3.73 -34.02
C GLN C 450 2.31 -2.44 -34.52
N ARG C 451 1.99 -2.08 -35.76
CA ARG C 451 2.56 -0.91 -36.42
C ARG C 451 1.54 0.21 -36.58
N VAL C 452 0.58 0.31 -35.64
CA VAL C 452 -0.43 1.40 -35.65
C VAL C 452 0.17 2.57 -34.87
N LEU C 453 0.57 3.66 -35.54
CA LEU C 453 1.18 4.82 -34.92
C LEU C 453 0.14 5.69 -34.21
N LYS C 454 0.60 6.42 -33.20
CA LYS C 454 -0.25 7.29 -32.40
C LYS C 454 -0.27 8.69 -33.02
N SER C 455 -1.48 9.23 -33.21
CA SER C 455 -1.61 10.56 -33.83
C SER C 455 -0.83 11.62 -33.06
N LEU C 456 -0.92 11.62 -31.73
CA LEU C 456 -0.26 12.64 -30.94
C LEU C 456 1.25 12.40 -30.95
N TYR C 457 2.02 13.43 -31.27
CA TYR C 457 3.44 13.29 -31.49
C TYR C 457 4.23 13.68 -30.25
N LYS C 458 5.38 13.02 -30.08
CA LYS C 458 6.32 13.37 -29.04
C LYS C 458 7.23 14.50 -29.51
N THR C 459 7.92 15.12 -28.56
CA THR C 459 8.80 16.25 -28.85
C THR C 459 10.08 16.10 -28.06
N TYR C 460 11.18 16.58 -28.65
CA TYR C 460 12.48 16.54 -27.99
C TYR C 460 13.40 17.53 -28.70
N VAL C 461 14.63 17.63 -28.21
CA VAL C 461 15.61 18.58 -28.72
C VAL C 461 16.92 17.85 -29.01
N ASP C 462 17.48 18.08 -30.20
CA ASP C 462 18.78 17.55 -30.56
C ASP C 462 19.85 18.57 -30.19
N VAL C 463 20.82 18.16 -29.39
CA VAL C 463 21.81 19.07 -28.85
C VAL C 463 22.91 19.31 -29.87
N VAL C 464 23.23 20.59 -30.11
CA VAL C 464 24.36 20.94 -31.03
C VAL C 464 25.42 21.71 -30.23
N HIS C 465 25.03 22.41 -29.16
CA HIS C 465 26.01 23.08 -28.31
C HIS C 465 25.52 23.13 -26.86
N VAL C 466 26.47 23.03 -25.94
CA VAL C 466 26.20 23.11 -24.51
C VAL C 466 27.21 24.09 -23.88
N LYS C 467 26.70 25.01 -23.07
CA LYS C 467 27.52 25.99 -22.36
C LYS C 467 27.29 25.85 -20.87
N LYS C 468 28.37 25.79 -20.11
CA LYS C 468 28.34 25.52 -18.68
C LYS C 468 28.65 26.73 -17.83
N VAL C 469 29.79 27.38 -18.06
CA VAL C 469 30.22 28.49 -17.21
C VAL C 469 29.27 29.66 -17.34
N SER C 470 29.11 30.43 -16.27
CA SER C 470 28.28 31.62 -16.26
C SER C 470 29.00 32.73 -15.52
N ASP C 471 28.77 33.97 -15.95
CA ASP C 471 29.43 35.11 -15.35
C ASP C 471 29.02 35.32 -13.90
N LYS C 472 27.72 35.18 -13.63
CA LYS C 472 27.17 35.49 -12.31
C LYS C 472 27.20 34.29 -11.37
N ARG C 473 28.36 33.66 -11.25
CA ARG C 473 28.54 32.54 -10.32
C ARG C 473 29.99 32.08 -10.41
N LEU C 474 30.41 31.33 -9.38
CA LEU C 474 31.79 30.83 -9.31
C LEU C 474 31.94 29.61 -10.23
N ASP C 475 33.18 29.21 -10.51
CA ASP C 475 33.49 28.03 -11.29
C ASP C 475 33.50 26.81 -10.39
N VAL C 476 33.15 25.66 -10.97
CA VAL C 476 33.03 24.45 -10.18
C VAL C 476 34.37 24.08 -9.58
N ASP C 477 34.33 23.55 -8.36
CA ASP C 477 35.54 23.09 -7.70
C ASP C 477 36.24 22.05 -8.56
N THR C 478 37.54 22.24 -8.76
CA THR C 478 38.30 21.40 -9.69
C THR C 478 38.87 20.17 -9.01
N SER C 479 38.67 20.00 -7.71
CA SER C 479 39.26 18.89 -6.98
C SER C 479 38.40 17.65 -7.07
N THR C 480 37.12 17.81 -7.39
CA THR C 480 36.16 16.72 -7.46
C THR C 480 35.98 16.19 -8.87
N ILE C 481 36.64 16.78 -9.86
CA ILE C 481 36.55 16.33 -11.24
C ILE C 481 37.95 16.07 -11.78
N GLU C 482 38.88 15.73 -10.88
CA GLU C 482 40.25 15.45 -11.31
C GLU C 482 40.30 14.29 -12.29
N GLN C 483 39.58 13.21 -11.98
CA GLN C 483 39.48 12.06 -12.88
C GLN C 483 38.60 12.35 -14.10
N GLU C 484 37.88 13.46 -14.10
CA GLU C 484 37.05 13.84 -15.25
C GLU C 484 37.70 14.87 -16.15
N VAL C 495 34.62 20.83 -24.17
CA VAL C 495 33.56 21.47 -23.41
C VAL C 495 34.20 22.33 -22.33
N GLU C 496 33.89 23.63 -22.34
CA GLU C 496 34.52 24.59 -21.44
C GLU C 496 34.03 24.33 -20.01
N GLU C 497 34.85 23.62 -19.24
CA GLU C 497 34.49 23.37 -17.84
C GLU C 497 34.68 24.61 -16.98
N VAL C 498 35.70 25.41 -17.27
CA VAL C 498 36.07 26.56 -16.46
C VAL C 498 36.29 27.78 -17.35
N ARG C 499 36.06 28.96 -16.78
CA ARG C 499 36.38 30.20 -17.49
C ARG C 499 37.89 30.39 -17.55
N GLN C 500 38.37 30.96 -18.65
CA GLN C 500 39.79 31.19 -18.87
C GLN C 500 40.10 32.67 -18.68
N ILE C 501 41.11 32.96 -17.89
CA ILE C 501 41.51 34.34 -17.60
C ILE C 501 42.64 34.75 -18.54
N THR C 502 42.56 35.97 -19.06
CA THR C 502 43.64 36.52 -19.87
C THR C 502 44.72 37.07 -18.94
N ASP C 503 45.78 37.63 -19.52
CA ASP C 503 46.79 38.28 -18.71
C ASP C 503 46.34 39.66 -18.23
N GLN C 504 45.35 40.26 -18.90
CA GLN C 504 44.83 41.54 -18.46
C GLN C 504 43.94 41.39 -17.25
N ASP C 505 43.21 40.27 -17.15
CA ASP C 505 42.37 40.06 -15.99
C ASP C 505 43.23 39.63 -14.80
N LEU C 506 44.24 38.81 -15.07
CA LEU C 506 45.17 38.41 -14.03
C LEU C 506 45.90 39.62 -13.46
N ALA C 507 46.18 40.62 -14.31
CA ALA C 507 46.81 41.84 -13.80
C ALA C 507 45.91 42.55 -12.80
N LYS C 508 44.62 42.66 -13.11
CA LYS C 508 43.69 43.29 -12.17
C LYS C 508 43.57 42.47 -10.89
N ILE C 509 43.56 41.15 -11.01
CA ILE C 509 43.49 40.30 -9.81
C ILE C 509 44.69 40.57 -8.91
N ARG C 510 45.89 40.59 -9.49
CA ARG C 510 47.08 40.83 -8.68
C ARG C 510 47.04 42.21 -8.05
N GLU C 511 46.59 43.21 -8.80
CA GLU C 511 46.50 44.56 -8.24
C GLU C 511 45.54 44.61 -7.06
N VAL C 512 44.37 44.00 -7.20
CA VAL C 512 43.40 43.99 -6.11
C VAL C 512 43.92 43.22 -4.90
N ALA C 513 44.80 42.23 -5.13
CA ALA C 513 45.31 41.42 -4.04
C ALA C 513 46.18 42.21 -3.06
N ALA C 514 46.58 43.44 -3.38
CA ALA C 514 47.51 44.20 -2.56
C ALA C 514 46.89 45.45 -1.93
N ARG C 515 45.57 45.60 -1.96
CA ARG C 515 44.94 46.75 -1.35
C ARG C 515 44.97 46.66 0.18
N GLU C 516 44.83 47.82 0.82
CA GLU C 516 44.87 47.89 2.27
C GLU C 516 43.53 47.54 2.93
N ASP C 517 42.44 47.53 2.18
CA ASP C 517 41.12 47.18 2.69
C ASP C 517 40.53 46.03 1.89
N LEU C 518 41.37 45.08 1.50
CA LEU C 518 40.90 43.94 0.73
C LEU C 518 39.88 43.13 1.51
N TYR C 519 40.20 42.79 2.76
CA TYR C 519 39.34 41.91 3.54
C TYR C 519 38.03 42.61 3.90
N SER C 520 38.02 43.94 3.95
CA SER C 520 36.76 44.65 4.15
C SER C 520 36.00 44.80 2.84
N LEU C 521 36.69 45.13 1.76
CA LEU C 521 36.03 45.32 0.48
C LEU C 521 35.36 44.05 0.00
N LEU C 522 36.05 42.91 0.11
CA LEU C 522 35.49 41.65 -0.37
C LEU C 522 34.24 41.29 0.43
N ALA C 523 34.27 41.48 1.74
CA ALA C 523 33.10 41.19 2.57
C ALA C 523 31.95 42.13 2.24
N ARG C 524 32.24 43.42 2.05
CA ARG C 524 31.19 44.39 1.79
C ARG C 524 30.59 44.23 0.41
N SER C 525 31.33 43.65 -0.54
CA SER C 525 30.80 43.49 -1.90
C SER C 525 29.78 42.37 -1.98
N ILE C 526 29.86 41.38 -1.10
CA ILE C 526 28.91 40.28 -1.10
C ILE C 526 27.59 40.78 -0.52
N ALA C 527 26.51 40.58 -1.26
CA ALA C 527 25.19 41.04 -0.82
C ALA C 527 25.24 42.52 -0.49
N PRO C 528 25.47 43.38 -1.48
CA PRO C 528 25.64 44.81 -1.20
C PRO C 528 24.40 45.48 -0.61
N SER C 529 23.23 44.89 -0.75
CA SER C 529 22.00 45.54 -0.31
C SER C 529 21.64 45.23 1.14
N ILE C 530 22.49 44.51 1.86
CA ILE C 530 22.28 44.24 3.29
C ILE C 530 23.08 45.26 4.09
N TYR C 531 22.60 45.57 5.28
CA TYR C 531 23.15 46.63 6.11
C TYR C 531 23.99 46.03 7.24
N GLU C 532 25.26 46.42 7.30
CA GLU C 532 26.17 46.04 8.38
C GLU C 532 26.28 44.51 8.40
N LEU C 533 26.19 43.85 9.55
CA LEU C 533 26.43 42.42 9.65
C LEU C 533 27.79 42.06 9.06
N GLU C 534 28.80 42.85 9.44
CA GLU C 534 30.12 42.69 8.84
C GLU C 534 30.73 41.33 9.16
N ASP C 535 30.56 40.85 10.39
CA ASP C 535 31.16 39.59 10.79
C ASP C 535 30.46 38.39 10.13
N VAL C 536 29.13 38.44 10.01
CA VAL C 536 28.43 37.40 9.27
C VAL C 536 28.93 37.35 7.84
N LYS C 537 29.09 38.51 7.20
CA LYS C 537 29.59 38.57 5.83
C LYS C 537 31.01 38.01 5.74
N LYS C 538 31.86 38.33 6.72
CA LYS C 538 33.23 37.82 6.71
C LYS C 538 33.25 36.30 6.81
N GLY C 539 32.43 35.75 7.70
CA GLY C 539 32.37 34.30 7.82
C GLY C 539 31.87 33.62 6.55
N ILE C 540 30.83 34.17 5.93
CA ILE C 540 30.32 33.58 4.70
C ILE C 540 31.35 33.67 3.57
N LEU C 541 32.07 34.78 3.52
CA LEU C 541 33.12 34.91 2.52
C LEU C 541 34.20 33.86 2.73
N LEU C 542 34.64 33.69 3.98
CA LEU C 542 35.62 32.64 4.22
C LEU C 542 35.02 31.26 3.93
N GLN C 543 33.70 31.12 4.01
CA GLN C 543 33.08 29.85 3.65
C GLN C 543 33.33 29.52 2.20
N LEU C 544 33.17 30.52 1.32
CA LEU C 544 33.26 30.22 -0.11
C LEU C 544 34.64 29.71 -0.49
N PHE C 545 35.70 30.33 0.03
CA PHE C 545 37.06 29.91 -0.33
C PHE C 545 37.35 28.49 0.13
N GLY C 546 37.08 28.19 1.40
CA GLY C 546 37.32 26.88 1.95
C GLY C 546 38.79 26.62 2.27
N GLY C 547 39.02 25.57 3.06
CA GLY C 547 40.37 25.18 3.42
C GLY C 547 41.03 24.27 2.40
N THR C 548 42.35 24.17 2.51
CA THR C 548 43.11 23.31 1.59
C THR C 548 42.74 21.85 1.78
N ASN C 549 42.65 21.12 0.67
CA ASN C 549 42.30 19.71 0.69
C ASN C 549 43.55 18.84 0.74
N LYS C 550 43.56 17.89 1.66
CA LYS C 550 44.70 16.99 1.85
C LYS C 550 44.35 15.59 1.38
N THR C 551 45.36 14.85 0.93
CA THR C 551 45.20 13.50 0.42
C THR C 551 46.22 12.60 1.10
N PHE C 552 45.74 11.69 1.94
CA PHE C 552 46.60 10.76 2.66
C PHE C 552 46.62 9.41 1.95
N THR C 553 47.74 8.69 2.11
CA THR C 553 47.89 7.36 1.55
C THR C 553 48.29 6.33 2.61
N LYS C 554 48.32 6.71 3.88
CA LYS C 554 48.63 5.78 4.97
C LYS C 554 47.54 5.81 6.03
N GLY C 555 46.94 6.98 6.25
CA GLY C 555 45.88 7.13 7.22
C GLY C 555 44.51 7.10 6.58
N GLY C 556 43.77 8.21 6.72
CA GLY C 556 42.45 8.32 6.12
C GLY C 556 42.39 9.42 5.08
N ARG C 557 41.58 10.45 5.34
CA ARG C 557 41.47 11.60 4.44
C ARG C 557 40.66 12.68 5.12
N TYR C 558 41.06 13.93 4.92
CA TYR C 558 40.36 15.08 5.47
C TYR C 558 40.19 16.14 4.39
N ARG C 559 39.09 16.88 4.48
CA ARG C 559 38.77 17.93 3.54
C ARG C 559 38.29 19.17 4.27
N GLY C 560 38.55 20.33 3.68
CA GLY C 560 38.12 21.58 4.25
C GLY C 560 36.84 22.13 3.66
N ASP C 561 35.72 21.91 4.35
CA ASP C 561 34.45 22.54 4.03
C ASP C 561 33.90 23.12 5.31
N ILE C 562 33.39 24.35 5.23
CA ILE C 562 33.02 25.12 6.40
C ILE C 562 31.50 25.17 6.49
N ASN C 563 30.96 24.62 7.58
CA ASN C 563 29.53 24.64 7.87
C ASN C 563 29.23 25.78 8.83
N ILE C 564 28.12 26.47 8.58
CA ILE C 564 27.75 27.67 9.33
C ILE C 564 26.30 27.57 9.75
N LEU C 565 26.01 27.93 11.01
CA LEU C 565 24.67 27.99 11.54
C LEU C 565 24.36 29.42 11.97
N LEU C 566 23.15 29.87 11.65
CA LEU C 566 22.71 31.23 11.91
C LEU C 566 21.46 31.16 12.77
N CYS C 567 21.57 31.54 14.04
CA CYS C 567 20.44 31.58 14.95
C CYS C 567 20.22 33.01 15.43
N GLY C 568 18.98 33.46 15.43
CA GLY C 568 18.71 34.83 15.83
C GLY C 568 17.23 35.14 15.79
N ASP C 569 16.91 36.36 16.18
CA ASP C 569 15.54 36.81 16.22
C ASP C 569 14.97 36.92 14.82
N PRO C 570 13.64 36.92 14.69
CA PRO C 570 13.04 37.09 13.37
C PRO C 570 13.35 38.47 12.79
N SER C 571 13.36 38.54 11.47
CA SER C 571 13.54 39.80 10.74
C SER C 571 14.96 40.34 10.91
N THR C 572 15.95 39.49 10.71
CA THR C 572 17.36 39.88 10.75
C THR C 572 18.07 39.53 9.45
N SER C 573 17.32 39.46 8.34
CA SER C 573 17.91 39.18 7.02
C SER C 573 18.64 37.85 6.97
N LYS C 574 18.09 36.84 7.65
CA LYS C 574 18.66 35.51 7.54
C LYS C 574 18.29 34.83 6.23
N SER C 575 17.10 35.11 5.70
CA SER C 575 16.68 34.50 4.43
C SER C 575 17.37 35.15 3.24
N GLN C 576 17.54 36.48 3.27
CA GLN C 576 18.15 37.18 2.15
C GLN C 576 19.59 36.73 1.95
N ILE C 577 20.31 36.51 3.04
CA ILE C 577 21.70 36.08 2.94
C ILE C 577 21.80 34.70 2.29
N LEU C 578 20.93 33.78 2.70
CA LEU C 578 20.94 32.46 2.09
C LEU C 578 20.54 32.51 0.62
N GLN C 579 19.65 33.42 0.24
CA GLN C 579 19.32 33.58 -1.18
C GLN C 579 20.49 34.15 -1.97
N TYR C 580 21.26 35.05 -1.37
CA TYR C 580 22.46 35.53 -2.05
C TYR C 580 23.45 34.41 -2.25
N VAL C 581 23.74 33.66 -1.18
CA VAL C 581 24.73 32.59 -1.32
C VAL C 581 24.24 31.57 -2.33
N HIS C 582 22.93 31.36 -2.42
CA HIS C 582 22.40 30.43 -3.41
C HIS C 582 22.66 30.87 -4.83
N LYS C 583 22.48 32.16 -5.12
CA LYS C 583 22.63 32.63 -6.50
C LYS C 583 24.06 32.88 -6.93
N ILE C 584 25.02 32.96 -6.00
CA ILE C 584 26.47 33.13 -6.34
C ILE C 584 27.19 31.82 -6.04
N THR C 585 26.62 30.68 -6.46
CA THR C 585 27.29 29.40 -6.28
C THR C 585 27.15 28.57 -7.54
N PRO C 586 28.17 27.74 -7.93
CA PRO C 586 28.06 26.86 -9.10
C PRO C 586 26.98 25.78 -8.89
N ARG C 587 27.03 25.00 -7.80
CA ARG C 587 26.08 23.94 -7.53
C ARG C 587 25.54 24.09 -6.11
N GLY C 588 24.25 23.84 -5.95
CA GLY C 588 23.62 23.97 -4.65
C GLY C 588 22.11 24.08 -4.77
N VAL C 589 21.38 23.54 -3.80
CA VAL C 589 19.93 23.56 -3.79
C VAL C 589 19.46 24.24 -2.51
N TYR C 590 18.55 25.20 -2.64
CA TYR C 590 18.01 25.94 -1.51
C TYR C 590 16.69 25.29 -1.12
N THR C 591 16.75 24.41 -0.13
CA THR C 591 15.58 23.68 0.35
C THR C 591 15.28 24.07 1.79
N SER C 592 14.03 24.39 2.08
CA SER C 592 13.61 24.67 3.44
C SER C 592 13.60 23.36 4.24
N GLY C 593 13.26 23.46 5.51
CA GLY C 593 13.30 22.30 6.39
C GLY C 593 12.00 21.51 6.37
N LYS C 594 10.89 22.19 6.17
CA LYS C 594 9.56 21.53 6.23
C LYS C 594 9.40 20.52 5.11
N GLY C 595 9.69 20.92 3.85
CA GLY C 595 9.48 20.05 2.71
C GLY C 595 10.70 19.24 2.36
N SER C 596 11.05 18.29 3.22
CA SER C 596 12.19 17.42 3.00
C SER C 596 11.96 16.11 3.70
N SER C 597 12.70 15.09 3.27
CA SER C 597 12.61 13.77 3.85
C SER C 597 14.01 13.17 3.89
N ALA C 598 14.23 12.10 4.60
CA ALA C 598 15.59 11.57 4.69
C ALA C 598 16.06 11.06 3.35
N VAL C 599 15.15 10.61 2.53
CA VAL C 599 15.47 10.00 1.23
C VAL C 599 15.54 11.10 0.20
N GLY C 600 14.76 12.12 0.38
CA GLY C 600 14.71 13.16 -0.64
C GLY C 600 15.91 14.01 -0.63
N LEU C 601 16.71 13.88 0.40
CA LEU C 601 17.97 14.61 0.41
C LEU C 601 19.15 13.73 0.02
N THR C 602 19.11 12.43 0.36
CA THR C 602 20.27 11.51 0.13
C THR C 602 20.15 10.82 -1.24
N ALA C 603 19.17 9.92 -1.42
CA ALA C 603 19.04 9.16 -2.69
C ALA C 603 17.76 8.32 -2.72
N TYR C 604 17.21 8.10 -3.91
CA TYR C 604 16.00 7.23 -4.03
C TYR C 604 16.09 6.13 -5.09
N ILE C 605 15.13 5.20 -5.09
CA ILE C 605 15.07 4.14 -6.14
C ILE C 605 13.78 4.41 -6.92
N THR C 606 13.84 4.55 -8.24
CA THR C 606 12.62 4.93 -8.99
C THR C 606 12.46 4.21 -10.33
N ARG C 607 11.39 4.51 -11.08
CA ARG C 607 11.10 3.90 -12.40
C ARG C 607 10.69 4.93 -13.45
N ASP C 608 11.42 4.99 -14.58
CA ASP C 608 11.21 5.94 -15.70
C ASP C 608 9.93 5.66 -16.43
N VAL C 609 9.39 6.64 -17.12
CA VAL C 609 8.05 6.42 -17.70
C VAL C 609 8.20 6.16 -19.20
N ASP C 610 9.43 6.23 -19.70
CA ASP C 610 9.66 5.98 -21.13
C ASP C 610 10.54 4.75 -21.25
N THR C 611 10.59 3.92 -20.23
CA THR C 611 11.34 2.66 -20.34
C THR C 611 10.55 1.67 -19.51
N LYS C 612 10.31 1.96 -18.22
CA LYS C 612 9.64 1.10 -17.22
C LYS C 612 10.73 0.15 -16.72
N GLN C 613 11.82 0.67 -16.15
CA GLN C 613 12.93 -0.15 -15.59
C GLN C 613 13.47 0.57 -14.32
N LEU C 614 14.39 -0.01 -13.55
CA LEU C 614 14.81 0.56 -12.23
C LEU C 614 16.08 1.39 -12.33
N VAL C 615 16.36 2.17 -11.28
CA VAL C 615 17.47 3.17 -11.33
C VAL C 615 17.58 3.86 -9.99
N LEU C 616 18.78 4.09 -9.51
CA LEU C 616 18.98 4.94 -8.32
C LEU C 616 19.21 6.41 -8.74
N GLU C 617 18.44 7.34 -8.17
CA GLU C 617 18.58 8.79 -8.47
C GLU C 617 19.36 9.50 -7.36
N SER C 618 19.58 10.81 -7.53
CA SER C 618 20.36 11.63 -6.62
C SER C 618 19.46 12.64 -5.92
N GLY C 619 19.75 12.88 -4.65
CA GLY C 619 18.95 13.77 -3.82
C GLY C 619 19.58 15.16 -3.70
N ALA C 620 18.99 15.95 -2.81
CA ALA C 620 19.36 17.36 -2.70
C ALA C 620 20.82 17.52 -2.29
N LEU C 621 21.30 16.70 -1.36
CA LEU C 621 22.67 16.84 -0.88
C LEU C 621 23.71 16.29 -1.85
N VAL C 622 23.29 15.60 -2.91
CA VAL C 622 24.22 15.06 -3.89
C VAL C 622 24.24 15.98 -5.09
N LEU C 623 23.12 16.66 -5.37
CA LEU C 623 23.09 17.66 -6.42
C LEU C 623 23.93 18.88 -6.10
N SER C 624 24.36 19.03 -4.85
CA SER C 624 25.09 20.21 -4.40
C SER C 624 26.55 19.91 -4.13
N ASP C 625 27.06 18.78 -4.60
CA ASP C 625 28.46 18.45 -4.37
C ASP C 625 29.36 19.50 -5.01
N GLY C 626 30.45 19.83 -4.30
CA GLY C 626 31.32 20.88 -4.76
C GLY C 626 30.78 22.28 -4.56
N GLY C 627 29.70 22.43 -3.82
CA GLY C 627 29.09 23.73 -3.60
C GLY C 627 28.59 23.91 -2.18
N VAL C 628 27.50 24.67 -2.03
CA VAL C 628 26.91 25.02 -0.70
C VAL C 628 25.44 24.59 -0.68
N CYS C 629 24.99 23.84 0.32
CA CYS C 629 23.59 23.49 0.51
C CYS C 629 22.98 24.39 1.59
N CYS C 630 21.90 25.07 1.25
CA CYS C 630 21.26 26.03 2.12
C CYS C 630 19.99 25.42 2.71
N ILE C 631 19.83 25.54 4.03
CA ILE C 631 18.72 24.92 4.74
C ILE C 631 18.09 25.95 5.68
N ASP C 632 16.87 26.38 5.36
CA ASP C 632 16.08 27.20 6.26
C ASP C 632 15.31 26.32 7.24
N GLU C 633 14.67 26.94 8.24
CA GLU C 633 13.88 26.21 9.28
C GLU C 633 14.64 24.96 9.71
N PHE C 634 15.92 25.10 10.10
CA PHE C 634 16.66 23.96 10.63
C PHE C 634 16.13 23.48 11.96
N ASP C 635 15.29 24.27 12.64
CA ASP C 635 14.71 23.85 13.90
C ASP C 635 13.35 23.17 13.71
N LYS C 636 12.56 23.63 12.76
CA LYS C 636 11.28 22.99 12.43
C LYS C 636 11.49 21.84 11.44
N MET C 637 12.40 20.93 11.77
CA MET C 637 12.70 19.78 10.93
C MET C 637 12.78 18.55 11.81
N SER C 638 12.38 17.41 11.26
CA SER C 638 12.21 16.20 12.05
C SER C 638 13.53 15.69 12.60
N ASP C 639 13.43 14.96 13.72
CA ASP C 639 14.61 14.43 14.38
C ASP C 639 15.24 13.27 13.61
N SER C 640 14.45 12.53 12.84
CA SER C 640 14.99 11.48 11.99
C SER C 640 15.38 11.99 10.62
N THR C 641 14.62 12.94 10.05
CA THR C 641 15.04 13.59 8.82
C THR C 641 16.35 14.34 9.00
N ARG C 642 16.72 14.66 10.24
CA ARG C 642 17.92 15.42 10.52
C ARG C 642 19.14 14.55 10.81
N SER C 643 18.94 13.27 11.11
CA SER C 643 20.07 12.42 11.46
C SER C 643 20.90 11.98 10.27
N VAL C 644 20.33 12.01 9.07
CA VAL C 644 21.10 11.65 7.89
C VAL C 644 22.27 12.59 7.69
N LEU C 645 22.19 13.81 8.24
CA LEU C 645 23.27 14.76 8.13
C LEU C 645 24.48 14.38 8.97
N HIS C 646 24.32 13.48 9.93
CA HIS C 646 25.42 13.17 10.83
C HIS C 646 26.61 12.64 10.04
N GLU C 647 26.35 11.76 9.07
CA GLU C 647 27.42 11.20 8.26
C GLU C 647 27.91 12.20 7.22
N VAL C 648 27.04 13.08 6.75
CA VAL C 648 27.41 13.99 5.66
C VAL C 648 28.18 15.22 6.12
N MET C 649 28.30 15.44 7.43
CA MET C 649 28.89 16.66 7.94
C MET C 649 30.24 16.46 8.60
N GLU C 650 30.69 15.22 8.78
CA GLU C 650 32.04 14.97 9.27
C GLU C 650 32.77 13.97 8.39
N GLN C 651 32.05 13.00 7.79
CA GLN C 651 32.63 11.95 6.91
C GLN C 651 32.50 12.37 5.44
N GLN C 652 31.60 13.31 5.09
CA GLN C 652 31.41 13.70 3.70
C GLN C 652 31.19 12.48 2.82
N THR C 653 30.30 11.60 3.29
CA THR C 653 29.99 10.36 2.58
C THR C 653 28.58 9.93 2.95
N ILE C 654 27.98 9.08 2.11
CA ILE C 654 26.57 8.62 2.28
C ILE C 654 26.53 7.11 2.01
N SER C 655 26.56 6.26 3.03
CA SER C 655 26.52 4.82 2.84
C SER C 655 25.06 4.37 2.79
N ILE C 656 24.69 3.65 1.72
CA ILE C 656 23.32 3.17 1.53
C ILE C 656 23.37 1.66 1.41
N ALA C 657 22.49 0.97 2.12
CA ALA C 657 22.32 -0.48 2.00
C ALA C 657 20.83 -0.78 2.03
N LYS C 658 20.22 -0.78 0.86
CA LYS C 658 18.79 -1.09 0.71
C LYS C 658 18.63 -2.22 -0.29
N ALA C 659 17.39 -2.62 -0.52
CA ALA C 659 17.10 -3.77 -1.36
C ALA C 659 17.71 -3.60 -2.74
N GLY C 660 18.71 -4.41 -3.06
CA GLY C 660 19.33 -4.38 -4.36
C GLY C 660 20.45 -3.38 -4.54
N ILE C 661 20.74 -2.57 -3.52
CA ILE C 661 21.80 -1.57 -3.61
C ILE C 661 22.61 -1.59 -2.33
N ILE C 662 23.94 -1.66 -2.45
CA ILE C 662 24.86 -1.53 -1.33
C ILE C 662 26.04 -0.74 -1.84
N THR C 663 26.16 0.52 -1.42
CA THR C 663 27.20 1.39 -1.96
C THR C 663 27.50 2.50 -0.97
N THR C 664 28.58 3.21 -1.25
CA THR C 664 28.97 4.42 -0.53
C THR C 664 29.22 5.52 -1.55
N LEU C 665 28.69 6.71 -1.30
CA LEU C 665 28.68 7.79 -2.28
C LEU C 665 29.30 9.04 -1.68
N ASN C 666 30.22 9.66 -2.41
CA ASN C 666 30.82 10.90 -1.94
C ASN C 666 29.85 12.05 -2.11
N ALA C 667 29.63 12.81 -1.04
CA ALA C 667 28.81 14.01 -1.02
C ALA C 667 29.67 15.04 -0.30
N ARG C 668 30.56 15.72 -1.04
CA ARG C 668 31.58 16.62 -0.45
C ARG C 668 31.13 18.08 -0.61
N SER C 669 30.32 18.61 0.31
CA SER C 669 29.75 19.95 0.25
C SER C 669 29.70 20.53 1.66
N SER C 670 29.32 21.79 1.73
CA SER C 670 29.23 22.54 2.98
C SER C 670 27.78 22.94 3.21
N ILE C 671 27.47 23.26 4.46
CA ILE C 671 26.11 23.49 4.91
C ILE C 671 25.99 24.92 5.42
N LEU C 672 24.95 25.62 4.96
CA LEU C 672 24.59 26.93 5.49
C LEU C 672 23.16 26.83 6.01
N ALA C 673 23.01 26.90 7.33
CA ALA C 673 21.73 26.64 7.97
C ALA C 673 21.23 27.87 8.71
N SER C 674 19.91 28.06 8.69
CA SER C 674 19.25 29.14 9.43
C SER C 674 18.19 28.55 10.34
N ALA C 675 18.20 28.96 11.60
CA ALA C 675 17.30 28.41 12.60
C ALA C 675 16.79 29.51 13.52
N ASN C 676 15.60 29.32 14.06
CA ASN C 676 15.02 30.22 15.04
C ASN C 676 15.22 29.68 16.45
N PRO C 677 15.36 30.54 17.45
CA PRO C 677 15.39 30.05 18.84
C PRO C 677 14.04 29.49 19.25
N ILE C 678 14.07 28.60 20.24
CA ILE C 678 12.83 28.10 20.81
C ILE C 678 12.07 29.28 21.40
N GLY C 679 10.76 29.31 21.17
CA GLY C 679 9.99 30.48 21.54
C GLY C 679 10.19 31.65 20.61
N SER C 680 10.73 31.41 19.42
CA SER C 680 10.96 32.46 18.43
C SER C 680 11.96 33.49 18.92
N ARG C 681 11.53 34.36 19.84
CA ARG C 681 12.41 35.42 20.33
C ARG C 681 13.50 34.82 21.22
N TYR C 682 14.61 35.56 21.32
CA TYR C 682 15.73 35.17 22.19
C TYR C 682 15.66 36.00 23.46
N ASN C 683 15.47 35.32 24.60
CA ASN C 683 15.42 36.00 25.89
C ASN C 683 16.70 35.68 26.65
N PRO C 684 17.48 36.68 27.10
CA PRO C 684 18.68 36.42 27.90
C PRO C 684 18.35 36.14 29.37
N ASN C 685 17.34 35.29 29.59
CA ASN C 685 17.00 34.78 30.90
C ASN C 685 17.33 33.31 31.04
N LEU C 686 17.75 32.66 29.96
CA LEU C 686 18.15 31.26 29.94
C LEU C 686 19.55 31.15 29.38
N PRO C 687 20.24 30.04 29.62
CA PRO C 687 21.57 29.86 29.03
C PRO C 687 21.48 29.79 27.52
N VAL C 688 22.61 30.03 26.85
CA VAL C 688 22.61 30.06 25.40
C VAL C 688 22.22 28.69 24.84
N THR C 689 22.73 27.62 25.43
CA THR C 689 22.47 26.28 24.92
C THR C 689 21.02 25.86 25.05
N GLU C 690 20.22 26.59 25.84
CA GLU C 690 18.80 26.25 25.97
C GLU C 690 17.92 27.02 25.00
N ASN C 691 18.30 28.25 24.64
CA ASN C 691 17.57 28.95 23.59
C ASN C 691 17.63 28.19 22.28
N ILE C 692 18.81 27.68 21.93
CA ILE C 692 18.92 26.77 20.79
C ILE C 692 18.27 25.45 21.17
N ASP C 693 17.81 24.71 20.16
CA ASP C 693 17.06 23.48 20.36
C ASP C 693 17.71 22.33 19.62
N LEU C 694 19.02 22.18 19.79
CA LEU C 694 19.77 21.12 19.13
C LEU C 694 20.53 20.29 20.15
N PRO C 695 20.75 19.00 19.88
CA PRO C 695 21.52 18.17 20.81
C PRO C 695 23.01 18.37 20.62
N PRO C 696 23.83 17.83 21.52
CA PRO C 696 25.28 18.09 21.46
C PRO C 696 25.91 17.62 20.16
N PRO C 697 25.78 16.34 19.80
CA PRO C 697 26.58 15.82 18.68
C PRO C 697 26.33 16.52 17.36
N LEU C 698 25.15 17.09 17.16
CA LEU C 698 24.87 17.79 15.92
C LEU C 698 25.38 19.23 15.94
N LEU C 699 25.36 19.89 17.09
CA LEU C 699 25.80 21.27 17.19
C LEU C 699 27.32 21.41 17.25
N SER C 700 28.05 20.33 17.47
CA SER C 700 29.50 20.40 17.47
C SER C 700 30.07 20.48 16.06
N ARG C 701 29.40 19.83 15.08
CA ARG C 701 29.91 19.78 13.69
C ARG C 701 30.03 21.20 13.11
N PHE C 702 29.07 22.10 13.38
CA PHE C 702 29.11 23.43 12.81
C PHE C 702 30.38 24.15 13.25
N ASP C 703 31.08 24.76 12.28
CA ASP C 703 32.37 25.47 12.56
C ASP C 703 32.08 26.87 13.09
N LEU C 704 31.04 27.56 12.60
CA LEU C 704 30.65 28.87 13.09
C LEU C 704 29.18 28.83 13.49
N VAL C 705 28.89 29.30 14.70
CA VAL C 705 27.53 29.48 15.18
C VAL C 705 27.36 30.97 15.44
N TYR C 706 26.41 31.59 14.75
CA TYR C 706 26.20 33.03 14.83
C TYR C 706 24.94 33.32 15.61
N LEU C 707 25.04 34.23 16.57
CA LEU C 707 23.90 34.76 17.29
C LEU C 707 23.58 36.14 16.72
N VAL C 708 22.37 36.31 16.22
CA VAL C 708 21.94 37.57 15.64
C VAL C 708 20.85 38.15 16.55
N LEU C 709 21.24 39.01 17.47
CA LEU C 709 20.31 39.55 18.47
C LEU C 709 19.81 40.92 18.04
N ASP C 710 18.51 41.12 18.24
CA ASP C 710 17.89 42.43 18.04
C ASP C 710 18.05 43.27 19.29
N LYS C 711 18.22 44.58 19.10
CA LYS C 711 18.43 45.49 20.22
C LYS C 711 17.86 46.84 19.83
N VAL C 712 16.94 47.36 20.62
CA VAL C 712 16.31 48.64 20.31
C VAL C 712 17.32 49.75 20.60
N ASP C 713 17.60 50.57 19.58
CA ASP C 713 18.58 51.65 19.70
C ASP C 713 18.27 52.71 18.66
N GLU C 714 17.99 53.94 19.12
CA GLU C 714 17.54 54.98 18.20
C GLU C 714 18.55 55.24 17.08
N LYS C 715 19.84 55.11 17.37
CA LYS C 715 20.86 55.43 16.37
C LYS C 715 20.82 54.44 15.21
N ASN C 716 21.05 53.16 15.50
CA ASN C 716 20.97 52.14 14.47
C ASN C 716 19.57 52.03 13.88
N ASP C 717 18.53 52.28 14.68
CA ASP C 717 17.17 52.29 14.15
C ASP C 717 17.00 53.33 13.06
N ARG C 718 17.50 54.55 13.27
CA ARG C 718 17.44 55.58 12.25
C ARG C 718 18.32 55.22 11.06
N GLU C 719 19.52 54.71 11.30
CA GLU C 719 20.42 54.44 10.18
C GLU C 719 19.83 53.36 9.27
N LEU C 720 19.37 52.25 9.85
CA LEU C 720 18.77 51.19 9.05
C LEU C 720 17.47 51.63 8.39
N ALA C 721 16.67 52.45 9.07
CA ALA C 721 15.45 52.94 8.45
C ALA C 721 15.75 53.79 7.21
N LYS C 722 16.75 54.65 7.29
CA LYS C 722 17.14 55.42 6.11
C LYS C 722 17.70 54.52 5.02
N HIS C 723 18.44 53.49 5.40
CA HIS C 723 18.95 52.55 4.41
C HIS C 723 17.81 51.90 3.66
N LEU C 724 16.85 51.32 4.39
CA LEU C 724 15.79 50.59 3.71
C LEU C 724 14.96 51.54 2.86
N THR C 725 14.72 52.75 3.36
CA THR C 725 13.82 53.66 2.66
C THR C 725 14.47 54.30 1.44
N ASN C 726 15.80 54.23 1.31
CA ASN C 726 16.43 54.81 0.13
C ASN C 726 16.14 54.04 -1.15
N LEU C 727 15.57 52.83 -1.04
CA LEU C 727 15.27 52.01 -2.21
C LEU C 727 13.93 52.34 -2.86
N TYR C 728 13.10 53.17 -2.25
CA TYR C 728 11.79 53.50 -2.78
C TYR C 728 11.72 54.90 -3.37
N LEU C 729 12.86 55.59 -3.50
CA LEU C 729 12.90 56.86 -4.21
C LEU C 729 12.88 56.67 -5.72
N GLU C 730 13.34 55.52 -6.21
CA GLU C 730 13.28 55.20 -7.63
C GLU C 730 12.83 53.77 -7.81
N ASP C 731 12.21 53.48 -8.95
CA ASP C 731 11.68 52.15 -9.22
C ASP C 731 12.77 51.14 -9.53
N LYS C 732 13.96 51.59 -9.91
CA LYS C 732 15.04 50.68 -10.28
C LYS C 732 16.37 51.34 -9.91
N PRO C 733 16.87 51.07 -8.70
CA PRO C 733 18.17 51.67 -8.31
C PRO C 733 19.32 51.15 -9.17
N ASP C 740 31.97 51.66 -2.53
CA ASP C 740 32.99 50.82 -3.15
C ASP C 740 32.55 49.36 -3.11
N VAL C 741 32.12 48.84 -4.25
CA VAL C 741 31.65 47.47 -4.34
C VAL C 741 32.09 46.91 -5.69
N LEU C 742 32.96 45.91 -5.68
CA LEU C 742 33.38 45.28 -6.91
C LEU C 742 32.20 44.54 -7.55
N PRO C 743 32.03 44.65 -8.87
CA PRO C 743 30.91 43.96 -9.51
C PRO C 743 30.97 42.46 -9.28
N VAL C 744 29.89 41.78 -9.67
CA VAL C 744 29.74 40.37 -9.36
C VAL C 744 30.72 39.52 -10.17
N GLU C 745 30.85 39.80 -11.46
CA GLU C 745 31.66 38.94 -12.32
C GLU C 745 33.12 38.93 -11.88
N PHE C 746 33.67 40.09 -11.53
CA PHE C 746 35.05 40.13 -11.09
C PHE C 746 35.23 39.40 -9.77
N LEU C 747 34.28 39.54 -8.84
CA LEU C 747 34.37 38.83 -7.57
C LEU C 747 34.38 37.33 -7.80
N THR C 748 33.49 36.84 -8.66
CA THR C 748 33.45 35.42 -8.96
C THR C 748 34.75 34.95 -9.60
N MET C 749 35.29 35.74 -10.53
CA MET C 749 36.57 35.39 -11.15
C MET C 749 37.68 35.30 -10.12
N TYR C 750 37.72 36.28 -9.22
CA TYR C 750 38.72 36.30 -8.16
C TYR C 750 38.63 35.04 -7.30
N ILE C 751 37.42 34.71 -6.85
CA ILE C 751 37.25 33.56 -5.97
C ILE C 751 37.61 32.28 -6.69
N SER C 752 37.23 32.16 -7.95
CA SER C 752 37.55 30.95 -8.71
C SER C 752 39.05 30.78 -8.86
N TYR C 753 39.75 31.85 -9.23
CA TYR C 753 41.20 31.77 -9.36
C TYR C 753 41.83 31.35 -8.04
N ALA C 754 41.42 32.00 -6.95
CA ALA C 754 42.00 31.69 -5.65
C ALA C 754 41.76 30.24 -5.25
N LYS C 755 40.54 29.74 -5.48
CA LYS C 755 40.24 28.36 -5.16
C LYS C 755 41.10 27.41 -5.94
N GLU C 756 41.27 27.68 -7.24
CA GLU C 756 41.94 26.72 -8.10
C GLU C 756 43.45 26.71 -7.92
N HIS C 757 44.07 27.85 -7.60
CA HIS C 757 45.52 27.96 -7.73
C HIS C 757 46.31 27.96 -6.43
N ILE C 758 45.77 28.49 -5.33
CA ILE C 758 46.54 28.66 -4.10
C ILE C 758 46.15 27.60 -3.09
N HIS C 759 47.14 26.88 -2.57
CA HIS C 759 46.96 25.86 -1.54
C HIS C 759 47.92 26.15 -0.39
N PRO C 760 47.49 26.93 0.60
CA PRO C 760 48.42 27.32 1.68
C PRO C 760 48.85 26.15 2.53
N ILE C 761 50.04 26.30 3.12
CA ILE C 761 50.65 25.29 3.97
C ILE C 761 50.85 25.87 5.36
N ILE C 762 50.87 24.98 6.36
CA ILE C 762 50.99 25.38 7.75
C ILE C 762 52.46 25.39 8.15
N THR C 763 52.89 26.48 8.78
CA THR C 763 54.25 26.63 9.26
C THR C 763 54.30 26.50 10.78
N GLU C 764 55.49 26.20 11.30
CA GLU C 764 55.71 25.98 12.77
C GLU C 764 55.27 27.22 13.56
N ALA C 765 55.39 28.43 13.01
CA ALA C 765 55.01 29.62 13.77
C ALA C 765 53.53 29.61 14.13
N ALA C 766 52.70 28.95 13.33
CA ALA C 766 51.27 28.89 13.56
C ALA C 766 50.84 27.68 14.39
N LYS C 767 51.63 26.62 14.40
CA LYS C 767 51.29 25.44 15.19
C LYS C 767 51.23 25.80 16.67
N THR C 768 52.23 26.57 17.14
CA THR C 768 52.37 26.98 18.56
C THR C 768 51.18 27.89 18.94
N GLU C 769 50.69 28.76 18.04
CA GLU C 769 49.53 29.60 18.33
C GLU C 769 48.25 28.78 18.36
N LEU C 770 48.08 27.86 17.41
CA LEU C 770 46.86 27.05 17.40
C LEU C 770 46.75 26.18 18.66
N VAL C 771 47.85 25.53 19.04
CA VAL C 771 47.81 24.67 20.22
C VAL C 771 47.50 25.51 21.46
N ARG C 772 48.17 26.65 21.61
CA ARG C 772 47.94 27.50 22.77
C ARG C 772 46.49 27.97 22.82
N ALA C 773 45.95 28.43 21.70
CA ALA C 773 44.59 28.95 21.70
C ALA C 773 43.57 27.86 22.00
N TYR C 774 43.82 26.64 21.53
CA TYR C 774 42.86 25.57 21.81
C TYR C 774 42.93 25.13 23.27
N VAL C 775 44.14 24.98 23.81
CA VAL C 775 44.24 24.65 25.22
C VAL C 775 43.65 25.77 26.06
N GLY C 776 43.72 27.00 25.56
CA GLY C 776 43.08 28.12 26.26
C GLY C 776 41.58 27.99 26.33
N MET C 777 40.94 27.62 25.20
CA MET C 777 39.46 27.42 25.14
C MET C 777 39.11 26.22 26.03
N ARG C 778 40.00 25.22 26.15
CA ARG C 778 39.74 23.99 26.95
C ARG C 778 39.97 24.28 28.44
N LYS C 779 40.76 25.29 28.81
CA LYS C 779 40.96 25.61 30.23
C LYS C 779 39.65 25.99 30.90
N MET C 780 38.71 26.56 30.17
CA MET C 780 37.44 26.96 30.76
C MET C 780 36.67 25.71 31.17
N ASP C 787 27.47 22.56 34.90
CA ASP C 787 28.09 22.32 33.60
C ASP C 787 27.06 22.34 32.48
N GLU C 788 27.52 22.18 31.25
CA GLU C 788 26.64 22.16 30.07
C GLU C 788 25.84 23.45 29.96
N LYS C 789 26.38 24.55 30.48
CA LYS C 789 25.71 25.84 30.38
C LYS C 789 25.93 26.52 29.05
N ARG C 790 26.84 26.00 28.23
CA ARG C 790 27.17 26.59 26.94
C ARG C 790 27.72 25.48 26.06
N ILE C 791 28.27 25.86 24.89
CA ILE C 791 28.82 24.89 23.90
C ILE C 791 30.25 24.56 24.35
N THR C 792 30.46 23.44 25.03
CA THR C 792 31.76 23.04 25.52
C THR C 792 32.69 22.75 24.34
N ALA C 793 33.95 23.15 24.49
CA ALA C 793 34.92 22.98 23.41
C ALA C 793 35.23 21.50 23.22
N THR C 794 35.17 21.06 21.97
CA THR C 794 35.50 19.70 21.56
C THR C 794 36.76 19.74 20.68
N THR C 795 37.13 18.56 20.17
CA THR C 795 38.29 18.49 19.28
C THR C 795 38.00 19.10 17.91
N ARG C 796 36.75 19.38 17.57
CA ARG C 796 36.41 19.92 16.26
C ARG C 796 36.50 21.44 16.20
N GLN C 797 36.68 22.11 17.34
CA GLN C 797 37.01 23.53 17.30
C GLN C 797 38.43 23.74 16.80
N LEU C 798 39.35 22.86 17.17
CA LEU C 798 40.72 22.99 16.67
C LEU C 798 40.77 22.85 15.15
N GLU C 799 40.06 21.85 14.62
CA GLU C 799 40.03 21.66 13.17
C GLU C 799 39.29 22.79 12.48
N SER C 800 38.24 23.31 13.11
CA SER C 800 37.57 24.49 12.56
C SER C 800 38.54 25.66 12.48
N MET C 801 39.35 25.86 13.51
CA MET C 801 40.35 26.92 13.49
C MET C 801 41.35 26.73 12.36
N ILE C 802 41.82 25.50 12.18
CA ILE C 802 42.79 25.25 11.10
C ILE C 802 42.17 25.59 9.76
N ARG C 803 40.94 25.14 9.52
CA ARG C 803 40.30 25.39 8.23
C ARG C 803 40.06 26.87 7.99
N LEU C 804 39.58 27.59 9.02
CA LEU C 804 39.33 29.02 8.84
C LEU C 804 40.60 29.79 8.60
N ALA C 805 41.68 29.45 9.31
CA ALA C 805 42.96 30.11 9.07
C ALA C 805 43.46 29.85 7.65
N GLU C 806 43.34 28.62 7.17
CA GLU C 806 43.75 28.32 5.80
C GLU C 806 42.93 29.11 4.79
N ALA C 807 41.62 29.23 5.01
CA ALA C 807 40.79 30.03 4.11
C ALA C 807 41.22 31.49 4.12
N HIS C 808 41.49 32.06 5.30
CA HIS C 808 41.92 33.44 5.36
C HIS C 808 43.23 33.63 4.61
N ALA C 809 44.17 32.69 4.75
CA ALA C 809 45.40 32.77 3.98
C ALA C 809 45.13 32.70 2.49
N LYS C 810 44.20 31.83 2.08
CA LYS C 810 43.88 31.69 0.67
C LYS C 810 43.32 32.98 0.09
N MET C 811 42.51 33.71 0.85
CA MET C 811 41.86 34.95 0.31
C MET C 811 42.97 35.89 -0.19
N LYS C 812 44.09 36.02 0.53
CA LYS C 812 45.15 36.96 0.20
C LYS C 812 46.17 36.40 -0.77
N LEU C 813 45.92 35.22 -1.32
CA LEU C 813 46.77 34.60 -2.34
C LEU C 813 48.15 34.25 -1.81
N LYS C 814 48.31 34.14 -0.49
CA LYS C 814 49.54 33.64 0.09
C LYS C 814 49.57 32.12 0.03
N ASN C 815 50.77 31.56 0.14
CA ASN C 815 50.94 30.10 0.13
C ASN C 815 51.51 29.60 1.46
N VAL C 816 51.43 30.39 2.52
CA VAL C 816 51.90 29.98 3.84
C VAL C 816 50.99 30.63 4.88
N VAL C 817 50.49 29.82 5.81
CA VAL C 817 49.64 30.30 6.89
C VAL C 817 50.53 30.78 8.04
N GLU C 818 50.28 31.98 8.54
CA GLU C 818 51.09 32.62 9.55
C GLU C 818 50.25 32.97 10.78
N LEU C 819 50.88 33.67 11.73
CA LEU C 819 50.24 33.94 13.02
C LEU C 819 49.01 34.83 12.85
N GLU C 820 49.08 35.80 11.94
CA GLU C 820 48.00 36.77 11.77
C GLU C 820 46.75 36.15 11.17
N ASP C 821 46.82 34.92 10.69
CA ASP C 821 45.65 34.21 10.20
C ASP C 821 45.01 33.35 11.29
N VAL C 822 45.84 32.69 12.10
CA VAL C 822 45.32 31.97 13.26
C VAL C 822 44.65 32.94 14.21
N GLN C 823 45.20 34.15 14.34
CA GLN C 823 44.56 35.14 15.19
C GLN C 823 43.20 35.54 14.65
N GLU C 824 43.09 35.73 13.33
CA GLU C 824 41.78 36.04 12.77
C GLU C 824 40.80 34.90 13.00
N ALA C 825 41.28 33.66 12.87
CA ALA C 825 40.42 32.51 13.11
C ALA C 825 39.82 32.55 14.50
N VAL C 826 40.68 32.72 15.52
CA VAL C 826 40.19 32.72 16.89
C VAL C 826 39.28 33.92 17.14
N ARG C 827 39.63 35.09 16.61
CA ARG C 827 38.80 36.26 16.82
C ARG C 827 37.41 36.06 16.24
N LEU C 828 37.34 35.52 15.03
CA LEU C 828 36.03 35.30 14.41
C LEU C 828 35.23 34.25 15.16
N ILE C 829 35.88 33.18 15.64
CA ILE C 829 35.16 32.17 16.40
C ILE C 829 34.56 32.80 17.65
N ARG C 830 35.35 33.57 18.39
CA ARG C 830 34.86 34.17 19.62
C ARG C 830 33.79 35.22 19.36
N SER C 831 33.94 36.00 18.29
CA SER C 831 32.95 37.04 17.99
C SER C 831 31.63 36.46 17.53
N ALA C 832 31.67 35.30 16.87
CA ALA C 832 30.44 34.71 16.35
C ALA C 832 29.42 34.49 17.47
N ILE C 833 29.80 33.71 18.49
CA ILE C 833 28.85 33.33 19.53
C ILE C 833 28.86 34.32 20.70
N LYS C 834 29.12 35.59 20.42
CA LYS C 834 29.00 36.66 21.41
C LYS C 834 29.67 36.29 22.73
N ASP C 835 30.96 35.94 22.65
CA ASP C 835 31.68 35.50 23.85
C ASP C 835 32.20 36.67 24.66
N TYR C 836 32.49 37.80 24.02
CA TYR C 836 33.00 38.96 24.72
C TYR C 836 31.98 39.58 25.67
N ALA C 837 30.72 39.18 25.58
CA ALA C 837 29.63 39.79 26.33
C ALA C 837 28.79 38.73 27.03
N THR C 838 29.44 37.73 27.60
CA THR C 838 28.77 36.65 28.30
C THR C 838 29.45 36.39 29.63
N ASP C 839 28.66 35.99 30.63
CA ASP C 839 29.19 35.71 31.95
C ASP C 839 29.69 34.28 32.02
N PRO C 840 30.97 34.04 32.30
CA PRO C 840 31.47 32.65 32.30
C PRO C 840 30.80 31.75 33.31
N LYS C 841 30.22 32.31 34.38
CA LYS C 841 29.66 31.48 35.44
C LYS C 841 28.23 31.06 35.15
N THR C 842 27.33 32.03 35.01
CA THR C 842 25.94 31.70 34.73
C THR C 842 25.72 31.36 33.25
N GLY C 843 26.60 31.81 32.37
CA GLY C 843 26.45 31.52 30.95
C GLY C 843 25.24 32.16 30.31
N LYS C 844 24.98 33.43 30.61
CA LYS C 844 23.86 34.15 30.02
C LYS C 844 24.35 35.48 29.47
N ILE C 845 23.70 35.94 28.40
CA ILE C 845 24.13 37.14 27.70
C ILE C 845 23.79 38.38 28.51
N ASP C 846 24.69 39.34 28.52
CA ASP C 846 24.46 40.66 29.10
C ASP C 846 24.12 41.61 27.96
N MET C 847 22.84 41.99 27.85
CA MET C 847 22.39 42.78 26.72
C MET C 847 23.09 44.13 26.65
N ASN C 848 23.67 44.59 27.76
CA ASN C 848 24.37 45.87 27.74
C ASN C 848 25.73 45.79 27.08
N LEU C 849 26.29 44.60 26.97
CA LEU C 849 27.63 44.43 26.41
C LEU C 849 27.63 44.06 24.93
N VAL C 850 26.46 44.02 24.29
CA VAL C 850 26.35 43.70 22.87
C VAL C 850 25.98 44.99 22.14
N GLN C 851 26.80 45.36 21.15
CA GLN C 851 26.60 46.57 20.38
C GLN C 851 26.84 46.27 18.91
N THR C 852 26.07 46.93 18.05
CA THR C 852 26.19 46.71 16.61
C THR C 852 27.59 47.06 16.11
N GLY C 853 28.12 48.20 16.53
CA GLY C 853 29.45 48.62 16.13
C GLY C 853 29.58 48.79 14.63
N THR D 25 -29.75 -53.29 -18.60
CA THR D 25 -31.16 -53.66 -18.53
C THR D 25 -31.48 -54.34 -17.22
N GLU D 26 -30.76 -55.42 -16.93
CA GLU D 26 -30.96 -56.12 -15.66
C GLU D 26 -30.66 -55.21 -14.48
N ILE D 27 -29.73 -54.27 -14.65
CA ILE D 27 -29.40 -53.33 -13.59
C ILE D 27 -30.63 -52.50 -13.23
N ILE D 28 -31.31 -52.00 -14.27
CA ILE D 28 -32.50 -51.12 -14.08
C ILE D 28 -33.61 -51.97 -13.45
N LYS D 29 -33.75 -53.24 -13.81
CA LYS D 29 -34.76 -54.12 -13.23
C LYS D 29 -34.49 -54.37 -11.75
N SER D 30 -33.24 -54.68 -11.41
CA SER D 30 -32.91 -54.93 -10.01
C SER D 30 -33.11 -53.68 -9.17
N PHE D 31 -32.73 -52.52 -9.70
CA PHE D 31 -32.92 -51.28 -8.95
C PHE D 31 -34.40 -51.00 -8.72
N LYS D 32 -35.23 -51.22 -9.74
CA LYS D 32 -36.66 -51.03 -9.58
C LYS D 32 -37.22 -51.97 -8.52
N ASN D 33 -36.82 -53.23 -8.55
CA ASN D 33 -37.28 -54.18 -7.54
C ASN D 33 -36.85 -53.75 -6.16
N PHE D 34 -35.60 -53.30 -6.03
CA PHE D 34 -35.10 -52.83 -4.73
C PHE D 34 -35.94 -51.67 -4.20
N ILE D 35 -36.16 -50.66 -5.03
CA ILE D 35 -36.93 -49.50 -4.57
C ILE D 35 -38.34 -49.93 -4.20
N LEU D 36 -38.95 -50.80 -5.01
CA LEU D 36 -40.35 -51.12 -4.83
C LEU D 36 -40.60 -52.05 -3.65
N GLU D 37 -39.63 -52.89 -3.29
CA GLU D 37 -39.78 -53.81 -2.16
C GLU D 37 -38.43 -54.01 -1.50
N PHE D 38 -38.21 -53.36 -0.36
CA PHE D 38 -37.06 -53.64 0.49
C PHE D 38 -37.48 -54.05 1.89
N ARG D 39 -38.38 -53.29 2.52
CA ARG D 39 -39.02 -53.68 3.77
C ARG D 39 -38.01 -54.08 4.85
N LEU D 40 -37.23 -53.11 5.27
CA LEU D 40 -36.40 -53.24 6.46
C LEU D 40 -37.11 -52.63 7.65
N ASP D 41 -36.81 -53.16 8.84
CA ASP D 41 -37.45 -52.74 10.08
C ASP D 41 -38.96 -53.01 10.04
N SER D 42 -39.35 -54.14 9.43
CA SER D 42 -40.78 -54.53 9.22
C SER D 42 -41.55 -53.33 8.64
N GLN D 43 -40.97 -52.64 7.64
CA GLN D 43 -41.64 -51.52 7.00
C GLN D 43 -40.88 -51.15 5.73
N PHE D 44 -41.63 -50.92 4.65
CA PHE D 44 -41.05 -50.42 3.41
C PHE D 44 -40.87 -48.91 3.51
N ILE D 45 -39.62 -48.45 3.40
CA ILE D 45 -39.29 -47.07 3.70
C ILE D 45 -39.08 -46.24 2.44
N TYR D 46 -38.39 -46.77 1.44
CA TYR D 46 -38.15 -45.97 0.24
C TYR D 46 -39.45 -45.70 -0.52
N ARG D 47 -40.38 -46.66 -0.50
CA ARG D 47 -41.67 -46.46 -1.15
C ARG D 47 -42.42 -45.29 -0.53
N ASP D 48 -42.57 -45.31 0.80
CA ASP D 48 -43.28 -44.21 1.45
C ASP D 48 -42.49 -42.91 1.38
N GLN D 49 -41.16 -43.00 1.37
CA GLN D 49 -40.35 -41.80 1.22
C GLN D 49 -40.61 -41.15 -0.12
N LEU D 50 -40.68 -41.94 -1.19
CA LEU D 50 -41.04 -41.40 -2.50
C LEU D 50 -42.45 -40.83 -2.48
N ARG D 51 -43.38 -41.52 -1.83
CA ARG D 51 -44.75 -41.01 -1.76
C ARG D 51 -44.79 -39.64 -1.11
N ASN D 52 -44.01 -39.44 -0.05
CA ASN D 52 -44.00 -38.15 0.62
C ASN D 52 -43.26 -37.11 -0.21
N ASN D 53 -42.11 -37.47 -0.78
CA ASN D 53 -41.31 -36.51 -1.53
C ASN D 53 -42.05 -36.00 -2.75
N ILE D 54 -42.73 -36.90 -3.47
CA ILE D 54 -43.45 -36.50 -4.68
C ILE D 54 -44.57 -35.54 -4.37
N LEU D 55 -44.99 -35.46 -3.10
CA LEU D 55 -45.98 -34.48 -2.68
C LEU D 55 -45.33 -33.19 -2.22
N VAL D 56 -44.22 -33.27 -1.45
CA VAL D 56 -43.54 -32.06 -0.91
C VAL D 56 -42.65 -31.43 -1.98
N LYS D 57 -42.77 -31.85 -3.24
CA LYS D 57 -42.05 -31.20 -4.34
C LYS D 57 -40.54 -31.32 -4.16
N ASN D 58 -40.07 -32.45 -3.66
CA ASN D 58 -38.65 -32.75 -3.49
C ASN D 58 -38.32 -33.96 -4.36
N TYR D 59 -37.97 -33.71 -5.62
CA TYR D 59 -37.71 -34.79 -6.59
C TYR D 59 -36.37 -35.46 -6.31
N SER D 60 -36.29 -36.15 -5.17
CA SER D 60 -35.06 -36.83 -4.81
C SER D 60 -35.36 -37.96 -3.85
N LEU D 61 -34.42 -38.90 -3.74
CA LEU D 61 -34.52 -40.04 -2.86
C LEU D 61 -33.20 -40.27 -2.16
N THR D 62 -33.26 -40.58 -0.86
CA THR D 62 -32.07 -40.82 -0.06
C THR D 62 -32.02 -42.29 0.36
N VAL D 63 -30.90 -42.95 0.09
CA VAL D 63 -30.74 -44.37 0.34
C VAL D 63 -29.38 -44.62 0.98
N ASN D 64 -29.34 -45.49 1.99
CA ASN D 64 -28.10 -45.89 2.62
C ASN D 64 -27.43 -47.02 1.85
N MET D 65 -26.10 -46.90 1.68
CA MET D 65 -25.38 -47.86 0.84
C MET D 65 -25.23 -49.22 1.52
N GLU D 66 -25.17 -49.27 2.85
CA GLU D 66 -25.07 -50.56 3.51
C GLU D 66 -26.33 -51.40 3.31
N HIS D 67 -27.48 -50.74 3.14
CA HIS D 67 -28.69 -51.48 2.81
C HIS D 67 -28.51 -52.31 1.55
N LEU D 68 -27.69 -51.83 0.62
CA LEU D 68 -27.47 -52.56 -0.62
C LEU D 68 -26.48 -53.71 -0.46
N ILE D 69 -25.81 -53.85 0.70
CA ILE D 69 -24.95 -55.05 0.91
C ILE D 69 -25.86 -56.22 1.28
N GLY D 70 -27.15 -55.96 1.48
CA GLY D 70 -28.14 -56.95 1.83
C GLY D 70 -28.83 -57.43 0.57
N TYR D 71 -29.97 -56.82 0.22
CA TYR D 71 -30.84 -57.24 -0.86
C TYR D 71 -30.07 -57.84 -2.04
N ASN D 72 -29.03 -57.18 -2.51
CA ASN D 72 -28.23 -57.72 -3.59
C ASN D 72 -26.83 -57.13 -3.54
N GLU D 73 -25.82 -58.00 -3.43
CA GLU D 73 -24.43 -57.55 -3.39
C GLU D 73 -23.84 -57.33 -4.78
N ASP D 74 -24.41 -57.97 -5.81
CA ASP D 74 -23.89 -57.79 -7.15
C ASP D 74 -24.02 -56.34 -7.60
N ILE D 75 -25.19 -55.74 -7.38
CA ILE D 75 -25.37 -54.34 -7.73
C ILE D 75 -24.50 -53.44 -6.85
N TYR D 76 -24.31 -53.79 -5.59
CA TYR D 76 -23.47 -52.97 -4.73
C TYR D 76 -22.04 -52.92 -5.25
N LYS D 77 -21.50 -54.08 -5.64
CA LYS D 77 -20.15 -54.11 -6.17
C LYS D 77 -20.09 -53.54 -7.59
N LYS D 78 -21.20 -53.53 -8.32
CA LYS D 78 -21.24 -52.87 -9.61
C LYS D 78 -21.37 -51.36 -9.48
N LEU D 79 -21.83 -50.88 -8.34
CA LEU D 79 -21.96 -49.45 -8.10
C LEU D 79 -20.68 -48.85 -7.52
N SER D 80 -20.13 -49.48 -6.48
CA SER D 80 -18.90 -48.97 -5.89
C SER D 80 -17.79 -48.91 -6.93
N ASP D 81 -17.86 -49.74 -7.96
CA ASP D 81 -16.92 -49.72 -9.08
C ASP D 81 -17.64 -49.29 -10.34
N GLU D 82 -17.00 -48.41 -11.11
CA GLU D 82 -17.61 -47.82 -12.29
C GLU D 82 -18.96 -47.20 -11.94
N PRO D 83 -18.98 -46.20 -11.05
CA PRO D 83 -20.24 -45.55 -10.68
C PRO D 83 -20.72 -44.55 -11.71
N SER D 84 -19.79 -43.97 -12.46
CA SER D 84 -20.16 -42.99 -13.48
C SER D 84 -21.12 -43.57 -14.51
N ASP D 85 -21.07 -44.89 -14.72
CA ASP D 85 -21.93 -45.56 -15.70
C ASP D 85 -23.25 -46.07 -15.12
N ILE D 86 -23.36 -46.25 -13.82
CA ILE D 86 -24.52 -46.88 -13.19
C ILE D 86 -25.50 -45.87 -12.62
N ILE D 87 -25.03 -44.81 -11.98
CA ILE D 87 -25.88 -43.77 -11.39
C ILE D 87 -27.02 -43.37 -12.32
N PRO D 88 -26.78 -43.05 -13.59
CA PRO D 88 -27.89 -42.60 -14.44
C PRO D 88 -28.99 -43.65 -14.51
N LEU D 89 -28.61 -44.92 -14.47
CA LEU D 89 -29.60 -45.98 -14.57
C LEU D 89 -30.52 -45.92 -13.36
N PHE D 90 -29.92 -45.76 -12.17
CA PHE D 90 -30.71 -45.73 -10.95
C PHE D 90 -31.66 -44.55 -11.00
N GLU D 91 -31.19 -43.40 -11.46
CA GLU D 91 -32.04 -42.21 -11.47
C GLU D 91 -33.22 -42.39 -12.42
N THR D 92 -32.98 -42.91 -13.62
CA THR D 92 -34.12 -43.14 -14.51
C THR D 92 -35.06 -44.20 -13.94
N ALA D 93 -34.53 -45.18 -13.21
CA ALA D 93 -35.37 -46.15 -12.53
C ALA D 93 -36.27 -45.48 -11.49
N ILE D 94 -35.71 -44.53 -10.73
CA ILE D 94 -36.51 -43.79 -9.77
C ILE D 94 -37.61 -43.03 -10.50
N THR D 95 -37.29 -42.43 -11.67
CA THR D 95 -38.29 -41.63 -12.44
C THR D 95 -39.42 -42.57 -12.89
N GLN D 96 -39.09 -43.78 -13.36
CA GLN D 96 -40.11 -44.70 -13.85
C GLN D 96 -40.92 -45.33 -12.72
N VAL D 97 -40.37 -45.42 -11.52
CA VAL D 97 -41.17 -45.89 -10.39
C VAL D 97 -42.03 -44.76 -9.82
N ALA D 98 -41.55 -43.52 -9.85
CA ALA D 98 -42.39 -42.39 -9.47
C ALA D 98 -43.57 -42.26 -10.42
N LYS D 99 -43.38 -42.61 -11.69
CA LYS D 99 -44.52 -42.70 -12.60
C LYS D 99 -45.61 -43.59 -12.03
N ARG D 100 -45.22 -44.81 -11.63
CA ARG D 100 -46.19 -45.75 -11.07
C ARG D 100 -46.82 -45.20 -9.81
N ILE D 101 -46.02 -44.58 -8.94
CA ILE D 101 -46.55 -44.06 -7.69
C ILE D 101 -47.60 -42.99 -7.97
N SER D 102 -47.30 -42.08 -8.89
CA SER D 102 -48.23 -41.00 -9.20
C SER D 102 -49.52 -41.56 -9.80
N ILE D 103 -49.40 -42.50 -10.74
CA ILE D 103 -50.60 -43.00 -11.42
C ILE D 103 -51.46 -43.80 -10.46
N LEU D 104 -50.87 -44.70 -9.69
CA LEU D 104 -51.64 -45.53 -8.79
C LEU D 104 -52.20 -44.71 -7.62
N SER D 105 -51.42 -43.75 -7.14
CA SER D 105 -51.86 -42.90 -6.03
C SER D 105 -52.71 -41.74 -6.54
N SER D 131 -44.15 -35.49 -16.85
CA SER D 131 -43.71 -34.12 -17.11
C SER D 131 -42.62 -33.70 -16.12
N LEU D 132 -42.53 -34.43 -15.01
CA LEU D 132 -41.55 -34.10 -14.00
C LEU D 132 -40.15 -34.40 -14.50
N PRO D 133 -39.12 -33.84 -13.84
CA PRO D 133 -37.75 -34.01 -14.34
C PRO D 133 -37.11 -35.29 -13.83
N THR D 134 -35.83 -35.48 -14.15
CA THR D 134 -35.11 -36.65 -13.64
C THR D 134 -34.95 -36.54 -12.12
N PHE D 135 -35.07 -37.67 -11.45
CA PHE D 135 -34.97 -37.71 -9.99
C PHE D 135 -33.52 -37.87 -9.58
N GLN D 136 -33.09 -37.06 -8.62
CA GLN D 136 -31.73 -37.12 -8.13
C GLN D 136 -31.63 -38.15 -7.01
N LEU D 137 -30.46 -38.76 -6.89
CA LEU D 137 -30.20 -39.78 -5.88
C LEU D 137 -29.13 -39.25 -4.94
N ILE D 138 -29.50 -39.05 -3.68
CA ILE D 138 -28.54 -38.77 -2.61
C ILE D 138 -28.11 -40.10 -2.00
N LEU D 139 -26.81 -40.25 -1.75
CA LEU D 139 -26.23 -41.52 -1.34
C LEU D 139 -25.46 -41.37 -0.03
N ASN D 140 -26.13 -41.63 1.10
CA ASN D 140 -25.49 -41.60 2.40
C ASN D 140 -24.74 -42.91 2.67
N SER D 141 -23.79 -42.84 3.60
CA SER D 141 -22.94 -43.98 3.91
C SER D 141 -22.42 -43.82 5.33
N ASN D 142 -22.07 -44.95 5.93
CA ASN D 142 -21.49 -44.99 7.27
C ASN D 142 -20.36 -46.00 7.33
N ALA D 143 -19.52 -46.02 6.30
CA ALA D 143 -18.41 -46.96 6.21
C ALA D 143 -17.11 -46.29 6.63
N ASN D 144 -16.01 -47.02 6.48
CA ASN D 144 -14.70 -46.50 6.86
C ASN D 144 -14.32 -45.32 5.99
N GLN D 145 -13.60 -44.38 6.58
CA GLN D 145 -13.17 -43.17 5.90
C GLN D 145 -11.71 -43.26 5.51
N ILE D 146 -11.31 -42.39 4.58
CA ILE D 146 -9.95 -42.31 4.08
C ILE D 146 -9.42 -40.91 4.39
N PRO D 147 -8.27 -40.77 5.03
CA PRO D 147 -7.75 -39.43 5.27
C PRO D 147 -7.53 -38.67 3.98
N LEU D 148 -7.77 -37.36 4.02
CA LEU D 148 -7.62 -36.54 2.84
C LEU D 148 -6.21 -36.57 2.28
N ARG D 149 -5.24 -36.94 3.10
CA ARG D 149 -3.84 -36.99 2.70
C ARG D 149 -3.42 -38.32 2.09
N ASP D 150 -4.31 -39.32 2.08
CA ASP D 150 -3.98 -40.63 1.54
C ASP D 150 -4.60 -40.89 0.17
N LEU D 151 -5.42 -39.98 -0.34
CA LEU D 151 -5.96 -40.15 -1.68
C LEU D 151 -4.82 -40.21 -2.68
N ASP D 152 -4.87 -41.20 -3.56
CA ASP D 152 -3.79 -41.41 -4.53
C ASP D 152 -4.40 -42.06 -5.77
N SER D 153 -3.54 -42.62 -6.63
CA SER D 153 -4.00 -43.14 -7.91
C SER D 153 -5.01 -44.27 -7.73
N GLU D 154 -4.79 -45.13 -6.74
CA GLU D 154 -5.65 -46.29 -6.58
C GLU D 154 -7.11 -45.93 -6.32
N HIS D 155 -7.42 -44.66 -6.05
CA HIS D 155 -8.78 -44.25 -5.74
C HIS D 155 -9.44 -43.46 -6.86
N VAL D 156 -8.79 -43.37 -8.03
CA VAL D 156 -9.33 -42.54 -9.11
C VAL D 156 -10.54 -43.23 -9.72
N SER D 157 -11.62 -42.46 -9.96
CA SER D 157 -12.92 -42.94 -10.53
C SER D 157 -13.53 -44.03 -9.62
N LYS D 158 -13.67 -43.77 -8.31
CA LYS D 158 -14.30 -44.69 -7.37
C LYS D 158 -15.01 -43.87 -6.29
N ILE D 159 -15.96 -44.50 -5.62
CA ILE D 159 -16.70 -43.82 -4.55
C ILE D 159 -15.88 -43.82 -3.29
N VAL D 160 -15.73 -42.65 -2.68
CA VAL D 160 -14.85 -42.43 -1.55
C VAL D 160 -15.58 -41.65 -0.47
N ARG D 161 -15.13 -41.82 0.78
CA ARG D 161 -15.69 -41.17 1.95
C ARG D 161 -14.61 -40.29 2.58
N LEU D 162 -14.91 -39.02 2.79
CA LEU D 162 -13.98 -38.05 3.33
C LEU D 162 -14.61 -37.29 4.47
N SER D 163 -13.77 -36.62 5.27
CA SER D 163 -14.24 -35.79 6.37
C SER D 163 -13.35 -34.56 6.49
N GLY D 164 -13.96 -33.42 6.78
CA GLY D 164 -13.19 -32.20 6.87
C GLY D 164 -14.04 -31.03 7.28
N ILE D 165 -13.57 -29.83 6.93
CA ILE D 165 -14.22 -28.57 7.27
C ILE D 165 -14.32 -27.71 6.01
N ILE D 166 -15.49 -27.17 5.75
CA ILE D 166 -15.70 -26.27 4.62
C ILE D 166 -15.12 -24.91 4.97
N ILE D 167 -14.55 -24.23 3.98
CA ILE D 167 -13.96 -22.92 4.18
C ILE D 167 -14.44 -21.88 3.16
N SER D 168 -15.22 -22.28 2.17
CA SER D 168 -15.69 -21.31 1.19
C SER D 168 -16.78 -21.94 0.35
N THR D 169 -17.67 -21.11 -0.19
CA THR D 169 -18.78 -21.57 -1.02
C THR D 169 -19.09 -20.48 -2.02
N SER D 170 -18.95 -20.79 -3.31
CA SER D 170 -19.14 -19.80 -4.35
C SER D 170 -20.63 -19.54 -4.59
N VAL D 171 -20.91 -18.72 -5.58
CA VAL D 171 -22.28 -18.39 -5.94
C VAL D 171 -22.80 -19.47 -6.90
N LEU D 172 -24.11 -19.52 -7.05
CA LEU D 172 -24.71 -20.57 -7.86
C LEU D 172 -24.52 -20.28 -9.35
N SER D 173 -24.39 -21.36 -10.11
CA SER D 173 -24.13 -21.30 -11.55
C SER D 173 -25.26 -21.98 -12.29
N SER D 174 -25.50 -21.53 -13.52
CA SER D 174 -26.56 -22.05 -14.37
C SER D 174 -26.01 -23.03 -15.40
N ARG D 175 -26.50 -24.27 -15.37
CA ARG D 175 -26.14 -25.30 -16.34
C ARG D 175 -27.40 -25.74 -17.07
N ALA D 176 -27.23 -26.10 -18.35
CA ALA D 176 -28.35 -26.40 -19.22
C ALA D 176 -28.73 -27.88 -19.18
N THR D 177 -30.03 -28.15 -19.14
CA THR D 177 -30.53 -29.52 -19.18
C THR D 177 -31.45 -29.79 -20.36
N TYR D 178 -31.88 -28.76 -21.08
CA TYR D 178 -32.69 -28.96 -22.28
C TYR D 178 -32.53 -27.73 -23.16
N LEU D 179 -31.84 -27.89 -24.30
CA LEU D 179 -31.56 -26.78 -25.19
C LEU D 179 -32.49 -26.80 -26.38
N SER D 180 -32.95 -25.62 -26.79
CA SER D 180 -33.71 -25.44 -28.02
C SER D 180 -32.81 -24.67 -28.97
N ILE D 181 -32.66 -25.15 -30.20
CA ILE D 181 -31.74 -24.49 -31.13
C ILE D 181 -32.42 -24.32 -32.48
N MET D 182 -31.88 -23.37 -33.26
CA MET D 182 -32.42 -23.09 -34.58
C MET D 182 -31.30 -22.75 -35.55
N CYS D 183 -31.50 -23.12 -36.82
CA CYS D 183 -30.51 -22.85 -37.86
C CYS D 183 -30.71 -21.45 -38.41
N ARG D 184 -29.65 -20.65 -38.39
CA ARG D 184 -29.77 -19.24 -38.74
C ARG D 184 -30.04 -19.01 -40.22
N ASN D 185 -29.81 -20.01 -41.08
CA ASN D 185 -29.95 -19.84 -42.56
C ASN D 185 -31.35 -20.27 -43.01
N CYS D 186 -31.81 -21.47 -42.66
CA CYS D 186 -33.06 -22.03 -43.15
C CYS D 186 -34.11 -22.12 -42.06
N ARG D 187 -33.74 -21.81 -40.81
CA ARG D 187 -34.66 -21.76 -39.67
C ARG D 187 -35.13 -23.14 -39.24
N HIS D 188 -34.28 -24.15 -39.36
CA HIS D 188 -34.62 -25.48 -38.90
C HIS D 188 -34.47 -25.49 -37.38
N THR D 189 -35.48 -25.97 -36.67
CA THR D 189 -35.49 -25.98 -35.22
C THR D 189 -35.42 -27.38 -34.68
N THR D 190 -34.69 -27.55 -33.58
CA THR D 190 -34.61 -28.85 -32.93
C THR D 190 -34.22 -28.63 -31.47
N SER D 191 -33.79 -29.71 -30.81
CA SER D 191 -33.51 -29.66 -29.38
C SER D 191 -32.38 -30.61 -29.02
N ILE D 192 -31.90 -30.42 -27.80
CA ILE D 192 -30.90 -31.29 -27.18
C ILE D 192 -31.35 -31.54 -25.75
N THR D 193 -30.95 -32.69 -25.21
CA THR D 193 -31.23 -33.06 -23.83
C THR D 193 -29.93 -33.52 -23.22
N ILE D 194 -29.64 -33.04 -22.01
CA ILE D 194 -28.41 -33.38 -21.31
C ILE D 194 -28.77 -33.98 -19.96
N THR D 204 -18.63 -33.95 -22.75
CA THR D 204 -19.27 -32.65 -22.83
C THR D 204 -20.05 -32.52 -24.13
N VAL D 205 -21.36 -32.30 -24.02
CA VAL D 205 -22.18 -32.15 -25.21
C VAL D 205 -21.91 -30.79 -25.85
N SER D 206 -22.01 -30.76 -27.18
CA SER D 206 -21.86 -29.53 -27.94
C SER D 206 -22.94 -29.47 -29.01
N LEU D 207 -23.10 -28.31 -29.62
CA LEU D 207 -24.16 -28.11 -30.58
C LEU D 207 -23.79 -28.75 -31.91
N PRO D 208 -24.77 -29.06 -32.75
CA PRO D 208 -24.47 -29.71 -34.02
C PRO D 208 -23.42 -28.95 -34.81
N ARG D 209 -22.43 -29.68 -35.32
CA ARG D 209 -21.35 -29.04 -36.06
C ARG D 209 -21.81 -28.61 -37.45
N SER D 210 -22.74 -29.35 -38.04
CA SER D 210 -23.26 -29.06 -39.36
C SER D 210 -24.78 -29.14 -39.29
N CYS D 211 -25.43 -28.54 -40.28
CA CYS D 211 -26.89 -28.46 -40.26
C CYS D 211 -27.47 -29.86 -40.42
N LEU D 212 -28.50 -30.15 -39.63
CA LEU D 212 -29.16 -31.44 -39.65
C LEU D 212 -30.37 -31.46 -40.57
N SER D 213 -30.66 -30.36 -41.25
CA SER D 213 -31.85 -30.30 -42.08
C SER D 213 -31.78 -31.29 -43.24
N THR D 214 -30.56 -31.66 -43.65
CA THR D 214 -30.37 -32.58 -44.75
C THR D 214 -30.62 -34.02 -44.30
N LYS D 234 -28.19 -24.75 -50.77
CA LYS D 234 -28.52 -25.68 -49.69
C LYS D 234 -27.24 -26.08 -48.95
N ASN D 235 -26.47 -25.07 -48.53
CA ASN D 235 -25.24 -25.26 -47.76
C ASN D 235 -25.24 -24.25 -46.61
N CYS D 236 -25.76 -24.66 -45.46
CA CYS D 236 -25.89 -23.72 -44.34
C CYS D 236 -24.54 -23.32 -43.78
N GLY D 237 -23.54 -24.22 -43.83
CA GLY D 237 -22.21 -23.86 -43.41
C GLY D 237 -21.91 -24.41 -42.03
N PRO D 238 -20.71 -24.10 -41.52
CA PRO D 238 -20.32 -24.63 -40.21
C PRO D 238 -20.92 -23.82 -39.08
N ASP D 239 -21.32 -24.52 -38.02
CA ASP D 239 -21.89 -23.89 -36.83
C ASP D 239 -23.04 -22.96 -37.21
N PRO D 240 -24.13 -23.50 -37.77
CA PRO D 240 -25.25 -22.64 -38.19
C PRO D 240 -26.31 -22.42 -37.13
N TYR D 241 -26.21 -23.07 -35.97
CA TYR D 241 -27.28 -23.04 -34.99
C TYR D 241 -27.07 -21.94 -33.96
N ILE D 242 -28.18 -21.41 -33.46
CA ILE D 242 -28.20 -20.46 -32.35
C ILE D 242 -29.08 -21.03 -31.25
N ILE D 243 -28.79 -20.61 -30.02
CA ILE D 243 -29.50 -21.05 -28.83
C ILE D 243 -30.66 -20.10 -28.58
N ILE D 244 -31.86 -20.66 -28.46
CA ILE D 244 -33.08 -19.90 -28.20
C ILE D 244 -33.36 -19.99 -26.71
N HIS D 245 -32.93 -18.97 -25.95
CA HIS D 245 -32.96 -19.06 -24.50
C HIS D 245 -34.37 -19.04 -23.95
N GLU D 246 -35.32 -18.44 -24.67
CA GLU D 246 -36.67 -18.29 -24.14
C GLU D 246 -37.35 -19.63 -23.90
N SER D 247 -36.86 -20.72 -24.49
CA SER D 247 -37.48 -22.04 -24.39
C SER D 247 -36.55 -23.10 -23.83
N SER D 248 -35.46 -22.73 -23.18
CA SER D 248 -34.51 -23.71 -22.66
C SER D 248 -34.65 -23.85 -21.14
N LYS D 249 -34.09 -24.95 -20.63
CA LYS D 249 -34.16 -25.28 -19.21
C LYS D 249 -32.77 -25.41 -18.61
N PHE D 250 -32.64 -25.01 -17.33
CA PHE D 250 -31.35 -24.99 -16.65
C PHE D 250 -31.49 -25.55 -15.24
N ILE D 251 -30.35 -25.78 -14.58
CA ILE D 251 -30.31 -26.20 -13.18
C ILE D 251 -29.18 -25.45 -12.48
N ASP D 252 -29.13 -25.58 -11.15
CA ASP D 252 -28.12 -24.92 -10.34
C ASP D 252 -26.83 -25.76 -10.23
N GLN D 253 -25.76 -25.08 -9.83
CA GLN D 253 -24.49 -25.74 -9.51
C GLN D 253 -23.79 -24.91 -8.44
N GLN D 254 -22.92 -25.56 -7.67
CA GLN D 254 -22.10 -24.83 -6.71
C GLN D 254 -20.76 -25.53 -6.51
N PHE D 255 -19.75 -24.72 -6.16
CA PHE D 255 -18.42 -25.21 -5.83
C PHE D 255 -18.17 -25.03 -4.33
N LEU D 256 -17.36 -25.93 -3.77
CA LEU D 256 -16.99 -25.87 -2.37
C LEU D 256 -15.52 -26.23 -2.22
N LYS D 257 -14.91 -25.74 -1.15
CA LYS D 257 -13.54 -26.08 -0.79
C LYS D 257 -13.52 -26.79 0.55
N LEU D 258 -12.84 -27.93 0.59
CA LEU D 258 -12.67 -28.71 1.81
C LEU D 258 -11.22 -28.62 2.26
N GLN D 259 -11.01 -28.45 3.56
CA GLN D 259 -9.68 -28.40 4.13
C GLN D 259 -9.59 -29.39 5.28
N GLU D 260 -8.42 -29.98 5.45
CA GLU D 260 -8.23 -30.93 6.54
C GLU D 260 -8.34 -30.21 7.87
N ILE D 261 -8.92 -30.89 8.85
CA ILE D 261 -9.08 -30.36 10.20
C ILE D 261 -7.79 -29.68 10.64
N PRO D 262 -7.83 -28.41 11.07
CA PRO D 262 -6.57 -27.74 11.44
C PRO D 262 -6.10 -28.08 12.84
N GLU D 263 -6.16 -29.36 13.21
CA GLU D 263 -5.67 -29.81 14.50
C GLU D 263 -4.91 -31.13 14.42
N LEU D 264 -4.77 -31.73 13.25
CA LEU D 264 -3.89 -32.88 13.05
C LEU D 264 -2.99 -32.67 11.83
N VAL D 265 -2.82 -31.42 11.42
CA VAL D 265 -1.93 -31.03 10.33
C VAL D 265 -0.53 -31.51 10.69
N PRO D 266 0.42 -31.54 9.75
CA PRO D 266 1.81 -31.78 10.16
C PRO D 266 2.32 -30.70 11.08
N VAL D 267 3.52 -30.87 11.65
CA VAL D 267 4.05 -29.96 12.71
C VAL D 267 4.77 -28.78 12.05
N GLY D 268 4.17 -28.16 11.04
CA GLY D 268 4.71 -26.97 10.41
C GLY D 268 4.80 -27.06 8.90
N GLU D 269 3.92 -27.87 8.31
CA GLU D 269 3.71 -27.89 6.87
C GLU D 269 2.28 -27.43 6.58
N MET D 270 2.12 -26.67 5.50
CA MET D 270 0.82 -26.09 5.18
C MET D 270 -0.22 -27.20 4.99
N PRO D 271 -1.45 -27.00 5.46
CA PRO D 271 -2.48 -28.03 5.27
C PRO D 271 -2.92 -28.15 3.82
N ARG D 272 -3.40 -29.34 3.48
CA ARG D 272 -3.90 -29.62 2.14
C ARG D 272 -5.37 -29.19 2.02
N ASN D 273 -5.88 -29.20 0.80
CA ASN D 273 -7.26 -28.86 0.56
C ASN D 273 -7.71 -29.52 -0.75
N LEU D 274 -9.02 -29.40 -1.02
CA LEU D 274 -9.64 -30.11 -2.13
C LEU D 274 -10.83 -29.31 -2.63
N THR D 275 -11.20 -29.56 -3.89
CA THR D 275 -12.30 -28.88 -4.54
C THR D 275 -13.47 -29.86 -4.75
N MET D 276 -14.65 -29.33 -4.75
CA MET D 276 -15.81 -30.21 -4.80
C MET D 276 -16.92 -29.49 -5.53
N THR D 277 -17.77 -30.21 -6.21
CA THR D 277 -18.83 -29.63 -7.02
C THR D 277 -20.14 -30.36 -6.74
N CYS D 278 -21.20 -29.61 -6.47
CA CYS D 278 -22.52 -30.16 -6.19
C CYS D 278 -23.54 -29.48 -7.09
N ASP D 279 -24.72 -30.07 -7.19
CA ASP D 279 -25.74 -29.53 -8.08
C ASP D 279 -27.13 -29.90 -7.62
N ARG D 280 -28.11 -29.20 -8.18
CA ARG D 280 -29.54 -29.44 -7.97
C ARG D 280 -29.94 -29.31 -6.50
N TYR D 281 -30.23 -30.42 -5.82
CA TYR D 281 -30.85 -30.36 -4.51
C TYR D 281 -29.84 -30.38 -3.38
N LEU D 282 -28.55 -30.47 -3.70
CA LEU D 282 -27.50 -30.46 -2.69
C LEU D 282 -26.74 -29.13 -2.67
N THR D 283 -27.36 -28.06 -3.15
CA THR D 283 -26.78 -26.73 -3.09
C THR D 283 -27.41 -25.96 -1.95
N ASN D 284 -26.61 -25.05 -1.37
CA ASN D 284 -27.07 -24.22 -0.25
C ASN D 284 -27.49 -25.08 0.94
N LYS D 285 -26.58 -25.98 1.35
CA LYS D 285 -26.83 -26.87 2.48
C LYS D 285 -25.78 -26.78 3.57
N VAL D 286 -24.63 -26.16 3.30
CA VAL D 286 -23.62 -25.93 4.32
C VAL D 286 -23.11 -24.50 4.19
N ILE D 287 -22.50 -24.02 5.27
CA ILE D 287 -21.86 -22.70 5.28
C ILE D 287 -20.43 -22.90 5.77
N PRO D 288 -19.53 -21.99 5.41
CA PRO D 288 -18.14 -22.18 5.78
C PRO D 288 -17.97 -22.29 7.29
N GLY D 289 -17.03 -23.13 7.71
CA GLY D 289 -16.77 -23.39 9.10
C GLY D 289 -17.47 -24.60 9.68
N THR D 290 -18.29 -25.30 8.89
CA THR D 290 -18.97 -26.48 9.36
C THR D 290 -18.09 -27.71 9.15
N ARG D 291 -18.10 -28.60 10.16
CA ARG D 291 -17.37 -29.88 10.03
C ARG D 291 -18.35 -30.81 9.36
N VAL D 292 -17.92 -31.56 8.33
CA VAL D 292 -18.79 -32.39 7.52
C VAL D 292 -18.09 -33.66 7.07
N THR D 293 -18.91 -34.62 6.65
CA THR D 293 -18.48 -35.83 5.96
C THR D 293 -19.08 -35.86 4.55
N ILE D 294 -18.26 -36.24 3.57
CA ILE D 294 -18.64 -36.28 2.16
C ILE D 294 -18.57 -37.72 1.67
N VAL D 295 -19.52 -38.08 0.80
CA VAL D 295 -19.45 -39.29 -0.03
C VAL D 295 -19.49 -38.83 -1.47
N GLY D 296 -18.49 -39.22 -2.25
CA GLY D 296 -18.40 -38.69 -3.59
C GLY D 296 -17.56 -39.56 -4.49
N ILE D 297 -17.24 -39.02 -5.67
CA ILE D 297 -16.42 -39.70 -6.68
C ILE D 297 -15.13 -38.91 -6.84
N TYR D 298 -14.00 -39.61 -6.76
CA TYR D 298 -12.67 -39.00 -6.91
C TYR D 298 -12.37 -38.92 -8.40
N SER D 299 -12.67 -37.77 -8.99
CA SER D 299 -12.58 -37.57 -10.42
C SER D 299 -11.41 -36.65 -10.75
N ILE D 300 -11.13 -36.53 -12.05
CA ILE D 300 -9.95 -35.81 -12.54
C ILE D 300 -10.39 -34.89 -13.66
N TYR D 301 -9.81 -33.68 -13.71
CA TYR D 301 -10.09 -32.78 -14.82
C TYR D 301 -8.81 -32.09 -15.24
N ASN D 302 -8.81 -31.63 -16.49
CA ASN D 302 -7.65 -30.98 -17.08
C ASN D 302 -7.70 -29.46 -16.91
N VAL D 321 3.51 -31.60 -17.71
CA VAL D 321 3.63 -32.68 -18.75
C VAL D 321 2.84 -33.90 -18.27
N ALA D 322 1.63 -34.12 -18.78
CA ALA D 322 0.79 -35.27 -18.42
C ALA D 322 0.42 -35.25 -16.94
N ILE D 323 -0.09 -34.11 -16.49
CA ILE D 323 -0.47 -33.90 -15.09
C ILE D 323 -1.87 -33.30 -15.07
N ARG D 324 -2.73 -33.85 -14.23
CA ARG D 324 -4.12 -33.42 -14.15
C ARG D 324 -4.44 -32.92 -12.74
N THR D 325 -5.66 -32.37 -12.60
CA THR D 325 -6.10 -31.78 -11.35
C THR D 325 -7.21 -32.62 -10.71
N PRO D 326 -6.95 -33.27 -9.58
CA PRO D 326 -7.99 -34.07 -8.94
C PRO D 326 -9.07 -33.20 -8.32
N TYR D 327 -10.25 -33.80 -8.14
CA TYR D 327 -11.36 -33.13 -7.45
C TYR D 327 -12.40 -34.19 -7.11
N ILE D 328 -13.46 -33.76 -6.43
CA ILE D 328 -14.48 -34.64 -5.88
C ILE D 328 -15.84 -34.23 -6.42
N LYS D 329 -16.62 -35.21 -6.88
CA LYS D 329 -17.99 -35.00 -7.30
C LYS D 329 -18.90 -35.45 -6.16
N ILE D 330 -19.68 -34.53 -5.61
CA ILE D 330 -20.46 -34.81 -4.41
C ILE D 330 -21.67 -35.67 -4.78
N LEU D 331 -21.89 -36.72 -3.97
CA LEU D 331 -23.12 -37.50 -4.02
C LEU D 331 -23.98 -37.34 -2.78
N GLY D 332 -23.40 -36.87 -1.67
CA GLY D 332 -24.16 -36.63 -0.45
C GLY D 332 -23.31 -35.95 0.61
N ILE D 333 -23.94 -35.16 1.48
CA ILE D 333 -23.25 -34.44 2.54
C ILE D 333 -23.98 -34.67 3.85
N GLN D 334 -23.22 -34.81 4.93
CA GLN D 334 -23.78 -35.02 6.27
C GLN D 334 -23.06 -34.10 7.23
N SER D 335 -23.80 -33.18 7.84
CA SER D 335 -23.22 -32.25 8.80
C SER D 335 -22.84 -32.95 10.09
N ASP D 336 -21.65 -32.64 10.59
CA ASP D 336 -21.12 -33.25 11.82
C ASP D 336 -21.08 -32.26 12.97
N VAL D 337 -20.35 -31.15 12.82
CA VAL D 337 -20.30 -30.08 13.85
C VAL D 337 -20.79 -28.77 13.23
N GLU D 338 -21.73 -28.09 13.86
CA GLU D 338 -22.33 -26.85 13.39
C GLU D 338 -22.38 -25.85 14.55
N THR D 339 -22.86 -24.65 14.25
CA THR D 339 -23.07 -23.60 15.24
C THR D 339 -24.50 -23.09 15.13
N SER D 340 -25.13 -22.83 16.27
CA SER D 340 -26.51 -22.38 16.28
C SER D 340 -26.59 -20.90 15.95
N SER D 341 -27.78 -20.46 15.55
CA SER D 341 -28.03 -19.06 15.21
C SER D 341 -29.53 -18.88 15.04
N ILE D 342 -29.91 -17.66 14.65
CA ILE D 342 -31.32 -17.33 14.53
C ILE D 342 -31.94 -17.96 13.29
N TRP D 343 -31.16 -18.11 12.23
CA TRP D 343 -31.71 -18.54 10.95
C TRP D 343 -31.94 -20.04 10.88
N ASN D 344 -31.16 -20.82 11.63
CA ASN D 344 -31.30 -22.27 11.63
C ASN D 344 -32.11 -22.78 12.82
N SER D 345 -32.74 -21.89 13.56
CA SER D 345 -33.55 -22.30 14.70
C SER D 345 -34.74 -23.13 14.25
N VAL D 346 -35.18 -24.04 15.13
CA VAL D 346 -36.27 -24.95 14.85
C VAL D 346 -37.48 -24.48 15.65
N THR D 347 -38.59 -24.23 14.95
CA THR D 347 -39.82 -23.77 15.58
C THR D 347 -40.91 -24.83 15.55
N MET D 348 -40.60 -26.05 15.12
CA MET D 348 -41.57 -27.13 15.01
C MET D 348 -41.47 -28.03 16.23
N PHE D 349 -42.59 -28.23 16.90
CA PHE D 349 -42.67 -29.05 18.10
C PHE D 349 -43.49 -30.29 17.83
N THR D 350 -42.92 -31.46 18.09
CA THR D 350 -43.66 -32.70 18.00
C THR D 350 -44.75 -32.76 19.06
N GLU D 351 -45.84 -33.44 18.73
CA GLU D 351 -46.96 -33.52 19.66
C GLU D 351 -46.53 -34.11 20.99
N GLU D 352 -45.68 -35.14 20.95
CA GLU D 352 -45.21 -35.74 22.19
C GLU D 352 -44.45 -34.73 23.04
N GLU D 353 -43.60 -33.92 22.40
CA GLU D 353 -42.88 -32.88 23.13
C GLU D 353 -43.86 -31.87 23.73
N GLU D 354 -44.89 -31.49 22.98
CA GLU D 354 -45.86 -30.56 23.52
C GLU D 354 -46.56 -31.12 24.74
N GLU D 355 -46.97 -32.38 24.70
CA GLU D 355 -47.62 -32.97 25.86
C GLU D 355 -46.65 -33.04 27.04
N GLU D 356 -45.40 -33.40 26.79
CA GLU D 356 -44.42 -33.46 27.87
C GLU D 356 -44.25 -32.11 28.53
N PHE D 357 -44.11 -31.05 27.73
CA PHE D 357 -43.91 -29.72 28.30
C PHE D 357 -45.16 -29.23 29.01
N LEU D 358 -46.33 -29.54 28.47
CA LEU D 358 -47.56 -29.15 29.14
C LEU D 358 -47.71 -29.85 30.49
N GLN D 359 -47.33 -31.12 30.56
CA GLN D 359 -47.32 -31.82 31.84
C GLN D 359 -46.32 -31.18 32.81
N LEU D 360 -45.13 -30.84 32.32
CA LEU D 360 -44.12 -30.23 33.19
C LEU D 360 -44.60 -28.87 33.70
N SER D 361 -45.29 -28.11 32.87
CA SER D 361 -45.71 -26.77 33.26
C SER D 361 -46.57 -26.80 34.52
N ARG D 362 -47.29 -27.90 34.74
CA ARG D 362 -48.19 -28.01 35.88
C ARG D 362 -47.53 -28.57 37.12
N ASN D 363 -46.24 -28.88 37.06
CA ASN D 363 -45.56 -29.37 38.25
C ASN D 363 -45.65 -28.32 39.35
N PRO D 364 -46.13 -28.65 40.55
CA PRO D 364 -46.24 -27.66 41.62
C PRO D 364 -44.89 -27.27 42.21
N LYS D 365 -43.79 -27.86 41.74
CA LYS D 365 -42.44 -27.56 42.23
C LYS D 365 -41.50 -27.38 41.05
N LEU D 366 -41.97 -26.73 40.00
CA LEU D 366 -41.15 -26.50 38.82
C LEU D 366 -40.05 -25.48 39.10
N TYR D 367 -40.40 -24.40 39.79
CA TYR D 367 -39.44 -23.34 40.07
C TYR D 367 -38.26 -23.83 40.88
N GLU D 368 -38.42 -24.93 41.63
CA GLU D 368 -37.33 -25.51 42.40
C GLU D 368 -36.52 -26.50 41.58
N ILE D 369 -37.17 -27.31 40.75
CA ILE D 369 -36.44 -28.24 39.89
C ILE D 369 -35.54 -27.46 38.94
N LEU D 370 -36.06 -26.38 38.36
CA LEU D 370 -35.25 -25.59 37.44
C LEU D 370 -34.03 -25.02 38.14
N THR D 371 -34.19 -24.51 39.36
CA THR D 371 -33.06 -23.99 40.09
C THR D 371 -32.04 -25.06 40.41
N ASN D 372 -32.51 -26.24 40.83
CA ASN D 372 -31.59 -27.31 41.19
C ASN D 372 -30.89 -27.92 39.97
N SER D 373 -31.38 -27.65 38.77
CA SER D 373 -30.74 -28.13 37.56
C SER D 373 -29.63 -27.21 37.06
N ILE D 374 -29.51 -26.00 37.62
CA ILE D 374 -28.51 -25.04 37.16
C ILE D 374 -27.21 -25.32 37.89
N ALA D 375 -26.25 -25.92 37.17
CA ALA D 375 -24.91 -26.14 37.68
C ALA D 375 -24.96 -26.81 39.04
N PRO D 376 -25.42 -28.06 39.12
CA PRO D 376 -25.48 -28.76 40.41
C PRO D 376 -24.12 -29.11 40.99
N SER D 377 -23.03 -28.83 40.28
CA SER D 377 -21.70 -29.20 40.74
C SER D 377 -21.01 -28.10 41.53
N ILE D 378 -21.67 -26.96 41.75
CA ILE D 378 -21.13 -25.91 42.59
C ILE D 378 -21.97 -25.81 43.85
N PHE D 379 -21.36 -25.30 44.91
CA PHE D 379 -21.94 -25.34 46.25
C PHE D 379 -22.51 -23.96 46.62
N GLY D 380 -23.79 -23.94 46.99
CA GLY D 380 -24.42 -22.71 47.41
C GLY D 380 -24.86 -21.84 46.25
N ASN D 381 -24.73 -20.53 46.39
CA ASN D 381 -25.09 -19.58 45.34
C ASN D 381 -26.52 -19.79 44.88
N GLU D 382 -27.43 -19.91 45.84
CA GLU D 382 -28.83 -20.15 45.51
C GLU D 382 -29.46 -18.97 44.77
N ASP D 383 -29.21 -17.75 45.24
CA ASP D 383 -29.84 -16.58 44.65
C ASP D 383 -29.27 -16.27 43.27
N ILE D 384 -27.98 -16.54 43.07
CA ILE D 384 -27.39 -16.36 41.74
C ILE D 384 -28.07 -17.31 40.75
N LYS D 385 -28.28 -18.56 41.15
CA LYS D 385 -28.93 -19.51 40.27
C LYS D 385 -30.39 -19.13 40.01
N LYS D 386 -31.07 -18.62 41.03
CA LYS D 386 -32.45 -18.19 40.83
C LYS D 386 -32.52 -17.02 39.86
N ALA D 387 -31.50 -16.16 39.84
CA ALA D 387 -31.49 -15.07 38.87
C ALA D 387 -31.09 -15.56 37.48
N ILE D 388 -30.16 -16.52 37.39
CA ILE D 388 -29.79 -17.09 36.11
C ILE D 388 -30.97 -17.82 35.48
N VAL D 389 -31.96 -18.22 36.27
CA VAL D 389 -33.15 -18.83 35.68
C VAL D 389 -34.08 -17.78 35.08
N CYS D 390 -34.34 -16.69 35.83
CA CYS D 390 -35.14 -15.60 35.28
C CYS D 390 -34.47 -14.95 34.09
N LEU D 391 -33.14 -15.03 34.00
CA LEU D 391 -32.42 -14.46 32.86
C LEU D 391 -32.73 -15.19 31.57
N LEU D 392 -32.86 -16.52 31.63
CA LEU D 392 -33.01 -17.31 30.41
C LEU D 392 -34.41 -17.22 29.80
N MET D 393 -35.38 -16.65 30.53
CA MET D 393 -36.73 -16.52 30.02
C MET D 393 -37.03 -15.13 29.48
N GLY D 394 -36.50 -14.09 30.11
CA GLY D 394 -36.78 -12.74 29.67
C GLY D 394 -38.15 -12.27 30.13
N GLY D 395 -38.47 -11.04 29.75
CA GLY D 395 -39.74 -10.45 30.15
C GLY D 395 -40.79 -10.50 29.06
N SER D 396 -41.21 -9.33 28.58
CA SER D 396 -42.22 -9.26 27.53
C SER D 396 -42.05 -7.95 26.80
N LYS D 397 -41.53 -7.99 25.57
CA LYS D 397 -41.35 -6.77 24.79
C LYS D 397 -42.70 -6.24 24.31
N LYS D 398 -42.83 -4.93 24.30
CA LYS D 398 -44.05 -4.25 23.85
C LYS D 398 -43.71 -3.26 22.75
N ILE D 399 -44.68 -3.03 21.87
CA ILE D 399 -44.59 -1.99 20.84
C ILE D 399 -45.82 -1.12 20.96
N LEU D 400 -45.62 0.19 21.04
CA LEU D 400 -46.70 1.13 21.27
C LEU D 400 -47.10 1.82 19.97
N PRO D 401 -48.33 2.36 19.90
CA PRO D 401 -48.78 2.99 18.66
C PRO D 401 -48.00 4.23 18.25
N ASP D 402 -47.02 4.66 19.08
CA ASP D 402 -46.12 5.80 18.78
C ASP D 402 -44.76 5.30 18.28
N GLY D 403 -44.56 3.98 18.08
CA GLY D 403 -43.32 3.47 17.55
C GLY D 403 -42.21 3.27 18.56
N MET D 404 -42.45 3.56 19.85
CA MET D 404 -41.45 3.34 20.86
C MET D 404 -41.37 1.86 21.22
N ARG D 405 -40.15 1.38 21.43
CA ARG D 405 -39.89 -0.02 21.72
C ARG D 405 -39.49 -0.17 23.18
N LEU D 406 -40.13 -1.09 23.88
CA LEU D 406 -39.84 -1.37 25.29
C LEU D 406 -39.06 -2.67 25.41
N ARG D 407 -38.00 -2.66 26.20
CA ARG D 407 -37.14 -3.83 26.31
C ARG D 407 -37.81 -4.94 27.10
N GLY D 408 -37.37 -6.17 26.85
CA GLY D 408 -37.91 -7.33 27.54
C GLY D 408 -36.85 -8.33 27.92
N ASP D 409 -35.63 -7.87 28.21
CA ASP D 409 -34.51 -8.74 28.52
C ASP D 409 -33.89 -8.33 29.85
N ILE D 410 -33.16 -9.26 30.44
CA ILE D 410 -32.55 -9.10 31.75
C ILE D 410 -31.03 -9.09 31.59
N ASN D 411 -30.39 -8.07 32.16
CA ASN D 411 -28.93 -7.97 32.22
C ASN D 411 -28.49 -8.14 33.67
N VAL D 412 -27.49 -8.99 33.90
CA VAL D 412 -27.06 -9.35 35.25
C VAL D 412 -25.57 -9.11 35.39
N LEU D 413 -25.15 -8.58 36.53
CA LEU D 413 -23.75 -8.29 36.82
C LEU D 413 -23.30 -9.00 38.09
N LEU D 414 -22.10 -9.58 38.05
CA LEU D 414 -21.54 -10.31 39.19
C LEU D 414 -20.17 -9.72 39.54
N LEU D 415 -20.06 -9.09 40.71
CA LEU D 415 -18.80 -8.67 41.27
C LEU D 415 -18.42 -9.58 42.43
N GLY D 416 -17.14 -9.77 42.65
CA GLY D 416 -16.72 -10.60 43.76
C GLY D 416 -15.25 -10.97 43.70
N ASP D 417 -14.83 -11.65 44.76
CA ASP D 417 -13.43 -12.02 44.94
C ASP D 417 -13.06 -13.17 44.02
N PRO D 418 -11.75 -13.41 43.84
CA PRO D 418 -11.34 -14.56 43.03
C PRO D 418 -11.75 -15.88 43.66
N GLY D 419 -11.91 -16.88 42.82
CA GLY D 419 -12.23 -18.23 43.28
C GLY D 419 -13.59 -18.39 43.91
N THR D 420 -14.62 -17.82 43.31
CA THR D 420 -16.00 -17.99 43.77
C THR D 420 -16.88 -18.60 42.69
N ALA D 421 -16.28 -19.29 41.72
CA ALA D 421 -17.02 -20.00 40.67
C ALA D 421 -17.99 -19.08 39.94
N LYS D 422 -17.59 -17.82 39.68
CA LYS D 422 -18.41 -16.89 38.84
C LYS D 422 -17.95 -16.98 37.38
N SER D 423 -16.83 -17.64 37.03
CA SER D 423 -16.51 -17.89 35.63
C SER D 423 -17.10 -19.21 35.15
N GLN D 424 -17.22 -20.20 36.05
CA GLN D 424 -17.86 -21.45 35.71
C GLN D 424 -19.35 -21.28 35.46
N LEU D 425 -20.00 -20.37 36.19
CA LEU D 425 -21.42 -20.12 35.95
C LEU D 425 -21.66 -19.60 34.53
N LEU D 426 -20.82 -18.68 34.06
CA LEU D 426 -20.96 -18.18 32.69
C LEU D 426 -20.81 -19.32 31.68
N LYS D 427 -19.82 -20.19 31.89
CA LYS D 427 -19.63 -21.32 30.99
C LYS D 427 -20.83 -22.25 31.01
N PHE D 428 -21.46 -22.44 32.16
CA PHE D 428 -22.67 -23.25 32.18
C PHE D 428 -23.81 -22.56 31.44
N VAL D 429 -23.99 -21.26 31.65
CA VAL D 429 -25.07 -20.56 30.96
C VAL D 429 -24.88 -20.64 29.46
N GLU D 430 -23.63 -20.77 29.01
CA GLU D 430 -23.39 -20.86 27.58
C GLU D 430 -23.87 -22.18 26.99
N LYS D 431 -23.78 -23.27 27.76
CA LYS D 431 -24.09 -24.59 27.24
C LYS D 431 -25.56 -24.94 27.24
N VAL D 432 -26.39 -24.24 28.05
CA VAL D 432 -27.83 -24.62 28.24
C VAL D 432 -28.74 -23.54 27.68
N SER D 433 -28.33 -22.81 26.62
CA SER D 433 -29.20 -21.83 26.00
C SER D 433 -29.25 -22.09 24.50
N PRO D 434 -30.40 -21.90 23.86
CA PRO D 434 -30.46 -22.16 22.41
C PRO D 434 -29.40 -21.41 21.62
N ILE D 435 -29.26 -20.11 21.83
CA ILE D 435 -28.24 -19.29 21.18
C ILE D 435 -27.44 -18.60 22.28
N ALA D 436 -26.12 -18.72 22.23
CA ALA D 436 -25.29 -18.14 23.28
C ALA D 436 -23.87 -17.96 22.77
N VAL D 437 -23.26 -16.85 23.18
CA VAL D 437 -21.85 -16.58 22.90
C VAL D 437 -21.15 -16.24 24.20
N TYR D 438 -19.93 -16.75 24.35
CA TYR D 438 -19.11 -16.52 25.54
C TYR D 438 -17.84 -15.80 25.11
N THR D 439 -17.58 -14.65 25.72
CA THR D 439 -16.46 -13.80 25.29
C THR D 439 -15.93 -13.04 26.50
N SER D 440 -14.90 -12.23 26.25
CA SER D 440 -14.29 -11.38 27.26
C SER D 440 -14.51 -9.92 26.88
N GLY D 441 -13.95 -9.03 27.70
CA GLY D 441 -14.13 -7.61 27.45
C GLY D 441 -13.44 -7.14 26.17
N LYS D 442 -12.22 -7.62 25.94
CA LYS D 442 -11.44 -7.24 24.77
C LYS D 442 -11.68 -8.17 23.59
N GLY D 443 -12.83 -8.83 23.53
CA GLY D 443 -13.13 -9.73 22.44
C GLY D 443 -12.44 -11.07 22.60
N SER D 444 -12.64 -11.92 21.60
CA SER D 444 -12.02 -13.24 21.53
C SER D 444 -10.89 -13.24 20.53
N SER D 445 -10.18 -14.36 20.47
CA SER D 445 -9.07 -14.49 19.53
C SER D 445 -9.60 -14.44 18.11
N ALA D 446 -9.21 -13.42 17.35
CA ALA D 446 -9.63 -13.28 15.96
C ALA D 446 -11.16 -13.22 15.83
N ALA D 447 -11.83 -12.68 16.84
CA ALA D 447 -13.27 -12.46 16.78
C ALA D 447 -13.58 -11.24 17.62
N GLY D 448 -14.39 -10.33 17.08
CA GLY D 448 -14.67 -9.08 17.74
C GLY D 448 -15.71 -9.19 18.81
N LEU D 449 -16.03 -8.04 19.40
CA LEU D 449 -17.05 -7.96 20.44
C LEU D 449 -18.36 -7.35 19.96
N THR D 450 -18.32 -6.44 19.00
CA THR D 450 -19.52 -5.81 18.47
C THR D 450 -19.42 -5.77 16.95
N ALA D 451 -20.41 -5.15 16.32
CA ALA D 451 -20.49 -5.14 14.86
C ALA D 451 -19.23 -4.52 14.25
N SER D 452 -18.70 -5.18 13.24
CA SER D 452 -17.57 -4.70 12.47
C SER D 452 -17.95 -4.68 10.99
N VAL D 453 -17.57 -3.62 10.29
CA VAL D 453 -17.95 -3.43 8.89
C VAL D 453 -16.65 -3.34 8.10
N GLN D 454 -16.23 -4.48 7.55
CA GLN D 454 -15.07 -4.59 6.67
C GLN D 454 -15.50 -4.83 5.23
N ARG D 455 -14.54 -4.55 4.34
CA ARG D 455 -14.79 -4.66 2.88
C ARG D 455 -14.66 -6.12 2.43
N ASP D 456 -15.42 -6.51 1.41
CA ASP D 456 -15.44 -7.87 0.91
C ASP D 456 -14.06 -8.29 0.39
N PRO D 457 -13.63 -9.53 0.62
CA PRO D 457 -12.32 -9.96 0.13
C PRO D 457 -12.16 -9.81 -1.38
N MET D 458 -13.23 -10.00 -2.15
CA MET D 458 -13.16 -10.00 -3.61
C MET D 458 -13.85 -8.80 -4.24
N THR D 459 -15.13 -8.59 -3.93
CA THR D 459 -15.96 -7.54 -4.51
C THR D 459 -15.59 -6.12 -4.05
N ARG D 460 -14.78 -5.98 -2.99
CA ARG D 460 -14.40 -4.64 -2.42
C ARG D 460 -15.67 -3.93 -1.97
N GLU D 461 -16.71 -4.63 -1.49
CA GLU D 461 -17.98 -3.98 -1.05
C GLU D 461 -18.14 -4.07 0.48
N PHE D 462 -19.13 -3.39 1.07
CA PHE D 462 -19.26 -3.38 2.56
C PHE D 462 -19.99 -4.64 3.03
N TYR D 463 -19.54 -5.33 4.11
CA TYR D 463 -20.31 -6.44 4.65
C TYR D 463 -19.95 -6.62 6.11
N LEU D 464 -20.95 -7.03 6.89
CA LEU D 464 -20.75 -7.28 8.31
C LEU D 464 -19.82 -8.45 8.50
N GLU D 465 -18.65 -8.19 9.08
CA GLU D 465 -17.72 -9.29 9.34
C GLU D 465 -18.27 -10.24 10.40
N GLY D 466 -18.90 -9.69 11.45
CA GLY D 466 -19.48 -10.52 12.48
C GLY D 466 -19.02 -10.12 13.87
N GLY D 467 -19.96 -9.84 14.75
CA GLY D 467 -19.65 -9.46 16.12
C GLY D 467 -20.51 -10.22 17.10
N ALA D 468 -19.98 -10.39 18.31
CA ALA D 468 -20.65 -11.18 19.33
C ALA D 468 -22.02 -10.62 19.68
N MET D 469 -22.24 -9.31 19.51
CA MET D 469 -23.52 -8.73 19.86
C MET D 469 -24.52 -8.77 18.71
N VAL D 470 -24.11 -9.22 17.52
CA VAL D 470 -25.02 -9.46 16.43
C VAL D 470 -25.10 -10.95 16.06
N LEU D 471 -24.06 -11.73 16.32
CA LEU D 471 -24.14 -13.16 16.12
C LEU D 471 -25.17 -13.79 17.04
N ALA D 472 -25.37 -13.21 18.22
CA ALA D 472 -26.20 -13.82 19.26
C ALA D 472 -27.57 -13.18 19.37
N ASP D 473 -28.03 -12.50 18.32
CA ASP D 473 -29.33 -11.86 18.38
C ASP D 473 -30.40 -12.88 18.77
N GLY D 474 -31.22 -12.52 19.75
CA GLY D 474 -32.22 -13.41 20.28
C GLY D 474 -31.70 -14.43 21.28
N GLY D 475 -30.45 -14.32 21.69
CA GLY D 475 -29.83 -15.26 22.62
C GLY D 475 -29.26 -14.54 23.83
N VAL D 476 -28.08 -15.00 24.24
CA VAL D 476 -27.40 -14.50 25.44
C VAL D 476 -25.93 -14.31 25.12
N VAL D 477 -25.35 -13.24 25.66
CA VAL D 477 -23.92 -12.97 25.56
C VAL D 477 -23.36 -12.92 26.97
N CYS D 478 -22.32 -13.71 27.22
CA CYS D 478 -21.69 -13.81 28.53
C CYS D 478 -20.32 -13.16 28.44
N ILE D 479 -20.18 -12.02 29.08
CA ILE D 479 -18.97 -11.20 28.99
C ILE D 479 -18.20 -11.36 30.29
N ASP D 480 -17.03 -11.98 30.20
CA ASP D 480 -16.13 -12.10 31.34
C ASP D 480 -15.12 -10.96 31.31
N GLU D 481 -14.72 -10.52 32.50
CA GLU D 481 -13.81 -9.38 32.64
C GLU D 481 -14.41 -8.12 32.03
N PHE D 482 -15.61 -7.79 32.50
CA PHE D 482 -16.34 -6.65 31.99
C PHE D 482 -15.61 -5.33 32.22
N ASP D 483 -14.72 -5.27 33.24
CA ASP D 483 -14.04 -4.02 33.67
C ASP D 483 -12.97 -3.54 32.66
N LYS D 484 -12.34 -4.42 31.87
CA LYS D 484 -11.34 -4.04 30.87
C LYS D 484 -11.91 -4.18 29.47
N MET D 485 -12.03 -3.06 28.77
CA MET D 485 -12.45 -3.05 27.38
C MET D 485 -12.29 -1.64 26.82
N ARG D 486 -12.32 -1.54 25.49
CA ARG D 486 -12.12 -0.26 24.83
C ARG D 486 -13.32 0.66 25.03
N ASP D 487 -13.11 1.95 24.72
CA ASP D 487 -14.17 2.94 24.91
C ASP D 487 -15.26 2.84 23.84
N GLU D 488 -14.87 2.61 22.59
CA GLU D 488 -15.87 2.42 21.55
C GLU D 488 -16.77 1.23 21.87
N ASP D 489 -16.18 0.16 22.42
CA ASP D 489 -16.98 -0.99 22.83
C ASP D 489 -17.97 -0.60 23.91
N ARG D 490 -17.54 0.20 24.87
CA ARG D 490 -18.44 0.66 25.92
C ARG D 490 -19.61 1.43 25.33
N VAL D 491 -19.31 2.40 24.46
CA VAL D 491 -20.36 3.25 23.91
C VAL D 491 -21.32 2.44 23.06
N ALA D 492 -20.82 1.42 22.35
CA ALA D 492 -21.70 0.59 21.55
C ALA D 492 -22.58 -0.31 22.41
N ILE D 493 -21.99 -0.93 23.45
CA ILE D 493 -22.76 -1.83 24.31
C ILE D 493 -23.83 -1.06 25.07
N HIS D 494 -23.55 0.19 25.46
CA HIS D 494 -24.58 0.97 26.14
C HIS D 494 -25.83 1.09 25.28
N GLU D 495 -25.67 1.32 23.98
CA GLU D 495 -26.83 1.37 23.10
C GLU D 495 -27.45 -0.02 22.91
N ALA D 496 -26.61 -1.04 22.72
CA ALA D 496 -27.15 -2.37 22.52
C ALA D 496 -27.91 -2.88 23.73
N MET D 497 -27.62 -2.35 24.92
CA MET D 497 -28.20 -2.88 26.15
C MET D 497 -29.55 -2.27 26.49
N GLU D 498 -29.96 -1.19 25.83
CA GLU D 498 -31.26 -0.60 26.09
C GLU D 498 -32.13 -0.48 24.85
N GLN D 499 -31.56 -0.05 23.73
CA GLN D 499 -32.28 0.06 22.47
C GLN D 499 -32.19 -1.19 21.62
N GLN D 500 -31.36 -2.16 22.02
CA GLN D 500 -31.31 -3.48 21.41
C GLN D 500 -30.83 -3.43 19.96
N THR D 501 -30.06 -2.40 19.60
CA THR D 501 -29.57 -2.24 18.24
C THR D 501 -28.21 -1.57 18.28
N ILE D 502 -27.47 -1.71 17.18
CA ILE D 502 -26.20 -1.04 16.97
C ILE D 502 -26.30 -0.24 15.66
N SER D 503 -25.90 1.01 15.71
CA SER D 503 -25.97 1.90 14.55
C SER D 503 -24.58 2.11 13.97
N ILE D 504 -24.45 1.92 12.65
CA ILE D 504 -23.21 2.12 11.94
C ILE D 504 -23.39 3.27 10.97
N ALA D 505 -22.48 4.24 11.01
CA ALA D 505 -22.47 5.36 10.07
C ALA D 505 -21.00 5.53 9.65
N LYS D 506 -20.60 4.78 8.63
CA LYS D 506 -19.28 4.82 8.06
C LYS D 506 -19.35 5.49 6.69
N ALA D 507 -18.19 5.83 6.15
CA ALA D 507 -18.15 6.39 4.81
C ALA D 507 -18.79 5.41 3.83
N GLY D 508 -19.95 5.77 3.28
CA GLY D 508 -20.60 4.99 2.25
C GLY D 508 -21.77 4.15 2.73
N ILE D 509 -21.69 3.62 3.95
CA ILE D 509 -22.69 2.71 4.49
C ILE D 509 -23.25 3.28 5.79
N THR D 510 -24.58 3.30 5.90
CA THR D 510 -25.27 3.71 7.11
C THR D 510 -26.44 2.76 7.34
N THR D 511 -26.44 2.10 8.50
CA THR D 511 -27.45 1.07 8.77
C THR D 511 -27.62 0.91 10.28
N VAL D 512 -28.86 0.68 10.70
CA VAL D 512 -29.19 0.37 12.09
C VAL D 512 -29.47 -1.12 12.18
N LEU D 513 -28.56 -1.87 12.79
CA LEU D 513 -28.66 -3.32 12.86
C LEU D 513 -29.62 -3.73 13.97
N ASN D 514 -29.70 -5.04 14.21
CA ASN D 514 -30.53 -5.60 15.27
C ASN D 514 -29.64 -6.42 16.19
N SER D 515 -29.64 -6.09 17.48
CA SER D 515 -28.91 -6.83 18.50
C SER D 515 -29.83 -6.93 19.72
N ARG D 516 -30.64 -7.99 19.75
CA ARG D 516 -31.59 -8.22 20.84
C ARG D 516 -31.04 -9.39 21.66
N THR D 517 -30.18 -9.08 22.63
CA THR D 517 -29.51 -10.07 23.44
C THR D 517 -29.58 -9.68 24.90
N SER D 518 -29.18 -10.60 25.77
CA SER D 518 -29.13 -10.40 27.21
C SER D 518 -27.69 -10.55 27.67
N VAL D 519 -27.23 -9.62 28.50
CA VAL D 519 -25.83 -9.56 28.91
C VAL D 519 -25.72 -10.15 30.31
N LEU D 520 -24.84 -11.14 30.45
CA LEU D 520 -24.47 -11.67 31.75
C LEU D 520 -22.98 -11.38 31.93
N ALA D 521 -22.64 -10.47 32.83
CA ALA D 521 -21.31 -9.93 32.95
C ALA D 521 -20.67 -10.32 34.27
N ALA D 522 -19.38 -10.63 34.22
CA ALA D 522 -18.61 -10.94 35.42
C ALA D 522 -17.42 -10.00 35.52
N ALA D 523 -17.17 -9.48 36.72
CA ALA D 523 -16.07 -8.56 36.95
C ALA D 523 -15.45 -8.86 38.31
N ASN D 524 -14.23 -8.37 38.50
CA ASN D 524 -13.51 -8.54 39.76
C ASN D 524 -13.13 -7.18 40.32
N PRO D 525 -13.22 -6.98 41.64
CA PRO D 525 -12.91 -5.67 42.21
C PRO D 525 -11.44 -5.36 42.12
N ILE D 526 -11.13 -4.07 42.07
CA ILE D 526 -9.74 -3.64 42.05
C ILE D 526 -9.12 -3.90 43.42
N TYR D 527 -7.81 -4.09 43.43
CA TYR D 527 -6.98 -4.38 44.60
C TYR D 527 -7.01 -5.84 45.02
N GLY D 528 -7.77 -6.70 44.33
CA GLY D 528 -7.74 -8.12 44.60
C GLY D 528 -8.76 -8.62 45.61
N ARG D 529 -9.34 -7.72 46.40
CA ARG D 529 -10.40 -8.09 47.33
C ARG D 529 -11.37 -6.94 47.41
N TYR D 530 -12.58 -7.24 47.87
CA TYR D 530 -13.61 -6.23 48.04
C TYR D 530 -13.50 -5.69 49.46
N ASP D 531 -13.11 -4.43 49.60
CA ASP D 531 -12.91 -3.82 50.91
C ASP D 531 -14.24 -3.41 51.52
N ASP D 532 -14.40 -3.72 52.81
CA ASP D 532 -15.63 -3.33 53.50
C ASP D 532 -15.67 -1.84 53.78
N LEU D 533 -14.51 -1.20 53.97
CA LEU D 533 -14.50 0.21 54.33
C LEU D 533 -14.84 1.11 53.15
N LYS D 534 -14.49 0.71 51.94
CA LYS D 534 -14.74 1.51 50.75
C LYS D 534 -16.12 1.20 50.18
N SER D 535 -16.74 2.21 49.57
CA SER D 535 -18.04 2.04 48.96
C SER D 535 -17.94 1.13 47.74
N PRO D 536 -19.04 0.52 47.32
CA PRO D 536 -18.98 -0.36 46.14
C PRO D 536 -18.51 0.36 44.89
N GLY D 537 -18.85 1.64 44.74
CA GLY D 537 -18.43 2.37 43.56
C GLY D 537 -16.94 2.59 43.45
N ASP D 538 -16.24 2.59 44.58
CA ASP D 538 -14.79 2.80 44.59
C ASP D 538 -14.00 1.50 44.46
N ASN D 539 -14.68 0.36 44.38
CA ASN D 539 -14.04 -0.93 44.20
C ASN D 539 -14.03 -1.39 42.75
N ILE D 540 -14.60 -0.60 41.84
CA ILE D 540 -14.63 -0.94 40.43
C ILE D 540 -13.63 -0.08 39.69
N ASP D 541 -13.37 -0.44 38.43
CA ASP D 541 -12.42 0.25 37.58
C ASP D 541 -13.11 0.88 36.38
N PHE D 542 -14.31 1.41 36.57
CA PHE D 542 -15.02 2.10 35.50
C PHE D 542 -16.06 3.02 36.14
N GLN D 543 -16.67 3.86 35.29
CA GLN D 543 -17.61 4.85 35.78
C GLN D 543 -18.75 4.19 36.53
N THR D 544 -19.12 4.77 37.68
CA THR D 544 -20.27 4.28 38.43
C THR D 544 -21.58 4.53 37.71
N THR D 545 -21.59 5.38 36.68
CA THR D 545 -22.79 5.56 35.90
C THR D 545 -23.19 4.29 35.17
N ILE D 546 -22.27 3.34 35.03
CA ILE D 546 -22.58 2.09 34.34
C ILE D 546 -23.39 1.15 35.21
N LEU D 547 -23.22 1.21 36.53
CA LEU D 547 -23.91 0.28 37.41
C LEU D 547 -25.42 0.43 37.35
N SER D 548 -25.91 1.58 36.90
CA SER D 548 -27.35 1.76 36.76
C SER D 548 -27.93 1.04 35.55
N ARG D 549 -27.09 0.57 34.64
CA ARG D 549 -27.57 -0.11 33.44
C ARG D 549 -28.17 -1.47 33.78
N PHE D 550 -27.46 -2.26 34.59
CA PHE D 550 -27.85 -3.64 34.83
C PHE D 550 -29.11 -3.73 35.68
N ASP D 551 -29.83 -4.83 35.52
CA ASP D 551 -31.08 -5.04 36.25
C ASP D 551 -30.87 -5.67 37.62
N MET D 552 -29.80 -6.44 37.79
CA MET D 552 -29.48 -7.01 39.09
C MET D 552 -27.97 -7.11 39.23
N ILE D 553 -27.45 -6.58 40.34
CA ILE D 553 -26.03 -6.63 40.66
C ILE D 553 -25.87 -7.49 41.90
N PHE D 554 -24.99 -8.49 41.82
CA PHE D 554 -24.66 -9.33 42.95
C PHE D 554 -23.23 -9.07 43.36
N ILE D 555 -22.98 -8.99 44.67
CA ILE D 555 -21.65 -8.85 45.23
C ILE D 555 -21.40 -10.11 46.05
N VAL D 556 -20.66 -11.05 45.47
CA VAL D 556 -20.31 -12.30 46.16
C VAL D 556 -18.96 -12.12 46.82
N LYS D 557 -18.93 -12.28 48.14
CA LYS D 557 -17.72 -12.11 48.93
C LYS D 557 -17.29 -13.47 49.49
N ASP D 558 -16.00 -13.70 49.53
CA ASP D 558 -15.44 -14.96 50.04
C ASP D 558 -15.04 -14.74 51.49
N ASP D 559 -15.88 -15.19 52.41
CA ASP D 559 -15.61 -15.09 53.83
C ASP D 559 -14.85 -16.32 54.30
N HIS D 560 -13.83 -16.10 55.11
CA HIS D 560 -12.95 -17.16 55.58
C HIS D 560 -13.51 -17.77 56.86
N ASN D 561 -13.89 -19.05 56.79
CA ASN D 561 -14.51 -19.76 57.89
C ASN D 561 -13.98 -21.18 57.89
N GLU D 562 -13.80 -21.75 59.08
CA GLU D 562 -13.27 -23.10 59.19
C GLU D 562 -14.32 -24.18 58.99
N GLU D 563 -15.59 -23.82 58.87
CA GLU D 563 -16.66 -24.79 58.62
C GLU D 563 -16.95 -24.92 57.12
N ARG D 564 -17.23 -23.80 56.45
CA ARG D 564 -17.55 -23.84 55.03
C ARG D 564 -16.35 -24.25 54.19
N ASP D 565 -15.14 -24.13 54.74
CA ASP D 565 -13.96 -24.62 54.06
C ASP D 565 -13.99 -26.14 53.97
N ILE D 566 -14.26 -26.82 55.09
CA ILE D 566 -14.34 -28.28 55.05
C ILE D 566 -15.49 -28.71 54.16
N SER D 567 -16.61 -27.99 54.21
CA SER D 567 -17.75 -28.33 53.36
C SER D 567 -17.36 -28.28 51.89
N ILE D 568 -16.71 -27.18 51.47
CA ILE D 568 -16.34 -27.04 50.07
C ILE D 568 -15.29 -28.07 49.69
N ALA D 569 -14.35 -28.35 50.58
CA ALA D 569 -13.34 -29.36 50.29
C ALA D 569 -13.97 -30.72 50.05
N ASN D 570 -14.91 -31.12 50.91
CA ASN D 570 -15.59 -32.40 50.71
C ASN D 570 -16.37 -32.40 49.41
N HIS D 571 -17.04 -31.28 49.10
CA HIS D 571 -17.82 -31.23 47.87
C HIS D 571 -16.95 -31.39 46.65
N VAL D 572 -15.80 -30.72 46.62
CA VAL D 572 -14.98 -30.79 45.41
C VAL D 572 -14.17 -32.08 45.38
N ILE D 573 -13.93 -32.71 46.53
CA ILE D 573 -13.30 -34.03 46.51
C ILE D 573 -14.23 -35.06 45.92
N ASN D 574 -15.54 -34.91 46.16
CA ASN D 574 -16.48 -35.93 45.67
C ASN D 574 -16.60 -35.93 44.15
N ILE D 575 -16.64 -34.74 43.52
CA ILE D 575 -16.76 -34.71 42.06
C ILE D 575 -15.55 -35.33 41.39
N HIS D 576 -14.36 -35.15 41.98
CA HIS D 576 -13.17 -35.79 41.43
C HIS D 576 -13.15 -37.29 41.71
N THR D 577 -13.61 -37.71 42.90
CA THR D 577 -13.60 -39.13 43.19
C THR D 577 -14.55 -39.92 42.29
N GLY D 578 -15.56 -39.27 41.73
CA GLY D 578 -16.47 -39.91 40.82
C GLY D 578 -17.81 -40.28 41.41
N ASN D 579 -17.97 -40.18 42.73
CA ASN D 579 -19.26 -40.50 43.33
C ASN D 579 -20.28 -39.39 43.07
N ALA D 580 -19.82 -38.18 42.74
CA ALA D 580 -20.66 -37.09 42.35
C ALA D 580 -20.65 -36.89 40.83
N ASN D 581 -20.20 -37.90 40.10
CA ASN D 581 -20.18 -37.88 38.64
C ASN D 581 -21.58 -38.10 38.12
N ALA D 582 -21.74 -38.86 37.03
CA ALA D 582 -23.08 -39.21 36.57
C ALA D 582 -23.53 -40.50 37.26
N MET D 583 -23.63 -40.39 38.58
CA MET D 583 -24.22 -41.40 39.44
C MET D 583 -25.17 -40.73 40.42
N GLN D 584 -24.85 -39.49 40.80
CA GLN D 584 -25.58 -38.78 41.83
C GLN D 584 -26.60 -37.81 41.24
N ASN D 585 -26.44 -37.43 39.97
CA ASN D 585 -27.40 -36.57 39.30
C ASN D 585 -28.37 -37.37 38.45
N GLN D 586 -28.06 -38.62 38.12
CA GLN D 586 -28.98 -39.48 37.41
C GLN D 586 -30.10 -39.97 38.32
N GLN D 587 -29.78 -40.20 39.59
CA GLN D 587 -30.81 -40.51 40.57
C GLN D 587 -31.81 -39.38 40.70
N GLU D 588 -31.35 -38.15 40.52
CA GLU D 588 -32.18 -36.96 40.70
C GLU D 588 -33.00 -36.59 39.47
N GLU D 589 -32.72 -37.19 38.30
CA GLU D 589 -33.54 -36.89 37.14
C GLU D 589 -34.95 -37.44 37.27
N ASN D 590 -35.22 -38.27 38.28
CA ASN D 590 -36.53 -38.87 38.51
C ASN D 590 -37.47 -37.86 39.16
N GLY D 591 -37.75 -36.80 38.42
CA GLY D 591 -38.64 -35.75 38.88
C GLY D 591 -37.98 -34.66 39.68
N SER D 592 -36.68 -34.78 39.97
CA SER D 592 -35.96 -33.80 40.76
C SER D 592 -34.93 -33.02 39.96
N GLU D 593 -34.69 -33.39 38.70
CA GLU D 593 -33.74 -32.67 37.87
C GLU D 593 -34.06 -32.89 36.40
N ILE D 594 -33.64 -31.92 35.58
CA ILE D 594 -33.86 -31.93 34.12
C ILE D 594 -32.51 -32.08 33.42
N SER D 595 -32.46 -32.68 32.23
CA SER D 595 -31.26 -32.78 31.41
C SER D 595 -31.00 -31.46 30.68
N ILE D 596 -29.82 -31.35 30.04
CA ILE D 596 -29.36 -30.08 29.41
C ILE D 596 -30.18 -29.83 28.14
N GLU D 597 -30.53 -30.88 27.38
CA GLU D 597 -31.22 -30.71 26.06
C GLU D 597 -32.74 -30.64 26.27
N LYS D 598 -33.21 -31.24 27.35
CA LYS D 598 -34.66 -31.19 27.62
C LYS D 598 -34.92 -29.75 27.96
N MET D 599 -34.20 -29.24 28.96
CA MET D 599 -34.39 -27.88 29.44
C MET D 599 -34.13 -26.86 28.34
N LYS D 600 -33.16 -27.11 27.47
CA LYS D 600 -32.93 -26.20 26.35
C LYS D 600 -34.17 -26.08 25.47
N ARG D 601 -34.84 -27.20 25.23
CA ARG D 601 -36.06 -27.17 24.44
C ARG D 601 -37.21 -26.54 25.22
N TYR D 602 -37.24 -26.75 26.54
CA TYR D 602 -38.31 -26.21 27.41
C TYR D 602 -38.18 -24.68 27.45
N ILE D 603 -36.95 -24.14 27.38
CA ILE D 603 -36.71 -22.70 27.30
C ILE D 603 -37.19 -22.17 25.95
N THR D 604 -36.86 -22.86 24.87
CA THR D 604 -37.31 -22.40 23.56
C THR D 604 -38.84 -22.38 23.46
N TYR D 605 -39.49 -23.45 23.93
CA TYR D 605 -40.94 -23.51 23.89
C TYR D 605 -41.57 -22.35 24.66
N CYS D 606 -41.07 -22.10 25.87
CA CYS D 606 -41.61 -21.02 26.68
C CYS D 606 -41.43 -19.67 26.01
N ARG D 607 -40.20 -19.39 25.52
CA ARG D 607 -39.97 -18.13 24.84
C ARG D 607 -40.94 -17.96 23.68
N LEU D 608 -41.22 -19.04 22.95
CA LEU D 608 -42.00 -18.94 21.73
C LEU D 608 -43.50 -18.88 21.97
N LYS D 609 -44.00 -19.40 23.09
CA LYS D 609 -45.44 -19.55 23.30
C LYS D 609 -46.06 -18.50 24.22
N CYS D 610 -45.36 -18.06 25.26
CA CYS D 610 -45.97 -17.25 26.32
C CYS D 610 -45.39 -15.84 26.36
N ALA D 611 -46.26 -14.88 26.66
CA ALA D 611 -45.84 -13.49 26.87
C ALA D 611 -46.74 -12.86 27.93
N PRO D 612 -46.38 -13.01 29.20
CA PRO D 612 -47.29 -12.61 30.28
C PRO D 612 -47.57 -11.11 30.29
N ARG D 613 -48.56 -10.73 31.10
CA ARG D 613 -48.97 -9.35 31.26
C ARG D 613 -49.42 -9.15 32.70
N LEU D 614 -48.90 -8.11 33.36
CA LEU D 614 -49.25 -7.85 34.74
C LEU D 614 -50.76 -7.69 34.90
N SER D 615 -51.20 -7.81 36.14
CA SER D 615 -52.57 -7.59 36.55
C SER D 615 -52.70 -6.26 37.28
N PRO D 616 -53.90 -5.69 37.36
CA PRO D 616 -54.04 -4.39 38.04
C PRO D 616 -53.60 -4.40 39.49
N GLN D 617 -53.69 -5.54 40.18
CA GLN D 617 -53.24 -5.59 41.56
C GLN D 617 -51.71 -5.58 41.65
N ALA D 618 -51.07 -6.28 40.72
CA ALA D 618 -49.61 -6.29 40.73
C ALA D 618 -49.07 -4.93 40.35
N ALA D 619 -49.80 -4.16 39.54
CA ALA D 619 -49.34 -2.84 39.20
C ALA D 619 -49.26 -1.96 40.45
N GLU D 620 -50.29 -2.03 41.29
CA GLU D 620 -50.30 -1.24 42.53
C GLU D 620 -49.19 -1.71 43.47
N LYS D 621 -49.00 -3.02 43.59
CA LYS D 621 -47.97 -3.52 44.49
C LYS D 621 -46.56 -3.26 43.97
N LEU D 622 -46.40 -3.06 42.66
CA LEU D 622 -45.11 -2.68 42.12
C LEU D 622 -44.89 -1.17 42.21
N SER D 623 -45.94 -0.38 42.06
CA SER D 623 -45.83 1.07 42.15
C SER D 623 -45.70 1.57 43.57
N SER D 624 -46.06 0.76 44.56
CA SER D 624 -45.93 1.20 45.94
C SER D 624 -44.55 0.91 46.52
N ASN D 625 -43.90 -0.17 46.09
CA ASN D 625 -42.55 -0.46 46.55
C ASN D 625 -41.53 0.51 45.95
N PHE D 626 -41.80 1.02 44.75
CA PHE D 626 -40.87 1.93 44.11
C PHE D 626 -40.88 3.30 44.79
N VAL D 627 -42.07 3.79 45.14
CA VAL D 627 -42.16 5.08 45.81
C VAL D 627 -41.64 5.01 47.23
N THR D 628 -41.34 3.80 47.71
CA THR D 628 -40.78 3.59 49.03
C THR D 628 -39.26 3.46 49.02
N ILE D 629 -38.70 2.72 48.06
CA ILE D 629 -37.25 2.57 48.02
C ILE D 629 -36.56 3.91 47.74
N ARG D 630 -37.25 4.84 47.08
CA ARG D 630 -36.64 6.10 46.69
C ARG D 630 -36.81 7.21 47.72
N LYS D 631 -37.67 7.05 48.72
CA LYS D 631 -37.65 7.97 49.86
C LYS D 631 -36.46 7.73 50.76
N GLN D 632 -36.14 6.46 51.03
CA GLN D 632 -35.03 6.13 51.90
C GLN D 632 -33.66 6.36 51.25
N LEU D 633 -33.62 6.70 49.96
CA LEU D 633 -32.38 7.17 49.35
C LEU D 633 -32.26 8.68 49.42
N LEU D 634 -33.35 9.40 49.15
CA LEU D 634 -33.34 10.86 49.32
C LEU D 634 -33.03 11.25 50.76
N ILE D 635 -33.61 10.55 51.72
CA ILE D 635 -33.35 10.86 53.13
C ILE D 635 -31.86 10.79 53.42
N ASN D 636 -31.25 9.64 53.12
CA ASN D 636 -29.82 9.41 53.49
C ASN D 636 -28.91 10.29 52.63
N GLU D 637 -29.27 10.62 51.38
CA GLU D 637 -28.46 11.54 50.59
C GLU D 637 -28.56 12.97 51.09
N LEU D 638 -29.76 13.41 51.47
CA LEU D 638 -29.90 14.76 52.02
C LEU D 638 -29.15 14.90 53.33
N GLU D 639 -29.19 13.86 54.18
CA GLU D 639 -28.49 13.92 55.44
C GLU D 639 -26.99 14.09 55.24
N SER D 640 -26.42 13.36 54.29
CA SER D 640 -24.99 13.40 54.04
C SER D 640 -24.68 14.37 52.91
N THR D 641 -23.39 14.50 52.59
CA THR D 641 -22.93 15.40 51.54
C THR D 641 -22.68 14.69 50.22
N GLU D 642 -22.13 13.49 50.25
CA GLU D 642 -21.86 12.73 49.04
C GLU D 642 -23.12 12.02 48.58
N ARG D 643 -23.11 11.56 47.33
CA ARG D 643 -24.22 10.82 46.76
C ARG D 643 -23.91 9.32 46.79
N SER D 644 -24.98 8.53 46.73
CA SER D 644 -24.84 7.07 46.80
C SER D 644 -24.22 6.53 45.52
N SER D 645 -23.24 5.64 45.67
CA SER D 645 -22.59 5.05 44.51
C SER D 645 -23.56 4.23 43.69
N ILE D 646 -24.45 3.48 44.35
CA ILE D 646 -25.43 2.64 43.68
C ILE D 646 -26.73 3.42 43.55
N PRO D 647 -27.05 3.99 42.40
CA PRO D 647 -28.25 4.82 42.29
C PRO D 647 -29.50 4.02 41.97
N ILE D 648 -30.63 4.57 42.39
CA ILE D 648 -31.95 4.01 42.11
C ILE D 648 -32.62 4.93 41.10
N THR D 649 -32.94 4.37 39.94
CA THR D 649 -33.47 5.13 38.81
C THR D 649 -34.75 4.49 38.30
N ILE D 650 -35.40 5.18 37.36
CA ILE D 650 -36.59 4.64 36.73
C ILE D 650 -36.30 3.34 35.99
N ARG D 651 -35.04 3.09 35.64
CA ARG D 651 -34.71 1.83 34.98
C ARG D 651 -34.84 0.62 35.89
N GLN D 652 -35.02 0.83 37.20
CA GLN D 652 -35.17 -0.30 38.10
C GLN D 652 -36.63 -0.65 38.33
N LEU D 653 -37.53 0.30 38.14
CA LEU D 653 -38.94 -0.05 38.17
C LEU D 653 -39.25 -1.01 37.03
N GLU D 654 -38.76 -0.69 35.84
CA GLU D 654 -38.94 -1.59 34.71
C GLU D 654 -38.12 -2.87 34.87
N ALA D 655 -36.97 -2.79 35.55
CA ALA D 655 -36.21 -4.01 35.80
C ALA D 655 -37.00 -4.99 36.66
N ILE D 656 -37.84 -4.48 37.56
CA ILE D 656 -38.65 -5.38 38.39
C ILE D 656 -39.90 -5.82 37.64
N ILE D 657 -40.50 -4.94 36.84
CA ILE D 657 -41.60 -5.39 36.01
C ILE D 657 -41.13 -6.54 35.13
N ARG D 658 -39.84 -6.56 34.79
CA ARG D 658 -39.33 -7.65 33.97
C ARG D 658 -39.06 -8.92 34.77
N ILE D 659 -38.55 -8.79 36.01
CA ILE D 659 -38.31 -9.95 36.91
C ILE D 659 -39.66 -10.64 37.19
N THR D 660 -40.72 -9.87 37.42
CA THR D 660 -42.05 -10.40 37.70
C THR D 660 -42.68 -11.04 36.47
N GLU D 661 -42.54 -10.42 35.29
CA GLU D 661 -43.07 -11.07 34.09
C GLU D 661 -42.28 -12.31 33.68
N SER D 662 -40.99 -12.37 34.05
CA SER D 662 -40.19 -13.56 33.78
C SER D 662 -40.51 -14.74 34.68
N LEU D 663 -40.90 -14.49 35.93
CA LEU D 663 -41.27 -15.58 36.83
C LEU D 663 -42.59 -16.24 36.49
N ALA D 664 -43.42 -15.61 35.65
CA ALA D 664 -44.67 -16.22 35.23
C ALA D 664 -44.56 -16.96 33.91
N LYS D 665 -43.50 -16.72 33.15
CA LYS D 665 -43.37 -17.31 31.83
C LYS D 665 -42.86 -18.73 31.85
N LEU D 666 -42.32 -19.21 32.96
CA LEU D 666 -41.87 -20.60 33.03
C LEU D 666 -43.01 -21.55 33.36
N GLU D 667 -44.19 -21.04 33.71
CA GLU D 667 -45.36 -21.86 33.98
C GLU D 667 -46.39 -21.78 32.87
N LEU D 668 -46.04 -21.16 31.74
CA LEU D 668 -46.98 -20.97 30.63
C LEU D 668 -48.25 -20.26 31.11
N SER D 669 -48.07 -19.30 32.00
CA SER D 669 -49.20 -18.56 32.56
C SER D 669 -49.40 -17.27 31.77
N PRO D 670 -50.63 -16.93 31.37
CA PRO D 670 -50.84 -15.71 30.58
C PRO D 670 -50.94 -14.44 31.40
N ILE D 671 -51.11 -14.51 32.71
CA ILE D 671 -51.27 -13.34 33.56
C ILE D 671 -50.34 -13.46 34.75
N ALA D 672 -49.67 -12.36 35.10
CA ALA D 672 -48.77 -12.32 36.24
C ALA D 672 -49.52 -11.79 37.45
N GLN D 673 -49.39 -12.48 38.58
CA GLN D 673 -50.14 -12.19 39.79
C GLN D 673 -49.20 -11.73 40.89
N GLU D 674 -49.80 -11.16 41.95
CA GLU D 674 -49.00 -10.63 43.07
C GLU D 674 -48.14 -11.70 43.71
N ARG D 675 -48.54 -12.97 43.59
CA ARG D 675 -47.69 -14.06 44.05
C ARG D 675 -46.32 -13.99 43.39
N HIS D 676 -46.27 -13.49 42.15
CA HIS D 676 -45.00 -13.32 41.46
C HIS D 676 -44.32 -12.01 41.81
N VAL D 677 -45.09 -10.97 42.13
CA VAL D 677 -44.50 -9.70 42.54
C VAL D 677 -43.73 -9.88 43.84
N ASP D 678 -44.26 -10.70 44.75
CA ASP D 678 -43.55 -10.93 46.01
C ASP D 678 -42.16 -11.51 45.76
N GLU D 679 -42.09 -12.53 44.90
CA GLU D 679 -40.79 -13.13 44.59
C GLU D 679 -39.89 -12.16 43.85
N ALA D 680 -40.47 -11.32 42.99
CA ALA D 680 -39.67 -10.31 42.29
C ALA D 680 -39.02 -9.35 43.27
N ILE D 681 -39.80 -8.86 44.24
CA ILE D 681 -39.25 -7.97 45.26
C ILE D 681 -38.19 -8.68 46.07
N ARG D 682 -38.44 -9.94 46.43
CA ARG D 682 -37.46 -10.70 47.22
C ARG D 682 -36.14 -10.83 46.48
N LEU D 683 -36.19 -11.14 45.18
CA LEU D 683 -34.96 -11.23 44.39
C LEU D 683 -34.28 -9.88 44.27
N PHE D 684 -35.04 -8.80 44.07
CA PHE D 684 -34.42 -7.50 43.91
C PHE D 684 -33.76 -7.03 45.20
N GLN D 685 -34.28 -7.43 46.36
CA GLN D 685 -33.68 -7.01 47.62
C GLN D 685 -32.41 -7.77 47.96
N ALA D 686 -32.20 -8.95 47.39
CA ALA D 686 -31.00 -9.73 47.68
C ALA D 686 -29.84 -9.38 46.78
N SER D 687 -30.05 -8.59 45.74
CA SER D 687 -29.00 -8.28 44.78
C SER D 687 -28.61 -6.81 44.78
N THR D 688 -29.54 -5.90 44.50
CA THR D 688 -29.20 -4.50 44.31
C THR D 688 -29.29 -3.72 45.61
N MET D 689 -30.46 -3.74 46.26
CA MET D 689 -30.60 -3.04 47.52
C MET D 689 -29.64 -3.61 48.56
N ASP D 690 -29.18 -4.83 48.38
CA ASP D 690 -28.10 -5.34 49.22
C ASP D 690 -26.75 -4.77 48.79
N ALA D 691 -26.66 -4.23 47.58
CA ALA D 691 -25.44 -3.55 47.16
C ALA D 691 -25.42 -2.11 47.66
N ALA D 692 -26.58 -1.44 47.62
CA ALA D 692 -26.69 -0.14 48.25
C ALA D 692 -26.66 -0.24 49.77
N SER D 693 -26.90 -1.42 50.32
CA SER D 693 -26.81 -1.61 51.76
C SER D 693 -25.39 -1.46 52.27
N GLN D 694 -24.39 -1.59 51.41
CA GLN D 694 -23.00 -1.48 51.79
C GLN D 694 -22.38 -0.14 51.42
N ASP D 695 -23.18 0.82 50.96
CA ASP D 695 -22.64 2.14 50.66
C ASP D 695 -22.73 3.03 51.89
N PRO D 696 -21.67 3.77 52.24
CA PRO D 696 -21.76 4.64 53.43
C PRO D 696 -22.94 5.59 53.39
N ILE D 697 -23.31 6.10 52.22
CA ILE D 697 -24.37 7.09 52.11
C ILE D 697 -25.71 6.39 51.95
N GLY D 698 -25.84 5.55 50.93
CA GLY D 698 -27.11 4.90 50.64
C GLY D 698 -27.48 3.84 51.65
N GLY D 699 -26.50 3.31 52.38
CA GLY D 699 -26.76 2.25 53.35
C GLY D 699 -26.93 2.77 54.76
N LEU D 700 -27.14 4.07 54.91
CA LEU D 700 -27.35 4.64 56.23
C LEU D 700 -28.64 4.09 56.84
N ASN D 701 -28.72 4.19 58.18
CA ASN D 701 -29.86 3.69 58.91
C ASN D 701 -30.03 2.19 58.65
N HIS E 99 28.36 -27.60 -54.66
CA HIS E 99 29.52 -27.63 -55.53
C HIS E 99 29.97 -26.22 -55.88
N VAL E 100 30.21 -25.41 -54.85
CA VAL E 100 30.64 -24.03 -55.03
C VAL E 100 31.78 -23.74 -54.06
N LYS E 101 32.76 -22.98 -54.53
CA LYS E 101 33.88 -22.56 -53.70
C LYS E 101 33.51 -21.27 -52.97
N LYS E 102 33.64 -21.28 -51.64
CA LYS E 102 33.23 -20.14 -50.86
C LYS E 102 34.25 -19.00 -50.99
N VAL E 103 33.78 -17.78 -50.76
CA VAL E 103 34.71 -16.65 -50.69
C VAL E 103 35.62 -16.82 -49.50
N ASP E 104 36.88 -16.40 -49.63
CA ASP E 104 37.89 -16.67 -48.62
C ASP E 104 38.51 -15.37 -48.13
N ASP E 105 38.70 -15.29 -46.82
CA ASP E 105 39.40 -14.15 -46.23
C ASP E 105 40.91 -14.32 -46.38
N VAL E 106 41.59 -13.23 -46.72
CA VAL E 106 43.03 -13.27 -46.89
C VAL E 106 43.75 -12.86 -45.62
N THR E 107 43.30 -11.78 -44.98
CA THR E 107 43.87 -11.40 -43.71
C THR E 107 43.61 -12.47 -42.67
N GLY E 108 42.50 -13.20 -42.79
CA GLY E 108 42.22 -14.23 -41.81
C GLY E 108 43.27 -15.32 -41.84
N GLU E 109 43.60 -15.79 -43.04
CA GLU E 109 44.62 -16.83 -43.16
C GLU E 109 46.01 -16.31 -42.83
N LYS E 110 46.28 -15.03 -43.11
CA LYS E 110 47.54 -14.46 -42.66
C LYS E 110 47.64 -14.46 -41.13
N VAL E 111 46.56 -14.07 -40.47
CA VAL E 111 46.53 -14.08 -39.00
C VAL E 111 46.71 -15.49 -38.49
N ARG E 112 46.02 -16.45 -39.11
CA ARG E 112 46.16 -17.85 -38.69
C ARG E 112 47.60 -18.31 -38.79
N GLU E 113 48.24 -18.03 -39.92
CA GLU E 113 49.62 -18.46 -40.12
C GLU E 113 50.53 -17.81 -39.08
N ALA E 114 50.37 -16.51 -38.84
CA ALA E 114 51.21 -15.83 -37.87
C ALA E 114 51.04 -16.41 -36.47
N PHE E 115 49.79 -16.68 -36.08
CA PHE E 115 49.55 -17.34 -34.80
C PHE E 115 50.22 -18.70 -34.76
N GLU E 116 50.32 -19.37 -35.91
CA GLU E 116 50.89 -20.71 -35.92
C GLU E 116 52.40 -20.66 -35.69
N GLN E 117 53.08 -19.65 -36.23
CA GLN E 117 54.51 -19.58 -35.89
C GLN E 117 54.71 -19.03 -34.49
N PHE E 118 53.81 -18.16 -34.01
CA PHE E 118 53.94 -17.70 -32.64
C PHE E 118 53.91 -18.88 -31.69
N LEU E 119 52.91 -19.75 -31.82
CA LEU E 119 52.87 -20.93 -30.97
C LEU E 119 54.06 -21.84 -31.24
N GLU E 120 54.44 -22.00 -32.51
CA GLU E 120 55.47 -22.97 -32.85
C GLU E 120 56.81 -22.64 -32.20
N ASP E 121 57.22 -21.37 -32.24
CA ASP E 121 58.56 -20.97 -31.82
C ASP E 121 58.47 -19.76 -30.90
N PHE E 122 58.78 -19.97 -29.62
CA PHE E 122 58.88 -18.86 -28.67
C PHE E 122 59.61 -19.37 -27.44
N SER E 123 60.74 -18.76 -27.10
CA SER E 123 61.59 -19.24 -26.02
C SER E 123 61.87 -18.12 -25.03
N VAL E 124 62.19 -18.51 -23.80
CA VAL E 124 62.57 -17.60 -22.73
C VAL E 124 63.73 -18.23 -21.95
N GLN E 125 64.19 -17.53 -20.92
CA GLN E 125 65.27 -18.02 -20.10
C GLN E 125 65.14 -17.45 -18.70
N SER E 126 65.77 -18.11 -17.74
CA SER E 126 65.75 -17.68 -16.35
C SER E 126 67.14 -17.79 -15.73
N GLY E 130 68.77 -22.80 -16.83
CA GLY E 130 68.58 -21.95 -17.98
C GLY E 130 68.77 -22.69 -19.30
N GLU E 131 67.77 -22.61 -20.17
CA GLU E 131 67.82 -23.29 -21.46
C GLU E 131 66.82 -22.62 -22.39
N VAL E 132 67.02 -22.85 -23.69
CA VAL E 132 66.12 -22.31 -24.71
C VAL E 132 64.99 -23.32 -24.85
N GLU E 133 64.00 -23.21 -23.97
CA GLU E 133 62.85 -24.09 -23.95
C GLU E 133 61.60 -23.33 -24.33
N LYS E 134 60.72 -23.96 -25.10
CA LYS E 134 59.48 -23.32 -25.54
C LYS E 134 58.40 -23.48 -24.49
N VAL E 135 57.79 -22.34 -24.11
CA VAL E 135 56.82 -22.31 -23.03
C VAL E 135 55.44 -22.74 -23.51
N TYR E 136 55.02 -22.22 -24.66
CA TYR E 136 53.68 -22.51 -25.14
C TYR E 136 53.59 -23.86 -25.81
N ARG E 137 54.71 -24.49 -26.12
CA ARG E 137 54.68 -25.89 -26.49
C ARG E 137 54.67 -26.76 -25.23
N ALA E 138 55.22 -26.24 -24.12
CA ALA E 138 55.21 -27.02 -22.89
C ALA E 138 53.82 -27.04 -22.27
N GLN E 139 53.00 -26.04 -22.57
CA GLN E 139 51.65 -26.11 -22.04
C GLN E 139 50.92 -27.25 -22.72
N ILE E 140 51.07 -27.37 -24.04
CA ILE E 140 50.50 -28.51 -24.74
C ILE E 140 51.12 -29.79 -24.21
N GLU E 141 52.36 -29.70 -23.74
CA GLU E 141 53.05 -30.88 -23.22
C GLU E 141 52.33 -31.44 -22.01
N PHE E 142 51.89 -30.58 -21.09
CA PHE E 142 51.28 -31.09 -19.85
C PHE E 142 49.75 -31.09 -19.87
N MET E 143 49.13 -30.48 -20.88
CA MET E 143 47.69 -30.69 -21.07
C MET E 143 47.38 -32.16 -21.34
N LYS E 144 48.33 -32.90 -21.89
CA LYS E 144 48.12 -34.37 -22.12
C LYS E 144 48.38 -35.13 -20.82
N ILE E 145 48.96 -34.46 -19.82
CA ILE E 145 49.13 -35.10 -18.51
C ILE E 145 47.91 -34.86 -17.63
N TYR E 146 47.29 -33.69 -17.72
CA TYR E 146 46.15 -33.37 -16.85
C TYR E 146 44.84 -33.17 -17.59
N ASP E 147 44.77 -33.50 -18.88
CA ASP E 147 43.52 -33.45 -19.63
C ASP E 147 42.83 -32.09 -19.43
N LEU E 148 43.50 -31.05 -19.89
CA LEU E 148 43.05 -29.67 -19.74
C LEU E 148 42.52 -29.14 -21.06
N ASN E 149 41.55 -28.23 -20.98
CA ASN E 149 40.86 -27.70 -22.15
C ASN E 149 41.23 -26.25 -22.46
N THR E 150 42.11 -25.64 -21.66
CA THR E 150 42.40 -24.22 -21.80
C THR E 150 43.91 -24.04 -21.97
N ILE E 151 44.28 -23.06 -22.80
CA ILE E 151 45.66 -22.66 -23.01
C ILE E 151 45.78 -21.19 -22.67
N TYR E 152 46.80 -20.84 -21.90
CA TYR E 152 46.99 -19.49 -21.39
C TYR E 152 48.06 -18.77 -22.22
N ILE E 153 47.67 -17.65 -22.84
CA ILE E 153 48.54 -16.86 -23.70
C ILE E 153 48.67 -15.48 -23.10
N ASP E 154 49.91 -14.97 -23.03
CA ASP E 154 50.23 -13.76 -22.27
C ASP E 154 50.49 -12.63 -23.24
N TYR E 155 49.59 -11.63 -23.20
CA TYR E 155 49.61 -10.54 -24.18
C TYR E 155 51.00 -9.96 -24.38
N GLN E 156 51.79 -9.88 -23.31
CA GLN E 156 53.12 -9.30 -23.41
C GLN E 156 53.99 -10.13 -24.36
N HIS E 157 53.90 -11.45 -24.27
CA HIS E 157 54.65 -12.30 -25.18
C HIS E 157 54.19 -12.10 -26.62
N LEU E 158 52.88 -12.02 -26.85
CA LEU E 158 52.37 -11.86 -28.20
C LEU E 158 52.76 -10.52 -28.79
N SER E 159 52.90 -9.50 -27.95
CA SER E 159 53.28 -8.18 -28.43
C SER E 159 54.74 -8.12 -28.87
N MET E 160 55.52 -9.17 -28.59
CA MET E 160 56.93 -9.21 -28.96
C MET E 160 57.16 -9.61 -30.40
N ARG E 161 56.13 -10.02 -31.13
CA ARG E 161 56.27 -10.57 -32.46
C ARG E 161 55.67 -9.64 -33.51
N GLU E 162 56.23 -9.70 -34.72
CA GLU E 162 55.80 -8.85 -35.83
C GLU E 162 55.86 -7.37 -35.44
N ASN E 163 56.82 -7.02 -34.61
CA ASN E 163 57.00 -5.63 -34.17
C ASN E 163 55.71 -5.08 -33.56
N GLY E 164 54.97 -5.95 -32.87
CA GLY E 164 53.71 -5.55 -32.27
C GLY E 164 52.60 -5.22 -33.24
N ALA E 165 52.65 -5.76 -34.45
CA ALA E 165 51.59 -5.51 -35.42
C ALA E 165 50.50 -6.56 -35.37
N LEU E 166 50.89 -7.83 -35.17
CA LEU E 166 49.89 -8.88 -35.05
C LEU E 166 48.99 -8.64 -33.85
N ALA E 167 49.57 -8.18 -32.74
CA ALA E 167 48.75 -7.91 -31.58
C ALA E 167 47.73 -6.86 -31.92
N MET E 168 48.13 -5.82 -32.65
CA MET E 168 47.18 -4.77 -32.99
C MET E 168 46.03 -5.37 -33.78
N ALA E 169 46.34 -6.23 -34.75
CA ALA E 169 45.27 -6.84 -35.52
C ALA E 169 44.44 -7.72 -34.62
N ILE E 170 45.10 -8.52 -33.79
CA ILE E 170 44.36 -9.43 -32.93
C ILE E 170 43.53 -8.63 -31.92
N SER E 171 44.00 -7.44 -31.55
CA SER E 171 43.24 -6.65 -30.59
C SER E 171 42.17 -5.78 -31.23
N GLU E 172 42.52 -5.07 -32.29
CA GLU E 172 41.54 -4.20 -32.93
C GLU E 172 40.35 -4.98 -33.46
N GLN E 173 40.56 -6.23 -33.86
CA GLN E 173 39.48 -7.08 -34.39
C GLN E 173 39.68 -8.49 -33.85
N TYR E 174 38.92 -8.84 -32.81
CA TYR E 174 39.02 -10.14 -32.18
C TYR E 174 37.85 -11.03 -32.51
N TYR E 175 36.70 -10.45 -32.89
CA TYR E 175 35.53 -11.24 -33.24
C TYR E 175 35.63 -11.82 -34.64
N ARG E 176 36.57 -11.34 -35.45
CA ARG E 176 36.74 -11.76 -36.83
C ARG E 176 37.91 -12.68 -37.04
N PHE E 177 38.73 -12.92 -36.01
CA PHE E 177 39.93 -13.73 -36.15
C PHE E 177 40.04 -14.86 -35.15
N LEU E 178 39.20 -14.92 -34.12
CA LEU E 178 39.24 -16.04 -33.20
C LEU E 178 39.09 -17.40 -33.88
N PRO E 179 38.17 -17.59 -34.84
CA PRO E 179 38.12 -18.90 -35.52
C PRO E 179 39.41 -19.30 -36.19
N PHE E 180 40.16 -18.34 -36.73
CA PHE E 180 41.41 -18.66 -37.39
C PHE E 180 42.50 -19.01 -36.40
N LEU E 181 42.43 -18.45 -35.19
CA LEU E 181 43.38 -18.86 -34.18
C LEU E 181 43.02 -20.22 -33.63
N GLN E 182 41.72 -20.53 -33.54
CA GLN E 182 41.33 -21.87 -33.12
C GLN E 182 41.85 -22.89 -34.10
N LYS E 183 41.77 -22.59 -35.40
CA LYS E 183 42.27 -23.51 -36.41
C LYS E 183 43.78 -23.70 -36.28
N GLY E 184 44.51 -22.61 -36.06
CA GLY E 184 45.94 -22.74 -35.87
C GLY E 184 46.29 -23.57 -34.65
N LEU E 185 45.58 -23.35 -33.54
CA LEU E 185 45.80 -24.16 -32.35
C LEU E 185 45.55 -25.63 -32.61
N ARG E 186 44.46 -25.94 -33.32
CA ARG E 186 44.16 -27.34 -33.61
C ARG E 186 45.25 -27.98 -34.44
N ARG E 187 45.74 -27.25 -35.45
CA ARG E 187 46.80 -27.80 -36.28
C ARG E 187 48.08 -28.03 -35.48
N VAL E 188 48.43 -27.10 -34.60
CA VAL E 188 49.65 -27.27 -33.79
C VAL E 188 49.53 -28.48 -32.87
N VAL E 189 48.39 -28.63 -32.19
CA VAL E 189 48.23 -29.77 -31.30
C VAL E 189 48.26 -31.06 -32.09
N ARG E 190 47.71 -31.04 -33.31
CA ARG E 190 47.81 -32.19 -34.19
C ARG E 190 49.27 -32.50 -34.51
N LYS E 191 50.07 -31.46 -34.75
CA LYS E 191 51.47 -31.67 -35.11
C LYS E 191 52.26 -32.26 -33.95
N TYR E 192 51.96 -31.88 -32.71
CA TYR E 192 52.77 -32.29 -31.56
C TYR E 192 52.03 -33.06 -30.47
N ALA E 193 50.73 -33.27 -30.59
CA ALA E 193 50.01 -34.02 -29.57
C ALA E 193 48.68 -34.54 -30.10
N PRO E 194 48.69 -35.60 -30.90
CA PRO E 194 47.43 -36.08 -31.51
C PRO E 194 46.40 -36.54 -30.51
N GLU E 195 46.83 -36.93 -29.30
CA GLU E 195 45.91 -37.54 -28.34
C GLU E 195 44.95 -36.53 -27.74
N LEU E 196 45.16 -35.23 -27.94
CA LEU E 196 44.29 -34.24 -27.35
C LEU E 196 43.04 -34.00 -28.17
N LEU E 197 43.09 -34.22 -29.48
CA LEU E 197 41.99 -33.82 -30.34
C LEU E 197 40.68 -34.48 -29.95
N ASN E 198 40.72 -35.62 -29.27
CA ASN E 198 39.52 -36.39 -28.94
C ASN E 198 39.26 -36.32 -27.45
N THR E 199 38.01 -36.08 -27.07
CA THR E 199 37.65 -36.09 -25.67
C THR E 199 37.73 -37.51 -25.11
N SER E 200 38.27 -37.63 -23.90
CA SER E 200 38.46 -38.94 -23.29
C SER E 200 37.15 -39.51 -22.77
N GLU E 260 34.98 -34.38 -30.80
CA GLU E 260 36.26 -33.63 -30.74
C GLU E 260 36.31 -32.68 -29.53
N ARG E 261 37.51 -32.40 -28.98
CA ARG E 261 37.68 -31.53 -27.83
C ARG E 261 37.50 -30.08 -28.23
N VAL E 262 36.71 -29.33 -27.44
CA VAL E 262 36.42 -27.90 -27.72
C VAL E 262 37.47 -27.09 -26.95
N PHE E 263 38.58 -26.70 -27.61
CA PHE E 263 39.63 -25.96 -26.95
C PHE E 263 39.15 -24.55 -26.59
N GLN E 264 39.96 -23.88 -25.75
CA GLN E 264 39.65 -22.53 -25.32
C GLN E 264 40.95 -21.76 -25.14
N ILE E 265 40.92 -20.48 -25.50
CA ILE E 265 42.10 -19.61 -25.45
C ILE E 265 41.80 -18.46 -24.50
N SER E 266 42.72 -18.19 -23.59
CA SER E 266 42.60 -17.12 -22.61
C SER E 266 43.72 -16.12 -22.82
N PHE E 267 43.36 -14.85 -22.95
CA PHE E 267 44.32 -13.75 -23.05
C PHE E 267 44.28 -12.95 -21.76
N PHE E 268 45.45 -12.71 -21.17
CA PHE E 268 45.53 -11.97 -19.92
C PHE E 268 46.74 -11.06 -19.94
N ASN E 269 46.80 -10.17 -18.94
CA ASN E 269 47.91 -9.23 -18.78
C ASN E 269 47.97 -8.21 -19.92
N LEU E 270 46.84 -7.54 -20.15
CA LEU E 270 46.81 -6.43 -21.09
C LEU E 270 47.54 -5.23 -20.49
N PRO E 271 47.89 -4.24 -21.32
CA PRO E 271 48.64 -3.08 -20.82
C PRO E 271 47.80 -1.97 -20.21
N THR E 272 46.49 -2.16 -20.06
CA THR E 272 45.64 -1.15 -19.43
C THR E 272 44.36 -1.81 -18.93
N VAL E 273 43.67 -1.09 -18.06
CA VAL E 273 42.39 -1.54 -17.50
C VAL E 273 41.38 -0.40 -17.63
N HIS E 274 40.22 -0.70 -18.18
CA HIS E 274 39.16 0.28 -18.36
C HIS E 274 38.21 0.27 -17.17
N ARG E 275 37.32 1.26 -17.15
CA ARG E 275 36.27 1.38 -16.16
C ARG E 275 34.92 1.28 -16.87
N ILE E 276 33.90 0.87 -16.12
CA ILE E 276 32.58 0.70 -16.71
C ILE E 276 32.07 1.99 -17.30
N ARG E 277 32.64 3.13 -16.91
CA ARG E 277 32.22 4.42 -17.43
C ARG E 277 33.00 4.83 -18.67
N ASP E 278 33.90 3.98 -19.18
CA ASP E 278 34.72 4.30 -20.35
C ASP E 278 34.44 3.38 -21.54
N ILE E 279 33.35 2.62 -21.52
CA ILE E 279 33.02 1.71 -22.61
C ILE E 279 32.16 2.46 -23.61
N ARG E 280 32.66 2.59 -24.83
CA ARG E 280 31.96 3.28 -25.91
C ARG E 280 31.70 2.30 -27.05
N SER E 281 30.90 2.75 -28.02
CA SER E 281 30.49 1.89 -29.12
C SER E 281 31.58 1.69 -30.16
N GLU E 282 32.64 2.50 -30.14
CA GLU E 282 33.67 2.41 -31.16
C GLU E 282 34.52 1.16 -31.02
N LYS E 283 34.42 0.43 -29.91
CA LYS E 283 35.23 -0.77 -29.69
C LYS E 283 34.37 -2.02 -29.53
N ILE E 284 33.16 -2.03 -30.09
CA ILE E 284 32.37 -3.24 -30.06
C ILE E 284 33.12 -4.32 -30.83
N GLY E 285 33.29 -5.47 -30.20
CA GLY E 285 33.97 -6.58 -30.84
C GLY E 285 35.47 -6.48 -30.79
N SER E 286 36.03 -5.80 -29.80
CA SER E 286 37.46 -5.66 -29.62
C SER E 286 37.86 -6.17 -28.25
N LEU E 287 39.04 -6.79 -28.18
CA LEU E 287 39.56 -7.32 -26.93
C LEU E 287 39.94 -6.18 -25.98
N LEU E 288 39.62 -6.35 -24.70
CA LEU E 288 40.01 -5.36 -23.70
C LEU E 288 39.88 -5.99 -22.31
N SER E 289 40.03 -5.17 -21.28
CA SER E 289 40.01 -5.62 -19.89
C SER E 289 39.32 -4.55 -19.05
N ILE E 290 38.58 -5.00 -18.03
CA ILE E 290 37.83 -4.11 -17.15
C ILE E 290 37.91 -4.64 -15.72
N SER E 291 37.39 -3.85 -14.78
CA SER E 291 37.42 -4.20 -13.38
C SER E 291 36.14 -3.75 -12.70
N GLY E 292 35.79 -4.43 -11.61
CA GLY E 292 34.57 -4.09 -10.90
C GLY E 292 34.42 -4.91 -9.64
N THR E 293 33.27 -4.75 -9.00
CA THR E 293 32.90 -5.51 -7.80
C THR E 293 31.69 -6.35 -8.13
N VAL E 294 31.73 -7.63 -7.77
CA VAL E 294 30.69 -8.56 -8.18
C VAL E 294 29.47 -8.36 -7.29
N THR E 295 28.37 -7.97 -7.91
CA THR E 295 27.10 -7.79 -7.21
C THR E 295 26.33 -9.10 -7.13
N ARG E 296 26.25 -9.83 -8.24
CA ARG E 296 25.39 -11.00 -8.26
C ARG E 296 25.93 -12.03 -9.23
N THR E 297 25.71 -13.31 -8.93
CA THR E 297 26.13 -14.38 -9.82
C THR E 297 25.00 -15.39 -9.98
N SER E 298 24.81 -15.86 -11.20
CA SER E 298 23.82 -16.90 -11.49
C SER E 298 24.43 -18.26 -11.20
N GLU E 299 23.76 -19.32 -11.65
CA GLU E 299 24.19 -20.73 -11.42
C GLU E 299 24.62 -21.28 -12.77
N VAL E 300 25.55 -22.23 -12.78
CA VAL E 300 26.01 -22.86 -14.01
C VAL E 300 24.84 -23.52 -14.71
N ARG E 301 24.71 -23.28 -16.00
CA ARG E 301 23.64 -23.83 -16.82
C ARG E 301 24.23 -24.36 -18.12
N PRO E 302 23.56 -25.33 -18.75
CA PRO E 302 24.02 -25.81 -20.06
C PRO E 302 23.52 -24.94 -21.20
N GLU E 303 24.44 -24.54 -22.08
CA GLU E 303 24.16 -23.72 -23.25
C GLU E 303 24.41 -24.51 -24.52
N LEU E 304 23.58 -24.27 -25.52
CA LEU E 304 23.64 -25.02 -26.78
C LEU E 304 24.80 -24.52 -27.64
N TYR E 305 25.68 -25.44 -28.02
CA TYR E 305 26.86 -25.14 -28.81
C TYR E 305 26.71 -25.53 -30.27
N LYS E 306 26.41 -26.80 -30.53
CA LYS E 306 26.29 -27.31 -31.89
C LYS E 306 25.06 -28.21 -31.94
N ALA E 307 24.00 -27.73 -32.57
CA ALA E 307 22.71 -28.41 -32.55
C ALA E 307 22.59 -29.40 -33.69
N SER E 308 21.73 -30.39 -33.50
CA SER E 308 21.37 -31.35 -34.53
C SER E 308 19.87 -31.25 -34.78
N PHE E 309 19.46 -31.35 -36.04
CA PHE E 309 18.06 -31.25 -36.40
C PHE E 309 17.67 -32.34 -37.39
N THR E 310 16.37 -32.61 -37.45
CA THR E 310 15.79 -33.52 -38.43
C THR E 310 14.88 -32.76 -39.39
N CYS E 311 15.02 -33.07 -40.68
CA CYS E 311 14.11 -32.54 -41.69
C CYS E 311 12.70 -33.09 -41.46
N ASP E 312 11.68 -32.34 -41.88
CA ASP E 312 10.32 -32.76 -41.61
C ASP E 312 9.66 -33.54 -42.76
N MET E 313 9.59 -32.98 -43.97
CA MET E 313 9.01 -33.71 -45.15
C MET E 313 9.89 -34.94 -45.44
N CYS E 314 11.14 -35.01 -44.96
CA CYS E 314 11.92 -36.23 -45.05
C CYS E 314 12.77 -36.33 -43.80
N ARG E 315 13.22 -37.55 -43.50
CA ARG E 315 13.90 -37.80 -42.24
C ARG E 315 15.42 -37.62 -42.32
N ALA E 316 15.88 -36.65 -43.12
CA ALA E 316 17.30 -36.40 -43.18
C ALA E 316 17.79 -35.86 -41.83
N ILE E 317 19.09 -36.04 -41.57
CA ILE E 317 19.71 -35.61 -40.34
C ILE E 317 20.78 -34.58 -40.66
N VAL E 318 20.73 -33.43 -39.98
CA VAL E 318 21.75 -32.40 -40.10
C VAL E 318 22.40 -32.22 -38.74
N ASP E 319 23.70 -31.96 -38.74
CA ASP E 319 24.49 -31.89 -37.52
C ASP E 319 25.42 -30.69 -37.55
N ASN E 320 25.88 -30.29 -36.36
CA ASN E 320 26.92 -29.28 -36.22
C ASN E 320 26.47 -27.91 -36.72
N VAL E 321 25.24 -27.53 -36.38
CA VAL E 321 24.75 -26.19 -36.67
C VAL E 321 25.18 -25.27 -35.54
N GLU E 322 25.95 -24.22 -35.87
CA GLU E 322 26.50 -23.26 -34.87
C GLU E 322 25.37 -22.30 -34.46
N GLN E 323 25.42 -21.73 -33.25
CA GLN E 323 24.34 -20.90 -32.72
C GLN E 323 24.62 -19.41 -32.72
N SER E 324 25.81 -19.00 -32.26
CA SER E 324 26.22 -17.59 -32.30
C SER E 324 25.27 -16.72 -31.46
N PHE E 325 25.18 -17.04 -30.17
CA PHE E 325 24.47 -16.27 -29.16
C PHE E 325 22.95 -16.30 -29.30
N LYS E 326 22.40 -16.98 -30.31
CA LYS E 326 20.95 -17.07 -30.43
C LYS E 326 20.60 -18.41 -31.07
N TYR E 327 19.32 -18.77 -30.96
CA TYR E 327 18.83 -20.03 -31.50
C TYR E 327 18.91 -20.03 -33.01
N THR E 328 19.75 -20.89 -33.57
CA THR E 328 19.97 -20.95 -35.01
C THR E 328 19.57 -22.32 -35.54
N GLU E 329 18.76 -22.33 -36.59
CA GLU E 329 18.30 -23.55 -37.25
C GLU E 329 18.97 -23.70 -38.61
N PRO E 330 18.88 -24.87 -39.22
CA PRO E 330 19.42 -25.02 -40.57
C PRO E 330 18.60 -24.22 -41.58
N THR E 331 19.28 -23.71 -42.60
CA THR E 331 18.66 -22.84 -43.59
C THR E 331 18.52 -23.50 -44.95
N PHE E 332 18.98 -24.73 -45.13
CA PHE E 332 18.79 -25.44 -46.38
C PHE E 332 19.12 -26.91 -46.18
N CYS E 333 18.28 -27.80 -46.75
CA CYS E 333 18.43 -29.28 -46.63
C CYS E 333 19.63 -29.70 -47.47
N PRO E 334 20.52 -30.59 -46.97
CA PRO E 334 21.71 -31.01 -47.73
C PRO E 334 21.40 -31.90 -48.92
N ASN E 335 20.39 -32.76 -48.79
CA ASN E 335 20.12 -33.73 -49.83
C ASN E 335 19.35 -33.06 -50.96
N PRO E 336 19.87 -33.05 -52.20
CA PRO E 336 19.14 -32.38 -53.28
C PRO E 336 17.79 -33.01 -53.56
N SER E 337 17.57 -34.25 -53.10
CA SER E 337 16.27 -34.89 -53.29
C SER E 337 15.19 -34.10 -52.56
N CYS E 338 15.48 -33.68 -51.33
CA CYS E 338 14.55 -32.99 -50.47
C CYS E 338 14.92 -31.52 -50.44
N GLU E 339 13.93 -30.65 -50.64
CA GLU E 339 14.13 -29.21 -50.70
C GLU E 339 13.49 -28.54 -49.49
N ASN E 340 13.81 -29.07 -48.31
CA ASN E 340 13.26 -28.57 -47.01
C ASN E 340 13.76 -27.15 -46.74
N ARG E 341 12.90 -26.27 -46.22
CA ARG E 341 13.32 -24.94 -45.79
C ARG E 341 12.43 -24.53 -44.62
N ALA E 342 13.03 -24.29 -43.46
CA ALA E 342 12.40 -23.70 -42.28
C ALA E 342 11.63 -24.71 -41.43
N PHE E 343 11.62 -25.99 -41.77
CA PHE E 343 10.86 -27.01 -41.04
C PHE E 343 11.84 -28.01 -40.46
N TRP E 344 12.02 -27.98 -39.14
CA TRP E 344 13.03 -28.81 -38.50
C TRP E 344 12.60 -29.14 -37.08
N THR E 345 13.23 -30.16 -36.50
CA THR E 345 13.00 -30.56 -35.13
C THR E 345 14.33 -30.80 -34.45
N LEU E 346 14.44 -30.33 -33.21
CA LEU E 346 15.68 -30.48 -32.44
C LEU E 346 15.75 -31.84 -31.77
N ASN E 347 16.96 -32.40 -31.72
CA ASN E 347 17.25 -33.64 -31.02
C ASN E 347 18.03 -33.28 -29.77
N VAL E 348 17.31 -33.00 -28.68
CA VAL E 348 17.94 -32.50 -27.48
C VAL E 348 18.89 -33.50 -26.83
N THR E 349 18.85 -34.76 -27.24
CA THR E 349 19.67 -35.78 -26.59
C THR E 349 20.97 -36.06 -27.34
N ARG E 350 21.19 -35.46 -28.49
CA ARG E 350 22.35 -35.79 -29.30
C ARG E 350 22.98 -34.54 -29.90
N SER E 351 23.02 -33.48 -29.11
CA SER E 351 23.67 -32.23 -29.46
C SER E 351 24.58 -31.82 -28.32
N ARG E 352 25.65 -31.11 -28.64
CA ARG E 352 26.66 -30.81 -27.64
C ARG E 352 26.28 -29.53 -26.89
N PHE E 353 26.85 -29.37 -25.69
CA PHE E 353 26.59 -28.21 -24.85
C PHE E 353 27.88 -27.67 -24.28
N LEU E 354 27.76 -26.55 -23.56
CA LEU E 354 28.88 -25.92 -22.89
C LEU E 354 28.37 -25.28 -21.61
N ASP E 355 29.28 -25.01 -20.68
CA ASP E 355 28.90 -24.37 -19.43
C ASP E 355 28.71 -22.87 -19.60
N TRP E 356 27.69 -22.32 -18.93
CA TRP E 356 27.33 -20.92 -19.10
C TRP E 356 26.92 -20.32 -17.77
N GLN E 357 27.50 -19.16 -17.43
CA GLN E 357 27.13 -18.44 -16.22
C GLN E 357 27.05 -16.95 -16.53
N LYS E 358 26.20 -16.25 -15.78
CA LYS E 358 26.04 -14.81 -15.91
C LYS E 358 26.35 -14.13 -14.59
N VAL E 359 27.08 -13.03 -14.64
CA VAL E 359 27.44 -12.26 -13.47
C VAL E 359 27.05 -10.81 -13.69
N ARG E 360 26.76 -10.12 -12.60
CA ARG E 360 26.46 -8.69 -12.62
C ARG E 360 27.49 -8.00 -11.74
N ILE E 361 28.10 -6.94 -12.26
CA ILE E 361 29.15 -6.18 -11.61
C ILE E 361 28.78 -4.72 -11.54
N GLN E 362 29.38 -4.03 -10.57
CA GLN E 362 29.12 -2.63 -10.29
C GLN E 362 30.44 -1.87 -10.23
N GLU E 363 30.34 -0.54 -10.33
CA GLU E 363 31.52 0.31 -10.27
C GLU E 363 32.14 0.30 -8.87
N ASN E 364 33.46 0.45 -8.83
CA ASN E 364 34.14 0.62 -7.55
C ASN E 364 33.77 1.98 -6.96
N ALA E 365 33.83 2.06 -5.63
CA ALA E 365 33.41 3.28 -4.95
C ALA E 365 34.28 4.47 -5.31
N ASN E 366 35.58 4.23 -5.53
CA ASN E 366 36.50 5.34 -5.74
C ASN E 366 36.17 6.12 -7.01
N GLU E 367 35.87 5.43 -8.10
CA GLU E 367 35.84 6.07 -9.40
C GLU E 367 34.45 6.54 -9.82
N ILE E 368 33.44 6.38 -8.97
CA ILE E 368 32.14 6.95 -9.34
C ILE E 368 32.28 8.45 -9.45
N PRO E 369 31.90 9.07 -10.57
CA PRO E 369 32.08 10.53 -10.68
C PRO E 369 31.24 11.26 -9.64
N THR E 370 31.91 12.10 -8.86
CA THR E 370 31.25 12.85 -7.80
C THR E 370 30.07 13.61 -8.37
N GLY E 371 28.86 13.22 -7.98
CA GLY E 371 27.66 13.85 -8.48
C GLY E 371 26.69 12.86 -9.09
N SER E 372 27.22 11.83 -9.74
CA SER E 372 26.40 10.82 -10.40
C SER E 372 26.54 9.48 -9.69
N MET E 373 25.61 8.59 -10.00
CA MET E 373 25.44 7.32 -9.31
C MET E 373 26.19 6.21 -10.03
N PRO E 374 26.48 5.11 -9.35
CA PRO E 374 27.25 4.04 -9.98
C PRO E 374 26.47 3.34 -11.09
N ARG E 375 27.22 2.73 -12.00
CA ARG E 375 26.68 2.01 -13.15
C ARG E 375 26.99 0.53 -13.04
N THR E 376 26.15 -0.27 -13.70
CA THR E 376 26.24 -1.72 -13.63
C THR E 376 26.52 -2.31 -15.01
N LEU E 377 26.98 -3.56 -15.03
CA LEU E 377 27.29 -4.25 -16.27
C LEU E 377 27.08 -5.75 -16.09
N ASP E 378 26.82 -6.42 -17.22
CA ASP E 378 26.64 -7.87 -17.27
C ASP E 378 27.88 -8.51 -17.87
N VAL E 379 28.25 -9.67 -17.36
CA VAL E 379 29.39 -10.43 -17.86
C VAL E 379 28.96 -11.88 -18.02
N ILE E 380 29.51 -12.55 -19.02
CA ILE E 380 29.16 -13.93 -19.34
C ILE E 380 30.43 -14.77 -19.27
N LEU E 381 30.38 -15.87 -18.52
CA LEU E 381 31.50 -16.78 -18.35
C LEU E 381 31.15 -18.13 -18.95
N ARG E 382 32.14 -18.74 -19.61
CA ARG E 382 31.94 -19.99 -20.32
C ARG E 382 33.03 -20.98 -19.94
N GLY E 383 32.72 -22.26 -20.09
CA GLY E 383 33.71 -23.29 -19.88
C GLY E 383 34.27 -23.29 -18.47
N ASP E 384 35.59 -23.17 -18.37
CA ASP E 384 36.26 -23.24 -17.07
C ASP E 384 36.18 -21.95 -16.28
N SER E 385 35.69 -20.87 -16.87
CA SER E 385 35.61 -19.61 -16.16
C SER E 385 34.45 -19.58 -15.17
N VAL E 386 33.42 -20.39 -15.39
CA VAL E 386 32.22 -20.36 -14.57
C VAL E 386 32.59 -20.51 -13.10
N GLU E 387 31.75 -19.97 -12.23
CA GLU E 387 32.06 -19.83 -10.80
C GLU E 387 33.27 -18.89 -10.73
N ARG E 388 34.22 -19.12 -9.84
CA ARG E 388 35.50 -18.41 -9.82
C ARG E 388 35.34 -16.93 -9.53
N ALA E 389 34.15 -16.46 -9.18
CA ALA E 389 33.92 -15.05 -8.89
C ALA E 389 32.79 -14.96 -7.88
N LYS E 390 33.11 -14.86 -6.60
CA LYS E 390 32.11 -14.75 -5.56
C LYS E 390 31.55 -13.34 -5.49
N PRO E 391 30.31 -13.18 -5.02
CA PRO E 391 29.77 -11.83 -4.88
C PRO E 391 30.48 -11.05 -3.79
N GLY E 392 30.79 -9.79 -4.08
CA GLY E 392 31.42 -8.89 -3.15
C GLY E 392 32.91 -8.68 -3.39
N ASP E 393 33.56 -9.55 -4.15
CA ASP E 393 34.99 -9.46 -4.39
C ASP E 393 35.31 -8.46 -5.49
N ARG E 394 36.54 -7.93 -5.44
CA ARG E 394 37.07 -7.03 -6.51
C ARG E 394 37.65 -7.95 -7.58
N CYS E 395 37.16 -7.89 -8.83
CA CYS E 395 37.58 -8.78 -9.90
C CYS E 395 37.87 -8.00 -11.17
N LYS E 396 38.86 -8.50 -11.92
CA LYS E 396 39.26 -7.96 -13.20
C LYS E 396 39.00 -9.01 -14.28
N PHE E 397 38.34 -8.61 -15.36
CA PHE E 397 37.94 -9.50 -16.45
C PHE E 397 38.60 -9.05 -17.75
N THR E 398 39.23 -10.00 -18.44
CA THR E 398 39.75 -9.79 -19.80
C THR E 398 38.85 -10.52 -20.78
N GLY E 399 38.33 -9.80 -21.77
CA GLY E 399 37.38 -10.39 -22.68
C GLY E 399 37.09 -9.52 -23.88
N VAL E 400 35.91 -9.74 -24.47
CA VAL E 400 35.47 -9.06 -25.69
C VAL E 400 34.15 -8.35 -25.43
N GLU E 401 33.99 -7.17 -25.99
CA GLU E 401 32.76 -6.41 -25.89
C GLU E 401 31.80 -6.84 -26.99
N ILE E 402 30.51 -6.87 -26.68
CA ILE E 402 29.51 -7.39 -27.61
C ILE E 402 28.20 -6.64 -27.45
N VAL E 403 27.22 -6.98 -28.27
CA VAL E 403 25.90 -6.37 -28.22
C VAL E 403 24.85 -7.48 -28.17
N VAL E 404 23.78 -7.24 -27.41
CA VAL E 404 22.67 -8.18 -27.31
C VAL E 404 21.37 -7.41 -27.52
N PRO E 405 20.35 -8.00 -28.12
CA PRO E 405 19.17 -7.23 -28.49
C PRO E 405 18.46 -6.64 -27.29
N ASP E 406 17.79 -5.51 -27.53
CA ASP E 406 17.02 -4.78 -26.52
C ASP E 406 15.60 -4.59 -27.03
N VAL E 407 14.66 -4.46 -26.09
CA VAL E 407 13.24 -4.37 -26.44
C VAL E 407 12.57 -3.20 -25.75
N THR E 408 13.29 -2.54 -24.84
CA THR E 408 12.72 -1.49 -24.01
C THR E 408 12.98 -0.09 -24.55
N GLN E 409 13.67 0.03 -25.69
CA GLN E 409 13.96 1.35 -26.24
C GLN E 409 12.82 1.91 -27.06
N LEU E 410 11.73 1.16 -27.22
CA LEU E 410 10.53 1.69 -27.88
C LEU E 410 9.86 2.65 -26.93
N GLY E 411 10.11 3.95 -27.12
CA GLY E 411 9.63 4.95 -26.20
C GLY E 411 10.62 6.08 -26.00
N LEU E 412 11.91 5.80 -26.20
CA LEU E 412 12.92 6.83 -26.10
C LEU E 412 12.79 7.82 -27.25
N PRO E 413 13.25 9.05 -27.07
CA PRO E 413 13.28 9.99 -28.20
C PRO E 413 14.33 9.59 -29.21
N GLY E 414 14.20 10.13 -30.41
CA GLY E 414 15.13 9.85 -31.48
C GLY E 414 14.56 8.84 -32.46
N VAL E 415 15.23 8.73 -33.61
CA VAL E 415 14.76 7.89 -34.71
C VAL E 415 15.43 6.53 -34.60
N LYS E 416 14.69 5.54 -34.09
CA LYS E 416 15.27 4.22 -33.86
C LYS E 416 15.33 3.46 -35.18
N PRO E 417 16.47 2.85 -35.53
CA PRO E 417 16.56 2.21 -36.86
C PRO E 417 15.55 1.10 -37.04
N SER E 418 15.09 0.94 -38.27
CA SER E 418 14.15 -0.11 -38.64
C SER E 418 14.63 -0.80 -39.90
N SER E 419 14.43 -2.11 -39.98
CA SER E 419 14.95 -2.93 -41.07
C SER E 419 13.81 -3.45 -41.93
N THR E 420 13.65 -2.87 -43.11
CA THR E 420 12.58 -3.29 -44.02
C THR E 420 13.15 -3.48 -45.43
N VAL E 445 9.22 -6.04 -40.06
CA VAL E 445 10.27 -5.02 -40.02
C VAL E 445 11.00 -5.13 -38.69
N ARG E 446 12.19 -5.72 -38.70
CA ARG E 446 12.91 -5.93 -37.46
C ARG E 446 13.30 -4.60 -36.81
N ASP E 447 13.28 -4.58 -35.49
CA ASP E 447 13.73 -3.42 -34.73
C ASP E 447 15.21 -3.63 -34.42
N LEU E 448 16.04 -2.68 -34.81
CA LEU E 448 17.47 -2.74 -34.55
C LEU E 448 17.79 -1.85 -33.35
N THR E 449 17.69 -2.42 -32.16
CA THR E 449 17.99 -1.72 -30.92
C THR E 449 18.68 -2.69 -29.98
N TYR E 450 19.91 -2.38 -29.58
CA TYR E 450 20.75 -3.30 -28.82
C TYR E 450 21.16 -2.67 -27.48
N LYS E 451 22.05 -3.37 -26.78
CA LYS E 451 22.62 -2.87 -25.53
C LYS E 451 23.98 -3.53 -25.35
N ILE E 452 24.95 -2.77 -24.85
CA ILE E 452 26.31 -3.29 -24.73
C ILE E 452 26.38 -4.29 -23.59
N SER E 453 27.15 -5.36 -23.81
CA SER E 453 27.38 -6.40 -22.80
C SER E 453 28.85 -6.79 -22.87
N PHE E 454 29.20 -7.90 -22.23
CA PHE E 454 30.60 -8.31 -22.17
C PHE E 454 30.69 -9.83 -22.16
N LEU E 455 31.68 -10.37 -22.87
CA LEU E 455 32.00 -11.79 -22.84
C LEU E 455 33.43 -11.96 -22.35
N ALA E 456 33.61 -12.78 -21.33
CA ALA E 456 34.88 -12.88 -20.62
C ALA E 456 35.60 -14.17 -20.98
N CYS E 457 36.92 -14.05 -21.21
CA CYS E 457 37.77 -15.22 -21.40
C CYS E 457 38.76 -15.43 -20.27
N HIS E 458 39.00 -14.42 -19.44
CA HIS E 458 39.83 -14.61 -18.25
C HIS E 458 39.29 -13.74 -17.14
N VAL E 459 39.34 -14.25 -15.92
CA VAL E 459 38.89 -13.52 -14.74
C VAL E 459 39.89 -13.76 -13.62
N ILE E 460 40.27 -12.69 -12.91
CA ILE E 460 41.18 -12.79 -11.78
C ILE E 460 40.64 -11.91 -10.66
N SER E 461 41.11 -12.18 -9.44
CA SER E 461 40.69 -11.44 -8.26
C SER E 461 41.77 -10.43 -7.90
N ILE E 462 41.47 -9.15 -8.08
CA ILE E 462 42.42 -8.08 -7.74
C ILE E 462 42.36 -7.72 -6.27
N GLU E 502 43.23 -22.96 4.39
CA GLU E 502 43.17 -22.19 5.63
C GLU E 502 43.92 -22.84 6.77
N VAL E 503 44.76 -23.85 6.52
CA VAL E 503 45.43 -24.60 7.62
C VAL E 503 46.88 -24.90 7.25
N PHE E 504 47.81 -23.95 7.45
CA PHE E 504 49.24 -24.20 7.27
C PHE E 504 49.59 -24.56 5.84
N LEU E 505 48.96 -23.88 4.88
CA LEU E 505 49.35 -23.96 3.48
C LEU E 505 49.59 -22.57 2.91
N ASN E 506 50.01 -21.62 3.74
CA ASN E 506 50.22 -20.25 3.27
C ASN E 506 51.48 -20.13 2.42
N SER E 507 52.37 -21.13 2.45
CA SER E 507 53.64 -21.03 1.74
C SER E 507 53.43 -20.57 0.30
N LEU E 508 53.91 -19.37 -0.02
CA LEU E 508 53.75 -18.83 -1.36
C LEU E 508 54.97 -18.04 -1.84
N SER E 509 56.07 -18.07 -1.11
CA SER E 509 57.27 -17.29 -1.47
C SER E 509 58.41 -17.77 -0.58
N SER E 510 59.53 -17.04 -0.64
CA SER E 510 60.71 -17.33 0.16
C SER E 510 61.03 -16.23 1.14
N ASP E 511 61.11 -14.98 0.70
CA ASP E 511 61.44 -13.89 1.60
C ASP E 511 60.31 -13.61 2.58
N GLU E 512 59.07 -13.86 2.18
CA GLU E 512 57.96 -13.59 3.10
C GLU E 512 57.95 -14.58 4.25
N ILE E 513 58.41 -15.80 4.00
CA ILE E 513 58.58 -16.75 5.10
C ILE E 513 59.69 -16.26 6.04
N ASN E 514 60.74 -15.65 5.49
CA ASN E 514 61.77 -15.09 6.35
C ASN E 514 61.21 -13.96 7.19
N GLU E 515 60.39 -13.09 6.60
CA GLU E 515 59.74 -12.04 7.36
C GLU E 515 58.90 -12.62 8.49
N LEU E 516 58.11 -13.65 8.17
CA LEU E 516 57.26 -14.28 9.17
C LEU E 516 58.10 -14.89 10.30
N LYS E 517 59.19 -15.56 9.95
CA LYS E 517 60.04 -16.19 10.95
C LYS E 517 60.69 -15.15 11.85
N GLU E 518 61.17 -14.05 11.28
CA GLU E 518 61.75 -12.99 12.09
C GLU E 518 60.70 -12.39 13.01
N MET E 519 59.48 -12.16 12.50
CA MET E 519 58.42 -11.42 13.25
C MET E 519 57.74 -12.29 14.30
N VAL E 520 57.84 -13.63 14.24
CA VAL E 520 57.07 -14.49 15.19
C VAL E 520 57.83 -14.50 16.53
N LYS E 521 59.17 -14.38 16.53
CA LYS E 521 60.00 -14.51 17.77
C LYS E 521 60.22 -13.19 18.50
N ASP E 522 59.67 -12.05 18.05
CA ASP E 522 59.82 -10.80 18.79
C ASP E 522 59.27 -10.96 20.20
N GLU E 523 60.05 -10.52 21.18
CA GLU E 523 59.63 -10.70 22.57
C GLU E 523 58.37 -9.90 22.89
N HIS E 524 58.28 -8.68 22.37
CA HIS E 524 57.16 -7.79 22.62
C HIS E 524 56.28 -7.66 21.39
N ILE E 525 56.07 -8.77 20.69
CA ILE E 525 55.29 -8.76 19.46
C ILE E 525 53.88 -8.24 19.73
N TYR E 526 53.30 -8.60 20.87
CA TYR E 526 51.95 -8.17 21.18
C TYR E 526 51.86 -6.65 21.25
N ASP E 527 52.85 -6.00 21.86
CA ASP E 527 52.82 -4.55 21.95
C ASP E 527 52.87 -3.90 20.58
N LYS E 528 53.71 -4.44 19.69
CA LYS E 528 53.79 -3.89 18.34
C LYS E 528 52.48 -4.06 17.60
N LEU E 529 51.86 -5.24 17.67
CA LEU E 529 50.51 -5.45 17.06
C LEU E 529 49.54 -4.42 17.63
N VAL E 530 49.53 -4.19 18.94
CA VAL E 530 48.56 -3.28 19.53
C VAL E 530 48.80 -1.85 19.03
N ARG E 531 50.07 -1.44 18.96
CA ARG E 531 50.38 -0.08 18.54
C ARG E 531 50.31 0.13 17.04
N SER E 532 50.20 -0.94 16.25
CA SER E 532 50.06 -0.80 14.81
C SER E 532 48.61 -0.59 14.38
N ILE E 533 47.65 -0.97 15.21
CA ILE E 533 46.25 -0.82 14.85
C ILE E 533 45.89 0.65 14.86
N ALA E 534 45.30 1.11 13.76
CA ALA E 534 44.87 2.49 13.62
C ALA E 534 45.98 3.44 14.08
N PRO E 535 47.09 3.52 13.34
CA PRO E 535 48.20 4.36 13.81
C PRO E 535 47.95 5.85 13.63
N ALA E 536 46.74 6.23 13.27
CA ALA E 536 46.39 7.63 13.08
C ALA E 536 45.46 8.15 14.16
N VAL E 537 45.46 7.52 15.33
CA VAL E 537 44.71 7.98 16.48
C VAL E 537 45.65 8.00 17.67
N PHE E 538 45.30 8.82 18.67
CA PHE E 538 46.24 9.12 19.75
C PHE E 538 46.21 8.03 20.84
N GLY E 539 45.08 7.85 21.49
CA GLY E 539 45.00 6.94 22.63
C GLY E 539 44.09 5.75 22.40
N HIS E 540 43.24 5.47 23.37
CA HIS E 540 42.30 4.34 23.31
C HIS E 540 43.02 3.05 22.95
N GLU E 541 44.03 2.69 23.75
CA GLU E 541 44.69 1.42 23.53
C GLU E 541 43.81 0.23 23.87
N ALA E 542 42.82 0.41 24.74
CA ALA E 542 41.89 -0.67 25.05
C ALA E 542 41.05 -1.07 23.83
N VAL E 543 40.54 -0.08 23.10
CA VAL E 543 39.74 -0.40 21.91
C VAL E 543 40.61 -1.04 20.84
N LYS E 544 41.86 -0.58 20.70
CA LYS E 544 42.77 -1.22 19.75
C LYS E 544 43.04 -2.66 20.14
N LYS E 545 43.29 -2.91 21.43
CA LYS E 545 43.53 -4.28 21.89
C LYS E 545 42.31 -5.16 21.68
N GLY E 546 41.10 -4.61 21.80
CA GLY E 546 39.91 -5.41 21.55
C GLY E 546 39.58 -5.58 20.08
N ILE E 547 40.07 -4.69 19.22
CA ILE E 547 39.82 -4.85 17.80
C ILE E 547 40.81 -5.84 17.22
N LEU E 548 42.05 -5.83 17.71
CA LEU E 548 43.01 -6.82 17.23
C LEU E 548 42.52 -8.23 17.52
N LEU E 549 41.85 -8.41 18.67
CA LEU E 549 41.30 -9.72 18.99
C LEU E 549 40.06 -10.03 18.15
N GLN E 550 39.18 -9.04 17.94
CA GLN E 550 37.98 -9.22 17.08
C GLN E 550 38.44 -9.63 15.68
N MET E 551 39.61 -9.18 15.23
CA MET E 551 40.16 -9.60 13.95
C MET E 551 40.56 -11.07 13.97
N LEU E 552 41.14 -11.52 15.08
CA LEU E 552 41.32 -12.94 15.33
C LEU E 552 40.00 -13.49 15.86
N GLY E 553 40.00 -14.70 16.39
CA GLY E 553 38.78 -15.22 16.97
C GLY E 553 39.03 -16.51 17.71
N GLY E 554 38.02 -16.93 18.47
CA GLY E 554 38.07 -18.18 19.17
C GLY E 554 37.74 -19.35 18.26
N VAL E 555 37.86 -20.55 18.82
CA VAL E 555 37.62 -21.77 18.07
C VAL E 555 36.15 -22.15 18.18
N HIS E 556 35.51 -22.39 17.04
CA HIS E 556 34.13 -22.85 17.04
C HIS E 556 34.04 -24.30 17.47
N LYS E 557 33.05 -24.59 18.32
CA LYS E 557 32.90 -25.91 18.91
C LYS E 557 31.48 -26.43 18.66
N SER E 558 31.35 -27.75 18.61
CA SER E 558 30.07 -28.41 18.38
C SER E 558 29.88 -29.50 19.43
N THR E 559 28.82 -29.39 20.21
CA THR E 559 28.55 -30.35 21.27
C THR E 559 28.15 -31.70 20.68
N VAL E 560 28.27 -32.75 21.50
CA VAL E 560 27.87 -34.08 21.06
C VAL E 560 26.39 -34.10 20.72
N GLU E 561 25.55 -33.46 21.55
CA GLU E 561 24.14 -33.39 21.25
C GLU E 561 23.89 -32.66 19.94
N GLY E 562 24.59 -31.56 19.72
CA GLY E 562 24.44 -30.79 18.50
C GLY E 562 24.49 -29.30 18.75
N ILE E 563 24.35 -28.88 20.01
CA ILE E 563 24.36 -27.46 20.34
C ILE E 563 25.67 -26.84 19.87
N LYS E 564 25.57 -25.66 19.27
CA LYS E 564 26.71 -24.94 18.75
C LYS E 564 27.16 -23.86 19.73
N LEU E 565 28.46 -23.77 19.93
CA LEU E 565 29.07 -22.79 20.83
C LEU E 565 29.75 -21.73 19.98
N ARG E 566 29.19 -20.52 19.98
CA ARG E 566 29.73 -19.45 19.15
C ARG E 566 31.14 -19.10 19.57
N GLY E 567 32.00 -18.81 18.60
CA GLY E 567 33.38 -18.48 18.86
C GLY E 567 33.82 -17.18 18.25
N ASP E 568 32.90 -16.22 18.18
CA ASP E 568 33.15 -14.89 17.64
C ASP E 568 33.10 -13.86 18.76
N ILE E 569 33.70 -12.70 18.50
CA ILE E 569 33.74 -11.61 19.46
C ILE E 569 32.99 -10.42 18.86
N ASN E 570 31.97 -9.96 19.57
CA ASN E 570 31.22 -8.79 19.18
C ASN E 570 31.57 -7.63 20.10
N ILE E 571 31.55 -6.41 19.56
CA ILE E 571 32.05 -5.24 20.28
C ILE E 571 31.13 -4.05 20.05
N CYS E 572 30.88 -3.29 21.11
CA CYS E 572 30.16 -2.03 21.01
C CYS E 572 30.99 -0.93 21.64
N VAL E 573 30.97 0.24 21.01
CA VAL E 573 31.70 1.41 21.49
C VAL E 573 30.70 2.53 21.69
N VAL E 574 30.42 2.86 22.96
CA VAL E 574 29.49 3.93 23.32
C VAL E 574 30.31 5.14 23.72
N GLY E 575 30.04 6.29 23.11
CA GLY E 575 30.90 7.44 23.31
C GLY E 575 30.20 8.78 23.23
N ASP E 576 30.88 9.78 23.76
CA ASP E 576 30.47 11.17 23.65
C ASP E 576 30.82 11.70 22.27
N PRO E 577 30.27 12.85 21.88
CA PRO E 577 30.58 13.40 20.56
C PRO E 577 32.07 13.65 20.38
N SER E 578 32.55 13.39 19.17
CA SER E 578 33.93 13.70 18.80
C SER E 578 34.94 12.97 19.68
N THR E 579 34.63 11.72 20.01
CA THR E 579 35.54 10.87 20.77
C THR E 579 36.25 9.84 19.90
N SER E 580 36.19 9.99 18.58
CA SER E 580 36.91 9.13 17.65
C SER E 580 36.46 7.68 17.76
N LYS E 581 35.19 7.45 17.48
CA LYS E 581 34.65 6.10 17.38
C LYS E 581 34.24 5.74 15.97
N SER E 582 33.70 6.69 15.19
CA SER E 582 33.44 6.45 13.78
C SER E 582 34.74 6.32 12.98
N GLN E 583 35.85 6.86 13.48
CA GLN E 583 37.12 6.71 12.80
C GLN E 583 37.74 5.32 13.00
N PHE E 584 37.31 4.60 14.04
CA PHE E 584 37.78 3.23 14.22
C PHE E 584 37.12 2.30 13.21
N LEU E 585 35.83 2.52 12.94
CA LEU E 585 35.12 1.68 12.00
C LEU E 585 35.72 1.82 10.61
N LYS E 586 36.07 3.04 10.22
CA LYS E 586 36.60 3.25 8.88
C LYS E 586 37.97 2.63 8.74
N TYR E 587 38.75 2.58 9.81
CA TYR E 587 40.02 1.87 9.75
C TYR E 587 39.78 0.39 9.53
N VAL E 588 38.79 -0.18 10.22
CA VAL E 588 38.57 -1.62 10.09
C VAL E 588 38.03 -1.97 8.71
N VAL E 589 37.06 -1.19 8.21
CA VAL E 589 36.41 -1.54 6.93
C VAL E 589 37.43 -1.55 5.80
N GLY E 590 38.38 -0.62 5.83
CA GLY E 590 39.37 -0.51 4.78
C GLY E 590 40.63 -1.32 4.96
N PHE E 591 40.72 -2.15 5.99
CA PHE E 591 41.91 -2.96 6.23
C PHE E 591 41.63 -4.45 6.17
N ALA E 592 40.67 -4.95 6.91
CA ALA E 592 40.46 -6.38 6.97
C ALA E 592 39.70 -6.87 5.75
N PRO E 593 39.96 -8.10 5.29
CA PRO E 593 39.18 -8.64 4.17
C PRO E 593 37.74 -8.88 4.55
N ARG E 594 36.86 -8.76 3.56
CA ARG E 594 35.44 -9.06 3.74
C ARG E 594 34.84 -8.23 4.88
N SER E 595 34.84 -6.91 4.69
CA SER E 595 34.29 -5.98 5.65
C SER E 595 33.29 -5.08 4.95
N VAL E 596 32.16 -4.85 5.61
CA VAL E 596 31.11 -3.99 5.09
C VAL E 596 30.77 -2.95 6.15
N TYR E 597 30.43 -1.76 5.69
CA TYR E 597 30.13 -0.61 6.55
C TYR E 597 28.74 -0.11 6.24
N THR E 598 27.96 0.20 7.28
CA THR E 598 26.63 0.73 7.06
C THR E 598 26.21 1.58 8.25
N SER E 599 25.25 2.46 8.00
CA SER E 599 24.72 3.38 9.00
C SER E 599 23.31 2.99 9.41
N GLY E 600 22.90 3.48 10.57
CA GLY E 600 21.63 3.07 11.13
C GLY E 600 20.43 3.51 10.31
N LYS E 601 20.43 4.76 9.86
CA LYS E 601 19.26 5.28 9.17
C LYS E 601 19.26 4.95 7.68
N ALA E 602 20.32 4.31 7.18
CA ALA E 602 20.39 3.91 5.77
C ALA E 602 19.94 2.47 5.57
N SER E 603 20.58 1.53 6.27
CA SER E 603 20.26 0.13 6.07
C SER E 603 18.79 -0.14 6.36
N SER E 604 18.16 -0.92 5.48
CA SER E 604 16.77 -1.32 5.65
C SER E 604 16.72 -2.76 6.14
N ALA E 605 15.49 -3.28 6.26
CA ALA E 605 15.33 -4.66 6.71
C ALA E 605 15.87 -5.64 5.68
N ALA E 606 15.61 -5.40 4.40
CA ALA E 606 16.04 -6.30 3.33
C ALA E 606 17.41 -5.97 2.79
N GLY E 607 18.03 -4.89 3.25
CA GLY E 607 19.39 -4.57 2.85
C GLY E 607 20.39 -5.27 3.75
N LEU E 608 19.94 -5.66 4.93
CA LEU E 608 20.74 -6.42 5.88
C LEU E 608 20.54 -7.92 5.76
N THR E 609 19.53 -8.36 5.02
CA THR E 609 19.25 -9.77 4.80
C THR E 609 19.00 -9.98 3.30
N ALA E 610 19.04 -11.24 2.89
CA ALA E 610 18.94 -11.57 1.47
C ALA E 610 17.62 -11.06 0.88
N ALA E 611 17.57 -11.07 -0.44
CA ALA E 611 16.35 -10.68 -1.15
C ALA E 611 16.22 -11.48 -2.44
N VAL E 612 15.05 -12.04 -2.69
CA VAL E 612 14.85 -12.89 -3.86
C VAL E 612 14.63 -12.04 -5.10
N VAL E 613 15.02 -12.58 -6.25
CA VAL E 613 14.79 -11.93 -7.54
C VAL E 613 14.56 -13.01 -8.59
N ARG E 614 13.79 -12.67 -9.61
CA ARG E 614 13.51 -13.59 -10.71
C ARG E 614 14.62 -13.51 -11.75
N ASP E 615 15.10 -14.66 -12.18
CA ASP E 615 16.10 -14.71 -13.24
C ASP E 615 15.50 -14.21 -14.54
N GLU E 616 16.27 -13.40 -15.28
CA GLU E 616 15.76 -12.83 -16.52
C GLU E 616 15.61 -13.89 -17.60
N GLU E 617 16.51 -14.88 -17.64
CA GLU E 617 16.39 -15.94 -18.63
C GLU E 617 15.15 -16.79 -18.43
N GLY E 618 14.60 -16.82 -17.22
CA GLY E 618 13.45 -17.67 -16.94
C GLY E 618 13.87 -19.09 -16.67
N GLY E 619 13.21 -19.75 -15.73
CA GLY E 619 13.53 -21.12 -15.38
C GLY E 619 13.82 -21.31 -13.89
N ASP E 620 14.37 -20.29 -13.25
CA ASP E 620 14.67 -20.36 -11.82
C ASP E 620 14.88 -18.93 -11.32
N TYR E 621 15.39 -18.81 -10.09
CA TYR E 621 15.49 -17.51 -9.42
C TYR E 621 16.91 -17.25 -8.95
N THR E 622 17.11 -16.17 -8.19
CA THR E 622 18.43 -15.84 -7.67
C THR E 622 18.25 -15.09 -6.36
N ILE E 623 19.30 -15.09 -5.54
CA ILE E 623 19.32 -14.41 -4.25
C ILE E 623 20.28 -13.24 -4.30
N GLU E 624 19.94 -12.18 -3.58
CA GLU E 624 20.75 -10.97 -3.47
C GLU E 624 21.26 -10.91 -2.03
N ALA E 625 22.58 -10.93 -1.88
CA ALA E 625 23.21 -10.98 -0.57
C ALA E 625 23.11 -9.63 0.13
N GLY E 626 22.74 -9.65 1.41
CA GLY E 626 22.66 -8.46 2.22
C GLY E 626 23.98 -8.13 2.88
N ALA E 627 23.92 -7.22 3.85
CA ALA E 627 25.13 -6.79 4.52
C ALA E 627 25.66 -7.84 5.48
N LEU E 628 24.76 -8.52 6.21
CA LEU E 628 25.22 -9.49 7.21
C LEU E 628 25.79 -10.74 6.56
N MET E 629 25.33 -11.12 5.36
CA MET E 629 25.81 -12.35 4.67
C MET E 629 26.93 -11.98 3.69
N LEU E 630 27.06 -10.71 3.25
CA LEU E 630 28.24 -10.31 2.50
C LEU E 630 29.49 -10.43 3.34
N ALA E 631 29.38 -10.21 4.64
CA ALA E 631 30.51 -10.24 5.56
C ALA E 631 30.73 -11.61 6.18
N ASP E 632 30.10 -12.66 5.63
CA ASP E 632 30.30 -14.01 6.13
C ASP E 632 31.77 -14.26 6.43
N ASN E 633 32.05 -14.73 7.64
CA ASN E 633 33.41 -14.93 8.10
C ASN E 633 34.21 -13.63 8.02
N GLY E 634 33.59 -12.55 8.50
CA GLY E 634 34.20 -11.24 8.49
C GLY E 634 33.68 -10.36 9.60
N ILE E 635 33.76 -9.04 9.42
CA ILE E 635 33.30 -8.07 10.41
C ILE E 635 32.33 -7.11 9.73
N CYS E 636 31.18 -6.89 10.35
CA CYS E 636 30.21 -5.91 9.87
C CYS E 636 30.26 -4.71 10.80
N CYS E 637 30.46 -3.52 10.23
CA CYS E 637 30.64 -2.29 10.98
C CYS E 637 29.38 -1.46 10.86
N ILE E 638 28.67 -1.29 11.96
CA ILE E 638 27.43 -0.54 12.00
C ILE E 638 27.67 0.74 12.80
N ASP E 639 27.38 1.88 12.17
CA ASP E 639 27.50 3.18 12.79
C ASP E 639 26.11 3.77 12.98
N GLU E 640 25.97 4.62 14.00
CA GLU E 640 24.67 5.16 14.36
C GLU E 640 23.72 4.04 14.74
N PHE E 641 24.25 3.02 15.42
CA PHE E 641 23.46 1.86 15.79
C PHE E 641 22.21 2.26 16.55
N ASP E 642 22.31 3.25 17.42
CA ASP E 642 21.18 3.67 18.23
C ASP E 642 20.03 4.20 17.38
N LYS E 643 20.28 4.62 16.14
CA LYS E 643 19.22 5.08 15.28
C LYS E 643 18.47 3.96 14.58
N MET E 644 18.95 2.73 14.70
CA MET E 644 18.33 1.61 14.00
C MET E 644 16.94 1.34 14.57
N ASP E 645 16.07 0.83 13.71
CA ASP E 645 14.70 0.52 14.11
C ASP E 645 14.65 -0.80 14.87
N ILE E 646 13.57 -0.98 15.64
CA ILE E 646 13.49 -2.15 16.52
C ILE E 646 13.37 -3.43 15.70
N SER E 647 12.63 -3.40 14.59
CA SER E 647 12.50 -4.60 13.77
C SER E 647 13.84 -5.01 13.16
N ASP E 648 14.61 -4.04 12.70
CA ASP E 648 15.96 -4.32 12.22
C ASP E 648 16.82 -4.89 13.34
N GLN E 649 16.62 -4.40 14.56
CA GLN E 649 17.33 -4.97 15.69
C GLN E 649 16.92 -6.43 15.91
N VAL E 650 15.66 -6.75 15.70
CA VAL E 650 15.20 -8.12 15.82
C VAL E 650 15.88 -9.01 14.78
N ALA E 651 15.97 -8.53 13.55
CA ALA E 651 16.64 -9.31 12.51
C ALA E 651 18.11 -9.53 12.85
N ILE E 652 18.79 -8.46 13.27
CA ILE E 652 20.21 -8.59 13.63
C ILE E 652 20.36 -9.50 14.85
N HIS E 653 19.38 -9.49 15.75
CA HIS E 653 19.44 -10.38 16.91
C HIS E 653 19.31 -11.84 16.50
N GLU E 654 18.45 -12.08 15.52
CA GLU E 654 18.22 -13.46 15.01
C GLU E 654 19.52 -13.94 14.37
N ALA E 655 20.23 -13.08 13.64
CA ALA E 655 21.51 -13.42 13.02
C ALA E 655 22.61 -13.57 14.08
N MET E 656 22.60 -12.73 15.11
CA MET E 656 23.60 -12.78 16.16
C MET E 656 23.48 -14.02 17.01
N GLU E 657 22.25 -14.49 17.20
CA GLU E 657 21.98 -15.63 18.07
C GLU E 657 22.28 -16.95 17.37
N GLN E 658 21.58 -17.23 16.27
CA GLN E 658 21.65 -18.56 15.67
C GLN E 658 22.55 -18.63 14.43
N GLN E 659 23.25 -17.54 14.08
CA GLN E 659 24.16 -17.56 12.94
C GLN E 659 23.45 -18.00 11.65
N THR E 660 22.13 -17.79 11.58
CA THR E 660 21.35 -18.24 10.43
C THR E 660 20.36 -17.15 10.04
N ILE E 661 20.12 -17.06 8.74
CA ILE E 661 19.08 -16.18 8.18
C ILE E 661 18.12 -17.06 7.39
N SER E 662 16.83 -16.91 7.66
CA SER E 662 15.80 -17.69 7.01
C SER E 662 15.01 -16.79 6.07
N ILE E 663 14.95 -17.17 4.80
CA ILE E 663 14.19 -16.44 3.79
C ILE E 663 12.99 -17.29 3.41
N ALA E 664 11.78 -16.74 3.58
CA ALA E 664 10.53 -17.42 3.22
C ALA E 664 9.62 -16.40 2.54
N LYS E 665 9.85 -16.17 1.24
CA LYS E 665 9.13 -15.09 0.50
C LYS E 665 8.81 -15.55 -0.93
N ALA E 666 7.54 -15.61 -1.33
CA ALA E 666 7.12 -15.87 -2.72
C ALA E 666 7.49 -17.29 -3.13
N GLY E 667 7.09 -18.25 -2.31
CA GLY E 667 7.39 -19.63 -2.64
C GLY E 667 8.86 -19.95 -2.63
N ILE E 668 9.69 -19.10 -2.02
CA ILE E 668 11.12 -19.31 -1.95
C ILE E 668 11.49 -19.52 -0.49
N HIS E 669 12.12 -20.66 -0.20
CA HIS E 669 12.58 -20.99 1.14
C HIS E 669 14.08 -21.24 1.10
N ALA E 670 14.81 -20.63 2.03
CA ALA E 670 16.26 -20.77 2.04
C ALA E 670 16.81 -20.55 3.43
N THR E 671 17.86 -21.29 3.75
CA THR E 671 18.66 -21.12 4.95
C THR E 671 20.02 -20.58 4.53
N LEU E 672 20.50 -19.56 5.24
CA LEU E 672 21.66 -18.81 4.81
C LEU E 672 22.62 -18.60 5.97
N ASN E 673 23.91 -18.72 5.69
CA ASN E 673 24.94 -18.60 6.72
C ASN E 673 25.29 -17.14 6.95
N ALA E 674 25.28 -16.71 8.22
CA ALA E 674 25.77 -15.39 8.62
C ALA E 674 26.69 -15.61 9.82
N ARG E 675 27.94 -15.97 9.56
CA ARG E 675 28.93 -16.17 10.61
C ARG E 675 29.83 -14.93 10.72
N THR E 676 29.22 -13.84 11.16
CA THR E 676 29.86 -12.54 11.17
C THR E 676 30.01 -12.03 12.61
N SER E 677 31.03 -11.20 12.81
CA SER E 677 31.20 -10.41 14.01
C SER E 677 30.63 -9.03 13.77
N ILE E 678 30.22 -8.35 14.84
CA ILE E 678 29.59 -7.05 14.74
C ILE E 678 30.41 -6.05 15.54
N LEU E 679 30.76 -4.94 14.90
CA LEU E 679 31.42 -3.80 15.54
C LEU E 679 30.49 -2.61 15.43
N ALA E 680 29.95 -2.16 16.56
CA ALA E 680 28.92 -1.15 16.56
C ALA E 680 29.41 0.12 17.27
N ALA E 681 28.93 1.26 16.77
CA ALA E 681 29.20 2.56 17.39
C ALA E 681 27.89 3.16 17.87
N ALA E 682 27.89 3.77 19.05
CA ALA E 682 26.65 4.22 19.66
C ALA E 682 26.86 5.49 20.48
N ASN E 683 25.79 6.27 20.59
CA ASN E 683 25.69 7.47 21.38
C ASN E 683 24.74 7.25 22.55
N PRO E 684 24.97 7.92 23.69
CA PRO E 684 24.01 7.84 24.80
C PRO E 684 22.65 8.38 24.40
N VAL E 685 21.68 8.19 25.29
CA VAL E 685 20.30 8.55 24.98
C VAL E 685 20.15 10.06 24.84
N GLY E 686 20.67 10.81 25.80
CA GLY E 686 20.48 12.25 25.80
C GLY E 686 21.54 13.03 25.05
N GLY E 687 22.63 12.38 24.68
CA GLY E 687 23.71 13.06 23.99
C GLY E 687 25.02 12.79 24.68
N ARG E 688 25.00 12.72 26.01
CA ARG E 688 26.22 12.46 26.77
C ARG E 688 25.91 11.45 27.85
N TYR E 689 26.93 10.67 28.21
CA TYR E 689 26.78 9.62 29.19
C TYR E 689 26.41 10.19 30.56
N ASN E 690 25.59 9.45 31.30
CA ASN E 690 25.28 9.74 32.70
C ASN E 690 25.99 8.71 33.56
N ARG E 691 26.95 9.15 34.38
CA ARG E 691 27.53 8.24 35.35
C ARG E 691 26.56 7.92 36.48
N LYS E 692 25.55 8.78 36.69
CA LYS E 692 24.51 8.53 37.68
C LYS E 692 23.56 7.42 37.27
N LEU E 693 23.60 6.99 36.01
CA LEU E 693 22.77 5.92 35.50
C LEU E 693 23.65 4.73 35.12
N SER E 694 23.01 3.62 34.80
CA SER E 694 23.70 2.41 34.38
C SER E 694 23.67 2.28 32.85
N LEU E 695 24.47 1.35 32.36
CA LEU E 695 24.57 1.15 30.91
C LEU E 695 23.19 0.88 30.31
N ARG E 696 22.39 0.04 30.96
CA ARG E 696 21.06 -0.27 30.45
C ARG E 696 20.19 0.97 30.32
N GLY E 697 20.46 2.02 31.10
CA GLY E 697 19.66 3.22 31.04
C GLY E 697 20.20 4.23 30.06
N ASN E 698 21.45 4.04 29.63
CA ASN E 698 22.10 4.92 28.69
C ASN E 698 22.05 4.41 27.26
N LEU E 699 21.46 3.22 27.03
CA LEU E 699 21.39 2.61 25.68
C LEU E 699 19.93 2.36 25.31
N ASN E 700 19.57 2.60 24.04
CA ASN E 700 18.23 2.35 23.54
C ASN E 700 18.06 0.94 22.96
N MET E 701 19.15 0.20 22.86
CA MET E 701 19.16 -1.17 22.34
C MET E 701 18.20 -2.03 23.10
N THR E 702 17.80 -3.16 22.53
CA THR E 702 16.96 -4.12 23.26
C THR E 702 17.81 -5.04 24.13
N ALA E 703 17.13 -5.74 25.04
CA ALA E 703 17.79 -6.63 25.99
C ALA E 703 18.25 -7.92 25.33
N PRO E 704 17.46 -8.54 24.44
CA PRO E 704 17.95 -9.76 23.79
C PRO E 704 19.28 -9.58 23.09
N ILE E 705 19.47 -8.42 22.46
CA ILE E 705 20.71 -8.15 21.74
C ILE E 705 21.78 -7.57 22.65
N MET E 706 21.40 -6.81 23.67
CA MET E 706 22.39 -6.24 24.57
C MET E 706 23.17 -7.30 25.31
N SER E 707 22.59 -8.49 25.48
CA SER E 707 23.24 -9.57 26.21
C SER E 707 24.24 -10.34 25.36
N ARG E 708 24.22 -10.17 24.04
CA ARG E 708 25.07 -10.94 23.14
C ARG E 708 26.38 -10.23 22.80
N PHE E 709 26.59 -9.01 23.27
CA PHE E 709 27.86 -8.32 23.04
C PHE E 709 28.89 -8.76 24.08
N ASP E 710 30.13 -8.90 23.65
CA ASP E 710 31.20 -9.33 24.53
C ASP E 710 31.82 -8.18 25.30
N LEU E 711 32.18 -7.11 24.61
CA LEU E 711 32.86 -5.97 25.22
C LEU E 711 32.10 -4.69 24.91
N PHE E 712 31.71 -3.99 25.97
CA PHE E 712 31.18 -2.64 25.88
C PHE E 712 32.29 -1.69 26.30
N PHE E 713 32.65 -0.76 25.41
CA PHE E 713 33.69 0.22 25.68
C PHE E 713 33.06 1.59 25.79
N VAL E 714 33.14 2.18 26.99
CA VAL E 714 32.58 3.50 27.25
C VAL E 714 33.70 4.52 27.16
N ILE E 715 33.54 5.50 26.27
CA ILE E 715 34.54 6.53 26.04
C ILE E 715 34.04 7.83 26.62
N LEU E 716 34.79 8.39 27.57
CA LEU E 716 34.43 9.61 28.27
C LEU E 716 35.48 10.69 28.02
N ASP E 717 35.04 11.85 27.55
CA ASP E 717 35.93 12.98 27.33
C ASP E 717 35.97 13.84 28.59
N ASP E 718 37.10 13.80 29.30
CA ASP E 718 37.29 14.59 30.51
C ASP E 718 38.34 15.66 30.24
N CYS E 719 38.04 16.89 30.64
CA CYS E 719 38.89 18.03 30.33
C CYS E 719 40.17 17.94 31.17
N ASN E 720 41.30 17.77 30.50
CA ASN E 720 42.60 17.73 31.16
C ASN E 720 43.59 18.56 30.35
N GLU E 721 44.38 19.38 31.04
CA GLU E 721 45.36 20.21 30.37
C GLU E 721 46.66 19.48 30.09
N LYS E 722 46.86 18.30 30.68
CA LYS E 722 48.06 17.51 30.38
C LYS E 722 47.92 16.73 29.09
N ILE E 723 46.70 16.29 28.77
CA ILE E 723 46.49 15.47 27.57
C ILE E 723 46.09 16.30 26.37
N ASP E 724 45.38 17.42 26.58
CA ASP E 724 44.93 18.22 25.46
C ASP E 724 46.08 18.85 24.68
N THR E 725 47.27 18.92 25.28
CA THR E 725 48.42 19.43 24.55
C THR E 725 49.02 18.37 23.65
N GLU E 726 49.17 17.15 24.14
CA GLU E 726 49.66 16.09 23.29
C GLU E 726 48.68 15.83 22.15
N LEU E 727 47.38 15.83 22.45
CA LEU E 727 46.39 15.60 21.41
C LEU E 727 46.42 16.71 20.36
N ALA E 728 46.51 17.97 20.78
CA ALA E 728 46.56 19.06 19.81
C ALA E 728 47.81 18.99 18.96
N SER E 729 48.96 18.69 19.59
CA SER E 729 50.19 18.54 18.83
C SER E 729 50.07 17.44 17.80
N HIS E 730 49.50 16.30 18.18
CA HIS E 730 49.32 15.19 17.25
C HIS E 730 48.45 15.59 16.07
N ILE E 731 47.32 16.24 16.33
CA ILE E 731 46.41 16.60 15.25
C ILE E 731 47.07 17.58 14.28
N VAL E 732 47.72 18.60 14.83
CA VAL E 732 48.33 19.60 13.97
C VAL E 732 49.49 19.00 13.19
N ASP E 733 50.28 18.14 13.83
CA ASP E 733 51.34 17.47 13.09
C ASP E 733 50.77 16.64 11.96
N LEU E 734 49.62 16.00 12.16
CA LEU E 734 48.97 15.31 11.05
C LEU E 734 48.74 16.25 9.88
N HIS E 735 47.99 17.33 10.11
CA HIS E 735 47.69 18.25 9.02
C HIS E 735 48.94 18.90 8.43
N MET E 736 50.00 19.06 9.21
CA MET E 736 51.20 19.76 8.77
C MET E 736 52.18 18.86 8.04
N LYS E 737 52.27 17.58 8.40
CA LYS E 737 53.28 16.68 7.85
C LYS E 737 52.71 15.59 6.96
N ARG E 738 51.39 15.52 6.78
CA ARG E 738 50.83 14.50 5.88
C ARG E 738 51.14 13.12 6.46
N ASP E 739 51.59 12.17 5.64
CA ASP E 739 51.77 10.79 6.06
C ASP E 739 53.08 10.54 6.80
N GLU E 740 54.00 11.51 6.85
CA GLU E 740 55.24 11.30 7.58
C GLU E 740 55.04 11.27 9.09
N ALA E 741 53.94 11.86 9.57
CA ALA E 741 53.68 11.83 11.01
C ALA E 741 53.46 10.42 11.52
N ILE E 742 52.74 9.61 10.73
CA ILE E 742 52.39 8.21 11.11
C ILE E 742 53.63 7.32 10.95
N GLU E 743 53.89 6.41 11.91
CA GLU E 743 55.04 5.50 11.85
C GLU E 743 54.82 4.28 12.73
N PRO E 744 53.93 3.36 12.35
CA PRO E 744 53.71 2.16 13.15
C PRO E 744 54.91 1.23 13.10
N PRO E 745 55.09 0.38 14.10
CA PRO E 745 56.19 -0.59 14.03
C PRO E 745 56.07 -1.55 12.85
N PHE E 746 54.85 -1.89 12.45
CA PHE E 746 54.61 -2.80 11.34
C PHE E 746 53.70 -2.13 10.31
N SER E 747 53.81 -2.59 9.07
CA SER E 747 53.07 -2.01 7.96
C SER E 747 51.74 -2.72 7.78
N ALA E 748 50.94 -2.23 6.83
CA ALA E 748 49.62 -2.80 6.62
C ALA E 748 49.68 -4.25 6.15
N GLU E 749 50.58 -4.53 5.20
CA GLU E 749 50.63 -5.86 4.62
C GLU E 749 51.29 -6.85 5.57
N GLN E 750 52.31 -6.43 6.31
CA GLN E 750 52.90 -7.33 7.29
C GLN E 750 51.86 -7.72 8.33
N LEU E 751 51.06 -6.75 8.76
CA LEU E 751 50.00 -7.01 9.73
C LEU E 751 48.98 -7.99 9.17
N ARG E 752 48.55 -7.79 7.93
CA ARG E 752 47.59 -8.71 7.33
C ARG E 752 48.15 -10.12 7.22
N ARG E 753 49.41 -10.23 6.82
CA ARG E 753 50.03 -11.55 6.68
C ARG E 753 50.14 -12.25 8.02
N TYR E 754 50.54 -11.52 9.07
CA TYR E 754 50.59 -12.13 10.39
C TYR E 754 49.21 -12.59 10.84
N ILE E 755 48.19 -11.77 10.62
CA ILE E 755 46.83 -12.16 11.01
C ILE E 755 46.44 -13.46 10.31
N LYS E 756 46.67 -13.52 8.99
CA LYS E 756 46.29 -14.71 8.24
C LYS E 756 47.04 -15.95 8.74
N TYR E 757 48.34 -15.82 8.97
CA TYR E 757 49.11 -16.97 9.45
C TYR E 757 48.64 -17.41 10.83
N ALA E 758 48.32 -16.46 11.70
CA ALA E 758 47.92 -16.81 13.07
C ALA E 758 46.56 -17.50 13.09
N ARG E 759 45.64 -17.09 12.22
CA ARG E 759 44.30 -17.64 12.28
C ARG E 759 44.28 -19.15 12.03
N THR E 760 45.33 -19.72 11.44
CA THR E 760 45.34 -21.16 11.20
C THR E 760 45.36 -21.95 12.50
N PHE E 761 46.03 -21.44 13.52
CA PHE E 761 46.19 -22.19 14.76
C PHE E 761 44.85 -22.42 15.46
N LYS E 762 44.82 -23.42 16.34
CA LYS E 762 43.65 -23.73 17.15
C LYS E 762 44.10 -24.14 18.55
N PRO E 763 44.13 -23.22 19.51
CA PRO E 763 44.65 -23.55 20.84
C PRO E 763 43.68 -24.42 21.63
N ILE E 764 44.20 -25.04 22.72
CA ILE E 764 43.47 -25.97 23.63
C ILE E 764 43.83 -25.62 25.07
N LEU E 765 42.94 -25.78 26.03
CA LEU E 765 43.11 -25.46 27.45
C LEU E 765 43.83 -26.60 28.14
N THR E 766 44.89 -26.26 28.87
CA THR E 766 45.66 -27.25 29.61
C THR E 766 45.12 -27.40 31.03
N LYS E 767 45.49 -28.52 31.67
CA LYS E 767 44.97 -28.83 32.99
C LYS E 767 45.43 -27.85 34.05
N GLU E 768 46.46 -27.05 33.76
CA GLU E 768 46.90 -26.04 34.73
C GLU E 768 46.02 -24.79 34.73
N ALA E 769 45.42 -24.44 33.59
CA ALA E 769 44.70 -23.18 33.47
C ALA E 769 43.21 -23.28 33.77
N ARG E 770 42.64 -24.48 33.81
CA ARG E 770 41.21 -24.61 34.05
C ARG E 770 40.86 -24.13 35.46
N SER E 771 41.71 -24.47 36.43
CA SER E 771 41.47 -24.00 37.79
C SER E 771 41.65 -22.50 37.87
N TYR E 772 42.62 -21.96 37.15
CA TYR E 772 42.80 -20.51 37.17
C TYR E 772 41.57 -19.80 36.63
N LEU E 773 40.97 -20.36 35.59
CA LEU E 773 39.78 -19.76 35.00
C LEU E 773 38.62 -19.76 35.99
N VAL E 774 38.39 -20.88 36.69
CA VAL E 774 37.23 -20.98 37.63
C VAL E 774 37.52 -20.10 38.85
N GLU E 775 38.79 -19.89 39.26
CA GLU E 775 39.11 -18.96 40.33
C GLU E 775 38.85 -17.52 39.91
N LYS E 776 39.24 -17.16 38.68
CA LYS E 776 38.99 -15.81 38.19
C LYS E 776 37.50 -15.52 38.11
N TYR E 777 36.72 -16.50 37.65
CA TYR E 777 35.27 -16.30 37.63
C TYR E 777 34.73 -16.08 39.03
N LYS E 778 35.23 -16.83 40.00
CA LYS E 778 34.79 -16.64 41.38
C LYS E 778 35.11 -15.24 41.88
N GLU E 779 36.32 -14.75 41.63
CA GLU E 779 36.68 -13.42 42.08
C GLU E 779 35.84 -12.35 41.39
N LEU E 780 35.61 -12.51 40.08
CA LEU E 780 34.80 -11.54 39.35
C LEU E 780 33.38 -11.49 39.87
N ARG E 781 32.79 -12.65 40.20
CA ARG E 781 31.47 -12.64 40.80
C ARG E 781 31.50 -12.04 42.21
N LYS E 782 32.54 -12.35 42.99
CA LYS E 782 32.65 -11.81 44.34
C LYS E 782 32.65 -10.28 44.33
N ASP E 783 33.49 -9.68 43.49
CA ASP E 783 33.55 -8.23 43.46
C ASP E 783 32.46 -7.65 42.56
N ASP E 784 31.22 -8.09 42.75
CA ASP E 784 30.08 -7.51 42.05
C ASP E 784 28.84 -7.31 42.92
N ALA E 785 28.68 -8.04 44.02
CA ALA E 785 27.47 -7.96 44.81
C ALA E 785 27.36 -6.62 45.53
N SER E 791 27.28 -2.44 39.18
CA SER E 791 28.13 -1.88 38.13
C SER E 791 27.28 -1.46 36.94
N SER E 792 27.93 -1.17 35.81
CA SER E 792 27.20 -0.88 34.59
C SER E 792 26.35 -2.06 34.17
N TYR E 793 26.89 -3.27 34.28
CA TYR E 793 26.12 -4.49 34.04
C TYR E 793 26.59 -5.58 34.98
N ARG E 794 25.62 -6.39 35.41
CA ARG E 794 25.86 -7.46 36.43
C ARG E 794 26.59 -8.64 35.78
N ILE E 795 27.48 -9.30 36.52
CA ILE E 795 28.22 -10.47 36.06
C ILE E 795 27.30 -11.67 36.05
N THR E 796 27.43 -12.51 35.02
CA THR E 796 26.66 -13.74 34.91
C THR E 796 27.59 -14.82 34.36
N VAL E 797 27.02 -15.95 33.97
CA VAL E 797 27.86 -17.03 33.43
C VAL E 797 28.34 -16.70 32.04
N ARG E 798 27.60 -15.87 31.30
CA ARG E 798 28.00 -15.53 29.94
C ARG E 798 29.40 -14.95 29.92
N GLN E 799 29.70 -14.12 30.93
CA GLN E 799 31.02 -13.45 31.09
C GLN E 799 32.14 -14.52 31.09
N LEU E 800 31.93 -15.70 31.68
CA LEU E 800 32.93 -16.76 31.70
C LEU E 800 33.19 -17.26 30.30
N GLU E 801 32.10 -17.52 29.56
CA GLU E 801 32.16 -17.99 28.15
C GLU E 801 32.88 -16.91 27.32
N SER E 802 32.68 -15.61 27.60
CA SER E 802 33.37 -14.55 26.89
C SER E 802 34.86 -14.59 27.19
N MET E 803 35.21 -14.81 28.45
CA MET E 803 36.63 -14.86 28.78
C MET E 803 37.31 -16.01 28.05
N ILE E 804 36.64 -17.16 27.96
CA ILE E 804 37.24 -18.28 27.26
C ILE E 804 37.50 -17.90 25.81
N ARG E 805 36.52 -17.27 25.17
CA ARG E 805 36.71 -16.87 23.80
C ARG E 805 37.88 -15.92 23.70
N LEU E 806 37.93 -14.94 24.60
CA LEU E 806 39.02 -13.98 24.54
C LEU E 806 40.35 -14.68 24.73
N SER E 807 40.44 -15.60 25.68
CA SER E 807 41.72 -16.25 25.91
C SER E 807 42.22 -16.95 24.65
N GLU E 808 41.32 -17.58 23.91
CA GLU E 808 41.74 -18.22 22.66
C GLU E 808 42.34 -17.21 21.70
N ALA E 809 41.76 -16.02 21.64
CA ALA E 809 42.27 -15.01 20.73
C ALA E 809 43.66 -14.57 21.14
N ILE E 810 43.87 -14.28 22.43
CA ILE E 810 45.23 -13.90 22.93
C ILE E 810 46.19 -15.05 22.57
N ALA E 811 45.75 -16.33 22.63
CA ALA E 811 46.64 -17.41 22.24
C ALA E 811 46.95 -17.35 20.75
N ARG E 812 45.93 -17.08 19.93
CA ARG E 812 46.19 -16.96 18.50
C ARG E 812 47.19 -15.84 18.25
N ALA E 813 47.10 -14.76 19.04
CA ALA E 813 47.99 -13.64 18.80
C ALA E 813 49.45 -14.04 18.98
N ASN E 814 49.72 -14.89 19.98
CA ASN E 814 51.11 -15.26 20.26
C ASN E 814 51.60 -16.45 19.45
N CYS E 815 50.75 -17.07 18.65
CA CYS E 815 51.16 -18.18 17.78
C CYS E 815 51.64 -19.37 18.61
N VAL E 816 50.80 -19.78 19.56
CA VAL E 816 51.07 -20.96 20.37
C VAL E 816 49.80 -21.79 20.41
N ASP E 817 49.97 -23.11 20.57
CA ASP E 817 48.88 -24.06 20.44
C ASP E 817 48.22 -24.43 21.76
N GLU E 818 48.68 -23.87 22.89
CA GLU E 818 48.09 -24.15 24.19
C GLU E 818 47.96 -22.87 24.97
N ILE E 819 46.79 -22.63 25.55
CA ILE E 819 46.57 -21.45 26.36
C ILE E 819 47.36 -21.59 27.67
N THR E 820 47.77 -20.47 28.23
CA THR E 820 48.52 -20.40 29.46
C THR E 820 47.83 -19.47 30.44
N PRO E 821 48.10 -19.61 31.75
CA PRO E 821 47.43 -18.73 32.72
C PRO E 821 47.68 -17.26 32.50
N SER E 822 48.82 -16.89 31.89
CA SER E 822 49.07 -15.48 31.63
C SER E 822 48.02 -14.88 30.71
N PHE E 823 47.65 -15.60 29.64
CA PHE E 823 46.60 -15.11 28.76
C PHE E 823 45.27 -15.05 29.49
N ILE E 824 45.02 -15.99 30.40
CA ILE E 824 43.80 -15.97 31.19
C ILE E 824 43.73 -14.69 32.00
N ALA E 825 44.83 -14.35 32.67
CA ALA E 825 44.87 -13.13 33.47
C ALA E 825 44.70 -11.90 32.58
N GLU E 826 45.30 -11.91 31.40
CA GLU E 826 45.18 -10.77 30.50
C GLU E 826 43.74 -10.57 30.06
N ALA E 827 43.05 -11.65 29.70
CA ALA E 827 41.65 -11.56 29.32
C ALA E 827 40.80 -11.09 30.49
N TYR E 828 41.08 -11.60 31.69
CA TYR E 828 40.35 -11.16 32.88
C TYR E 828 40.53 -9.66 33.08
N ASP E 829 41.76 -9.18 32.91
CA ASP E 829 42.04 -7.76 33.08
C ASP E 829 41.26 -6.94 32.06
N LEU E 830 41.31 -7.35 30.80
CA LEU E 830 40.64 -6.60 29.75
C LEU E 830 39.14 -6.56 29.99
N LEU E 831 38.55 -7.69 30.40
CA LEU E 831 37.12 -7.70 30.66
C LEU E 831 36.76 -6.81 31.85
N ARG E 832 37.53 -6.91 32.94
CA ARG E 832 37.19 -6.16 34.14
C ARG E 832 37.31 -4.67 33.93
N GLN E 833 38.38 -4.23 33.26
CA GLN E 833 38.66 -2.80 33.16
C GLN E 833 37.64 -2.05 32.32
N SER E 834 36.82 -2.75 31.54
CA SER E 834 35.80 -2.11 30.72
C SER E 834 34.50 -1.88 31.48
N ILE E 835 34.38 -2.40 32.71
CA ILE E 835 33.18 -2.25 33.51
C ILE E 835 33.39 -1.04 34.41
N ILE E 836 32.73 0.06 34.10
CA ILE E 836 32.89 1.30 34.84
C ILE E 836 31.92 1.32 36.02
N ARG E 837 32.36 1.97 37.09
CA ARG E 837 31.60 2.05 38.33
C ARG E 837 30.55 3.14 38.23
N VAL E 838 29.32 2.82 38.64
CA VAL E 838 28.25 3.81 38.69
C VAL E 838 28.46 4.66 39.93
N ASP E 839 28.69 5.95 39.74
CA ASP E 839 29.03 6.82 40.86
C ASP E 839 27.85 6.97 41.80
N ALA F 4 -29.79 -3.12 -49.37
CA ALA F 4 -28.75 -2.65 -48.47
C ALA F 4 -28.58 -1.15 -48.58
N LEU F 5 -28.48 -0.48 -47.45
CA LEU F 5 -28.32 0.97 -47.42
C LEU F 5 -29.50 1.64 -48.13
N PRO F 6 -30.69 1.60 -47.54
CA PRO F 6 -31.84 2.28 -48.15
C PRO F 6 -31.71 3.79 -48.06
N SER F 7 -32.73 4.52 -48.53
CA SER F 7 -32.70 5.97 -48.56
C SER F 7 -33.91 6.54 -47.83
N ILE F 8 -33.72 7.75 -47.29
CA ILE F 8 -34.76 8.45 -46.54
C ILE F 8 -34.78 9.91 -47.00
N GLN F 9 -35.92 10.55 -46.83
CA GLN F 9 -36.14 11.92 -47.29
C GLN F 9 -36.14 12.88 -46.10
N LEU F 10 -35.38 13.97 -46.21
CA LEU F 10 -35.25 14.99 -45.20
C LEU F 10 -35.53 16.35 -45.80
N PRO F 11 -35.91 17.33 -44.97
CA PRO F 11 -36.22 18.66 -45.51
C PRO F 11 -35.01 19.53 -45.79
N VAL F 12 -33.80 19.11 -45.38
CA VAL F 12 -32.64 19.96 -45.55
C VAL F 12 -32.26 20.01 -47.03
N ASP F 13 -31.42 20.99 -47.37
CA ASP F 13 -30.93 21.15 -48.74
C ASP F 13 -29.55 21.80 -48.63
N TYR F 14 -28.50 21.03 -48.87
CA TYR F 14 -27.14 21.52 -48.76
C TYR F 14 -26.68 22.26 -49.99
N ASN F 15 -27.59 22.68 -50.85
CA ASN F 15 -27.28 23.54 -51.98
C ASN F 15 -27.72 24.97 -51.73
N ASN F 16 -28.97 25.17 -51.33
CA ASN F 16 -29.44 26.52 -51.04
C ASN F 16 -28.66 27.12 -49.88
N LEU F 17 -28.40 26.34 -48.83
CA LEU F 17 -27.69 26.86 -47.68
C LEU F 17 -26.29 27.35 -48.04
N PHE F 18 -25.60 26.64 -48.94
CA PHE F 18 -24.27 27.10 -49.36
C PHE F 18 -24.34 28.43 -50.09
N ASN F 19 -25.43 28.66 -50.83
CA ASN F 19 -25.58 29.93 -51.52
C ASN F 19 -25.89 31.05 -50.53
N GLU F 20 -26.76 30.80 -49.56
CA GLU F 20 -26.97 31.80 -48.53
C GLU F 20 -25.70 32.05 -47.75
N ILE F 21 -24.86 31.02 -47.58
CA ILE F 21 -23.58 31.20 -46.90
C ILE F 21 -22.73 32.21 -47.65
N THR F 22 -22.60 32.03 -48.96
CA THR F 22 -21.79 32.97 -49.73
C THR F 22 -22.38 34.37 -49.72
N ASP F 23 -23.70 34.47 -49.89
CA ASP F 23 -24.34 35.78 -49.85
C ASP F 23 -24.05 36.49 -48.54
N PHE F 24 -24.27 35.80 -47.41
CA PHE F 24 -23.94 36.37 -46.11
C PHE F 24 -22.48 36.77 -46.04
N LEU F 25 -21.58 35.90 -46.48
CA LEU F 25 -20.17 36.09 -46.23
C LEU F 25 -19.58 37.23 -47.05
N VAL F 26 -20.20 37.60 -48.17
CA VAL F 26 -19.67 38.67 -48.99
C VAL F 26 -20.67 39.81 -49.19
N THR F 27 -21.76 39.89 -48.41
CA THR F 27 -22.74 41.01 -48.54
C THR F 27 -23.15 41.58 -47.18
N PHE F 28 -22.60 41.09 -46.06
CA PHE F 28 -23.06 41.53 -44.75
C PHE F 28 -22.18 42.65 -44.22
N LYS F 29 -22.83 43.67 -43.65
CA LYS F 29 -22.15 44.76 -42.99
C LYS F 29 -22.82 45.02 -41.65
N GLN F 30 -22.04 45.44 -40.67
CA GLN F 30 -22.53 45.64 -39.31
C GLN F 30 -23.80 46.48 -39.28
N LYS F 59 -16.01 51.88 -44.26
CA LYS F 59 -15.82 50.45 -44.11
C LYS F 59 -16.64 49.68 -45.13
N GLY F 60 -16.11 48.55 -45.59
CA GLY F 60 -16.78 47.72 -46.56
C GLY F 60 -17.40 46.49 -45.93
N PRO F 61 -17.50 45.40 -46.69
CA PRO F 61 -18.03 44.16 -46.09
C PRO F 61 -17.22 43.72 -44.88
N LYS F 62 -17.95 43.23 -43.87
CA LYS F 62 -17.32 42.95 -42.58
C LYS F 62 -16.31 41.82 -42.67
N TYR F 63 -16.71 40.69 -43.27
CA TYR F 63 -15.87 39.51 -43.26
C TYR F 63 -14.83 39.53 -44.37
N MET F 64 -15.07 40.32 -45.42
CA MET F 64 -14.06 40.48 -46.48
C MET F 64 -12.82 41.12 -45.86
N ALA F 65 -13.00 42.13 -44.99
CA ALA F 65 -11.86 42.76 -44.35
C ALA F 65 -11.08 41.75 -43.51
N MET F 66 -11.79 40.86 -42.80
CA MET F 66 -11.13 39.86 -41.99
C MET F 66 -10.32 38.92 -42.87
N LEU F 67 -10.87 38.55 -44.03
CA LEU F 67 -10.11 37.72 -44.96
C LEU F 67 -8.93 38.49 -45.54
N GLN F 68 -9.08 39.81 -45.71
CA GLN F 68 -7.95 40.63 -46.23
C GLN F 68 -6.83 40.60 -45.19
N LYS F 69 -7.16 40.74 -43.90
CA LYS F 69 -6.15 40.62 -42.85
C LYS F 69 -5.50 39.26 -42.88
N VAL F 70 -6.29 38.20 -43.07
CA VAL F 70 -5.73 36.85 -43.12
C VAL F 70 -4.74 36.76 -44.28
N ALA F 71 -5.14 37.23 -45.43
CA ALA F 71 -4.21 37.18 -46.58
C ALA F 71 -2.93 37.94 -46.25
N ASN F 72 -3.09 39.17 -45.78
CA ASN F 72 -1.96 40.02 -45.49
C ASN F 72 -1.15 39.54 -44.31
N ARG F 73 -1.48 38.37 -43.74
CA ARG F 73 -0.66 37.69 -42.66
C ARG F 73 -0.71 38.47 -41.35
N GLU F 74 -1.89 38.94 -40.91
CA GLU F 74 -2.07 39.55 -39.56
C GLU F 74 -3.16 38.83 -38.76
N LEU F 75 -3.68 37.67 -39.20
CA LEU F 75 -4.76 37.06 -38.43
C LEU F 75 -4.84 35.57 -38.71
N ASN F 76 -4.74 34.77 -37.64
CA ASN F 76 -4.75 33.32 -37.74
C ASN F 76 -6.08 32.71 -37.34
N SER F 77 -7.14 33.50 -37.19
CA SER F 77 -8.41 32.97 -36.73
C SER F 77 -9.55 33.82 -37.27
N VAL F 78 -10.59 33.15 -37.76
CA VAL F 78 -11.81 33.77 -38.21
C VAL F 78 -12.97 33.23 -37.39
N ILE F 79 -13.80 34.12 -36.87
CA ILE F 79 -14.87 33.77 -35.95
C ILE F 79 -16.19 34.23 -36.55
N ILE F 80 -17.21 33.38 -36.47
CA ILE F 80 -18.53 33.65 -37.03
C ILE F 80 -19.49 33.88 -35.88
N ASP F 81 -20.12 35.05 -35.85
CA ASP F 81 -21.14 35.36 -34.85
C ASP F 81 -22.50 34.99 -35.41
N LEU F 82 -23.20 34.08 -34.73
CA LEU F 82 -24.52 33.68 -35.19
C LEU F 82 -25.51 34.82 -35.13
N ASP F 83 -25.26 35.83 -34.31
CA ASP F 83 -26.12 37.01 -34.30
C ASP F 83 -26.07 37.72 -35.65
N ASP F 84 -24.89 37.79 -36.25
CA ASP F 84 -24.78 38.39 -37.57
C ASP F 84 -25.62 37.62 -38.59
N ILE F 85 -25.55 36.29 -38.56
CA ILE F 85 -26.34 35.49 -39.50
C ILE F 85 -27.83 35.71 -39.25
N LEU F 86 -28.23 35.73 -37.98
CA LEU F 86 -29.63 35.93 -37.66
C LEU F 86 -30.13 37.27 -38.18
N GLN F 87 -29.34 38.33 -37.96
CA GLN F 87 -29.74 39.66 -38.42
C GLN F 87 -29.79 39.70 -39.94
N TYR F 88 -28.83 39.05 -40.60
CA TYR F 88 -28.82 39.05 -42.06
C TYR F 88 -30.08 38.39 -42.61
N GLN F 89 -30.45 37.24 -42.04
CA GLN F 89 -31.63 36.55 -42.56
C GLN F 89 -32.90 37.29 -42.18
N ASN F 90 -32.93 37.96 -41.04
CA ASN F 90 -34.09 38.79 -40.71
C ASN F 90 -34.24 39.94 -41.68
N GLU F 91 -33.14 40.58 -42.05
CA GLU F 91 -33.20 41.65 -43.03
C GLU F 91 -33.64 41.13 -44.39
N LYS F 92 -33.16 39.96 -44.79
CA LYS F 92 -33.58 39.40 -46.07
C LYS F 92 -35.06 39.02 -46.04
N PHE F 93 -35.57 38.55 -44.90
CA PHE F 93 -37.01 38.35 -44.78
C PHE F 93 -37.75 39.66 -44.92
N LEU F 94 -37.25 40.72 -44.28
CA LEU F 94 -37.84 42.04 -44.46
C LEU F 94 -37.88 42.42 -45.94
N GLN F 95 -36.83 42.06 -46.69
CA GLN F 95 -36.84 42.29 -48.12
C GLN F 95 -38.00 41.56 -48.79
N GLY F 96 -38.45 40.45 -48.20
CA GLY F 96 -39.55 39.67 -48.72
C GLY F 96 -39.15 38.42 -49.46
N THR F 97 -37.89 38.31 -49.88
CA THR F 97 -37.44 37.11 -50.59
C THR F 97 -37.31 35.94 -49.62
N GLN F 98 -37.81 34.79 -50.02
CA GLN F 98 -37.75 33.61 -49.17
C GLN F 98 -36.31 33.15 -49.00
N ALA F 99 -36.03 32.58 -47.83
CA ALA F 99 -34.70 32.08 -47.51
C ALA F 99 -34.86 30.88 -46.59
N ASP F 100 -33.75 30.46 -45.97
CA ASP F 100 -33.73 29.33 -45.07
C ASP F 100 -33.24 29.76 -43.70
N ASP F 101 -33.56 28.94 -42.69
CA ASP F 101 -33.16 29.22 -41.31
C ASP F 101 -31.76 28.64 -41.10
N LEU F 102 -30.77 29.43 -41.47
CA LEU F 102 -29.39 28.95 -41.45
C LEU F 102 -28.92 28.69 -40.02
N VAL F 103 -29.27 29.57 -39.07
CA VAL F 103 -28.80 29.41 -37.70
C VAL F 103 -29.36 28.14 -37.08
N SER F 104 -30.62 27.84 -37.33
CA SER F 104 -31.20 26.60 -36.83
C SER F 104 -30.48 25.39 -37.40
N ALA F 105 -30.19 25.42 -38.70
CA ALA F 105 -29.46 24.32 -39.31
C ALA F 105 -28.10 24.15 -38.68
N ILE F 106 -27.41 25.26 -38.40
CA ILE F 106 -26.10 25.14 -37.76
C ILE F 106 -26.26 24.59 -36.35
N GLN F 107 -27.29 25.03 -35.63
CA GLN F 107 -27.44 24.62 -34.25
C GLN F 107 -27.69 23.12 -34.15
N GLN F 108 -28.47 22.56 -35.08
CA GLN F 108 -28.77 21.13 -35.02
C GLN F 108 -27.58 20.30 -35.48
N ASN F 109 -27.04 20.59 -36.66
CA ASN F 109 -25.91 19.86 -37.23
C ASN F 109 -24.81 20.88 -37.48
N ALA F 110 -23.83 20.93 -36.57
CA ALA F 110 -22.80 21.95 -36.62
C ALA F 110 -21.46 21.45 -37.12
N ASN F 111 -21.20 20.15 -37.05
CA ASN F 111 -19.93 19.64 -37.54
C ASN F 111 -19.87 19.59 -39.06
N HIS F 112 -20.99 19.77 -39.75
CA HIS F 112 -21.01 19.73 -41.21
C HIS F 112 -20.85 21.11 -41.82
N PHE F 113 -21.21 22.17 -41.09
CA PHE F 113 -21.14 23.52 -41.65
C PHE F 113 -19.74 24.10 -41.59
N THR F 114 -18.85 23.50 -40.80
CA THR F 114 -17.48 24.00 -40.72
C THR F 114 -16.82 23.95 -42.10
N GLU F 115 -16.87 22.78 -42.74
CA GLU F 115 -16.26 22.66 -44.07
C GLU F 115 -16.99 23.48 -45.12
N LEU F 116 -18.30 23.64 -45.00
CA LEU F 116 -19.02 24.48 -45.96
C LEU F 116 -18.53 25.92 -45.88
N PHE F 117 -18.37 26.43 -44.66
CA PHE F 117 -17.85 27.78 -44.51
C PHE F 117 -16.40 27.86 -44.97
N CYS F 118 -15.60 26.84 -44.67
CA CYS F 118 -14.21 26.88 -45.12
C CYS F 118 -14.13 26.91 -46.64
N ARG F 119 -14.98 26.14 -47.30
CA ARG F 119 -15.03 26.13 -48.76
C ARG F 119 -15.32 27.52 -49.30
N ALA F 120 -16.36 28.17 -48.76
CA ALA F 120 -16.68 29.51 -49.23
C ALA F 120 -15.56 30.50 -48.96
N ILE F 121 -14.93 30.41 -47.79
CA ILE F 121 -13.82 31.30 -47.46
C ILE F 121 -12.63 31.08 -48.37
N ASP F 122 -12.47 29.89 -48.93
CA ASP F 122 -11.38 29.61 -49.86
C ASP F 122 -11.67 30.03 -51.28
N ASN F 123 -12.89 30.50 -51.57
CA ASN F 123 -13.26 30.90 -52.92
C ASN F 123 -13.48 32.40 -53.06
N ASN F 124 -13.24 33.15 -51.98
CA ASN F 124 -13.50 34.61 -51.99
C ASN F 124 -12.30 35.32 -51.38
N MET F 125 -11.20 34.59 -51.15
CA MET F 125 -10.02 35.23 -50.49
C MET F 125 -9.37 36.21 -51.44
N PRO F 126 -8.78 37.33 -50.95
CA PRO F 126 -8.12 38.28 -51.81
C PRO F 126 -6.64 37.87 -51.92
N LEU F 127 -5.87 38.69 -52.61
CA LEU F 127 -4.43 38.45 -52.82
C LEU F 127 -3.67 39.43 -51.96
N PRO F 128 -2.60 39.01 -51.28
CA PRO F 128 -1.89 39.88 -50.37
C PRO F 128 -1.61 41.31 -50.89
N THR F 129 -2.39 42.35 -50.52
CA THR F 129 -2.02 43.69 -50.99
C THR F 129 -0.58 44.02 -50.61
N LYS F 130 -0.16 43.60 -49.43
CA LYS F 130 1.22 43.77 -48.98
C LYS F 130 2.07 42.65 -49.54
N GLU F 131 3.32 42.53 -49.08
CA GLU F 131 4.29 41.61 -49.64
C GLU F 131 4.62 40.51 -48.65
N ILE F 132 5.17 39.42 -49.21
CA ILE F 132 5.58 38.21 -48.43
C ILE F 132 7.11 38.24 -48.33
N ASP F 133 7.66 37.73 -47.23
CA ASP F 133 9.11 37.64 -47.03
C ASP F 133 9.47 36.31 -46.38
N LEU F 191 -6.55 15.53 -56.44
CA LEU F 191 -5.55 16.55 -56.16
C LEU F 191 -5.28 16.64 -54.67
N PHE F 192 -4.49 17.62 -54.27
CA PHE F 192 -4.13 17.76 -52.86
C PHE F 192 -5.38 18.02 -52.02
N PRO F 193 -5.45 17.47 -50.81
CA PRO F 193 -6.55 17.82 -49.92
C PRO F 193 -6.56 19.31 -49.66
N PRO F 194 -7.75 19.90 -49.49
CA PRO F 194 -7.82 21.36 -49.38
C PRO F 194 -7.22 21.92 -48.11
N ASN F 195 -6.98 21.10 -47.09
CA ASN F 195 -6.56 21.64 -45.80
C ASN F 195 -5.09 22.05 -45.79
N LEU F 196 -4.27 21.52 -46.69
CA LEU F 196 -2.88 21.96 -46.73
C LEU F 196 -2.81 23.44 -47.07
N THR F 197 -3.71 23.92 -47.93
CA THR F 197 -3.63 25.32 -48.34
C THR F 197 -4.18 26.24 -47.26
N ARG F 198 -5.10 25.76 -46.43
CA ARG F 198 -5.73 26.67 -45.47
C ARG F 198 -4.74 26.96 -44.34
N ARG F 199 -4.64 28.23 -43.97
CA ARG F 199 -3.99 28.66 -42.74
C ARG F 199 -4.93 29.63 -42.02
N TYR F 200 -5.90 29.07 -41.31
CA TYR F 200 -6.84 29.80 -40.48
C TYR F 200 -7.76 28.79 -39.81
N PHE F 201 -8.31 29.12 -38.66
CA PHE F 201 -9.18 28.22 -37.93
C PHE F 201 -10.56 28.85 -37.77
N LEU F 202 -11.58 28.11 -38.23
CA LEU F 202 -12.98 28.57 -38.18
C LEU F 202 -13.57 28.19 -36.82
N TYR F 203 -14.25 29.13 -36.16
CA TYR F 203 -14.94 28.90 -34.91
C TYR F 203 -16.31 29.56 -34.96
N PHE F 204 -17.30 28.92 -34.34
CA PHE F 204 -18.62 29.49 -34.23
C PHE F 204 -18.82 30.10 -32.86
N LYS F 205 -19.52 31.23 -32.82
CA LYS F 205 -19.81 31.93 -31.58
C LYS F 205 -21.29 31.83 -31.28
N PRO F 206 -21.69 31.38 -30.10
CA PRO F 206 -23.11 31.11 -29.85
C PRO F 206 -23.98 32.32 -30.10
N LEU F 207 -25.28 32.08 -30.19
CA LEU F 207 -26.25 33.14 -30.44
C LEU F 207 -26.68 33.75 -29.12
N SER F 208 -26.53 35.07 -29.01
CA SER F 208 -26.81 35.76 -27.76
C SER F 208 -28.29 35.60 -27.37
N GLN F 209 -28.60 35.97 -26.13
CA GLN F 209 -29.96 35.96 -25.64
C GLN F 209 -30.70 37.26 -25.94
N ASN F 210 -29.99 38.39 -25.80
CA ASN F 210 -30.62 39.68 -26.07
C ASN F 210 -31.06 39.79 -27.53
N CYS F 211 -30.23 39.33 -28.45
CA CYS F 211 -30.63 39.31 -29.86
C CYS F 211 -31.84 38.42 -30.07
N ALA F 212 -31.86 37.25 -29.42
CA ALA F 212 -33.00 36.36 -29.53
C ALA F 212 -34.29 37.07 -29.12
N ARG F 213 -34.27 37.72 -27.95
CA ARG F 213 -35.45 38.44 -27.51
C ARG F 213 -35.77 39.61 -28.43
N ARG F 214 -34.74 40.23 -29.02
CA ARG F 214 -34.99 41.32 -29.95
C ARG F 214 -35.78 40.83 -31.15
N TYR F 215 -35.42 39.65 -31.67
CA TYR F 215 -36.04 39.08 -32.91
C TYR F 215 -36.89 37.87 -32.56
N ARG F 216 -37.32 37.71 -31.30
CA ARG F 216 -38.22 36.60 -30.86
C ARG F 216 -37.74 35.26 -31.46
N LYS F 217 -36.58 34.75 -31.03
CA LYS F 217 -36.09 33.43 -31.49
C LYS F 217 -35.34 32.79 -30.31
N LYS F 218 -36.07 32.00 -29.54
CA LYS F 218 -35.48 31.34 -28.37
C LYS F 218 -34.22 30.60 -28.77
N ALA F 219 -33.12 30.91 -28.11
CA ALA F 219 -31.81 30.40 -28.47
C ALA F 219 -31.47 29.17 -27.64
N ILE F 220 -31.04 28.10 -28.30
CA ILE F 220 -30.65 26.89 -27.60
C ILE F 220 -29.15 26.85 -27.31
N SER F 221 -28.34 27.58 -28.07
CA SER F 221 -26.89 27.52 -27.90
C SER F 221 -26.39 28.42 -26.78
N SER F 222 -27.21 29.34 -26.28
CA SER F 222 -26.81 30.25 -25.21
C SER F 222 -27.57 29.98 -23.92
N LYS F 223 -27.98 28.73 -23.72
CA LYS F 223 -28.60 28.32 -22.46
C LYS F 223 -27.60 27.48 -21.70
N PRO F 224 -27.03 27.97 -20.61
CA PRO F 224 -26.04 27.17 -19.88
C PRO F 224 -26.67 25.89 -19.36
N LEU F 225 -25.88 24.82 -19.36
CA LEU F 225 -26.34 23.53 -18.90
C LEU F 225 -25.28 22.90 -18.01
N SER F 226 -25.73 22.08 -17.07
CA SER F 226 -24.83 21.38 -16.18
C SER F 226 -24.33 20.10 -16.83
N VAL F 227 -23.26 19.54 -16.26
CA VAL F 227 -22.66 18.33 -16.81
C VAL F 227 -23.60 17.14 -16.67
N ARG F 228 -24.66 17.29 -15.90
CA ARG F 228 -25.64 16.24 -15.66
C ARG F 228 -26.87 16.37 -16.55
N GLN F 229 -27.02 17.49 -17.25
CA GLN F 229 -28.15 17.71 -18.14
C GLN F 229 -27.83 17.40 -19.60
N ILE F 230 -26.63 16.92 -19.90
CA ILE F 230 -26.20 16.64 -21.26
C ILE F 230 -26.40 15.15 -21.49
N LYS F 231 -27.45 14.81 -22.24
CA LYS F 231 -27.82 13.42 -22.51
C LYS F 231 -27.73 13.16 -24.02
N GLY F 232 -28.08 11.92 -24.39
CA GLY F 232 -27.88 11.49 -25.77
C GLY F 232 -28.56 12.37 -26.81
N ASP F 233 -29.69 12.97 -26.44
CA ASP F 233 -30.44 13.78 -27.41
C ASP F 233 -29.63 14.97 -27.92
N PHE F 234 -28.60 15.37 -27.20
CA PHE F 234 -27.82 16.56 -27.55
C PHE F 234 -26.63 16.26 -28.44
N LEU F 235 -26.37 14.98 -28.75
CA LEU F 235 -25.19 14.59 -29.57
C LEU F 235 -25.29 15.25 -30.95
N GLY F 236 -24.25 15.98 -31.39
CA GLY F 236 -24.21 16.62 -32.69
C GLY F 236 -24.64 18.06 -32.72
N GLN F 237 -25.08 18.63 -31.60
CA GLN F 237 -25.58 20.00 -31.55
C GLN F 237 -24.51 20.95 -31.01
N LEU F 238 -24.81 22.24 -31.11
CA LEU F 238 -23.96 23.30 -30.59
C LEU F 238 -24.56 23.78 -29.27
N ILE F 239 -23.84 23.58 -28.17
CA ILE F 239 -24.34 23.86 -26.83
C ILE F 239 -23.27 24.57 -26.02
N THR F 240 -23.64 24.97 -24.81
CA THR F 240 -22.74 25.63 -23.88
C THR F 240 -22.85 24.95 -22.51
N VAL F 241 -21.71 24.86 -21.81
CA VAL F 241 -21.66 24.25 -20.49
C VAL F 241 -20.99 25.24 -19.54
N ARG F 242 -21.58 25.40 -18.36
CA ARG F 242 -21.06 26.27 -17.31
C ARG F 242 -20.43 25.42 -16.22
N GLY F 243 -19.20 25.73 -15.85
CA GLY F 243 -18.53 24.89 -14.88
C GLY F 243 -17.24 25.50 -14.37
N ILE F 244 -16.44 24.66 -13.73
CA ILE F 244 -15.16 25.06 -13.16
C ILE F 244 -14.10 24.09 -13.67
N ILE F 245 -13.01 24.63 -14.21
CA ILE F 245 -11.96 23.80 -14.77
C ILE F 245 -11.17 23.14 -13.66
N THR F 246 -10.82 21.87 -13.84
CA THR F 246 -10.08 21.10 -12.85
C THR F 246 -8.69 20.70 -13.33
N ARG F 247 -8.57 20.14 -14.53
CA ARG F 247 -7.30 19.69 -15.05
C ARG F 247 -7.14 20.14 -16.48
N VAL F 248 -5.90 20.50 -16.85
CA VAL F 248 -5.56 20.96 -18.19
C VAL F 248 -4.25 20.31 -18.59
N SER F 249 -4.13 19.96 -19.86
CA SER F 249 -2.95 19.27 -20.38
C SER F 249 -1.94 20.29 -20.93
N ASP F 250 -0.92 19.80 -21.62
CA ASP F 250 0.08 20.63 -22.28
C ASP F 250 -0.12 20.54 -23.79
N VAL F 251 -0.05 21.69 -24.47
CA VAL F 251 -0.28 21.70 -25.91
C VAL F 251 0.71 20.77 -26.59
N LYS F 252 0.21 19.98 -27.53
CA LYS F 252 1.05 19.04 -28.25
C LYS F 252 0.69 19.06 -29.72
N PRO F 253 1.60 18.59 -30.58
CA PRO F 253 1.29 18.51 -32.02
C PRO F 253 0.44 17.29 -32.34
N ALA F 254 -0.51 17.48 -33.25
CA ALA F 254 -1.37 16.40 -33.71
C ALA F 254 -1.42 16.49 -35.23
N VAL F 255 -1.08 15.37 -35.90
CA VAL F 255 -0.98 15.37 -37.40
C VAL F 255 -2.38 15.15 -38.00
N GLU F 256 -2.83 16.06 -38.86
CA GLU F 256 -4.10 15.94 -39.58
C GLU F 256 -3.94 15.46 -41.01
N VAL F 257 -2.81 15.73 -41.66
CA VAL F 257 -2.58 15.29 -43.03
C VAL F 257 -1.13 14.91 -43.23
N ILE F 258 -0.82 13.62 -43.10
CA ILE F 258 0.54 13.15 -43.30
C ILE F 258 0.90 13.21 -44.77
N ALA F 259 2.15 13.56 -45.07
CA ALA F 259 2.65 13.68 -46.43
C ALA F 259 3.80 12.70 -46.62
N TYR F 260 3.92 12.13 -47.81
CA TYR F 260 5.01 11.23 -48.14
C TYR F 260 5.61 11.57 -49.49
N THR F 261 6.76 10.96 -49.76
CA THR F 261 7.50 11.19 -50.99
C THR F 261 8.19 9.90 -51.40
N CYS F 262 8.37 9.72 -52.71
CA CYS F 262 8.93 8.51 -53.28
C CYS F 262 10.25 8.85 -53.96
N ASP F 263 11.33 8.21 -53.53
CA ASP F 263 12.64 8.50 -54.12
C ASP F 263 12.77 7.88 -55.50
N GLN F 264 11.89 6.95 -55.85
CA GLN F 264 11.97 6.25 -57.13
C GLN F 264 11.27 7.02 -58.24
N CYS F 265 10.07 7.52 -57.98
CA CYS F 265 9.28 8.20 -59.00
C CYS F 265 9.04 9.67 -58.70
N GLY F 266 9.11 10.10 -57.45
CA GLY F 266 9.01 11.51 -57.13
C GLY F 266 7.62 12.06 -56.89
N TYR F 267 6.62 11.21 -56.67
CA TYR F 267 5.28 11.71 -56.43
C TYR F 267 5.08 12.04 -54.95
N GLU F 268 3.93 12.65 -54.65
CA GLU F 268 3.57 12.94 -53.27
C GLU F 268 2.20 12.35 -52.96
N VAL F 269 2.15 11.56 -51.89
CA VAL F 269 0.93 10.94 -51.42
C VAL F 269 0.50 11.62 -50.12
N PHE F 270 -0.81 11.80 -49.94
CA PHE F 270 -1.35 12.49 -48.78
C PHE F 270 -2.32 11.55 -48.07
N GLN F 271 -2.18 11.43 -46.75
CA GLN F 271 -3.09 10.63 -45.94
C GLN F 271 -3.78 11.49 -44.90
N GLU F 272 -5.10 11.44 -44.85
CA GLU F 272 -5.87 12.19 -43.86
C GLU F 272 -6.06 11.34 -42.61
N VAL F 273 -6.04 12.00 -41.45
CA VAL F 273 -6.14 11.33 -40.16
C VAL F 273 -7.25 11.98 -39.35
N ASN F 274 -8.17 11.16 -38.83
CA ASN F 274 -9.25 11.64 -37.97
C ASN F 274 -9.49 10.68 -36.81
N SER F 275 -8.45 9.97 -36.38
CA SER F 275 -8.54 9.00 -35.26
C SER F 275 -7.32 9.17 -34.36
N ARG F 276 -7.36 8.60 -33.15
CA ARG F 276 -6.28 8.72 -32.19
C ARG F 276 -5.04 7.95 -32.63
N THR F 277 -5.21 6.83 -33.33
CA THR F 277 -4.08 6.10 -33.88
C THR F 277 -4.30 5.87 -35.37
N PHE F 278 -3.21 5.53 -36.07
CA PHE F 278 -3.25 5.38 -37.51
C PHE F 278 -2.13 4.45 -37.96
N THR F 279 -2.29 3.91 -39.17
CA THR F 279 -1.28 3.04 -39.78
C THR F 279 -0.74 3.77 -41.00
N PRO F 280 0.58 3.92 -41.13
CA PRO F 280 1.12 4.68 -42.27
C PRO F 280 1.14 3.88 -43.56
N LEU F 281 1.21 4.63 -44.66
CA LEU F 281 1.35 4.03 -45.98
C LEU F 281 2.76 3.49 -46.16
N SER F 282 2.90 2.48 -47.01
CA SER F 282 4.17 1.76 -47.14
C SER F 282 4.76 1.81 -48.54
N GLU F 283 4.01 1.40 -49.56
CA GLU F 283 4.53 1.26 -50.91
C GLU F 283 3.86 2.24 -51.86
N CYS F 284 4.63 2.70 -52.85
CA CYS F 284 4.16 3.77 -53.71
C CYS F 284 2.93 3.35 -54.50
N THR F 285 2.04 4.30 -54.82
CA THR F 285 0.76 4.00 -55.52
C THR F 285 0.64 4.85 -56.79
N SER F 286 1.74 5.42 -57.32
CA SER F 286 1.60 6.30 -58.47
C SER F 286 1.36 5.51 -59.77
N GLU F 287 1.10 6.27 -60.82
CA GLU F 287 0.96 5.71 -62.16
C GLU F 287 2.26 5.05 -62.62
N GLU F 288 3.38 5.77 -62.50
CA GLU F 288 4.65 5.23 -62.94
C GLU F 288 5.00 3.98 -62.15
N CYS F 289 4.94 4.06 -60.82
CA CYS F 289 5.33 2.91 -60.02
C CYS F 289 4.40 1.74 -60.31
N SER F 290 3.11 2.03 -60.51
CA SER F 290 2.16 0.97 -60.80
C SER F 290 2.54 0.26 -62.10
N GLN F 291 2.87 1.03 -63.13
CA GLN F 291 3.22 0.42 -64.41
C GLN F 291 4.51 -0.38 -64.30
N ASN F 292 5.50 0.16 -63.60
CA ASN F 292 6.81 -0.45 -63.52
C ASN F 292 6.78 -1.65 -62.59
N GLN F 293 7.79 -2.49 -62.71
CA GLN F 293 7.89 -3.68 -61.87
C GLN F 293 8.67 -3.41 -60.58
N THR F 294 9.35 -2.28 -60.46
CA THR F 294 10.06 -1.89 -59.26
C THR F 294 9.29 -0.75 -58.62
N LYS F 295 8.58 -1.04 -57.54
CA LYS F 295 7.80 -0.03 -56.83
C LYS F 295 8.61 0.54 -55.68
N GLY F 296 8.64 1.87 -55.59
CA GLY F 296 9.51 2.53 -54.63
C GLY F 296 8.91 2.63 -53.23
N GLN F 297 9.78 2.96 -52.29
CA GLN F 297 9.42 3.09 -50.89
C GLN F 297 9.10 4.54 -50.57
N LEU F 298 8.08 4.76 -49.74
CA LEU F 298 7.66 6.11 -49.41
C LEU F 298 8.32 6.55 -48.11
N PHE F 299 8.41 7.86 -47.93
CA PHE F 299 9.03 8.44 -46.75
C PHE F 299 8.20 9.61 -46.24
N MET F 300 7.94 9.63 -44.93
CA MET F 300 7.23 10.73 -44.30
C MET F 300 8.06 12.00 -44.32
N SER F 301 7.41 13.12 -44.60
CA SER F 301 8.07 14.41 -44.65
C SER F 301 7.45 15.31 -43.59
N THR F 302 8.20 15.59 -42.52
CA THR F 302 7.62 16.29 -41.38
C THR F 302 7.26 17.72 -41.75
N ARG F 303 8.13 18.38 -42.49
CA ARG F 303 7.95 19.79 -42.79
C ARG F 303 6.69 20.02 -43.62
N ALA F 304 6.34 19.10 -44.50
CA ALA F 304 5.18 19.29 -45.36
C ALA F 304 3.86 18.92 -44.71
N SER F 305 3.86 18.29 -43.53
CA SER F 305 2.62 17.84 -42.95
C SER F 305 1.88 18.98 -42.27
N LYS F 306 0.56 18.79 -42.12
CA LYS F 306 -0.33 19.78 -41.50
C LYS F 306 -0.52 19.48 -40.01
N PHE F 307 0.43 19.94 -39.20
CA PHE F 307 0.42 19.74 -37.75
C PHE F 307 -0.43 20.81 -37.06
N SER F 308 -1.41 20.38 -36.26
CA SER F 308 -2.22 21.31 -35.47
C SER F 308 -1.84 21.22 -34.00
N ALA F 309 -2.35 22.18 -33.22
CA ALA F 309 -2.15 22.25 -31.78
C ALA F 309 -3.33 21.67 -31.02
N PHE F 310 -3.06 20.68 -30.16
CA PHE F 310 -4.08 19.95 -29.43
C PHE F 310 -3.89 20.09 -27.92
N GLN F 311 -5.00 20.31 -27.21
CA GLN F 311 -5.02 20.36 -25.76
C GLN F 311 -6.33 19.75 -25.26
N GLU F 312 -6.32 19.27 -24.02
CA GLU F 312 -7.49 18.64 -23.42
C GLU F 312 -7.71 19.18 -22.00
N CYS F 313 -8.97 19.26 -21.60
CA CYS F 313 -9.34 19.83 -20.31
C CYS F 313 -10.49 19.05 -19.69
N LYS F 314 -10.66 19.20 -18.38
CA LYS F 314 -11.76 18.59 -17.64
C LYS F 314 -12.54 19.65 -16.90
N ILE F 315 -13.87 19.54 -16.94
CA ILE F 315 -14.76 20.54 -16.33
C ILE F 315 -15.75 19.82 -15.41
N GLN F 316 -15.94 20.36 -14.20
CA GLN F 316 -16.88 19.82 -13.22
C GLN F 316 -18.10 20.73 -13.09
N GLU F 317 -18.97 20.36 -12.15
CA GLU F 317 -20.19 21.10 -11.85
C GLU F 317 -19.97 22.03 -10.68
N LEU F 318 -20.68 23.15 -10.70
CA LEU F 318 -20.69 24.05 -9.56
C LEU F 318 -21.62 23.49 -8.48
N SER F 319 -21.32 23.79 -7.22
CA SER F 319 -22.09 23.22 -6.08
C SER F 319 -23.53 23.73 -6.10
N GLN F 320 -23.84 24.80 -6.86
CA GLN F 320 -25.20 25.27 -6.95
C GLN F 320 -26.05 24.46 -7.92
N GLN F 321 -25.45 23.56 -8.68
CA GLN F 321 -26.17 22.74 -9.65
C GLN F 321 -26.39 21.32 -9.18
N VAL F 322 -25.54 20.80 -8.31
CA VAL F 322 -25.69 19.40 -7.90
C VAL F 322 -27.03 19.22 -7.20
N PRO F 323 -27.72 18.10 -7.39
CA PRO F 323 -28.99 17.89 -6.66
C PRO F 323 -28.78 17.59 -5.19
N VAL F 324 -29.88 17.47 -4.44
CA VAL F 324 -29.80 17.26 -3.00
C VAL F 324 -29.22 15.87 -2.74
N GLY F 325 -28.05 15.83 -2.10
CA GLY F 325 -27.47 14.58 -1.65
C GLY F 325 -26.63 13.86 -2.67
N HIS F 326 -26.25 14.50 -3.76
CA HIS F 326 -25.49 13.86 -4.83
C HIS F 326 -24.04 14.35 -4.83
N ILE F 327 -23.26 13.81 -5.75
CA ILE F 327 -21.84 14.14 -5.90
C ILE F 327 -21.64 14.73 -7.29
N PRO F 328 -20.85 15.79 -7.44
CA PRO F 328 -20.71 16.40 -8.77
C PRO F 328 -19.99 15.49 -9.76
N ARG F 329 -20.31 15.69 -11.04
CA ARG F 329 -19.76 14.91 -12.14
C ARG F 329 -18.85 15.78 -13.01
N SER F 330 -18.20 15.14 -13.98
CA SER F 330 -17.19 15.78 -14.80
C SER F 330 -17.44 15.50 -16.28
N LEU F 331 -16.75 16.26 -17.13
CA LEU F 331 -16.86 16.13 -18.58
C LEU F 331 -15.54 16.56 -19.21
N ASN F 332 -15.29 16.06 -20.42
CA ASN F 332 -14.04 16.31 -21.14
C ASN F 332 -14.23 17.37 -22.22
N ILE F 333 -13.13 18.06 -22.54
CA ILE F 333 -13.13 19.10 -23.58
C ILE F 333 -11.86 18.98 -24.41
N HIS F 334 -12.01 19.10 -25.73
CA HIS F 334 -10.91 19.16 -26.67
C HIS F 334 -10.75 20.58 -27.18
N VAL F 335 -9.51 21.03 -27.34
CA VAL F 335 -9.22 22.37 -27.84
C VAL F 335 -8.19 22.22 -28.95
N ASN F 336 -8.52 22.72 -30.14
CA ASN F 336 -7.65 22.67 -31.30
C ASN F 336 -7.56 24.03 -31.97
N GLY F 337 -6.37 24.41 -32.38
CA GLY F 337 -6.17 25.64 -33.14
C GLY F 337 -5.58 26.76 -32.30
N THR F 338 -6.19 27.94 -32.37
CA THR F 338 -5.70 29.12 -31.67
C THR F 338 -6.47 29.39 -30.39
N LEU F 339 -7.14 28.38 -29.83
CA LEU F 339 -7.77 28.50 -28.53
C LEU F 339 -6.94 27.89 -27.42
N VAL F 340 -5.87 27.17 -27.77
CA VAL F 340 -5.05 26.56 -26.73
C VAL F 340 -4.56 27.63 -25.77
N ARG F 341 -4.35 27.23 -24.52
CA ARG F 341 -3.89 28.10 -23.45
C ARG F 341 -4.94 29.11 -23.03
N SER F 342 -6.20 28.92 -23.40
CA SER F 342 -7.29 29.79 -23.01
C SER F 342 -8.06 29.28 -21.80
N LEU F 343 -7.64 28.17 -21.21
CA LEU F 343 -8.27 27.61 -20.03
C LEU F 343 -7.19 27.22 -19.03
N SER F 344 -7.34 27.64 -17.78
CA SER F 344 -6.40 27.35 -16.72
C SER F 344 -7.15 26.77 -15.52
N PRO F 345 -6.51 25.89 -14.75
CA PRO F 345 -7.23 25.23 -13.65
C PRO F 345 -7.79 26.22 -12.65
N GLY F 346 -9.01 25.95 -12.19
CA GLY F 346 -9.64 26.74 -11.16
C GLY F 346 -10.52 27.86 -11.65
N ASP F 347 -10.64 28.06 -12.96
CA ASP F 347 -11.39 29.17 -13.51
C ASP F 347 -12.83 28.76 -13.79
N ILE F 348 -13.78 29.54 -13.30
CA ILE F 348 -15.19 29.32 -13.60
C ILE F 348 -15.49 29.93 -14.97
N VAL F 349 -16.05 29.11 -15.86
CA VAL F 349 -16.16 29.46 -17.27
C VAL F 349 -17.49 29.00 -17.85
N ASP F 350 -17.84 29.61 -18.99
CA ASP F 350 -18.88 29.13 -19.89
C ASP F 350 -18.18 28.77 -21.19
N VAL F 351 -18.27 27.50 -21.59
CA VAL F 351 -17.55 27.02 -22.76
C VAL F 351 -18.58 26.50 -23.76
N THR F 352 -18.48 26.97 -25.00
CA THR F 352 -19.35 26.55 -26.09
C THR F 352 -18.65 25.55 -26.98
N GLY F 353 -19.43 24.62 -27.53
CA GLY F 353 -18.83 23.60 -28.37
C GLY F 353 -19.87 22.74 -29.05
N ILE F 354 -19.36 21.74 -29.76
CA ILE F 354 -20.18 20.74 -30.46
C ILE F 354 -20.03 19.43 -29.72
N PHE F 355 -21.15 18.80 -29.40
CA PHE F 355 -21.18 17.57 -28.61
C PHE F 355 -21.09 16.40 -29.58
N LEU F 356 -19.90 15.81 -29.71
CA LEU F 356 -19.69 14.80 -30.74
C LEU F 356 -19.41 13.43 -30.13
N PRO F 357 -19.77 12.35 -30.83
CA PRO F 357 -19.48 11.02 -30.30
C PRO F 357 -18.00 10.73 -30.34
N ALA F 358 -17.62 9.49 -30.02
CA ALA F 358 -16.20 9.11 -30.02
C ALA F 358 -15.76 9.00 -31.48
N ALA F 368 -15.87 -4.34 -28.45
CA ALA F 368 -16.62 -3.75 -29.57
C ALA F 368 -18.09 -3.69 -29.15
N GLY F 369 -18.72 -2.51 -29.26
CA GLY F 369 -20.11 -2.39 -28.80
C GLY F 369 -20.81 -1.27 -29.51
N LEU F 370 -22.07 -1.02 -29.13
CA LEU F 370 -22.82 0.14 -29.69
C LEU F 370 -22.68 1.33 -28.72
N LEU F 371 -22.13 1.13 -27.53
CA LEU F 371 -21.93 2.22 -26.52
C LEU F 371 -20.82 3.16 -26.99
N THR F 372 -20.85 4.43 -26.54
CA THR F 372 -19.87 5.42 -27.07
C THR F 372 -19.45 6.49 -26.05
N GLU F 373 -18.16 6.86 -26.02
CA GLU F 373 -17.67 8.01 -25.20
C GLU F 373 -18.03 9.35 -25.85
N THR F 374 -18.01 10.48 -25.15
CA THR F 374 -18.42 11.77 -25.72
C THR F 374 -17.38 12.82 -25.38
N TYR F 375 -17.38 13.99 -26.03
CA TYR F 375 -16.49 15.09 -25.74
C TYR F 375 -17.05 16.35 -26.38
N LEU F 376 -16.63 17.50 -25.86
CA LEU F 376 -17.09 18.80 -26.33
C LEU F 376 -15.95 19.48 -27.07
N GLU F 377 -16.17 19.79 -28.34
CA GLU F 377 -15.19 20.50 -29.17
C GLU F 377 -15.36 22.00 -28.94
N ALA F 378 -14.40 22.61 -28.25
CA ALA F 378 -14.53 23.99 -27.84
C ALA F 378 -14.57 24.92 -29.05
N GLN F 379 -15.45 25.93 -28.97
CA GLN F 379 -15.56 26.95 -30.00
C GLN F 379 -15.50 28.37 -29.48
N PHE F 380 -15.79 28.60 -28.19
CA PHE F 380 -15.76 29.94 -27.62
C PHE F 380 -15.80 29.89 -26.10
N VAL F 381 -14.89 30.59 -25.43
CA VAL F 381 -14.81 30.60 -23.98
C VAL F 381 -15.29 31.95 -23.47
N ARG F 382 -15.84 31.96 -22.26
CA ARG F 382 -16.30 33.18 -21.61
C ARG F 382 -16.05 33.08 -20.12
N GLN F 383 -15.15 33.92 -19.60
CA GLN F 383 -14.81 33.90 -18.19
C GLN F 383 -15.78 34.75 -17.38
N HIS F 384 -16.12 34.29 -16.17
CA HIS F 384 -17.05 35.03 -15.32
C HIS F 384 -16.38 36.19 -14.61
N LYS F 385 -15.06 36.12 -14.36
CA LYS F 385 -14.33 37.18 -13.68
C LYS F 385 -13.07 37.44 -14.48
N LYS F 386 -12.96 38.63 -15.05
CA LYS F 386 -11.83 38.98 -15.90
C LYS F 386 -10.55 39.06 -15.08
N LYS F 387 -9.49 38.44 -15.58
CA LYS F 387 -8.20 38.51 -14.91
C LYS F 387 -7.68 39.95 -14.92
N PHE F 388 -7.03 40.35 -13.83
CA PHE F 388 -6.51 41.71 -13.76
C PHE F 388 -5.46 41.95 -14.81
N ALA F 389 -4.58 40.98 -15.05
CA ALA F 389 -3.51 41.15 -16.04
C ALA F 389 -3.99 40.81 -17.45
N SER F 390 -5.14 41.39 -17.79
CA SER F 390 -5.66 41.40 -19.16
C SER F 390 -6.36 42.72 -19.45
N PHE F 391 -6.00 43.76 -18.71
CA PHE F 391 -6.72 45.03 -18.72
C PHE F 391 -6.17 45.97 -19.77
N SER F 392 -7.07 46.69 -20.44
CA SER F 392 -6.69 47.75 -21.34
C SER F 392 -7.66 48.91 -21.17
N LEU F 393 -7.15 50.14 -21.30
CA LEU F 393 -7.95 51.34 -21.09
C LEU F 393 -8.72 51.70 -22.36
N THR F 394 -9.55 50.75 -22.81
CA THR F 394 -10.47 51.01 -23.94
C THR F 394 -11.31 52.25 -23.61
N SER F 395 -12.02 52.82 -24.57
CA SER F 395 -12.85 54.00 -24.36
C SER F 395 -13.97 53.71 -23.37
N ASP F 396 -14.60 52.53 -23.48
CA ASP F 396 -15.71 52.20 -22.60
C ASP F 396 -15.26 52.12 -21.15
N VAL F 397 -14.15 51.42 -20.90
CA VAL F 397 -13.67 51.25 -19.54
C VAL F 397 -13.22 52.59 -18.96
N GLU F 398 -12.68 53.47 -19.80
CA GLU F 398 -12.35 54.82 -19.33
C GLU F 398 -13.62 55.59 -18.98
N GLU F 399 -14.65 55.48 -19.80
CA GLU F 399 -15.91 56.16 -19.50
C GLU F 399 -16.48 55.67 -18.18
N ARG F 400 -16.39 54.36 -17.94
CA ARG F 400 -16.95 53.79 -16.72
C ARG F 400 -16.14 54.24 -15.50
N VAL F 401 -14.82 54.22 -15.59
CA VAL F 401 -13.96 54.58 -14.41
C VAL F 401 -14.08 56.10 -14.16
N MET F 402 -14.37 56.93 -15.17
CA MET F 402 -14.44 58.38 -14.96
C MET F 402 -15.54 58.74 -13.98
N GLU F 403 -16.70 58.07 -14.06
CA GLU F 403 -17.78 58.38 -13.14
C GLU F 403 -17.38 58.13 -11.70
N LEU F 404 -16.71 57.00 -11.43
CA LEU F 404 -16.22 56.75 -10.08
C LEU F 404 -15.23 57.80 -9.64
N ILE F 405 -14.30 58.18 -10.53
CA ILE F 405 -13.27 59.14 -10.15
C ILE F 405 -13.87 60.48 -9.74
N THR F 406 -14.89 60.93 -10.48
CA THR F 406 -15.46 62.26 -10.29
C THR F 406 -16.57 62.29 -9.25
N SER F 407 -16.81 61.20 -8.52
CA SER F 407 -17.90 61.13 -7.56
C SER F 407 -17.43 61.37 -6.13
N GLY F 408 -16.44 62.23 -5.93
CA GLY F 408 -16.00 62.54 -4.59
C GLY F 408 -15.44 61.32 -3.88
N ASP F 409 -15.93 61.08 -2.67
CA ASP F 409 -15.43 59.98 -1.85
C ASP F 409 -15.41 58.70 -2.64
N VAL F 410 -14.22 58.15 -2.85
CA VAL F 410 -14.07 56.87 -3.52
C VAL F 410 -13.51 55.84 -2.56
N TYR F 411 -12.74 56.30 -1.58
CA TYR F 411 -12.19 55.36 -0.58
C TYR F 411 -13.30 54.82 0.32
N ASN F 412 -14.18 55.70 0.78
CA ASN F 412 -15.29 55.25 1.61
C ASN F 412 -16.35 54.56 0.78
N ARG F 413 -16.58 55.01 -0.45
CA ARG F 413 -17.58 54.36 -1.29
C ARG F 413 -17.16 52.93 -1.56
N LEU F 414 -15.88 52.71 -1.85
CA LEU F 414 -15.39 51.37 -2.15
C LEU F 414 -15.14 50.53 -0.92
N ALA F 415 -15.09 51.14 0.27
CA ALA F 415 -14.96 50.34 1.49
C ALA F 415 -16.30 49.98 2.09
N LYS F 416 -17.29 50.84 1.96
CA LYS F 416 -18.65 50.52 2.37
C LYS F 416 -19.33 49.51 1.45
N SER F 417 -18.78 49.24 0.29
CA SER F 417 -19.39 48.36 -0.69
C SER F 417 -18.96 46.91 -0.57
N ILE F 418 -18.08 46.58 0.36
CA ILE F 418 -17.66 45.21 0.58
C ILE F 418 -18.61 44.60 1.61
N ALA F 419 -19.43 43.65 1.19
CA ALA F 419 -20.40 43.01 2.07
C ALA F 419 -21.33 44.06 2.68
N PRO F 420 -22.15 44.74 1.88
CA PRO F 420 -23.02 45.79 2.41
C PRO F 420 -24.13 45.28 3.32
N GLU F 421 -24.24 43.99 3.58
CA GLU F 421 -25.22 43.46 4.53
C GLU F 421 -24.63 43.26 5.92
N ILE F 422 -23.38 43.63 6.14
CA ILE F 422 -22.72 43.48 7.43
C ILE F 422 -22.56 44.86 8.04
N TYR F 423 -23.20 45.08 9.18
CA TYR F 423 -23.21 46.40 9.80
C TYR F 423 -21.87 46.71 10.46
N GLY F 424 -21.45 47.96 10.37
CA GLY F 424 -20.24 48.39 11.03
C GLY F 424 -18.99 47.87 10.36
N ASN F 425 -17.93 47.73 11.15
CA ASN F 425 -16.65 47.21 10.66
C ASN F 425 -16.11 48.03 9.49
N LEU F 426 -16.09 49.34 9.65
CA LEU F 426 -15.62 50.21 8.57
C LEU F 426 -14.10 50.09 8.39
N ASP F 427 -13.35 50.15 9.48
CA ASP F 427 -11.90 50.05 9.38
C ASP F 427 -11.47 48.67 8.89
N VAL F 428 -12.17 47.63 9.32
CA VAL F 428 -11.87 46.28 8.82
C VAL F 428 -12.04 46.24 7.31
N LYS F 429 -13.12 46.82 6.82
CA LYS F 429 -13.36 46.83 5.39
C LYS F 429 -12.33 47.68 4.65
N LYS F 430 -11.85 48.76 5.26
CA LYS F 430 -10.81 49.55 4.62
C LYS F 430 -9.52 48.74 4.48
N ALA F 431 -9.10 48.08 5.55
CA ALA F 431 -7.88 47.27 5.46
C ALA F 431 -8.06 46.10 4.50
N LEU F 432 -9.28 45.60 4.34
CA LEU F 432 -9.50 44.52 3.39
C LEU F 432 -9.58 45.03 1.95
N LEU F 433 -10.02 46.28 1.76
CA LEU F 433 -9.93 46.88 0.43
C LEU F 433 -8.48 47.12 0.05
N LEU F 434 -7.65 47.56 1.01
CA LEU F 434 -6.22 47.67 0.74
C LEU F 434 -5.58 46.31 0.53
N LEU F 435 -6.22 45.23 0.99
CA LEU F 435 -5.68 43.90 0.72
C LEU F 435 -5.72 43.58 -0.78
N LEU F 436 -6.80 43.97 -1.46
CA LEU F 436 -6.96 43.64 -2.87
C LEU F 436 -5.93 44.34 -3.73
N VAL F 437 -5.63 45.61 -3.44
CA VAL F 437 -4.75 46.40 -4.30
C VAL F 437 -3.29 45.98 -4.11
N GLY F 438 -2.79 46.06 -2.88
CA GLY F 438 -1.43 45.67 -2.59
C GLY F 438 -0.44 46.79 -2.83
N GLY F 439 0.79 46.55 -2.37
CA GLY F 439 1.86 47.50 -2.51
C GLY F 439 2.47 47.49 -3.90
N VAL F 440 3.78 47.73 -3.96
CA VAL F 440 4.52 47.75 -5.22
C VAL F 440 5.77 46.92 -5.02
N ASP F 441 5.86 45.79 -5.71
CA ASP F 441 7.04 44.95 -5.60
C ASP F 441 8.29 45.75 -5.96
N LYS F 442 9.44 45.25 -5.51
CA LYS F 442 10.69 45.99 -5.64
C LYS F 442 11.83 45.04 -5.93
N ARG F 443 12.46 45.19 -7.09
CA ARG F 443 13.73 44.56 -7.41
C ARG F 443 14.81 45.64 -7.41
N VAL F 444 15.90 45.38 -6.70
CA VAL F 444 16.93 46.40 -6.49
C VAL F 444 17.97 46.31 -7.59
N GLY F 445 17.68 45.55 -8.64
CA GLY F 445 18.64 45.36 -9.72
C GLY F 445 19.69 44.32 -9.40
N ASP F 446 20.11 44.22 -8.14
CA ASP F 446 21.07 43.17 -7.70
C ASP F 446 20.26 41.89 -7.48
N GLY F 447 20.81 40.85 -6.86
CA GLY F 447 20.13 39.61 -6.56
C GLY F 447 19.30 39.69 -5.29
N MET F 448 18.35 40.62 -5.26
CA MET F 448 17.50 40.81 -4.09
C MET F 448 16.14 41.32 -4.55
N LYS F 449 15.09 40.87 -3.86
CA LYS F 449 13.73 41.29 -4.18
C LYS F 449 12.92 41.34 -2.90
N ILE F 450 11.88 42.18 -2.91
CA ILE F 450 11.00 42.36 -1.76
C ILE F 450 9.56 42.25 -2.24
N ARG F 451 8.73 41.53 -1.51
CA ARG F 451 7.35 41.34 -1.91
C ARG F 451 6.60 42.67 -1.92
N GLY F 452 5.35 42.62 -2.39
CA GLY F 452 4.53 43.80 -2.43
C GLY F 452 3.07 43.55 -2.05
N ASP F 453 2.79 42.34 -1.59
CA ASP F 453 1.44 41.95 -1.20
C ASP F 453 1.24 42.10 0.30
N ILE F 454 -0.02 42.25 0.70
CA ILE F 454 -0.40 42.50 2.07
C ILE F 454 -1.09 41.27 2.63
N ASN F 455 -0.66 40.82 3.81
CA ASN F 455 -1.27 39.70 4.52
C ASN F 455 -2.05 40.26 5.71
N VAL F 456 -3.25 39.73 5.93
CA VAL F 456 -4.14 40.26 6.96
C VAL F 456 -4.67 39.12 7.82
N CYS F 457 -4.90 39.42 9.10
CA CYS F 457 -5.43 38.45 10.04
C CYS F 457 -6.54 39.09 10.87
N LEU F 458 -7.59 38.31 11.12
CA LEU F 458 -8.73 38.73 11.95
C LEU F 458 -8.87 37.75 13.09
N MET F 459 -8.55 38.17 14.33
CA MET F 459 -8.78 37.32 15.54
C MET F 459 -9.87 38.00 16.38
N GLY F 460 -10.93 37.30 16.76
CA GLY F 460 -12.08 37.88 17.44
C GLY F 460 -12.88 36.83 18.18
N ASP F 461 -13.96 37.30 18.79
CA ASP F 461 -14.86 36.49 19.60
C ASP F 461 -15.91 35.81 18.73
N PRO F 462 -16.56 34.78 19.25
CA PRO F 462 -17.59 34.11 18.46
C PRO F 462 -18.68 35.07 18.00
N GLY F 463 -19.23 34.78 16.83
CA GLY F 463 -20.37 35.51 16.32
C GLY F 463 -20.14 36.99 16.03
N VAL F 464 -19.04 37.30 15.35
CA VAL F 464 -18.76 38.67 14.90
C VAL F 464 -18.62 38.75 13.39
N ALA F 465 -18.99 37.69 12.67
CA ALA F 465 -19.07 37.70 11.21
C ALA F 465 -17.68 37.73 10.55
N LYS F 466 -16.72 37.02 11.14
CA LYS F 466 -15.43 36.89 10.49
C LYS F 466 -15.51 36.05 9.23
N SER F 467 -16.19 34.90 9.30
CA SER F 467 -16.25 33.99 8.17
C SER F 467 -16.99 34.60 6.99
N GLN F 468 -18.10 35.30 7.25
CA GLN F 468 -18.90 35.87 6.19
C GLN F 468 -18.22 37.06 5.51
N LEU F 469 -17.07 37.50 6.00
CA LEU F 469 -16.27 38.49 5.28
C LEU F 469 -15.15 37.87 4.47
N LEU F 470 -14.65 36.71 4.89
CA LEU F 470 -13.75 35.96 4.04
C LEU F 470 -14.49 35.31 2.89
N LYS F 471 -15.80 35.10 3.03
CA LYS F 471 -16.55 34.51 1.94
C LYS F 471 -16.98 35.55 0.92
N ALA F 472 -16.98 36.83 1.31
CA ALA F 472 -17.24 37.88 0.34
C ALA F 472 -15.95 38.31 -0.34
N ILE F 473 -14.83 38.26 0.38
CA ILE F 473 -13.55 38.61 -0.23
C ILE F 473 -13.09 37.52 -1.20
N CYS F 474 -13.39 36.25 -0.92
CA CYS F 474 -13.09 35.22 -1.90
C CYS F 474 -13.96 35.33 -3.14
N LYS F 475 -15.06 36.07 -3.08
CA LYS F 475 -15.93 36.27 -4.22
C LYS F 475 -15.65 37.54 -5.01
N ILE F 476 -15.22 38.62 -4.36
CA ILE F 476 -14.86 39.83 -5.10
C ILE F 476 -13.58 39.60 -5.90
N SER F 477 -12.59 38.94 -5.32
CA SER F 477 -11.33 38.72 -6.00
C SER F 477 -11.58 37.89 -7.27
N PRO F 478 -10.81 38.13 -8.34
CA PRO F 478 -11.04 37.34 -9.56
C PRO F 478 -10.51 35.92 -9.46
N ARG F 479 -9.52 35.65 -8.61
CA ARG F 479 -8.99 34.30 -8.44
C ARG F 479 -8.88 34.03 -6.94
N GLY F 480 -10.02 33.79 -6.30
CA GLY F 480 -10.07 33.61 -4.87
C GLY F 480 -10.21 32.14 -4.53
N VAL F 481 -9.70 31.77 -3.37
CA VAL F 481 -9.79 30.41 -2.87
C VAL F 481 -10.17 30.47 -1.40
N TYR F 482 -11.03 29.54 -0.98
CA TYR F 482 -11.50 29.46 0.39
C TYR F 482 -11.18 28.08 0.94
N THR F 483 -10.49 28.04 2.07
CA THR F 483 -10.15 26.78 2.71
C THR F 483 -10.35 26.92 4.22
N THR F 484 -10.55 25.81 4.90
CA THR F 484 -10.76 25.77 6.37
C THR F 484 -9.63 24.98 7.01
N GLY F 485 -9.22 25.33 8.20
CA GLY F 485 -8.05 24.77 8.85
C GLY F 485 -8.10 23.26 8.96
N LYS F 486 -9.21 22.73 9.41
CA LYS F 486 -9.34 21.26 9.49
C LYS F 486 -9.10 20.62 8.15
N GLY F 487 -9.89 21.04 7.14
CA GLY F 487 -9.82 20.47 5.80
C GLY F 487 -8.60 20.95 5.05
N SER F 488 -7.42 20.52 5.49
CA SER F 488 -6.16 20.90 4.87
C SER F 488 -5.09 19.94 5.33
N SER F 489 -3.97 19.84 4.62
CA SER F 489 -2.91 18.85 4.98
C SER F 489 -1.52 19.45 4.87
N GLY F 490 -1.35 20.72 4.49
CA GLY F 490 -0.01 21.23 4.21
C GLY F 490 0.41 20.82 2.81
N VAL F 491 0.60 19.52 2.58
CA VAL F 491 0.80 19.08 1.17
C VAL F 491 -0.44 19.52 0.39
N GLY F 492 -1.63 19.28 0.91
CA GLY F 492 -2.81 19.67 0.17
C GLY F 492 -2.82 21.13 -0.20
N LEU F 493 -1.94 21.92 0.40
CA LEU F 493 -1.79 23.33 0.07
C LEU F 493 -0.62 23.59 -0.87
N THR F 494 0.46 22.81 -0.79
CA THR F 494 1.62 23.09 -1.61
C THR F 494 1.68 22.31 -2.92
N ALA F 495 1.84 20.99 -2.87
CA ALA F 495 1.93 20.21 -4.10
C ALA F 495 2.15 18.73 -3.81
N ALA F 496 2.01 17.92 -4.84
CA ALA F 496 2.33 16.49 -4.82
C ALA F 496 2.50 16.01 -6.25
N VAL F 497 2.61 14.70 -6.45
CA VAL F 497 2.89 14.12 -7.77
C VAL F 497 1.60 13.58 -8.37
N MET F 498 1.63 13.36 -9.69
CA MET F 498 0.51 12.73 -10.39
C MET F 498 0.96 12.46 -11.83
N LYS F 499 0.18 11.65 -12.55
CA LYS F 499 0.48 11.26 -13.96
C LYS F 499 -0.60 11.74 -14.90
N ASP F 500 -0.25 12.24 -16.09
CA ASP F 500 -1.17 12.82 -17.05
C ASP F 500 -1.77 11.72 -17.93
N PRO F 501 -3.09 11.51 -17.91
CA PRO F 501 -3.67 10.50 -18.81
C PRO F 501 -3.53 10.85 -20.28
N VAL F 502 -3.67 12.13 -20.64
CA VAL F 502 -3.71 12.50 -22.05
C VAL F 502 -2.37 12.19 -22.72
N THR F 503 -1.31 12.84 -22.26
CA THR F 503 0.03 12.54 -22.72
C THR F 503 0.64 11.49 -21.81
N ASP F 504 1.94 11.25 -21.89
CA ASP F 504 2.46 10.23 -20.93
C ASP F 504 3.34 10.90 -19.88
N GLU F 505 3.42 12.22 -19.92
CA GLU F 505 4.29 12.93 -18.98
C GLU F 505 3.83 12.71 -17.55
N MET F 506 4.82 12.77 -16.64
CA MET F 506 4.50 12.78 -15.17
C MET F 506 4.52 14.26 -14.78
N ILE F 507 3.56 14.70 -13.96
CA ILE F 507 3.37 16.10 -13.64
C ILE F 507 3.26 16.27 -12.13
N LEU F 508 3.46 17.51 -11.69
CA LEU F 508 3.31 17.90 -10.30
C LEU F 508 2.04 18.71 -10.16
N GLU F 509 1.18 18.31 -9.23
CA GLU F 509 -0.08 18.98 -8.97
C GLU F 509 0.07 19.95 -7.81
N GLY F 510 -0.49 21.14 -7.98
CA GLY F 510 -0.39 22.20 -6.99
C GLY F 510 -1.65 22.33 -6.14
N GLY F 511 -1.46 22.78 -4.92
CA GLY F 511 -2.55 22.91 -3.96
C GLY F 511 -3.28 24.23 -4.07
N ALA F 512 -3.98 24.59 -3.00
CA ALA F 512 -4.80 25.79 -3.01
C ALA F 512 -3.96 27.05 -3.09
N LEU F 513 -2.74 27.02 -2.56
CA LEU F 513 -1.87 28.20 -2.60
C LEU F 513 -1.21 28.41 -3.94
N VAL F 514 -1.21 27.40 -4.81
CA VAL F 514 -0.75 27.57 -6.18
C VAL F 514 -1.92 27.90 -7.11
N LEU F 515 -3.14 27.47 -6.77
CA LEU F 515 -4.30 27.89 -7.53
C LEU F 515 -4.64 29.36 -7.29
N ALA F 516 -4.33 29.87 -6.12
CA ALA F 516 -4.65 31.25 -5.77
C ALA F 516 -3.58 32.24 -6.22
N ASP F 517 -2.54 31.77 -6.90
CA ASP F 517 -1.48 32.64 -7.37
C ASP F 517 -2.05 33.88 -8.02
N ASN F 518 -1.45 35.03 -7.71
CA ASN F 518 -1.99 36.34 -8.11
C ASN F 518 -3.42 36.49 -7.61
N GLY F 519 -3.64 36.11 -6.36
CA GLY F 519 -4.97 36.17 -5.79
C GLY F 519 -4.92 36.01 -4.29
N ILE F 520 -6.11 35.91 -3.70
CA ILE F 520 -6.27 35.80 -2.26
C ILE F 520 -6.55 34.35 -1.90
N CYS F 521 -5.83 33.84 -0.91
CA CYS F 521 -6.05 32.49 -0.37
C CYS F 521 -6.58 32.64 1.05
N CYS F 522 -7.90 32.75 1.17
CA CYS F 522 -8.55 32.98 2.45
C CYS F 522 -8.55 31.70 3.28
N ILE F 523 -7.88 31.73 4.42
CA ILE F 523 -7.80 30.59 5.33
C ILE F 523 -8.64 30.90 6.56
N ASP F 524 -9.64 30.04 6.80
CA ASP F 524 -10.54 30.13 7.98
C ASP F 524 -10.01 29.17 9.04
N GLU F 525 -10.41 29.30 10.30
CA GLU F 525 -10.01 28.43 11.39
C GLU F 525 -8.50 28.25 11.42
N PHE F 526 -7.79 29.38 11.31
CA PHE F 526 -6.34 29.34 11.25
C PHE F 526 -5.72 28.67 12.46
N ASP F 527 -6.33 28.85 13.64
CA ASP F 527 -5.73 28.34 14.86
C ASP F 527 -5.84 26.82 14.98
N LYS F 528 -6.88 26.22 14.40
CA LYS F 528 -7.18 24.82 14.66
C LYS F 528 -6.42 23.86 13.76
N MET F 529 -5.75 24.33 12.73
CA MET F 529 -4.95 23.45 11.90
C MET F 529 -3.63 23.15 12.61
N ASP F 530 -3.12 21.94 12.37
CA ASP F 530 -1.93 21.49 13.09
C ASP F 530 -0.77 22.45 12.85
N GLU F 531 -0.02 22.72 13.92
CA GLU F 531 1.14 23.58 13.81
C GLU F 531 2.18 23.03 12.84
N SER F 532 2.21 21.72 12.64
CA SER F 532 3.09 21.13 11.64
C SER F 532 2.55 21.32 10.23
N ASP F 533 1.34 21.87 10.08
CA ASP F 533 0.81 22.21 8.78
C ASP F 533 0.93 23.70 8.48
N ARG F 534 0.97 24.55 9.51
CA ARG F 534 1.13 25.98 9.28
C ARG F 534 2.54 26.32 8.85
N THR F 535 3.54 25.55 9.32
CA THR F 535 4.97 25.88 9.06
C THR F 535 5.26 25.87 7.55
N ALA F 536 4.42 25.26 6.69
CA ALA F 536 4.63 25.38 5.26
C ALA F 536 4.15 26.71 4.70
N ILE F 537 3.48 27.52 5.52
CA ILE F 537 2.97 28.81 5.07
C ILE F 537 4.01 29.92 5.20
N HIS F 538 5.06 29.69 5.99
CA HIS F 538 6.04 30.75 6.24
C HIS F 538 6.73 31.18 4.95
N GLU F 539 7.25 30.21 4.20
CA GLU F 539 7.98 30.55 2.98
C GLU F 539 7.05 31.23 1.98
N VAL F 540 5.81 30.77 1.87
CA VAL F 540 4.87 31.42 0.97
C VAL F 540 4.64 32.86 1.40
N MET F 541 4.48 33.08 2.70
CA MET F 541 4.23 34.45 3.18
C MET F 541 5.39 35.37 2.89
N GLU F 542 6.63 34.90 3.08
CA GLU F 542 7.77 35.80 2.97
C GLU F 542 8.41 35.80 1.57
N GLN F 543 8.91 34.65 1.10
CA GLN F 543 9.64 34.58 -0.19
C GLN F 543 8.71 34.35 -1.37
N GLN F 544 7.42 34.09 -1.17
CA GLN F 544 6.50 33.83 -2.29
C GLN F 544 6.98 32.65 -3.13
N THR F 545 7.37 31.57 -2.48
CA THR F 545 7.83 30.36 -3.16
C THR F 545 7.57 29.16 -2.28
N ILE F 546 7.70 27.98 -2.87
CA ILE F 546 7.66 26.71 -2.16
C ILE F 546 8.85 25.90 -2.63
N SER F 547 9.40 25.08 -1.73
CA SER F 547 10.59 24.28 -2.03
C SER F 547 10.33 22.85 -1.61
N ILE F 548 10.20 21.96 -2.59
CA ILE F 548 9.89 20.55 -2.37
C ILE F 548 11.14 19.74 -2.62
N SER F 549 11.52 18.91 -1.65
CA SER F 549 12.70 18.07 -1.76
C SER F 549 12.39 16.66 -1.29
N LYS F 550 11.20 16.15 -1.64
CA LYS F 550 10.80 14.76 -1.32
C LYS F 550 11.15 13.88 -2.53
N ALA F 551 10.71 12.62 -2.59
CA ALA F 551 11.16 11.69 -3.68
C ALA F 551 10.58 11.99 -5.02
N GLY F 552 11.40 11.84 -6.01
CA GLY F 552 10.95 12.10 -7.36
C GLY F 552 11.07 13.53 -7.72
N ILE F 553 10.84 14.45 -6.79
CA ILE F 553 10.78 15.87 -7.13
C ILE F 553 11.79 16.61 -6.27
N ASN F 554 12.60 17.46 -6.92
CA ASN F 554 13.52 18.37 -6.24
C ASN F 554 13.45 19.69 -7.02
N THR F 555 12.57 20.58 -6.60
CA THR F 555 12.29 21.78 -7.38
C THR F 555 11.65 22.85 -6.49
N THR F 556 11.21 23.93 -7.12
CA THR F 556 10.56 25.04 -6.45
C THR F 556 9.35 25.46 -7.26
N LEU F 557 8.40 26.09 -6.59
CA LEU F 557 7.18 26.60 -7.21
C LEU F 557 7.13 28.11 -7.04
N ASN F 558 6.03 28.69 -7.48
CA ASN F 558 5.80 30.12 -7.33
C ASN F 558 4.39 30.34 -6.81
N ALA F 559 4.28 31.12 -5.73
CA ALA F 559 2.98 31.40 -5.11
C ALA F 559 2.95 32.88 -4.73
N ARG F 560 2.48 33.70 -5.65
CA ARG F 560 2.31 35.13 -5.40
C ARG F 560 0.91 35.39 -4.83
N THR F 561 0.70 34.85 -3.64
CA THR F 561 -0.60 34.83 -2.98
C THR F 561 -0.64 35.80 -1.82
N SER F 562 -1.83 36.31 -1.55
CA SER F 562 -2.10 37.14 -0.38
C SER F 562 -2.98 36.36 0.57
N ILE F 563 -2.60 36.32 1.85
CA ILE F 563 -3.25 35.47 2.83
C ILE F 563 -4.17 36.32 3.70
N LEU F 564 -5.44 35.95 3.74
CA LEU F 564 -6.43 36.55 4.63
C LEU F 564 -6.86 35.45 5.61
N ALA F 565 -6.43 35.57 6.86
CA ALA F 565 -6.61 34.53 7.86
C ALA F 565 -7.63 34.92 8.91
N ALA F 566 -8.35 33.92 9.41
CA ALA F 566 -9.29 34.10 10.51
C ALA F 566 -8.91 33.15 11.64
N ALA F 567 -9.02 33.62 12.87
CA ALA F 567 -8.65 32.81 14.03
C ALA F 567 -9.46 33.25 15.24
N ASN F 568 -9.29 32.53 16.35
CA ASN F 568 -9.97 32.75 17.60
C ASN F 568 -8.98 32.76 18.74
N PRO F 569 -9.32 33.39 19.87
CA PRO F 569 -8.43 33.32 21.05
C PRO F 569 -8.24 31.91 21.55
N LEU F 570 -7.37 31.75 22.56
CA LEU F 570 -7.00 30.42 23.02
C LEU F 570 -8.20 29.65 23.56
N TYR F 571 -8.96 30.26 24.46
CA TYR F 571 -10.17 29.65 25.01
C TYR F 571 -11.36 30.50 24.55
N GLY F 572 -11.85 30.22 23.35
CA GLY F 572 -13.05 30.87 22.87
C GLY F 572 -13.02 32.37 23.05
N ARG F 573 -13.86 32.87 23.97
CA ARG F 573 -13.98 34.29 24.19
C ARG F 573 -12.66 34.89 24.68
N TYR F 574 -12.65 36.22 24.77
CA TYR F 574 -11.49 36.95 25.26
C TYR F 574 -11.43 36.88 26.78
N ASN F 575 -10.22 36.81 27.30
CA ASN F 575 -9.96 36.83 28.74
C ASN F 575 -9.19 38.09 29.07
N PRO F 576 -9.83 39.12 29.63
CA PRO F 576 -9.09 40.36 29.89
C PRO F 576 -7.96 40.19 30.88
N ARG F 577 -8.02 39.18 31.74
CA ARG F 577 -6.98 39.02 32.76
C ARG F 577 -5.65 38.61 32.13
N LEU F 578 -5.66 37.69 31.17
CA LEU F 578 -4.44 37.25 30.56
C LEU F 578 -3.84 38.33 29.68
N SER F 579 -2.55 38.19 29.38
CA SER F 579 -1.89 39.14 28.51
C SER F 579 -2.39 38.99 27.08
N PRO F 580 -2.37 40.06 26.28
CA PRO F 580 -2.83 39.94 24.90
C PRO F 580 -2.04 38.91 24.10
N LEU F 581 -0.74 38.81 24.36
CA LEU F 581 0.09 37.87 23.61
C LEU F 581 -0.28 36.43 23.96
N ASP F 582 -0.38 36.12 25.25
CA ASP F 582 -0.67 34.74 25.66
C ASP F 582 -2.10 34.36 25.33
N ASN F 583 -3.02 35.32 25.30
CA ASN F 583 -4.39 35.01 24.95
C ASN F 583 -4.48 34.45 23.55
N ILE F 584 -3.74 35.03 22.60
CA ILE F 584 -3.62 34.46 21.27
C ILE F 584 -2.60 33.33 21.31
N ASN F 585 -2.59 32.50 20.28
CA ASN F 585 -1.77 31.30 20.28
C ASN F 585 -1.00 31.16 18.97
N LEU F 586 -0.37 32.25 18.55
CA LEU F 586 0.49 32.25 17.37
C LEU F 586 1.90 32.67 17.77
N PRO F 587 2.93 31.95 17.34
CA PRO F 587 4.29 32.35 17.72
C PRO F 587 4.64 33.72 17.17
N ALA F 588 5.67 34.33 17.77
CA ALA F 588 6.05 35.67 17.38
C ALA F 588 6.49 35.74 15.92
N ALA F 589 7.18 34.71 15.45
CA ALA F 589 7.65 34.70 14.06
C ALA F 589 6.48 34.77 13.09
N LEU F 590 5.41 34.01 13.37
CA LEU F 590 4.25 34.05 12.49
C LEU F 590 3.54 35.40 12.58
N LEU F 591 3.45 35.97 13.78
CA LEU F 591 2.80 37.28 13.93
C LEU F 591 3.52 38.35 13.14
N SER F 592 4.86 38.35 13.18
CA SER F 592 5.61 39.40 12.49
C SER F 592 5.30 39.42 11.00
N ARG F 593 4.97 38.26 10.42
CA ARG F 593 4.75 38.18 8.99
C ARG F 593 3.41 38.74 8.56
N PHE F 594 2.50 39.05 9.49
CA PHE F 594 1.28 39.77 9.15
C PHE F 594 1.54 41.27 9.23
N ASP F 595 0.84 42.01 8.38
CA ASP F 595 0.93 43.46 8.37
C ASP F 595 -0.25 44.13 9.06
N ILE F 596 -1.41 43.47 9.11
CA ILE F 596 -2.56 43.97 9.84
C ILE F 596 -3.14 42.79 10.61
N LEU F 597 -3.43 43.01 11.90
CA LEU F 597 -3.93 41.95 12.78
C LEU F 597 -5.01 42.59 13.65
N PHE F 598 -6.27 42.46 13.22
CA PHE F 598 -7.36 43.12 13.90
C PHE F 598 -7.92 42.24 15.01
N LEU F 599 -8.37 42.90 16.08
CA LEU F 599 -8.94 42.26 17.26
C LEU F 599 -10.39 42.72 17.35
N MET F 600 -11.31 41.85 16.93
CA MET F 600 -12.74 42.18 16.91
C MET F 600 -13.41 41.55 18.14
N LEU F 601 -13.22 42.20 19.29
CA LEU F 601 -13.82 41.72 20.52
C LEU F 601 -15.26 42.20 20.64
N ASP F 602 -16.14 41.32 21.11
CA ASP F 602 -17.56 41.62 21.28
C ASP F 602 -17.78 42.02 22.73
N ILE F 603 -17.95 43.32 22.97
CA ILE F 603 -18.21 43.87 24.29
C ILE F 603 -19.64 44.41 24.29
N PRO F 604 -20.58 43.78 24.98
CA PRO F 604 -21.98 44.24 24.91
C PRO F 604 -22.13 45.67 25.39
N SER F 605 -23.06 46.38 24.75
CA SER F 605 -23.40 47.74 25.15
C SER F 605 -24.82 48.03 24.69
N ARG F 606 -25.67 48.43 25.63
CA ARG F 606 -27.11 48.51 25.36
C ARG F 606 -27.43 49.46 24.22
N ASP F 607 -26.54 50.40 23.88
CA ASP F 607 -26.87 51.39 22.87
C ASP F 607 -26.60 50.88 21.46
N ASP F 608 -25.42 50.30 21.21
CA ASP F 608 -25.01 49.93 19.82
C ASP F 608 -25.65 48.60 19.40
N ASP F 609 -26.04 47.70 20.33
CA ASP F 609 -26.64 46.43 19.93
C ASP F 609 -27.97 46.62 19.23
N GLU F 610 -28.71 47.67 19.59
CA GLU F 610 -29.98 47.95 18.92
C GLU F 610 -29.77 48.24 17.44
N LYS F 611 -28.72 48.98 17.10
CA LYS F 611 -28.43 49.25 15.69
C LYS F 611 -28.15 47.97 14.92
N LEU F 612 -27.34 47.08 15.48
CA LEU F 612 -27.06 45.80 14.82
C LEU F 612 -28.32 44.98 14.66
N ALA F 613 -29.15 44.94 15.71
CA ALA F 613 -30.39 44.17 15.63
C ALA F 613 -31.28 44.70 14.51
N GLU F 614 -31.44 46.02 14.44
CA GLU F 614 -32.28 46.60 13.40
C GLU F 614 -31.73 46.32 12.02
N HIS F 615 -30.41 46.44 11.83
CA HIS F 615 -29.84 46.16 10.52
C HIS F 615 -30.09 44.71 10.11
N VAL F 616 -29.82 43.77 11.01
CA VAL F 616 -29.96 42.36 10.67
C VAL F 616 -31.41 42.00 10.38
N THR F 617 -32.34 42.50 11.19
CA THR F 617 -33.72 42.12 10.99
C THR F 617 -34.30 42.79 9.76
N TYR F 618 -33.78 43.96 9.38
CA TYR F 618 -34.17 44.53 8.10
C TYR F 618 -33.61 43.71 6.96
N VAL F 619 -32.37 43.23 7.10
CA VAL F 619 -31.78 42.41 6.06
C VAL F 619 -32.61 41.16 5.85
N HIS F 620 -33.34 40.73 6.87
CA HIS F 620 -34.13 39.52 6.72
C HIS F 620 -35.53 39.81 6.19
N MET F 621 -36.20 40.89 6.65
CA MET F 621 -37.60 41.18 6.21
C MET F 621 -37.52 41.57 4.73
N HIS F 622 -36.68 42.54 4.34
CA HIS F 622 -36.33 42.82 2.96
C HIS F 622 -34.99 42.16 2.66
N ASN F 623 -34.87 41.61 1.46
CA ASN F 623 -33.71 40.83 1.08
C ASN F 623 -32.50 41.71 0.73
N LYS F 624 -32.51 43.00 1.07
CA LYS F 624 -31.42 43.92 0.76
C LYS F 624 -31.08 44.74 2.00
N GLN F 625 -30.03 45.56 1.89
CA GLN F 625 -29.53 46.32 3.02
C GLN F 625 -30.33 47.60 3.24
N PRO F 626 -30.31 48.14 4.48
CA PRO F 626 -31.23 49.22 4.84
C PRO F 626 -30.98 50.55 4.16
N ASP F 627 -29.75 51.05 4.22
CA ASP F 627 -29.49 52.44 3.91
C ASP F 627 -30.01 52.81 2.53
N LEU F 628 -30.76 53.91 2.47
CA LEU F 628 -31.31 54.42 1.22
C LEU F 628 -30.50 55.58 0.65
N ASP F 629 -29.43 55.98 1.32
CA ASP F 629 -28.55 57.04 0.85
C ASP F 629 -27.30 56.50 0.17
N PHE F 630 -26.87 55.30 0.53
CA PHE F 630 -25.67 54.68 -0.02
C PHE F 630 -26.06 53.66 -1.08
N THR F 631 -25.45 53.78 -2.26
CA THR F 631 -25.68 52.84 -3.36
C THR F 631 -24.39 52.11 -3.66
N PRO F 632 -24.20 50.89 -3.15
CA PRO F 632 -22.90 50.23 -3.30
C PRO F 632 -22.53 49.99 -4.76
N VAL F 633 -21.23 50.08 -5.03
CA VAL F 633 -20.71 49.80 -6.36
C VAL F 633 -20.80 48.31 -6.63
N GLU F 634 -21.31 47.95 -7.80
CA GLU F 634 -21.50 46.55 -8.12
C GLU F 634 -20.15 45.86 -8.27
N PRO F 635 -20.11 44.54 -8.09
CA PRO F 635 -18.82 43.83 -8.12
C PRO F 635 -18.03 44.04 -9.40
N SER F 636 -18.71 44.12 -10.55
CA SER F 636 -18.00 44.27 -11.82
C SER F 636 -17.33 45.64 -11.91
N LYS F 637 -18.06 46.71 -11.56
CA LYS F 637 -17.54 48.11 -11.64
C LYS F 637 -16.41 48.27 -10.63
N MET F 638 -16.47 47.61 -9.47
CA MET F 638 -15.41 47.65 -8.47
C MET F 638 -14.17 46.89 -8.94
N ARG F 639 -14.38 45.71 -9.54
CA ARG F 639 -13.24 44.96 -10.07
C ARG F 639 -12.56 45.75 -11.17
N GLU F 640 -13.34 46.46 -11.98
CA GLU F 640 -12.78 47.22 -13.10
C GLU F 640 -11.96 48.41 -12.61
N TYR F 641 -12.41 49.05 -11.52
CA TYR F 641 -11.64 50.15 -10.95
C TYR F 641 -10.37 49.64 -10.28
N ILE F 642 -10.45 48.54 -9.54
CA ILE F 642 -9.25 48.01 -8.90
C ILE F 642 -8.24 47.54 -9.93
N ALA F 643 -8.72 46.98 -11.05
CA ALA F 643 -7.82 46.61 -12.12
C ALA F 643 -7.15 47.82 -12.74
N TYR F 644 -7.88 48.93 -12.91
CA TYR F 644 -7.24 50.13 -13.42
C TYR F 644 -6.20 50.65 -12.43
N ALA F 645 -6.51 50.58 -11.13
CA ALA F 645 -5.60 51.10 -10.11
C ALA F 645 -4.31 50.29 -10.03
N LYS F 646 -4.39 48.99 -10.31
CA LYS F 646 -3.21 48.15 -10.11
C LYS F 646 -2.10 48.42 -11.11
N THR F 647 -2.34 49.23 -12.13
CA THR F 647 -1.33 49.50 -13.14
C THR F 647 -0.32 50.57 -12.73
N LYS F 648 -0.57 51.30 -11.65
CA LYS F 648 0.34 52.36 -11.23
C LYS F 648 1.49 51.78 -10.40
N ARG F 649 2.50 52.62 -10.18
CA ARG F 649 3.68 52.23 -9.41
C ARG F 649 4.28 53.45 -8.72
N PRO F 650 3.58 54.08 -7.79
CA PRO F 650 4.07 55.31 -7.18
C PRO F 650 5.45 55.15 -6.58
N VAL F 651 6.18 56.26 -6.54
CA VAL F 651 7.46 56.35 -5.85
C VAL F 651 7.30 57.30 -4.68
N MET F 652 8.34 57.46 -3.87
CA MET F 652 8.30 58.28 -2.68
C MET F 652 9.33 59.41 -2.78
N SER F 653 9.04 60.52 -2.11
CA SER F 653 9.94 61.64 -2.02
C SER F 653 10.72 61.57 -0.71
N GLU F 654 11.45 62.63 -0.40
CA GLU F 654 12.20 62.70 0.85
C GLU F 654 11.38 63.31 1.98
N ALA F 655 10.47 64.23 1.65
CA ALA F 655 9.62 64.84 2.65
C ALA F 655 8.70 63.83 3.31
N VAL F 656 8.52 62.65 2.70
CA VAL F 656 7.74 61.58 3.29
C VAL F 656 8.67 60.58 3.94
N ASN F 657 9.88 60.44 3.38
CA ASN F 657 10.86 59.54 3.95
C ASN F 657 11.25 59.95 5.37
N ASP F 658 11.40 61.27 5.57
CA ASP F 658 11.81 61.83 6.89
C ASP F 658 10.69 61.55 7.90
N TYR F 659 9.41 61.64 7.51
CA TYR F 659 8.29 61.33 8.37
C TYR F 659 8.23 59.84 8.70
N VAL F 660 8.46 59.01 7.69
CA VAL F 660 8.44 57.57 7.89
C VAL F 660 9.50 57.15 8.90
N VAL F 661 10.71 57.70 8.75
CA VAL F 661 11.78 57.32 9.67
C VAL F 661 11.47 57.77 11.10
N GLN F 662 10.96 58.99 11.26
CA GLN F 662 10.63 59.46 12.60
C GLN F 662 9.56 58.59 13.23
N ALA F 663 8.52 58.25 12.47
CA ALA F 663 7.47 57.39 13.00
C ALA F 663 8.00 56.02 13.37
N TYR F 664 8.89 55.46 12.55
CA TYR F 664 9.47 54.15 12.87
C TYR F 664 10.27 54.19 14.17
N ILE F 665 11.08 55.23 14.36
CA ILE F 665 11.82 55.35 15.61
C ILE F 665 10.86 55.49 16.79
N ARG F 666 9.83 56.32 16.64
CA ARG F 666 8.87 56.51 17.72
C ARG F 666 8.21 55.18 18.10
N LEU F 667 7.73 54.43 17.10
CA LEU F 667 7.05 53.18 17.39
C LEU F 667 8.00 52.16 18.01
N ARG F 668 9.23 52.07 17.50
CA ARG F 668 10.13 51.04 17.97
C ARG F 668 10.67 51.35 19.35
N GLN F 669 10.65 52.63 19.75
CA GLN F 669 10.98 52.95 21.14
C GLN F 669 9.78 52.72 22.06
N ASP F 670 8.59 53.17 21.62
CA ASP F 670 7.32 53.02 22.39
C ASP F 670 7.00 51.54 22.63
N SER F 671 7.45 50.63 21.76
CA SER F 671 7.04 49.23 21.86
C SER F 671 7.79 48.48 22.96
N LYS F 672 9.05 48.84 23.21
CA LYS F 672 9.86 48.08 24.15
C LYS F 672 9.29 48.14 25.57
N ARG F 673 8.86 49.32 26.01
CA ARG F 673 8.25 49.45 27.32
C ARG F 673 7.14 48.43 27.50
N GLU F 674 6.16 48.45 26.59
CA GLU F 674 5.02 47.55 26.72
C GLU F 674 5.45 46.10 26.62
N MET F 675 6.36 45.78 25.69
CA MET F 675 6.77 44.40 25.51
C MET F 675 7.43 43.86 26.77
N ASP F 676 8.29 44.65 27.39
CA ASP F 676 8.88 44.24 28.67
C ASP F 676 7.80 44.13 29.75
N SER F 677 6.84 45.06 29.76
CA SER F 677 5.76 45.03 30.73
C SER F 677 4.84 43.83 30.55
N LYS F 678 4.94 43.11 29.44
CA LYS F 678 4.20 41.88 29.14
C LYS F 678 2.75 42.17 28.78
N PHE F 679 2.28 43.42 28.86
CA PHE F 679 1.01 43.82 28.27
C PHE F 679 1.37 44.50 26.95
N SER F 680 1.33 43.73 25.88
CA SER F 680 1.80 44.18 24.59
C SER F 680 1.28 43.22 23.54
N PHE F 681 1.77 43.37 22.32
CA PHE F 681 1.47 42.45 21.24
C PHE F 681 2.73 41.86 20.63
N GLY F 682 3.89 42.32 21.01
CA GLY F 682 5.16 41.87 20.46
C GLY F 682 6.16 43.01 20.51
N GLN F 683 7.11 42.96 19.59
CA GLN F 683 8.15 43.97 19.48
C GLN F 683 8.28 44.40 18.04
N ALA F 684 8.24 45.70 17.80
CA ALA F 684 8.32 46.22 16.44
C ALA F 684 9.64 45.80 15.80
N THR F 685 9.56 45.40 14.54
CA THR F 685 10.71 44.97 13.74
C THR F 685 10.66 45.69 12.41
N PRO F 686 11.72 45.59 11.60
CA PRO F 686 11.70 46.26 10.30
C PRO F 686 10.50 45.91 9.44
N ARG F 687 9.96 44.69 9.60
CA ARG F 687 8.78 44.33 8.85
C ARG F 687 7.62 45.28 9.12
N THR F 688 7.57 45.88 10.31
CA THR F 688 6.58 46.92 10.55
C THR F 688 6.79 48.11 9.63
N LEU F 689 8.04 48.54 9.47
CA LEU F 689 8.34 49.63 8.57
C LEU F 689 7.95 49.29 7.13
N LEU F 690 8.27 48.07 6.70
CA LEU F 690 7.93 47.67 5.34
C LEU F 690 6.42 47.61 5.15
N GLY F 691 5.69 47.15 6.17
CA GLY F 691 4.24 47.15 6.08
C GLY F 691 3.65 48.55 5.98
N ILE F 692 4.20 49.49 6.74
CA ILE F 692 3.74 50.88 6.63
C ILE F 692 4.00 51.40 5.21
N ILE F 693 5.18 51.11 4.67
CA ILE F 693 5.51 51.56 3.32
C ILE F 693 4.53 50.98 2.32
N ARG F 694 4.25 49.68 2.42
CA ARG F 694 3.33 49.03 1.49
C ARG F 694 1.92 49.60 1.58
N LEU F 695 1.44 49.86 2.81
CA LEU F 695 0.11 50.42 2.96
C LEU F 695 0.03 51.82 2.37
N SER F 696 1.10 52.62 2.53
CA SER F 696 1.13 53.93 1.90
C SER F 696 1.11 53.81 0.38
N GLN F 697 1.88 52.87 -0.16
CA GLN F 697 1.89 52.70 -1.61
C GLN F 697 0.52 52.32 -2.13
N ALA F 698 -0.16 51.40 -1.47
CA ALA F 698 -1.49 50.99 -1.90
C ALA F 698 -2.49 52.15 -1.83
N LEU F 699 -2.46 52.92 -0.75
CA LEU F 699 -3.34 54.08 -0.67
C LEU F 699 -3.03 55.09 -1.77
N ALA F 700 -1.76 55.25 -2.12
CA ALA F 700 -1.40 56.10 -3.25
C ALA F 700 -1.97 55.57 -4.56
N LYS F 701 -1.88 54.25 -4.76
CA LYS F 701 -2.36 53.66 -6.01
C LYS F 701 -3.86 53.83 -6.15
N LEU F 702 -4.60 53.61 -5.06
CA LEU F 702 -6.06 53.73 -5.14
C LEU F 702 -6.50 55.12 -5.58
N ARG F 703 -5.65 56.13 -5.37
CA ARG F 703 -5.93 57.50 -5.77
C ARG F 703 -5.50 57.81 -7.19
N LEU F 704 -4.91 56.84 -7.89
CA LEU F 704 -4.41 57.04 -9.24
C LEU F 704 -3.34 58.14 -9.26
N ALA F 705 -2.26 57.89 -8.54
CA ALA F 705 -1.18 58.86 -8.37
C ALA F 705 0.17 58.20 -8.63
N ASP F 706 1.14 59.01 -9.05
CA ASP F 706 2.51 58.57 -9.27
C ASP F 706 3.44 58.94 -8.12
N MET F 707 2.94 59.63 -7.10
CA MET F 707 3.73 60.01 -5.93
C MET F 707 2.91 59.72 -4.68
N VAL F 708 3.60 59.36 -3.60
CA VAL F 708 2.95 59.05 -2.33
C VAL F 708 2.87 60.32 -1.49
N ASP F 709 1.66 60.83 -1.31
CA ASP F 709 1.48 62.01 -0.47
C ASP F 709 1.81 61.66 0.97
N ILE F 710 1.80 62.68 1.84
CA ILE F 710 2.02 62.44 3.26
C ILE F 710 0.73 62.10 3.99
N ASP F 711 -0.42 62.41 3.39
CA ASP F 711 -1.68 62.02 4.01
C ASP F 711 -1.91 60.53 3.85
N ASP F 712 -1.11 59.88 3.00
CA ASP F 712 -1.22 58.44 2.87
C ASP F 712 -0.45 57.76 3.99
N VAL F 713 0.74 58.27 4.31
CA VAL F 713 1.46 57.72 5.45
C VAL F 713 0.73 58.04 6.74
N GLU F 714 -0.14 59.05 6.70
CA GLU F 714 -0.97 59.30 7.88
C GLU F 714 -2.13 58.33 7.98
N GLU F 715 -2.78 58.03 6.86
CA GLU F 715 -3.86 57.05 6.90
C GLU F 715 -3.32 55.67 7.27
N ALA F 716 -2.15 55.32 6.73
CA ALA F 716 -1.54 54.03 7.05
C ALA F 716 -1.24 53.93 8.54
N LEU F 717 -0.65 54.98 9.13
CA LEU F 717 -0.36 54.91 10.56
C LEU F 717 -1.64 54.86 11.38
N ARG F 718 -2.68 55.59 10.95
CA ARG F 718 -3.94 55.54 11.67
C ARG F 718 -4.54 54.13 11.65
N LEU F 719 -4.47 53.46 10.50
CA LEU F 719 -4.98 52.08 10.43
C LEU F 719 -4.19 51.16 11.35
N VAL F 720 -2.87 51.23 11.28
CA VAL F 720 -2.06 50.34 12.12
C VAL F 720 -2.30 50.63 13.59
N ARG F 721 -2.68 51.86 13.94
CA ARG F 721 -3.00 52.17 15.33
C ARG F 721 -4.36 51.63 15.73
N VAL F 722 -5.40 51.95 14.96
CA VAL F 722 -6.75 51.51 15.26
C VAL F 722 -6.86 49.99 15.25
N SER F 723 -5.89 49.30 14.66
CA SER F 723 -5.92 47.84 14.65
C SER F 723 -6.06 47.27 16.05
N LYS F 724 -5.51 47.92 17.07
CA LYS F 724 -5.50 47.39 18.42
C LYS F 724 -6.34 48.21 19.40
N GLU F 725 -7.20 49.10 18.90
CA GLU F 725 -7.97 50.00 19.76
C GLU F 725 -9.28 49.34 20.20
N SER F 726 -9.17 48.13 20.72
CA SER F 726 -10.27 47.47 21.40
C SER F 726 -9.76 46.93 22.74
N LEU F 727 -8.48 46.57 22.76
CA LEU F 727 -7.83 46.18 24.00
C LEU F 727 -7.73 47.32 24.99
N TYR F 728 -7.78 48.57 24.53
CA TYR F 728 -7.78 49.73 25.39
C TYR F 728 -9.17 50.27 25.63
N GLN F 729 -10.17 49.40 25.69
CA GLN F 729 -11.56 49.81 25.89
C GLN F 729 -11.68 50.66 27.16
#